data_2HNB
#
_entry.id   2HNB
#
_entity_poly.entity_id   1
_entity_poly.type   'polypeptide(L)'
_entity_poly.pdbx_seq_one_letter_code
;MADITLISGSTLGGAEYVAEHLAEKLEEAGFTTETLHGPLLEDLPASGIWLVISSTHGAGDIPDNLSPFYEALQEQKPDL
SAVRFGAIGIGSREYDTFCGAIDKLEAELKNSGAKQTGETLKINILDHDIPEDPAEEWLGSWVNLLK
;
_entity_poly.pdbx_strand_id   A
#
# COMPACT_ATOMS: atom_id res chain seq x y z
N MET A 1 6.66 18.70 1.57
CA MET A 1 6.60 17.83 0.37
C MET A 1 7.12 16.43 0.71
N ALA A 2 6.56 15.38 0.08
CA ALA A 2 6.99 14.00 0.23
C ALA A 2 7.64 13.52 -1.06
N ASP A 3 8.48 12.49 -0.95
CA ASP A 3 9.12 11.80 -2.07
C ASP A 3 8.62 10.36 -2.18
N ILE A 4 8.14 9.79 -1.07
CA ILE A 4 7.43 8.52 -1.02
C ILE A 4 6.11 8.80 -0.31
N THR A 5 5.09 9.17 -1.08
CA THR A 5 3.74 9.32 -0.56
C THR A 5 3.17 7.92 -0.34
N LEU A 6 2.88 7.57 0.92
CA LEU A 6 2.15 6.36 1.26
C LEU A 6 0.67 6.64 0.98
N ILE A 7 -0.06 5.57 0.72
CA ILE A 7 -1.46 5.54 0.34
C ILE A 7 -2.09 4.60 1.36
N SER A 8 -2.42 5.16 2.52
CA SER A 8 -3.04 4.48 3.64
C SER A 8 -4.48 4.10 3.27
N GLY A 9 -4.96 2.97 3.80
CA GLY A 9 -6.25 2.40 3.42
C GLY A 9 -6.76 1.46 4.48
N SER A 10 -7.39 1.99 5.54
CA SER A 10 -8.17 1.17 6.45
C SER A 10 -9.34 1.99 7.01
N THR A 11 -10.39 1.28 7.43
CA THR A 11 -11.51 1.81 8.19
C THR A 11 -11.20 1.67 9.69
N LEU A 12 -10.56 0.57 10.10
CA LEU A 12 -10.22 0.30 11.50
C LEU A 12 -9.11 1.25 11.99
N GLY A 13 -8.13 1.55 11.13
CA GLY A 13 -6.94 2.34 11.47
C GLY A 13 -5.65 1.50 11.42
N GLY A 14 -5.73 0.18 11.20
CA GLY A 14 -4.56 -0.69 11.16
C GLY A 14 -3.57 -0.28 10.07
N ALA A 15 -4.05 0.06 8.88
CA ALA A 15 -3.19 0.55 7.81
C ALA A 15 -2.63 1.92 8.14
N GLU A 16 -3.36 2.76 8.88
CA GLU A 16 -2.87 4.07 9.28
C GLU A 16 -1.69 3.90 10.25
N TYR A 17 -1.80 2.96 11.21
CA TYR A 17 -0.70 2.64 12.13
C TYR A 17 0.52 2.17 11.34
N VAL A 18 0.36 1.18 10.47
CA VAL A 18 1.47 0.63 9.71
C VAL A 18 2.07 1.70 8.80
N ALA A 19 1.25 2.55 8.16
CA ALA A 19 1.73 3.61 7.31
C ALA A 19 2.56 4.61 8.11
N GLU A 20 2.09 5.04 9.27
CA GLU A 20 2.81 5.97 10.12
C GLU A 20 4.14 5.37 10.58
N HIS A 21 4.13 4.08 10.96
CA HIS A 21 5.32 3.38 11.41
C HIS A 21 6.36 3.31 10.27
N LEU A 22 5.93 2.90 9.07
CA LEU A 22 6.78 2.84 7.88
C LEU A 22 7.32 4.21 7.52
N ALA A 23 6.47 5.25 7.57
CA ALA A 23 6.85 6.61 7.24
C ALA A 23 7.95 7.09 8.19
N GLU A 24 7.88 6.77 9.48
CA GLU A 24 8.92 7.12 10.44
C GLU A 24 10.26 6.48 10.03
N LYS A 25 10.25 5.18 9.70
CA LYS A 25 11.47 4.48 9.29
C LYS A 25 12.05 5.11 8.02
N LEU A 26 11.20 5.49 7.06
CA LEU A 26 11.62 6.16 5.83
C LEU A 26 12.24 7.53 6.14
N GLU A 27 11.68 8.29 7.07
CA GLU A 27 12.24 9.57 7.46
C GLU A 27 13.62 9.38 8.09
N GLU A 28 13.82 8.34 8.91
CA GLU A 28 15.14 8.03 9.47
C GLU A 28 16.11 7.58 8.38
N ALA A 29 15.64 6.87 7.35
CA ALA A 29 16.44 6.54 6.17
C ALA A 29 16.79 7.78 5.33
N GLY A 30 16.03 8.88 5.50
CA GLY A 30 16.32 10.19 4.93
C GLY A 30 15.32 10.62 3.87
N PHE A 31 14.24 9.86 3.64
CA PHE A 31 13.29 10.10 2.55
C PHE A 31 12.03 10.77 3.13
N THR A 32 11.50 11.80 2.47
CA THR A 32 10.33 12.52 2.94
C THR A 32 9.06 11.73 2.58
N THR A 33 8.02 11.84 3.42
CA THR A 33 6.86 10.97 3.35
C THR A 33 5.57 11.74 3.67
N GLU A 34 4.44 11.14 3.33
CA GLU A 34 3.08 11.58 3.61
C GLU A 34 2.24 10.29 3.68
N THR A 35 1.08 10.32 4.31
CA THR A 35 0.26 9.15 4.63
C THR A 35 -1.18 9.44 4.19
N LEU A 36 -1.35 9.66 2.87
CA LEU A 36 -2.64 10.03 2.28
C LEU A 36 -3.68 8.98 2.64
N HIS A 37 -4.72 9.39 3.34
CA HIS A 37 -5.87 8.54 3.62
C HIS A 37 -6.69 8.46 2.33
N GLY A 38 -6.81 7.26 1.77
CA GLY A 38 -7.75 6.96 0.69
C GLY A 38 -7.79 7.98 -0.45
N PRO A 39 -6.65 8.35 -1.06
CA PRO A 39 -6.65 9.27 -2.20
C PRO A 39 -7.34 8.62 -3.40
N LEU A 40 -7.69 9.45 -4.39
CA LEU A 40 -8.23 9.01 -5.66
C LEU A 40 -7.18 9.23 -6.74
N LEU A 41 -7.39 8.58 -7.90
CA LEU A 41 -6.50 8.67 -9.06
C LEU A 41 -6.35 10.14 -9.49
N GLU A 42 -7.44 10.90 -9.45
CA GLU A 42 -7.47 12.32 -9.79
C GLU A 42 -6.68 13.21 -8.81
N ASP A 43 -6.02 12.63 -7.79
CA ASP A 43 -5.19 13.32 -6.80
C ASP A 43 -3.78 12.68 -6.72
N LEU A 44 -3.38 11.90 -7.74
CA LEU A 44 -2.06 11.27 -7.84
C LEU A 44 -1.51 11.53 -9.25
N PRO A 45 -0.32 12.13 -9.39
CA PRO A 45 0.32 12.27 -10.70
C PRO A 45 0.81 10.90 -11.22
N ALA A 46 1.01 10.81 -12.54
CA ALA A 46 1.35 9.58 -13.24
C ALA A 46 2.83 9.16 -13.08
N SER A 47 3.57 9.79 -12.17
CA SER A 47 4.98 9.52 -11.90
C SER A 47 5.21 9.69 -10.39
N GLY A 48 5.99 8.80 -9.79
CA GLY A 48 6.32 8.83 -8.37
C GLY A 48 6.67 7.44 -7.87
N ILE A 49 6.95 7.30 -6.57
CA ILE A 49 7.21 6.03 -5.90
C ILE A 49 6.22 6.00 -4.74
N TRP A 50 5.08 5.33 -4.95
CA TRP A 50 4.01 5.27 -3.96
C TRP A 50 4.10 3.98 -3.14
N LEU A 51 3.24 3.84 -2.14
CA LEU A 51 3.19 2.66 -1.27
C LEU A 51 1.76 2.48 -0.81
N VAL A 52 1.04 1.56 -1.47
CA VAL A 52 -0.35 1.26 -1.20
C VAL A 52 -0.39 0.25 -0.04
N ILE A 53 -1.21 0.53 0.97
CA ILE A 53 -1.40 -0.33 2.13
C ILE A 53 -2.91 -0.45 2.32
N SER A 54 -3.41 -1.67 2.42
CA SER A 54 -4.84 -1.93 2.50
C SER A 54 -5.13 -2.99 3.54
N SER A 55 -6.12 -2.73 4.40
CA SER A 55 -6.77 -3.83 5.09
C SER A 55 -7.48 -4.75 4.08
N THR A 56 -7.77 -5.97 4.51
CA THR A 56 -8.57 -6.97 3.84
C THR A 56 -9.63 -7.36 4.88
N HIS A 57 -10.91 -7.12 4.58
CA HIS A 57 -11.99 -7.22 5.58
C HIS A 57 -12.36 -8.68 5.94
N GLY A 58 -11.58 -9.66 5.48
CA GLY A 58 -11.80 -11.09 5.70
C GLY A 58 -12.27 -11.81 4.44
N ALA A 59 -12.87 -11.07 3.49
CA ALA A 59 -13.50 -11.62 2.29
C ALA A 59 -12.94 -11.02 1.00
N GLY A 60 -11.84 -10.25 1.08
CA GLY A 60 -11.20 -9.63 -0.08
C GLY A 60 -11.75 -8.24 -0.38
N ASP A 61 -12.76 -7.78 0.37
CA ASP A 61 -13.28 -6.43 0.26
C ASP A 61 -12.23 -5.44 0.75
N ILE A 62 -11.86 -4.48 -0.10
CA ILE A 62 -10.98 -3.38 0.24
C ILE A 62 -11.80 -2.43 1.15
N PRO A 63 -11.21 -1.81 2.18
CA PRO A 63 -11.89 -0.82 3.02
C PRO A 63 -12.39 0.35 2.18
N ASP A 64 -13.60 0.85 2.50
CA ASP A 64 -14.30 1.90 1.75
C ASP A 64 -13.52 3.21 1.68
N ASN A 65 -12.59 3.41 2.62
CA ASN A 65 -11.60 4.48 2.62
C ASN A 65 -10.85 4.54 1.27
N LEU A 66 -10.43 3.40 0.73
CA LEU A 66 -9.51 3.33 -0.41
C LEU A 66 -10.09 2.55 -1.60
N SER A 67 -11.12 1.72 -1.40
CA SER A 67 -11.70 0.92 -2.48
C SER A 67 -12.11 1.72 -3.74
N PRO A 68 -12.61 2.96 -3.67
CA PRO A 68 -12.90 3.76 -4.86
C PRO A 68 -11.70 3.93 -5.82
N PHE A 69 -10.46 3.81 -5.34
CA PHE A 69 -9.27 3.91 -6.18
C PHE A 69 -9.25 2.80 -7.24
N TYR A 70 -9.72 1.58 -6.91
CA TYR A 70 -9.82 0.47 -7.85
C TYR A 70 -10.78 0.84 -8.99
N GLU A 71 -11.91 1.47 -8.65
CA GLU A 71 -12.93 1.83 -9.61
C GLU A 71 -12.43 3.00 -10.48
N ALA A 72 -11.84 4.02 -9.85
CA ALA A 72 -11.32 5.19 -10.55
C ALA A 72 -10.22 4.80 -11.54
N LEU A 73 -9.38 3.83 -11.18
CA LEU A 73 -8.35 3.31 -12.07
C LEU A 73 -9.00 2.63 -13.27
N GLN A 74 -9.83 1.60 -13.06
CA GLN A 74 -10.33 0.80 -14.18
C GLN A 74 -11.27 1.59 -15.10
N GLU A 75 -12.00 2.58 -14.55
CA GLU A 75 -12.92 3.40 -15.33
C GLU A 75 -12.19 4.29 -16.34
N GLN A 76 -10.99 4.77 -15.98
CA GLN A 76 -10.25 5.75 -16.78
C GLN A 76 -9.07 5.10 -17.52
N LYS A 77 -8.51 4.02 -16.97
CA LYS A 77 -7.27 3.33 -17.34
C LYS A 77 -6.25 4.27 -18.00
N PRO A 78 -5.75 5.29 -17.27
CA PRO A 78 -4.79 6.24 -17.80
C PRO A 78 -3.43 5.55 -18.02
N ASP A 79 -2.53 6.22 -18.75
CA ASP A 79 -1.12 5.82 -18.78
C ASP A 79 -0.50 6.16 -17.43
N LEU A 80 0.03 5.15 -16.72
CA LEU A 80 0.74 5.29 -15.44
C LEU A 80 2.13 4.65 -15.54
N SER A 81 2.71 4.54 -16.74
CA SER A 81 3.97 3.85 -17.01
C SER A 81 5.22 4.47 -16.35
N ALA A 82 5.08 5.42 -15.43
CA ALA A 82 6.17 5.97 -14.63
C ALA A 82 5.84 5.99 -13.13
N VAL A 83 4.69 5.46 -12.69
CA VAL A 83 4.47 5.16 -11.28
C VAL A 83 5.28 3.91 -10.95
N ARG A 84 6.05 3.96 -9.86
CA ARG A 84 6.49 2.78 -9.14
C ARG A 84 5.65 2.71 -7.87
N PHE A 85 5.41 1.51 -7.35
CA PHE A 85 4.62 1.36 -6.14
C PHE A 85 5.13 0.20 -5.29
N GLY A 86 4.79 0.23 -4.01
CA GLY A 86 4.85 -0.90 -3.11
C GLY A 86 3.43 -1.27 -2.70
N ALA A 87 3.24 -2.48 -2.17
CA ALA A 87 1.94 -3.06 -1.88
C ALA A 87 2.05 -3.85 -0.57
N ILE A 88 1.12 -3.61 0.34
CA ILE A 88 1.01 -4.30 1.62
C ILE A 88 -0.46 -4.64 1.79
N GLY A 89 -0.73 -5.88 2.17
CA GLY A 89 -2.05 -6.27 2.65
C GLY A 89 -1.96 -6.52 4.14
N ILE A 90 -3.04 -6.19 4.85
CA ILE A 90 -3.17 -6.30 6.29
C ILE A 90 -4.50 -7.01 6.52
N GLY A 91 -4.59 -7.89 7.51
CA GLY A 91 -5.88 -8.44 7.90
C GLY A 91 -5.72 -9.54 8.94
N SER A 92 -6.84 -10.03 9.46
CA SER A 92 -6.88 -11.23 10.26
C SER A 92 -6.56 -12.42 9.35
N ARG A 93 -5.34 -12.97 9.44
CA ARG A 93 -4.82 -13.85 8.38
C ARG A 93 -5.43 -15.25 8.41
N GLU A 94 -6.19 -15.64 9.45
CA GLU A 94 -6.85 -16.94 9.50
C GLU A 94 -8.12 -16.98 8.61
N TYR A 95 -8.60 -15.83 8.12
CA TYR A 95 -9.76 -15.77 7.23
C TYR A 95 -9.48 -16.48 5.89
N ASP A 96 -10.55 -16.80 5.16
CA ASP A 96 -10.48 -17.41 3.83
C ASP A 96 -9.76 -16.51 2.83
N THR A 97 -9.90 -15.18 2.96
CA THR A 97 -9.18 -14.22 2.13
C THR A 97 -8.14 -13.52 3.02
N PHE A 98 -7.01 -13.20 2.39
CA PHE A 98 -5.70 -13.55 2.94
C PHE A 98 -4.72 -12.50 2.41
N CYS A 99 -4.93 -11.24 2.83
CA CYS A 99 -4.23 -10.07 2.27
C CYS A 99 -4.39 -9.99 0.75
N GLY A 100 -5.58 -10.35 0.24
CA GLY A 100 -5.89 -10.39 -1.18
C GLY A 100 -6.59 -9.13 -1.68
N ALA A 101 -7.07 -8.25 -0.79
CA ALA A 101 -7.77 -7.04 -1.21
C ALA A 101 -6.83 -6.12 -2.01
N ILE A 102 -5.59 -5.99 -1.54
CA ILE A 102 -4.55 -5.17 -2.17
C ILE A 102 -4.30 -5.59 -3.63
N ASP A 103 -4.46 -6.89 -3.97
CA ASP A 103 -4.16 -7.43 -5.30
C ASP A 103 -4.90 -6.67 -6.40
N LYS A 104 -6.14 -6.28 -6.14
CA LYS A 104 -6.97 -5.58 -7.12
C LYS A 104 -6.41 -4.19 -7.41
N LEU A 105 -5.97 -3.47 -6.37
CA LEU A 105 -5.45 -2.12 -6.50
C LEU A 105 -4.13 -2.16 -7.27
N GLU A 106 -3.21 -3.04 -6.87
CA GLU A 106 -1.93 -3.14 -7.56
C GLU A 106 -2.14 -3.60 -9.00
N ALA A 107 -3.08 -4.52 -9.26
CA ALA A 107 -3.30 -5.05 -10.60
C ALA A 107 -3.73 -3.95 -11.56
N GLU A 108 -4.60 -3.02 -11.14
CA GLU A 108 -5.00 -1.96 -12.04
C GLU A 108 -3.91 -0.91 -12.22
N LEU A 109 -3.04 -0.67 -11.22
CA LEU A 109 -1.86 0.15 -11.42
C LEU A 109 -0.96 -0.50 -12.47
N LYS A 110 -0.70 -1.81 -12.32
CA LYS A 110 0.13 -2.60 -13.21
C LYS A 110 -0.43 -2.59 -14.62
N ASN A 111 -1.75 -2.78 -14.75
CA ASN A 111 -2.50 -2.76 -16.00
C ASN A 111 -2.43 -1.39 -16.68
N SER A 112 -2.48 -0.32 -15.89
CA SER A 112 -2.32 1.05 -16.36
C SER A 112 -0.86 1.38 -16.76
N GLY A 113 0.11 0.52 -16.44
CA GLY A 113 1.48 0.58 -16.94
C GLY A 113 2.52 0.67 -15.83
N ALA A 114 2.11 0.95 -14.59
CA ALA A 114 3.01 1.05 -13.44
C ALA A 114 3.70 -0.30 -13.18
N LYS A 115 4.71 -0.32 -12.30
CA LYS A 115 5.26 -1.59 -11.79
C LYS A 115 5.53 -1.51 -10.31
N GLN A 116 5.32 -2.65 -9.65
CA GLN A 116 5.66 -2.85 -8.25
C GLN A 116 7.19 -2.74 -8.09
N THR A 117 7.63 -2.64 -6.85
CA THR A 117 9.01 -2.72 -6.43
C THR A 117 9.03 -3.67 -5.23
N GLY A 118 10.14 -4.37 -4.96
CA GLY A 118 10.23 -5.34 -3.88
C GLY A 118 9.24 -6.49 -4.10
N GLU A 119 8.61 -6.96 -3.02
CA GLU A 119 7.60 -8.01 -3.01
C GLU A 119 6.43 -7.54 -2.13
N THR A 120 5.29 -8.23 -2.19
CA THR A 120 4.07 -7.86 -1.47
C THR A 120 4.16 -8.37 -0.03
N LEU A 121 4.03 -7.48 0.95
CA LEU A 121 4.06 -7.87 2.37
C LEU A 121 2.65 -8.29 2.83
N LYS A 122 2.59 -9.27 3.74
CA LYS A 122 1.39 -9.68 4.47
C LYS A 122 1.58 -9.26 5.93
N ILE A 123 0.50 -8.87 6.62
CA ILE A 123 0.53 -8.36 7.99
C ILE A 123 -0.69 -8.95 8.70
N ASN A 124 -0.48 -9.98 9.52
CA ASN A 124 -1.55 -10.55 10.36
C ASN A 124 -1.83 -9.59 11.51
N ILE A 125 -3.11 -9.33 11.81
CA ILE A 125 -3.55 -8.51 12.94
C ILE A 125 -4.61 -9.21 13.82
N LEU A 126 -4.90 -10.51 13.59
CA LEU A 126 -5.93 -11.24 14.34
C LEU A 126 -5.52 -11.43 15.80
N ASP A 127 -4.33 -12.00 16.01
CA ASP A 127 -3.90 -12.56 17.29
C ASP A 127 -2.80 -11.69 17.89
N HIS A 128 -1.79 -11.37 17.07
CA HIS A 128 -0.72 -10.44 17.36
C HIS A 128 -0.89 -9.18 16.51
N ASP A 129 0.05 -8.24 16.61
CA ASP A 129 0.00 -6.90 16.03
C ASP A 129 1.25 -6.73 15.15
N ILE A 130 1.47 -7.73 14.29
CA ILE A 130 2.75 -8.35 13.90
C ILE A 130 3.60 -8.79 15.11
N PRO A 131 4.09 -10.05 15.13
CA PRO A 131 5.00 -10.51 16.17
C PRO A 131 6.48 -10.17 15.87
N GLU A 132 6.99 -10.56 14.69
CA GLU A 132 8.37 -11.06 14.61
C GLU A 132 9.08 -10.75 13.29
N ASP A 133 8.37 -10.31 12.25
CA ASP A 133 8.96 -9.91 10.96
C ASP A 133 8.58 -8.45 10.70
N PRO A 134 9.32 -7.49 11.26
CA PRO A 134 9.06 -6.07 11.09
C PRO A 134 8.81 -5.68 9.64
N ALA A 135 7.88 -4.75 9.43
CA ALA A 135 7.79 -4.03 8.17
C ALA A 135 9.12 -3.30 7.88
N GLU A 136 9.89 -2.97 8.92
CA GLU A 136 11.24 -2.39 8.85
C GLU A 136 12.20 -3.28 8.03
N GLU A 137 12.14 -4.61 8.17
CA GLU A 137 12.99 -5.52 7.40
C GLU A 137 12.61 -5.46 5.92
N TRP A 138 11.30 -5.53 5.64
CA TRP A 138 10.77 -5.48 4.30
C TRP A 138 11.11 -4.15 3.63
N LEU A 139 11.00 -3.06 4.39
CA LEU A 139 11.33 -1.71 3.97
C LEU A 139 12.81 -1.61 3.60
N GLY A 140 13.70 -2.28 4.34
CA GLY A 140 15.12 -2.35 4.01
C GLY A 140 15.32 -2.92 2.61
N SER A 141 14.68 -4.05 2.31
CA SER A 141 14.71 -4.65 0.98
C SER A 141 14.12 -3.71 -0.09
N TRP A 142 13.17 -2.86 0.28
CA TRP A 142 12.53 -1.92 -0.64
C TRP A 142 13.43 -0.76 -0.98
N VAL A 143 13.97 -0.06 0.01
CA VAL A 143 14.81 1.10 -0.24
C VAL A 143 16.06 0.68 -1.03
N ASN A 144 16.53 -0.55 -0.80
CA ASN A 144 17.61 -1.17 -1.56
C ASN A 144 17.31 -1.30 -3.06
N LEU A 145 16.05 -1.33 -3.49
CA LEU A 145 15.69 -1.40 -4.92
C LEU A 145 15.27 -0.04 -5.46
N LEU A 146 14.44 0.72 -4.74
CA LEU A 146 13.94 2.00 -5.24
C LEU A 146 15.02 3.09 -5.26
N LYS A 147 16.02 2.99 -4.37
CA LYS A 147 17.15 3.91 -4.15
C LYS A 147 16.87 5.33 -4.64
N MET A 1 3.76 17.18 -2.24
CA MET A 1 3.73 15.69 -2.27
C MET A 1 5.12 15.14 -1.95
N ALA A 2 5.21 14.21 -0.98
CA ALA A 2 6.46 13.60 -0.56
C ALA A 2 7.03 12.69 -1.65
N ASP A 3 8.31 12.34 -1.53
CA ASP A 3 9.05 11.55 -2.51
C ASP A 3 8.66 10.09 -2.43
N ILE A 4 8.25 9.64 -1.24
CA ILE A 4 7.63 8.35 -1.02
C ILE A 4 6.30 8.62 -0.30
N THR A 5 5.34 9.12 -1.06
CA THR A 5 3.98 9.33 -0.58
C THR A 5 3.31 7.95 -0.49
N LEU A 6 2.97 7.52 0.72
CA LEU A 6 2.19 6.30 0.95
C LEU A 6 0.73 6.58 0.59
N ILE A 7 0.01 5.51 0.24
CA ILE A 7 -1.42 5.48 0.01
C ILE A 7 -1.94 4.54 1.10
N SER A 8 -2.68 5.09 2.04
CA SER A 8 -3.10 4.43 3.27
C SER A 8 -4.63 4.23 3.28
N GLY A 9 -5.12 3.24 4.05
CA GLY A 9 -6.53 3.07 4.29
C GLY A 9 -6.81 1.73 4.96
N SER A 10 -7.61 1.77 6.03
CA SER A 10 -8.16 0.61 6.68
C SER A 10 -9.39 1.04 7.48
N THR A 11 -10.59 0.69 7.02
CA THR A 11 -11.82 0.97 7.75
C THR A 11 -11.92 0.09 9.00
N LEU A 12 -11.47 -1.17 8.90
CA LEU A 12 -11.43 -2.08 10.06
C LEU A 12 -10.35 -1.66 11.07
N GLY A 13 -9.22 -1.12 10.58
CA GLY A 13 -8.09 -0.68 11.36
C GLY A 13 -6.83 -1.38 10.86
N GLY A 14 -5.69 -0.80 11.20
CA GLY A 14 -4.36 -1.38 11.04
C GLY A 14 -3.46 -0.49 10.21
N ALA A 15 -3.88 -0.13 9.00
CA ALA A 15 -3.09 0.73 8.11
C ALA A 15 -2.94 2.13 8.70
N GLU A 16 -3.90 2.57 9.52
CA GLU A 16 -3.84 3.88 10.18
C GLU A 16 -2.62 3.97 11.10
N TYR A 17 -2.15 2.82 11.62
CA TYR A 17 -0.92 2.74 12.41
C TYR A 17 0.26 2.33 11.53
N VAL A 18 0.12 1.24 10.78
CA VAL A 18 1.22 0.65 10.03
C VAL A 18 1.78 1.65 9.00
N ALA A 19 0.93 2.43 8.32
CA ALA A 19 1.40 3.42 7.36
C ALA A 19 2.21 4.52 8.06
N GLU A 20 1.81 4.94 9.26
CA GLU A 20 2.54 5.95 10.01
C GLU A 20 3.89 5.40 10.48
N HIS A 21 3.94 4.14 10.93
CA HIS A 21 5.18 3.47 11.30
C HIS A 21 6.12 3.39 10.09
N LEU A 22 5.62 2.92 8.94
CA LEU A 22 6.39 2.82 7.71
C LEU A 22 6.92 4.20 7.29
N ALA A 23 6.06 5.23 7.37
CA ALA A 23 6.44 6.59 7.00
C ALA A 23 7.58 7.09 7.89
N GLU A 24 7.51 6.84 9.20
CA GLU A 24 8.55 7.24 10.15
C GLU A 24 9.85 6.46 9.87
N LYS A 25 9.76 5.16 9.60
CA LYS A 25 10.94 4.37 9.25
C LYS A 25 11.60 4.91 8.00
N LEU A 26 10.84 5.33 7.00
CA LEU A 26 11.41 5.92 5.80
C LEU A 26 12.06 7.27 6.08
N GLU A 27 11.58 8.05 7.07
CA GLU A 27 12.28 9.27 7.48
C GLU A 27 13.65 8.91 8.07
N GLU A 28 13.75 7.82 8.85
CA GLU A 28 15.04 7.33 9.34
C GLU A 28 15.93 6.89 8.17
N ALA A 29 15.35 6.23 7.16
CA ALA A 29 16.05 5.79 5.96
C ALA A 29 16.51 6.97 5.08
N GLY A 30 15.87 8.15 5.22
CA GLY A 30 16.32 9.39 4.61
C GLY A 30 15.42 9.88 3.47
N PHE A 31 14.12 9.60 3.52
CA PHE A 31 13.17 10.00 2.48
C PHE A 31 12.01 10.79 3.09
N THR A 32 11.45 11.74 2.33
CA THR A 32 10.21 12.40 2.72
C THR A 32 9.06 11.41 2.55
N THR A 33 8.04 11.50 3.41
CA THR A 33 6.88 10.63 3.37
C THR A 33 5.60 11.40 3.64
N GLU A 34 4.47 10.82 3.23
CA GLU A 34 3.11 11.30 3.45
C GLU A 34 2.26 10.03 3.52
N THR A 35 1.05 10.08 4.07
CA THR A 35 0.19 8.94 4.28
C THR A 35 -1.20 9.36 3.82
N LEU A 36 -1.45 9.30 2.50
CA LEU A 36 -2.70 9.75 1.92
C LEU A 36 -3.76 8.73 2.31
N HIS A 37 -4.62 9.10 3.26
CA HIS A 37 -5.70 8.24 3.69
C HIS A 37 -6.82 8.34 2.66
N GLY A 38 -6.93 7.33 1.80
CA GLY A 38 -8.01 7.21 0.82
C GLY A 38 -7.99 8.30 -0.27
N PRO A 39 -6.90 8.49 -1.03
CA PRO A 39 -6.87 9.38 -2.18
C PRO A 39 -7.72 8.82 -3.33
N LEU A 40 -7.80 9.57 -4.42
CA LEU A 40 -8.37 9.16 -5.69
C LEU A 40 -7.29 9.39 -6.75
N LEU A 41 -7.41 8.68 -7.88
CA LEU A 41 -6.57 8.84 -9.05
C LEU A 41 -6.53 10.30 -9.51
N GLU A 42 -7.64 11.02 -9.29
CA GLU A 42 -7.85 12.41 -9.65
C GLU A 42 -6.87 13.37 -8.94
N ASP A 43 -6.12 12.89 -7.94
CA ASP A 43 -5.23 13.71 -7.11
C ASP A 43 -3.85 13.04 -6.95
N LEU A 44 -3.53 12.09 -7.84
CA LEU A 44 -2.39 11.20 -7.72
C LEU A 44 -1.68 11.12 -9.08
N PRO A 45 -0.50 11.76 -9.25
CA PRO A 45 0.14 11.92 -10.55
C PRO A 45 0.76 10.62 -11.07
N ALA A 46 1.01 10.60 -12.39
CA ALA A 46 1.44 9.43 -13.16
C ALA A 46 2.92 9.06 -13.01
N SER A 47 3.65 9.70 -12.11
CA SER A 47 5.09 9.53 -11.94
C SER A 47 5.41 9.70 -10.45
N GLY A 48 6.15 8.76 -9.87
CA GLY A 48 6.60 8.81 -8.49
C GLY A 48 6.79 7.43 -7.90
N ILE A 49 7.20 7.38 -6.63
CA ILE A 49 7.41 6.15 -5.88
C ILE A 49 6.33 6.14 -4.80
N TRP A 50 5.26 5.37 -5.01
CA TRP A 50 4.17 5.26 -4.04
C TRP A 50 4.35 3.98 -3.23
N LEU A 51 3.59 3.81 -2.15
CA LEU A 51 3.62 2.60 -1.33
C LEU A 51 2.20 2.41 -0.81
N VAL A 52 1.52 1.37 -1.27
CA VAL A 52 0.09 1.18 -1.04
C VAL A 52 -0.09 0.21 0.14
N ILE A 53 -1.00 0.57 1.05
CA ILE A 53 -1.38 -0.23 2.20
C ILE A 53 -2.91 -0.23 2.23
N SER A 54 -3.52 -1.41 2.24
CA SER A 54 -4.97 -1.61 2.35
C SER A 54 -5.20 -2.79 3.30
N SER A 55 -6.25 -2.74 4.12
CA SER A 55 -6.66 -3.91 4.87
C SER A 55 -7.42 -4.86 3.92
N THR A 56 -7.81 -6.03 4.42
CA THR A 56 -8.70 -6.97 3.75
C THR A 56 -9.75 -7.36 4.79
N HIS A 57 -11.04 -7.14 4.49
CA HIS A 57 -12.10 -7.52 5.44
C HIS A 57 -12.26 -9.04 5.59
N GLY A 58 -11.80 -9.84 4.62
CA GLY A 58 -11.71 -11.30 4.75
C GLY A 58 -11.64 -12.01 3.41
N ALA A 59 -12.35 -11.50 2.39
CA ALA A 59 -12.57 -12.18 1.12
C ALA A 59 -12.13 -11.31 -0.08
N GLY A 60 -11.21 -10.35 0.15
CA GLY A 60 -10.64 -9.51 -0.90
C GLY A 60 -11.29 -8.14 -0.98
N ASP A 61 -12.30 -7.86 -0.15
CA ASP A 61 -12.93 -6.54 -0.09
C ASP A 61 -11.97 -5.53 0.54
N ILE A 62 -11.56 -4.55 -0.27
CA ILE A 62 -10.69 -3.45 0.12
C ILE A 62 -11.48 -2.53 1.07
N PRO A 63 -10.84 -1.86 2.06
CA PRO A 63 -11.48 -0.90 2.95
C PRO A 63 -12.16 0.23 2.19
N ASP A 64 -13.36 0.60 2.64
CA ASP A 64 -14.26 1.51 1.91
C ASP A 64 -13.68 2.93 1.76
N ASN A 65 -12.74 3.33 2.61
CA ASN A 65 -12.10 4.64 2.52
C ASN A 65 -11.15 4.73 1.32
N LEU A 66 -10.62 3.61 0.84
CA LEU A 66 -9.55 3.56 -0.15
C LEU A 66 -9.97 2.79 -1.41
N SER A 67 -10.93 1.88 -1.30
CA SER A 67 -11.41 1.09 -2.42
C SER A 67 -11.89 1.92 -3.64
N PRO A 68 -12.39 3.17 -3.53
CA PRO A 68 -12.63 4.02 -4.70
C PRO A 68 -11.41 4.20 -5.62
N PHE A 69 -10.17 4.04 -5.13
CA PHE A 69 -8.97 4.11 -5.96
C PHE A 69 -8.98 3.00 -7.02
N TYR A 70 -9.35 1.78 -6.62
CA TYR A 70 -9.47 0.63 -7.53
C TYR A 70 -10.53 0.92 -8.60
N GLU A 71 -11.64 1.55 -8.22
CA GLU A 71 -12.72 1.88 -9.14
C GLU A 71 -12.27 2.97 -10.13
N ALA A 72 -11.67 4.05 -9.66
CA ALA A 72 -11.26 5.16 -10.52
C ALA A 72 -10.13 4.78 -11.47
N LEU A 73 -9.27 3.83 -11.09
CA LEU A 73 -8.28 3.28 -12.01
C LEU A 73 -8.99 2.48 -13.10
N GLN A 74 -9.78 1.46 -12.74
CA GLN A 74 -10.33 0.55 -13.76
C GLN A 74 -11.35 1.26 -14.67
N GLU A 75 -12.05 2.29 -14.16
CA GLU A 75 -13.03 3.03 -14.93
C GLU A 75 -12.36 3.82 -16.06
N GLN A 76 -11.11 4.26 -15.86
CA GLN A 76 -10.45 5.21 -16.76
C GLN A 76 -9.23 4.62 -17.49
N LYS A 77 -8.59 3.57 -16.95
CA LYS A 77 -7.29 3.04 -17.39
C LYS A 77 -6.34 4.19 -17.80
N PRO A 78 -5.91 5.03 -16.84
CA PRO A 78 -4.98 6.11 -17.10
C PRO A 78 -3.62 5.56 -17.56
N ASP A 79 -2.75 6.44 -18.04
CA ASP A 79 -1.35 6.10 -18.31
C ASP A 79 -0.53 6.45 -17.07
N LEU A 80 -0.09 5.42 -16.34
CA LEU A 80 0.73 5.52 -15.12
C LEU A 80 2.05 4.79 -15.33
N SER A 81 2.50 4.69 -16.58
CA SER A 81 3.74 4.01 -17.00
C SER A 81 5.04 4.60 -16.43
N ALA A 82 4.98 5.38 -15.34
CA ALA A 82 6.13 5.92 -14.62
C ALA A 82 5.91 5.90 -13.10
N VAL A 83 4.79 5.37 -12.61
CA VAL A 83 4.62 5.10 -11.19
C VAL A 83 5.35 3.80 -10.90
N ARG A 84 6.02 3.76 -9.75
CA ARG A 84 6.59 2.55 -9.17
C ARG A 84 5.96 2.48 -7.80
N PHE A 85 5.55 1.29 -7.37
CA PHE A 85 4.79 1.15 -6.14
C PHE A 85 5.34 0.00 -5.30
N GLY A 86 4.84 -0.09 -4.07
CA GLY A 86 5.02 -1.20 -3.15
C GLY A 86 3.62 -1.55 -2.66
N ALA A 87 3.42 -2.73 -2.08
CA ALA A 87 2.10 -3.25 -1.78
C ALA A 87 2.16 -4.08 -0.51
N ILE A 88 1.33 -3.71 0.46
CA ILE A 88 1.25 -4.32 1.77
C ILE A 88 -0.24 -4.54 2.04
N GLY A 89 -0.64 -5.77 2.33
CA GLY A 89 -1.98 -6.06 2.80
C GLY A 89 -1.96 -6.23 4.32
N ILE A 90 -3.11 -6.03 4.98
CA ILE A 90 -3.25 -6.19 6.43
C ILE A 90 -4.55 -6.98 6.66
N GLY A 91 -4.55 -7.91 7.62
CA GLY A 91 -5.68 -8.75 7.94
C GLY A 91 -5.23 -9.79 8.94
N SER A 92 -5.90 -10.94 8.91
CA SER A 92 -5.69 -12.03 9.84
C SER A 92 -5.41 -13.31 9.04
N ARG A 93 -4.42 -14.10 9.44
CA ARG A 93 -3.99 -15.27 8.64
C ARG A 93 -5.03 -16.39 8.56
N GLU A 94 -6.11 -16.33 9.34
CA GLU A 94 -7.24 -17.25 9.20
C GLU A 94 -8.19 -16.84 8.06
N TYR A 95 -8.09 -15.61 7.54
CA TYR A 95 -8.94 -15.13 6.44
C TYR A 95 -8.68 -15.94 5.16
N ASP A 96 -9.73 -16.10 4.34
CA ASP A 96 -9.66 -16.79 3.06
C ASP A 96 -8.76 -16.03 2.07
N THR A 97 -8.77 -14.70 2.14
CA THR A 97 -7.99 -13.80 1.31
C THR A 97 -7.07 -12.98 2.24
N PHE A 98 -6.34 -13.67 3.12
CA PHE A 98 -5.37 -13.09 4.04
C PHE A 98 -4.50 -12.05 3.33
N CYS A 99 -4.65 -10.79 3.72
CA CYS A 99 -3.92 -9.64 3.18
C CYS A 99 -3.92 -9.61 1.63
N GLY A 100 -5.00 -10.06 1.00
CA GLY A 100 -5.05 -10.27 -0.45
C GLY A 100 -5.73 -9.12 -1.19
N ALA A 101 -6.48 -8.25 -0.51
CA ALA A 101 -7.25 -7.21 -1.18
C ALA A 101 -6.37 -6.18 -1.91
N ILE A 102 -5.12 -6.00 -1.46
CA ILE A 102 -4.15 -5.09 -2.06
C ILE A 102 -3.92 -5.49 -3.53
N ASP A 103 -4.06 -6.79 -3.84
CA ASP A 103 -3.81 -7.34 -5.17
C ASP A 103 -4.63 -6.64 -6.25
N LYS A 104 -5.85 -6.19 -5.93
CA LYS A 104 -6.73 -5.60 -6.94
C LYS A 104 -6.35 -4.14 -7.17
N LEU A 105 -5.98 -3.41 -6.11
CA LEU A 105 -5.45 -2.05 -6.23
C LEU A 105 -4.23 -2.07 -7.13
N GLU A 106 -3.27 -2.97 -6.83
CA GLU A 106 -2.01 -2.98 -7.57
C GLU A 106 -2.22 -3.48 -9.00
N ALA A 107 -3.16 -4.40 -9.22
CA ALA A 107 -3.44 -4.94 -10.55
C ALA A 107 -3.88 -3.81 -11.49
N GLU A 108 -4.64 -2.84 -10.99
CA GLU A 108 -5.08 -1.75 -11.83
C GLU A 108 -3.99 -0.69 -12.02
N LEU A 109 -3.07 -0.49 -11.08
CA LEU A 109 -1.91 0.36 -11.35
C LEU A 109 -1.04 -0.28 -12.43
N LYS A 110 -0.77 -1.59 -12.33
CA LYS A 110 0.12 -2.23 -13.30
C LYS A 110 -0.55 -2.36 -14.66
N ASN A 111 -1.87 -2.56 -14.68
CA ASN A 111 -2.66 -2.50 -15.91
C ASN A 111 -2.58 -1.10 -16.54
N SER A 112 -2.59 -0.05 -15.72
CA SER A 112 -2.39 1.33 -16.14
C SER A 112 -0.93 1.64 -16.52
N GLY A 113 0.02 0.72 -16.30
CA GLY A 113 1.38 0.81 -16.81
C GLY A 113 2.46 0.81 -15.72
N ALA A 114 2.08 1.06 -14.46
CA ALA A 114 3.02 1.07 -13.33
C ALA A 114 3.64 -0.32 -13.10
N LYS A 115 4.61 -0.44 -12.18
CA LYS A 115 5.12 -1.76 -11.77
C LYS A 115 5.47 -1.80 -10.29
N GLN A 116 5.29 -3.00 -9.71
CA GLN A 116 5.65 -3.36 -8.34
C GLN A 116 7.16 -3.17 -8.14
N THR A 117 7.57 -3.03 -6.89
CA THR A 117 8.95 -2.87 -6.44
C THR A 117 9.09 -3.71 -5.17
N GLY A 118 10.31 -4.02 -4.72
CA GLY A 118 10.52 -4.93 -3.61
C GLY A 118 9.82 -6.25 -3.89
N GLU A 119 9.10 -6.78 -2.90
CA GLU A 119 8.19 -7.90 -3.07
C GLU A 119 7.03 -7.70 -2.08
N THR A 120 5.84 -8.19 -2.44
CA THR A 120 4.60 -7.94 -1.73
C THR A 120 4.65 -8.47 -0.28
N LEU A 121 3.93 -7.84 0.65
CA LEU A 121 3.99 -8.12 2.09
C LEU A 121 2.58 -8.32 2.65
N LYS A 122 2.47 -9.13 3.70
CA LYS A 122 1.25 -9.33 4.49
C LYS A 122 1.56 -8.90 5.91
N ILE A 123 0.56 -8.43 6.65
CA ILE A 123 0.67 -8.00 8.04
C ILE A 123 -0.49 -8.67 8.78
N ASN A 124 -0.18 -9.76 9.49
CA ASN A 124 -1.16 -10.44 10.34
C ASN A 124 -1.30 -9.67 11.65
N ILE A 125 -2.52 -9.30 12.04
CA ILE A 125 -2.79 -8.59 13.31
C ILE A 125 -3.76 -9.38 14.21
N LEU A 126 -4.08 -10.63 13.85
CA LEU A 126 -5.08 -11.49 14.51
C LEU A 126 -4.98 -11.48 16.04
N ASP A 127 -3.76 -11.46 16.58
CA ASP A 127 -3.50 -11.38 18.03
C ASP A 127 -2.39 -10.35 18.31
N HIS A 128 -2.45 -9.21 17.60
CA HIS A 128 -1.40 -8.19 17.55
C HIS A 128 -0.04 -8.84 17.25
N ASP A 129 -0.05 -9.75 16.28
CA ASP A 129 1.03 -10.68 15.93
C ASP A 129 2.23 -10.03 15.24
N ILE A 130 2.13 -8.74 14.86
CA ILE A 130 3.13 -8.04 14.07
C ILE A 130 4.60 -8.14 14.55
N PRO A 131 4.97 -8.15 15.85
CA PRO A 131 6.39 -8.21 16.24
C PRO A 131 7.01 -9.59 15.98
N GLU A 132 6.23 -10.62 15.60
CA GLU A 132 6.75 -11.90 15.15
C GLU A 132 7.47 -11.74 13.80
N ASP A 133 7.08 -10.74 12.99
CA ASP A 133 7.63 -10.49 11.66
C ASP A 133 7.48 -8.99 11.33
N PRO A 134 8.27 -8.11 11.97
CA PRO A 134 8.13 -6.66 11.83
C PRO A 134 8.49 -6.21 10.41
N ALA A 135 7.85 -5.12 9.96
CA ALA A 135 7.99 -4.63 8.59
C ALA A 135 9.37 -4.03 8.29
N GLU A 136 10.17 -3.69 9.31
CA GLU A 136 11.42 -2.93 9.15
C GLU A 136 12.38 -3.60 8.17
N GLU A 137 12.53 -4.93 8.24
CA GLU A 137 13.46 -5.65 7.38
C GLU A 137 12.96 -5.65 5.93
N TRP A 138 11.65 -5.83 5.74
CA TRP A 138 11.03 -5.89 4.43
C TRP A 138 11.01 -4.51 3.77
N LEU A 139 10.83 -3.45 4.56
CA LEU A 139 11.00 -2.08 4.13
C LEU A 139 12.45 -1.84 3.69
N GLY A 140 13.41 -2.48 4.36
CA GLY A 140 14.80 -2.53 3.92
C GLY A 140 14.93 -3.01 2.48
N SER A 141 14.23 -4.09 2.12
CA SER A 141 14.20 -4.62 0.77
C SER A 141 13.61 -3.59 -0.21
N TRP A 142 12.56 -2.85 0.20
CA TRP A 142 12.00 -1.80 -0.63
C TRP A 142 13.00 -0.69 -0.88
N VAL A 143 13.61 -0.10 0.16
CA VAL A 143 14.53 1.01 -0.03
C VAL A 143 15.75 0.57 -0.85
N ASN A 144 16.17 -0.70 -0.74
CA ASN A 144 17.28 -1.24 -1.51
C ASN A 144 17.01 -1.24 -3.02
N LEU A 145 15.75 -1.30 -3.46
CA LEU A 145 15.39 -1.39 -4.88
C LEU A 145 14.83 -0.09 -5.44
N LEU A 146 14.03 0.66 -4.67
CA LEU A 146 13.57 2.00 -5.09
C LEU A 146 14.71 3.05 -5.02
N LYS A 147 15.82 2.69 -4.36
CA LYS A 147 17.04 3.46 -4.10
C LYS A 147 17.28 4.55 -5.15
N MET A 1 6.09 18.79 1.12
CA MET A 1 7.19 18.07 0.45
C MET A 1 7.12 16.58 0.80
N ALA A 2 7.07 15.71 -0.23
CA ALA A 2 7.11 14.26 -0.08
C ALA A 2 7.83 13.67 -1.30
N ASP A 3 8.35 12.46 -1.15
CA ASP A 3 9.09 11.72 -2.18
C ASP A 3 8.67 10.26 -2.22
N ILE A 4 8.16 9.72 -1.10
CA ILE A 4 7.51 8.42 -1.01
C ILE A 4 6.20 8.65 -0.28
N THR A 5 5.18 9.09 -1.01
CA THR A 5 3.85 9.30 -0.46
C THR A 5 3.20 7.93 -0.26
N LEU A 6 2.83 7.59 0.97
CA LEU A 6 2.10 6.37 1.29
C LEU A 6 0.60 6.60 1.09
N ILE A 7 -0.11 5.52 0.78
CA ILE A 7 -1.53 5.48 0.44
C ILE A 7 -2.18 4.50 1.42
N SER A 8 -2.69 5.04 2.53
CA SER A 8 -3.36 4.28 3.58
C SER A 8 -4.76 3.84 3.11
N GLY A 9 -5.30 2.77 3.71
CA GLY A 9 -6.56 2.16 3.27
C GLY A 9 -7.21 1.25 4.30
N SER A 10 -7.63 1.81 5.44
CA SER A 10 -8.38 1.12 6.47
C SER A 10 -9.49 2.01 7.03
N THR A 11 -10.62 1.39 7.37
CA THR A 11 -11.71 2.00 8.10
C THR A 11 -11.47 1.85 9.61
N LEU A 12 -11.08 0.62 10.04
CA LEU A 12 -10.78 0.29 11.42
C LEU A 12 -9.52 1.00 11.92
N GLY A 13 -8.57 1.28 11.01
CA GLY A 13 -7.41 2.11 11.27
C GLY A 13 -6.07 1.38 11.12
N GLY A 14 -6.09 0.09 10.79
CA GLY A 14 -4.89 -0.75 10.75
C GLY A 14 -3.88 -0.21 9.75
N ALA A 15 -4.31 -0.01 8.49
CA ALA A 15 -3.43 0.53 7.44
C ALA A 15 -3.05 1.98 7.74
N GLU A 16 -3.91 2.72 8.44
CA GLU A 16 -3.63 4.12 8.76
C GLU A 16 -2.46 4.19 9.75
N TYR A 17 -2.46 3.34 10.78
CA TYR A 17 -1.40 3.28 11.79
C TYR A 17 -0.14 2.68 11.16
N VAL A 18 -0.29 1.58 10.41
CA VAL A 18 0.84 0.90 9.79
C VAL A 18 1.51 1.84 8.78
N ALA A 19 0.77 2.65 8.02
CA ALA A 19 1.38 3.60 7.11
C ALA A 19 2.26 4.60 7.86
N GLU A 20 1.79 5.14 8.99
CA GLU A 20 2.60 6.06 9.78
C GLU A 20 3.85 5.34 10.33
N HIS A 21 3.71 4.09 10.79
CA HIS A 21 4.83 3.30 11.30
C HIS A 21 5.86 3.03 10.21
N LEU A 22 5.43 2.68 8.98
CA LEU A 22 6.31 2.46 7.84
C LEU A 22 7.01 3.77 7.48
N ALA A 23 6.26 4.90 7.46
CA ALA A 23 6.79 6.20 7.11
C ALA A 23 7.92 6.62 8.04
N GLU A 24 7.83 6.30 9.34
CA GLU A 24 8.90 6.57 10.31
C GLU A 24 10.23 6.00 9.81
N LYS A 25 10.22 4.76 9.30
CA LYS A 25 11.44 4.08 8.87
C LYS A 25 12.02 4.77 7.65
N LEU A 26 11.15 5.22 6.75
CA LEU A 26 11.57 5.93 5.55
C LEU A 26 12.17 7.29 5.92
N GLU A 27 11.60 7.99 6.89
CA GLU A 27 12.12 9.26 7.36
C GLU A 27 13.49 9.07 8.01
N GLU A 28 13.70 7.99 8.77
CA GLU A 28 15.02 7.66 9.32
C GLU A 28 16.02 7.33 8.21
N ALA A 29 15.57 6.65 7.14
CA ALA A 29 16.40 6.39 5.96
C ALA A 29 16.72 7.70 5.19
N GLY A 30 15.86 8.71 5.31
CA GLY A 30 16.11 10.08 4.83
C GLY A 30 15.07 10.57 3.83
N PHE A 31 14.10 9.73 3.42
CA PHE A 31 13.10 10.09 2.42
C PHE A 31 12.01 10.95 3.07
N THR A 32 11.44 11.89 2.32
CA THR A 32 10.24 12.61 2.75
C THR A 32 9.02 11.75 2.41
N THR A 33 7.98 11.82 3.22
CA THR A 33 6.82 10.95 3.15
C THR A 33 5.54 11.77 3.28
N GLU A 34 4.40 11.12 3.01
CA GLU A 34 3.07 11.63 3.26
C GLU A 34 2.23 10.39 3.55
N THR A 35 1.10 10.53 4.24
CA THR A 35 0.26 9.43 4.67
C THR A 35 -1.15 9.79 4.24
N LEU A 36 -1.47 9.51 2.96
CA LEU A 36 -2.74 9.92 2.38
C LEU A 36 -3.80 8.97 2.91
N HIS A 37 -4.75 9.52 3.66
CA HIS A 37 -5.88 8.79 4.20
C HIS A 37 -6.87 8.52 3.07
N GLY A 38 -6.78 7.34 2.44
CA GLY A 38 -7.73 6.87 1.45
C GLY A 38 -7.97 7.84 0.27
N PRO A 39 -6.93 8.24 -0.48
CA PRO A 39 -7.07 9.10 -1.65
C PRO A 39 -7.75 8.37 -2.81
N LEU A 40 -7.94 9.09 -3.91
CA LEU A 40 -8.38 8.56 -5.20
C LEU A 40 -7.24 8.74 -6.18
N LEU A 41 -7.13 7.87 -7.18
CA LEU A 41 -6.06 7.91 -8.18
C LEU A 41 -6.09 9.23 -8.97
N GLU A 42 -7.26 9.84 -9.15
CA GLU A 42 -7.38 11.14 -9.81
C GLU A 42 -6.61 12.26 -9.08
N ASP A 43 -6.31 12.09 -7.80
CA ASP A 43 -5.58 13.08 -6.99
C ASP A 43 -4.06 12.96 -7.19
N LEU A 44 -3.59 11.94 -7.91
CA LEU A 44 -2.18 11.62 -8.06
C LEU A 44 -1.75 11.81 -9.52
N PRO A 45 -0.50 12.26 -9.77
CA PRO A 45 0.07 12.29 -11.10
C PRO A 45 0.37 10.86 -11.59
N ALA A 46 0.56 10.71 -12.92
CA ALA A 46 0.84 9.44 -13.59
C ALA A 46 2.32 9.05 -13.48
N SER A 47 3.04 9.55 -12.48
CA SER A 47 4.46 9.27 -12.24
C SER A 47 4.72 9.53 -10.75
N GLY A 48 5.58 8.73 -10.10
CA GLY A 48 5.92 8.89 -8.69
C GLY A 48 6.26 7.55 -8.06
N ILE A 49 6.60 7.56 -6.76
CA ILE A 49 6.95 6.37 -5.99
C ILE A 49 5.97 6.32 -4.83
N TRP A 50 4.97 5.46 -4.94
CA TRP A 50 3.88 5.33 -3.98
C TRP A 50 4.05 4.04 -3.19
N LEU A 51 3.28 3.82 -2.13
CA LEU A 51 3.28 2.57 -1.37
C LEU A 51 1.87 2.41 -0.84
N VAL A 52 1.20 1.31 -1.16
CA VAL A 52 -0.23 1.14 -0.92
C VAL A 52 -0.43 0.07 0.16
N ILE A 53 -1.35 0.31 1.10
CA ILE A 53 -1.62 -0.56 2.22
C ILE A 53 -3.14 -0.71 2.33
N SER A 54 -3.65 -1.92 2.59
CA SER A 54 -5.07 -2.23 2.69
C SER A 54 -5.31 -3.20 3.85
N SER A 55 -6.45 -3.08 4.55
CA SER A 55 -6.83 -4.01 5.61
C SER A 55 -7.82 -5.04 5.07
N THR A 56 -7.32 -6.19 4.66
CA THR A 56 -8.14 -7.34 4.32
C THR A 56 -8.98 -7.72 5.56
N HIS A 57 -10.26 -7.99 5.35
CA HIS A 57 -11.24 -8.24 6.39
C HIS A 57 -12.11 -9.45 6.00
N GLY A 58 -11.45 -10.48 5.43
CA GLY A 58 -12.06 -11.74 5.00
C GLY A 58 -12.72 -11.65 3.62
N ALA A 59 -13.33 -10.49 3.30
CA ALA A 59 -14.16 -10.29 2.12
C ALA A 59 -13.39 -10.37 0.80
N GLY A 60 -12.06 -10.19 0.83
CA GLY A 60 -11.26 -10.08 -0.39
C GLY A 60 -11.52 -8.76 -1.11
N ASP A 61 -11.79 -7.70 -0.35
CA ASP A 61 -11.99 -6.35 -0.87
C ASP A 61 -11.35 -5.35 0.09
N ILE A 62 -10.88 -4.23 -0.44
CA ILE A 62 -10.24 -3.18 0.31
C ILE A 62 -11.31 -2.50 1.21
N PRO A 63 -10.95 -1.99 2.39
CA PRO A 63 -11.82 -1.15 3.20
C PRO A 63 -12.33 0.07 2.45
N ASP A 64 -13.50 0.56 2.86
CA ASP A 64 -14.22 1.67 2.24
C ASP A 64 -13.40 2.98 2.18
N ASN A 65 -12.36 3.11 3.00
CA ASN A 65 -11.49 4.29 3.01
C ASN A 65 -10.78 4.44 1.66
N LEU A 66 -10.37 3.31 1.04
CA LEU A 66 -9.50 3.32 -0.13
C LEU A 66 -10.07 2.53 -1.31
N SER A 67 -11.05 1.64 -1.10
CA SER A 67 -11.55 0.80 -2.18
C SER A 67 -11.99 1.53 -3.47
N PRO A 68 -12.53 2.78 -3.45
CA PRO A 68 -12.75 3.57 -4.66
C PRO A 68 -11.51 3.76 -5.57
N PHE A 69 -10.30 3.61 -5.06
CA PHE A 69 -9.05 3.66 -5.85
C PHE A 69 -9.09 2.62 -6.98
N TYR A 70 -9.75 1.47 -6.76
CA TYR A 70 -9.92 0.45 -7.79
C TYR A 70 -10.75 1.02 -8.94
N GLU A 71 -11.90 1.62 -8.64
CA GLU A 71 -12.79 2.17 -9.66
C GLU A 71 -12.09 3.29 -10.43
N ALA A 72 -11.38 4.16 -9.72
CA ALA A 72 -10.66 5.28 -10.32
C ALA A 72 -9.59 4.84 -11.31
N LEU A 73 -9.02 3.63 -11.14
CA LEU A 73 -8.05 3.05 -12.07
C LEU A 73 -8.71 2.53 -13.35
N GLN A 74 -10.01 2.24 -13.35
CA GLN A 74 -10.71 1.77 -14.56
C GLN A 74 -11.33 2.96 -15.28
N GLU A 75 -11.91 3.87 -14.50
CA GLU A 75 -12.62 5.05 -14.99
C GLU A 75 -11.66 5.93 -15.81
N GLN A 76 -10.40 6.02 -15.40
CA GLN A 76 -9.40 6.87 -16.05
C GLN A 76 -8.37 6.05 -16.84
N LYS A 77 -7.97 4.87 -16.31
CA LYS A 77 -6.86 4.04 -16.77
C LYS A 77 -5.73 4.84 -17.46
N PRO A 78 -5.04 5.76 -16.74
CA PRO A 78 -3.95 6.53 -17.30
C PRO A 78 -2.83 5.62 -17.82
N ASP A 79 -1.98 6.16 -18.70
CA ASP A 79 -0.78 5.50 -19.21
C ASP A 79 0.36 5.61 -18.18
N LEU A 80 0.07 5.23 -16.92
CA LEU A 80 0.92 5.44 -15.74
C LEU A 80 2.13 4.51 -15.67
N SER A 81 2.72 4.18 -16.82
CA SER A 81 3.98 3.46 -17.02
C SER A 81 5.22 4.16 -16.45
N ALA A 82 5.05 5.03 -15.47
CA ALA A 82 6.11 5.77 -14.79
C ALA A 82 5.86 5.86 -13.27
N VAL A 83 4.76 5.29 -12.76
CA VAL A 83 4.56 5.13 -11.33
C VAL A 83 5.34 3.87 -10.94
N ARG A 84 5.85 3.85 -9.72
CA ARG A 84 6.41 2.68 -9.05
C ARG A 84 5.68 2.60 -7.74
N PHE A 85 5.34 1.39 -7.29
CA PHE A 85 4.50 1.22 -6.12
C PHE A 85 5.00 0.07 -5.27
N GLY A 86 4.37 -0.12 -4.11
CA GLY A 86 4.55 -1.28 -3.25
C GLY A 86 3.17 -1.64 -2.73
N ALA A 87 3.04 -2.85 -2.18
CA ALA A 87 1.77 -3.43 -1.84
C ALA A 87 1.94 -4.20 -0.54
N ILE A 88 1.12 -3.87 0.46
CA ILE A 88 1.16 -4.45 1.78
C ILE A 88 -0.29 -4.79 2.13
N GLY A 89 -0.52 -6.03 2.53
CA GLY A 89 -1.84 -6.50 2.93
C GLY A 89 -1.79 -6.76 4.41
N ILE A 90 -2.65 -6.08 5.16
CA ILE A 90 -2.90 -6.35 6.57
C ILE A 90 -4.13 -7.27 6.59
N GLY A 91 -4.27 -8.11 7.61
CA GLY A 91 -5.44 -8.92 7.83
C GLY A 91 -5.11 -9.92 8.93
N SER A 92 -5.65 -11.12 8.79
CA SER A 92 -5.42 -12.24 9.68
C SER A 92 -5.12 -13.44 8.79
N ARG A 93 -4.01 -14.15 9.04
CA ARG A 93 -3.64 -15.32 8.24
C ARG A 93 -4.58 -16.51 8.49
N GLU A 94 -5.45 -16.42 9.52
CA GLU A 94 -6.54 -17.38 9.73
C GLU A 94 -7.57 -17.30 8.59
N TYR A 95 -7.73 -16.13 7.94
CA TYR A 95 -8.59 -16.01 6.77
C TYR A 95 -8.03 -16.84 5.61
N ASP A 96 -8.90 -17.43 4.79
CA ASP A 96 -8.46 -18.02 3.52
C ASP A 96 -7.92 -16.90 2.63
N THR A 97 -8.54 -15.72 2.73
CA THR A 97 -8.14 -14.44 2.18
C THR A 97 -6.95 -13.90 3.00
N PHE A 98 -5.81 -14.60 3.01
CA PHE A 98 -4.66 -14.29 3.87
C PHE A 98 -3.98 -12.97 3.47
N CYS A 99 -4.52 -11.85 3.95
CA CYS A 99 -4.01 -10.49 3.84
C CYS A 99 -3.63 -10.15 2.38
N GLY A 100 -4.60 -10.12 1.47
CA GLY A 100 -4.37 -10.02 0.04
C GLY A 100 -5.36 -9.12 -0.70
N ALA A 101 -6.25 -8.40 -0.02
CA ALA A 101 -7.21 -7.51 -0.68
C ALA A 101 -6.54 -6.40 -1.50
N ILE A 102 -5.31 -6.04 -1.14
CA ILE A 102 -4.46 -5.06 -1.82
C ILE A 102 -4.26 -5.44 -3.29
N ASP A 103 -4.30 -6.74 -3.59
CA ASP A 103 -3.99 -7.28 -4.92
C ASP A 103 -4.78 -6.60 -6.04
N LYS A 104 -6.05 -6.26 -5.81
CA LYS A 104 -6.86 -5.61 -6.84
C LYS A 104 -6.32 -4.23 -7.19
N LEU A 105 -5.92 -3.44 -6.20
CA LEU A 105 -5.41 -2.09 -6.44
C LEU A 105 -4.07 -2.18 -7.15
N GLU A 106 -3.17 -2.99 -6.58
CA GLU A 106 -1.80 -3.01 -7.05
C GLU A 106 -1.73 -3.58 -8.47
N ALA A 107 -2.56 -4.59 -8.76
CA ALA A 107 -2.60 -5.20 -10.08
C ALA A 107 -3.15 -4.21 -11.10
N GLU A 108 -4.10 -3.35 -10.76
CA GLU A 108 -4.61 -2.38 -11.71
C GLU A 108 -3.60 -1.26 -11.97
N LEU A 109 -2.76 -0.86 -11.02
CA LEU A 109 -1.64 0.05 -11.35
C LEU A 109 -0.72 -0.64 -12.35
N LYS A 110 -0.41 -1.92 -12.09
CA LYS A 110 0.51 -2.71 -12.91
C LYS A 110 -0.03 -2.84 -14.33
N ASN A 111 -1.33 -3.12 -14.43
CA ASN A 111 -2.05 -3.26 -15.69
C ASN A 111 -2.09 -1.93 -16.46
N SER A 112 -2.36 -0.83 -15.75
CA SER A 112 -2.43 0.49 -16.36
C SER A 112 -1.05 0.96 -16.85
N GLY A 113 0.05 0.48 -16.25
CA GLY A 113 1.39 0.68 -16.79
C GLY A 113 2.53 0.50 -15.78
N ALA A 114 2.29 0.83 -14.50
CA ALA A 114 3.32 0.87 -13.45
C ALA A 114 3.96 -0.50 -13.18
N LYS A 115 4.93 -0.54 -12.27
CA LYS A 115 5.48 -1.79 -11.75
C LYS A 115 5.71 -1.70 -10.24
N GLN A 116 5.55 -2.83 -9.58
CA GLN A 116 5.79 -3.02 -8.16
C GLN A 116 7.29 -2.83 -7.88
N THR A 117 7.65 -2.69 -6.61
CA THR A 117 9.00 -2.52 -6.10
C THR A 117 9.10 -3.41 -4.85
N GLY A 118 10.31 -3.87 -4.51
CA GLY A 118 10.50 -4.88 -3.47
C GLY A 118 9.67 -6.13 -3.77
N GLU A 119 9.05 -6.70 -2.74
CA GLU A 119 8.11 -7.81 -2.84
C GLU A 119 6.94 -7.51 -1.91
N THR A 120 5.79 -8.11 -2.16
CA THR A 120 4.55 -7.92 -1.39
C THR A 120 4.76 -8.37 0.06
N LEU A 121 4.12 -7.70 1.02
CA LEU A 121 4.24 -8.04 2.44
C LEU A 121 2.85 -8.38 2.99
N LYS A 122 2.79 -9.41 3.83
CA LYS A 122 1.62 -9.78 4.63
C LYS A 122 1.90 -9.25 6.04
N ILE A 123 0.89 -8.74 6.70
CA ILE A 123 0.89 -8.27 8.07
C ILE A 123 -0.35 -8.94 8.67
N ASN A 124 -0.18 -9.47 9.86
CA ASN A 124 -1.13 -10.34 10.54
C ASN A 124 -1.45 -9.76 11.92
N ILE A 125 -2.54 -9.02 12.05
CA ILE A 125 -2.88 -8.34 13.30
C ILE A 125 -3.54 -9.28 14.33
N LEU A 126 -3.80 -10.54 13.96
CA LEU A 126 -4.40 -11.53 14.84
C LEU A 126 -3.43 -12.00 15.94
N ASP A 127 -2.13 -12.06 15.63
CA ASP A 127 -1.12 -12.68 16.49
C ASP A 127 0.21 -11.95 16.28
N HIS A 128 1.34 -12.64 16.03
CA HIS A 128 2.59 -12.03 15.61
C HIS A 128 2.31 -11.19 14.35
N ASP A 129 2.78 -9.94 14.36
CA ASP A 129 2.42 -8.93 13.36
C ASP A 129 2.89 -9.24 11.93
N ILE A 130 3.85 -10.15 11.74
CA ILE A 130 4.36 -10.56 10.43
C ILE A 130 4.56 -12.08 10.40
N PRO A 131 4.60 -12.71 9.22
CA PRO A 131 4.74 -14.15 9.11
C PRO A 131 6.14 -14.65 9.52
N GLU A 132 7.21 -13.93 9.15
CA GLU A 132 8.57 -14.45 9.30
C GLU A 132 9.67 -13.38 9.40
N ASP A 133 9.43 -12.12 9.02
CA ASP A 133 10.48 -11.10 8.90
C ASP A 133 9.90 -9.71 9.18
N PRO A 134 10.51 -8.87 10.04
CA PRO A 134 10.00 -7.54 10.41
C PRO A 134 9.64 -6.66 9.21
N ALA A 135 8.58 -5.84 9.35
CA ALA A 135 8.24 -4.82 8.37
C ALA A 135 9.41 -3.84 8.17
N GLU A 136 10.18 -3.56 9.23
CA GLU A 136 11.33 -2.65 9.16
C GLU A 136 12.39 -3.21 8.20
N GLU A 137 12.64 -4.52 8.25
CA GLU A 137 13.65 -5.17 7.43
C GLU A 137 13.11 -5.35 6.00
N TRP A 138 11.83 -5.71 5.85
CA TRP A 138 11.21 -5.90 4.55
C TRP A 138 11.16 -4.58 3.78
N LEU A 139 10.82 -3.47 4.46
CA LEU A 139 10.85 -2.15 3.84
C LEU A 139 12.30 -1.74 3.52
N GLY A 140 13.28 -2.26 4.26
CA GLY A 140 14.70 -2.12 3.92
C GLY A 140 14.97 -2.71 2.53
N SER A 141 14.49 -3.92 2.26
CA SER A 141 14.60 -4.54 0.94
C SER A 141 13.83 -3.74 -0.12
N TRP A 142 12.69 -3.15 0.26
CA TRP A 142 11.89 -2.33 -0.63
C TRP A 142 12.67 -1.08 -1.07
N VAL A 143 13.27 -0.32 -0.14
CA VAL A 143 14.05 0.84 -0.51
C VAL A 143 15.34 0.45 -1.23
N ASN A 144 15.90 -0.74 -0.95
CA ASN A 144 17.08 -1.24 -1.64
C ASN A 144 16.83 -1.41 -3.14
N LEU A 145 15.58 -1.53 -3.59
CA LEU A 145 15.25 -1.60 -5.01
C LEU A 145 14.72 -0.27 -5.56
N LEU A 146 14.01 0.56 -4.79
CA LEU A 146 13.63 1.90 -5.26
C LEU A 146 14.85 2.82 -5.39
N LYS A 147 15.88 2.58 -4.57
CA LYS A 147 17.13 3.32 -4.44
C LYS A 147 16.89 4.84 -4.46
N MET A 1 3.99 17.00 -2.92
CA MET A 1 3.58 16.41 -1.62
C MET A 1 4.79 15.79 -0.92
N ALA A 2 5.13 14.53 -1.22
CA ALA A 2 6.30 13.82 -0.70
C ALA A 2 6.79 12.83 -1.77
N ASP A 3 8.05 12.42 -1.66
CA ASP A 3 8.73 11.62 -2.68
C ASP A 3 8.31 10.16 -2.55
N ILE A 4 8.01 9.74 -1.31
CA ILE A 4 7.39 8.47 -1.02
C ILE A 4 6.10 8.75 -0.27
N THR A 5 5.14 9.31 -0.99
CA THR A 5 3.79 9.50 -0.52
C THR A 5 3.17 8.09 -0.38
N LEU A 6 2.82 7.70 0.84
CA LEU A 6 2.18 6.42 1.13
C LEU A 6 0.66 6.62 0.96
N ILE A 7 -0.05 5.53 0.67
CA ILE A 7 -1.46 5.52 0.31
C ILE A 7 -2.13 4.59 1.33
N SER A 8 -2.60 5.18 2.43
CA SER A 8 -3.20 4.46 3.56
C SER A 8 -4.65 4.06 3.23
N GLY A 9 -4.98 2.79 3.41
CA GLY A 9 -6.22 2.18 2.97
C GLY A 9 -6.91 1.35 4.05
N SER A 10 -7.29 1.98 5.15
CA SER A 10 -8.14 1.34 6.14
C SER A 10 -9.08 2.37 6.76
N THR A 11 -10.31 1.95 7.06
CA THR A 11 -11.28 2.69 7.84
C THR A 11 -10.94 2.53 9.33
N LEU A 12 -10.62 1.29 9.74
CA LEU A 12 -10.24 0.92 11.10
C LEU A 12 -8.93 1.57 11.56
N GLY A 13 -8.04 1.90 10.63
CA GLY A 13 -6.79 2.59 10.89
C GLY A 13 -5.58 1.64 11.00
N GLY A 14 -5.73 0.35 10.71
CA GLY A 14 -4.63 -0.60 10.73
C GLY A 14 -3.58 -0.24 9.67
N ALA A 15 -4.03 0.09 8.45
CA ALA A 15 -3.14 0.55 7.38
C ALA A 15 -2.54 1.91 7.74
N GLU A 16 -3.27 2.77 8.43
CA GLU A 16 -2.74 4.07 8.83
C GLU A 16 -1.62 3.89 9.88
N TYR A 17 -1.79 2.96 10.81
CA TYR A 17 -0.84 2.67 11.87
C TYR A 17 0.44 2.11 11.25
N VAL A 18 0.29 1.15 10.33
CA VAL A 18 1.41 0.58 9.61
C VAL A 18 2.12 1.67 8.81
N ALA A 19 1.37 2.48 8.04
CA ALA A 19 1.93 3.52 7.21
C ALA A 19 2.71 4.54 8.04
N GLU A 20 2.21 4.92 9.22
CA GLU A 20 2.90 5.87 10.10
C GLU A 20 4.25 5.32 10.56
N HIS A 21 4.30 4.04 10.98
CA HIS A 21 5.55 3.44 11.45
C HIS A 21 6.54 3.27 10.30
N LEU A 22 6.07 2.83 9.12
CA LEU A 22 6.92 2.71 7.94
C LEU A 22 7.44 4.10 7.54
N ALA A 23 6.58 5.13 7.57
CA ALA A 23 6.95 6.50 7.23
C ALA A 23 8.05 7.01 8.16
N GLU A 24 7.93 6.78 9.47
CA GLU A 24 8.94 7.22 10.43
C GLU A 24 10.31 6.61 10.07
N LYS A 25 10.35 5.33 9.71
CA LYS A 25 11.58 4.67 9.31
C LYS A 25 12.11 5.23 7.99
N LEU A 26 11.24 5.52 7.03
CA LEU A 26 11.63 6.15 5.77
C LEU A 26 12.21 7.54 6.01
N GLU A 27 11.68 8.31 6.97
CA GLU A 27 12.22 9.63 7.31
C GLU A 27 13.62 9.49 7.92
N GLU A 28 13.86 8.47 8.74
CA GLU A 28 15.19 8.19 9.27
C GLU A 28 16.15 7.77 8.16
N ALA A 29 15.67 7.02 7.15
CA ALA A 29 16.44 6.69 5.97
C ALA A 29 16.72 7.93 5.10
N GLY A 30 15.86 8.95 5.16
CA GLY A 30 16.09 10.27 4.58
C GLY A 30 15.00 10.70 3.58
N PHE A 31 14.02 9.84 3.28
CA PHE A 31 13.00 10.12 2.28
C PHE A 31 11.90 11.00 2.88
N THR A 32 11.28 11.86 2.07
CA THR A 32 10.07 12.57 2.47
C THR A 32 8.88 11.61 2.33
N THR A 33 7.90 11.71 3.23
CA THR A 33 6.75 10.81 3.25
C THR A 33 5.47 11.58 3.58
N GLU A 34 4.33 10.94 3.31
CA GLU A 34 3.01 11.40 3.76
C GLU A 34 2.19 10.13 3.90
N THR A 35 1.19 10.12 4.78
CA THR A 35 0.31 9.00 5.04
C THR A 35 -1.05 9.41 4.46
N LEU A 36 -1.16 9.42 3.13
CA LEU A 36 -2.28 9.98 2.42
C LEU A 36 -3.43 8.99 2.55
N HIS A 37 -4.40 9.30 3.41
CA HIS A 37 -5.57 8.46 3.62
C HIS A 37 -6.51 8.57 2.42
N GLY A 38 -6.78 7.43 1.78
CA GLY A 38 -7.81 7.29 0.76
C GLY A 38 -7.81 8.32 -0.38
N PRO A 39 -6.69 8.56 -1.08
CA PRO A 39 -6.69 9.38 -2.29
C PRO A 39 -7.46 8.70 -3.44
N LEU A 40 -7.58 9.42 -4.55
CA LEU A 40 -8.10 8.93 -5.81
C LEU A 40 -7.11 9.28 -6.92
N LEU A 41 -7.31 8.72 -8.11
CA LEU A 41 -6.46 8.94 -9.29
C LEU A 41 -6.35 10.44 -9.60
N GLU A 42 -7.45 11.18 -9.43
CA GLU A 42 -7.51 12.62 -9.68
C GLU A 42 -6.71 13.45 -8.67
N ASP A 43 -6.11 12.82 -7.66
CA ASP A 43 -5.48 13.48 -6.50
C ASP A 43 -4.02 13.05 -6.30
N LEU A 44 -3.43 12.32 -7.27
CA LEU A 44 -2.00 12.02 -7.32
C LEU A 44 -1.50 12.05 -8.76
N PRO A 45 -0.22 12.40 -9.01
CA PRO A 45 0.34 12.44 -10.36
C PRO A 45 0.69 11.03 -10.86
N ALA A 46 0.90 10.91 -12.17
CA ALA A 46 1.19 9.66 -12.88
C ALA A 46 2.67 9.27 -12.79
N SER A 47 3.41 9.78 -11.80
CA SER A 47 4.82 9.48 -11.58
C SER A 47 5.12 9.65 -10.09
N GLY A 48 6.00 8.81 -9.54
CA GLY A 48 6.37 8.81 -8.13
C GLY A 48 6.72 7.40 -7.68
N ILE A 49 7.01 7.23 -6.40
CA ILE A 49 7.28 5.94 -5.79
C ILE A 49 6.35 5.82 -4.59
N TRP A 50 5.19 5.23 -4.79
CA TRP A 50 4.12 5.18 -3.81
C TRP A 50 4.18 3.86 -3.04
N LEU A 51 3.41 3.74 -1.96
CA LEU A 51 3.24 2.50 -1.22
C LEU A 51 1.76 2.38 -0.95
N VAL A 52 1.13 1.29 -1.35
CA VAL A 52 -0.29 1.06 -1.11
C VAL A 52 -0.39 0.05 0.04
N ILE A 53 -1.20 0.36 1.05
CA ILE A 53 -1.39 -0.46 2.23
C ILE A 53 -2.91 -0.59 2.38
N SER A 54 -3.45 -1.80 2.36
CA SER A 54 -4.89 -2.05 2.29
C SER A 54 -5.27 -3.17 3.24
N SER A 55 -6.32 -2.99 4.03
CA SER A 55 -6.87 -4.12 4.79
C SER A 55 -7.70 -5.01 3.86
N THR A 56 -7.99 -6.22 4.30
CA THR A 56 -8.85 -7.19 3.63
C THR A 56 -10.07 -7.39 4.53
N HIS A 57 -11.26 -7.06 4.02
CA HIS A 57 -12.50 -7.17 4.78
C HIS A 57 -12.82 -8.64 5.10
N GLY A 58 -12.42 -9.57 4.23
CA GLY A 58 -12.49 -11.01 4.48
C GLY A 58 -12.37 -11.84 3.21
N ALA A 59 -12.92 -11.35 2.09
CA ALA A 59 -13.02 -12.07 0.83
C ALA A 59 -12.41 -11.28 -0.35
N GLY A 60 -11.49 -10.35 -0.05
CA GLY A 60 -10.78 -9.55 -1.06
C GLY A 60 -11.39 -8.17 -1.26
N ASP A 61 -12.50 -7.86 -0.59
CA ASP A 61 -13.03 -6.50 -0.54
C ASP A 61 -12.11 -5.60 0.29
N ILE A 62 -12.05 -4.31 -0.06
CA ILE A 62 -11.10 -3.32 0.44
C ILE A 62 -11.92 -2.29 1.25
N PRO A 63 -11.38 -1.75 2.36
CA PRO A 63 -11.99 -0.65 3.12
C PRO A 63 -12.45 0.52 2.25
N ASP A 64 -13.62 1.07 2.62
CA ASP A 64 -14.34 2.10 1.88
C ASP A 64 -13.55 3.40 1.69
N ASN A 65 -12.55 3.65 2.54
CA ASN A 65 -11.75 4.87 2.46
C ASN A 65 -10.91 4.91 1.17
N LEU A 66 -10.50 3.75 0.64
CA LEU A 66 -9.56 3.66 -0.48
C LEU A 66 -10.10 2.79 -1.61
N SER A 67 -11.05 1.89 -1.35
CA SER A 67 -11.58 1.01 -2.38
C SER A 67 -12.08 1.71 -3.66
N PRO A 68 -12.63 2.95 -3.64
CA PRO A 68 -12.93 3.72 -4.85
C PRO A 68 -11.75 3.87 -5.84
N PHE A 69 -10.50 3.76 -5.38
CA PHE A 69 -9.32 3.81 -6.23
C PHE A 69 -9.36 2.69 -7.28
N TYR A 70 -9.90 1.51 -6.96
CA TYR A 70 -10.06 0.43 -7.91
C TYR A 70 -10.99 0.84 -9.04
N GLU A 71 -12.10 1.51 -8.71
CA GLU A 71 -13.11 1.92 -9.68
C GLU A 71 -12.53 3.03 -10.57
N ALA A 72 -11.89 4.04 -9.98
CA ALA A 72 -11.35 5.15 -10.74
C ALA A 72 -10.20 4.72 -11.65
N LEU A 73 -9.37 3.76 -11.21
CA LEU A 73 -8.31 3.21 -12.03
C LEU A 73 -8.90 2.46 -13.22
N GLN A 74 -9.83 1.52 -13.00
CA GLN A 74 -10.32 0.70 -14.10
C GLN A 74 -11.21 1.50 -15.06
N GLU A 75 -11.89 2.55 -14.57
CA GLU A 75 -12.75 3.39 -15.39
C GLU A 75 -11.93 4.19 -16.41
N GLN A 76 -10.72 4.62 -16.04
CA GLN A 76 -9.94 5.58 -16.82
C GLN A 76 -8.72 4.94 -17.48
N LYS A 77 -8.10 3.95 -16.83
CA LYS A 77 -6.82 3.30 -17.19
C LYS A 77 -5.85 4.24 -17.94
N PRO A 78 -5.47 5.40 -17.35
CA PRO A 78 -4.54 6.32 -17.98
C PRO A 78 -3.14 5.69 -18.02
N ASP A 79 -2.21 6.36 -18.71
CA ASP A 79 -0.80 5.97 -18.72
C ASP A 79 -0.16 6.30 -17.37
N LEU A 80 0.11 5.28 -16.56
CA LEU A 80 0.78 5.38 -15.26
C LEU A 80 2.15 4.70 -15.30
N SER A 81 2.70 4.50 -16.50
CA SER A 81 4.00 3.85 -16.76
C SER A 81 5.24 4.55 -16.16
N ALA A 82 5.05 5.43 -15.17
CA ALA A 82 6.12 6.08 -14.42
C ALA A 82 5.85 6.07 -12.90
N VAL A 83 4.73 5.50 -12.46
CA VAL A 83 4.48 5.24 -11.04
C VAL A 83 5.21 3.93 -10.72
N ARG A 84 5.93 3.93 -9.61
CA ARG A 84 6.48 2.74 -8.99
C ARG A 84 5.65 2.57 -7.73
N PHE A 85 5.32 1.34 -7.33
CA PHE A 85 4.48 1.13 -6.16
C PHE A 85 5.03 0.00 -5.29
N GLY A 86 4.48 -0.10 -4.09
CA GLY A 86 4.67 -1.21 -3.18
C GLY A 86 3.27 -1.61 -2.72
N ALA A 87 3.13 -2.80 -2.15
CA ALA A 87 1.83 -3.38 -1.87
C ALA A 87 1.93 -4.17 -0.58
N ILE A 88 1.07 -3.84 0.38
CA ILE A 88 1.01 -4.45 1.69
C ILE A 88 -0.47 -4.76 1.95
N GLY A 89 -0.75 -5.97 2.41
CA GLY A 89 -2.08 -6.42 2.80
C GLY A 89 -2.11 -6.62 4.31
N ILE A 90 -3.28 -6.43 4.92
CA ILE A 90 -3.49 -6.56 6.35
C ILE A 90 -4.84 -7.24 6.53
N GLY A 91 -5.03 -8.00 7.60
CA GLY A 91 -6.33 -8.52 7.99
C GLY A 91 -6.18 -9.75 8.86
N SER A 92 -5.27 -10.64 8.44
CA SER A 92 -4.82 -11.91 9.00
C SER A 92 -5.24 -13.03 8.05
N ARG A 93 -4.36 -14.04 7.86
CA ARG A 93 -4.66 -15.21 7.03
C ARG A 93 -5.75 -16.11 7.64
N GLU A 94 -6.30 -15.75 8.80
CA GLU A 94 -7.49 -16.38 9.36
C GLU A 94 -8.70 -16.16 8.44
N TYR A 95 -8.74 -15.04 7.70
CA TYR A 95 -9.77 -14.75 6.71
C TYR A 95 -9.59 -15.66 5.48
N ASP A 96 -10.68 -15.87 4.74
CA ASP A 96 -10.72 -16.74 3.57
C ASP A 96 -9.76 -16.25 2.47
N THR A 97 -9.65 -14.92 2.30
CA THR A 97 -8.67 -14.29 1.43
C THR A 97 -7.49 -13.88 2.31
N PHE A 98 -6.30 -14.40 1.97
CA PHE A 98 -5.07 -14.29 2.75
C PHE A 98 -4.46 -12.89 2.68
N CYS A 99 -5.11 -11.89 3.29
CA CYS A 99 -4.73 -10.47 3.21
C CYS A 99 -4.56 -10.01 1.75
N GLY A 100 -5.34 -10.58 0.82
CA GLY A 100 -5.13 -10.41 -0.61
C GLY A 100 -5.86 -9.22 -1.23
N ALA A 101 -6.63 -8.43 -0.48
CA ALA A 101 -7.46 -7.37 -1.06
C ALA A 101 -6.66 -6.29 -1.80
N ILE A 102 -5.39 -6.09 -1.41
CA ILE A 102 -4.46 -5.16 -2.06
C ILE A 102 -4.29 -5.52 -3.55
N ASP A 103 -4.45 -6.80 -3.91
CA ASP A 103 -4.26 -7.31 -5.27
C ASP A 103 -5.03 -6.51 -6.31
N LYS A 104 -6.26 -6.09 -5.98
CA LYS A 104 -7.12 -5.42 -6.96
C LYS A 104 -6.61 -4.00 -7.22
N LEU A 105 -6.20 -3.27 -6.18
CA LEU A 105 -5.66 -1.93 -6.35
C LEU A 105 -4.36 -2.01 -7.15
N GLU A 106 -3.44 -2.88 -6.71
CA GLU A 106 -2.10 -2.88 -7.28
C GLU A 106 -2.14 -3.35 -8.74
N ALA A 107 -2.98 -4.35 -9.04
CA ALA A 107 -3.03 -4.91 -10.37
C ALA A 107 -3.57 -3.90 -11.37
N GLU A 108 -4.48 -3.02 -10.97
CA GLU A 108 -5.02 -2.04 -11.88
C GLU A 108 -4.00 -0.93 -12.16
N LEU A 109 -3.12 -0.59 -11.20
CA LEU A 109 -1.98 0.30 -11.50
C LEU A 109 -1.06 -0.40 -12.50
N LYS A 110 -0.80 -1.70 -12.30
CA LYS A 110 0.09 -2.47 -13.17
C LYS A 110 -0.46 -2.49 -14.58
N ASN A 111 -1.77 -2.71 -14.70
CA ASN A 111 -2.47 -2.72 -16.00
C ASN A 111 -2.43 -1.33 -16.65
N SER A 112 -2.50 -0.27 -15.83
CA SER A 112 -2.33 1.11 -16.28
C SER A 112 -0.87 1.45 -16.65
N GLY A 113 0.08 0.55 -16.41
CA GLY A 113 1.46 0.65 -16.89
C GLY A 113 2.50 0.72 -15.78
N ALA A 114 2.10 1.05 -14.54
CA ALA A 114 2.99 1.13 -13.38
C ALA A 114 3.61 -0.24 -13.09
N LYS A 115 4.58 -0.31 -12.15
CA LYS A 115 5.13 -1.59 -11.69
C LYS A 115 5.44 -1.56 -10.20
N GLN A 116 5.39 -2.76 -9.60
CA GLN A 116 5.77 -2.97 -8.22
C GLN A 116 7.30 -2.85 -8.08
N THR A 117 7.74 -2.54 -6.86
CA THR A 117 9.12 -2.57 -6.41
C THR A 117 9.17 -3.41 -5.13
N GLY A 118 10.30 -4.06 -4.85
CA GLY A 118 10.42 -5.02 -3.76
C GLY A 118 9.48 -6.20 -3.99
N GLU A 119 8.94 -6.76 -2.90
CA GLU A 119 8.00 -7.87 -2.92
C GLU A 119 6.88 -7.57 -1.93
N THR A 120 5.72 -8.17 -2.14
CA THR A 120 4.49 -7.93 -1.39
C THR A 120 4.64 -8.44 0.06
N LEU A 121 3.91 -7.85 1.01
CA LEU A 121 3.94 -8.21 2.43
C LEU A 121 2.51 -8.41 2.92
N LYS A 122 2.27 -9.36 3.82
CA LYS A 122 1.00 -9.52 4.53
C LYS A 122 1.28 -9.28 6.01
N ILE A 123 0.28 -8.84 6.76
CA ILE A 123 0.40 -8.42 8.16
C ILE A 123 -0.76 -9.06 8.92
N ASN A 124 -0.43 -10.04 9.75
CA ASN A 124 -1.35 -10.64 10.72
C ASN A 124 -1.51 -9.69 11.91
N ILE A 125 -2.76 -9.51 12.35
CA ILE A 125 -3.16 -8.61 13.42
C ILE A 125 -4.05 -9.33 14.46
N LEU A 126 -4.60 -10.51 14.15
CA LEU A 126 -5.62 -11.16 14.98
C LEU A 126 -5.03 -12.18 15.96
N ASP A 127 -3.81 -12.67 15.73
CA ASP A 127 -3.23 -13.74 16.56
C ASP A 127 -1.72 -13.57 16.74
N HIS A 128 -0.98 -13.45 15.64
CA HIS A 128 0.46 -13.27 15.69
C HIS A 128 0.78 -11.84 16.13
N ASP A 129 -0.04 -10.87 15.67
CA ASP A 129 0.20 -9.42 15.83
C ASP A 129 1.67 -9.09 15.57
N ILE A 130 2.08 -9.34 14.31
CA ILE A 130 3.47 -9.34 13.86
C ILE A 130 4.28 -8.13 14.39
N PRO A 131 5.49 -8.36 14.96
CA PRO A 131 6.37 -7.29 15.46
C PRO A 131 6.75 -6.24 14.42
N GLU A 132 7.39 -5.16 14.89
CA GLU A 132 7.92 -4.09 14.07
C GLU A 132 9.20 -4.53 13.33
N ASP A 133 9.97 -5.45 13.91
CA ASP A 133 11.25 -5.91 13.35
C ASP A 133 11.15 -6.42 11.90
N PRO A 134 10.21 -7.32 11.53
CA PRO A 134 10.06 -7.72 10.14
C PRO A 134 9.54 -6.60 9.25
N ALA A 135 8.80 -5.61 9.77
CA ALA A 135 8.39 -4.46 8.96
C ALA A 135 9.63 -3.65 8.58
N GLU A 136 10.55 -3.42 9.53
CA GLU A 136 11.79 -2.72 9.28
C GLU A 136 12.65 -3.49 8.27
N GLU A 137 12.76 -4.81 8.44
CA GLU A 137 13.55 -5.65 7.55
C GLU A 137 12.99 -5.60 6.13
N TRP A 138 11.68 -5.80 5.97
CA TRP A 138 11.05 -5.84 4.65
C TRP A 138 11.07 -4.46 4.00
N LEU A 139 10.91 -3.38 4.78
CA LEU A 139 11.06 -2.03 4.30
C LEU A 139 12.48 -1.81 3.75
N GLY A 140 13.50 -2.34 4.43
CA GLY A 140 14.88 -2.32 3.97
C GLY A 140 15.00 -2.95 2.57
N SER A 141 14.42 -4.14 2.40
CA SER A 141 14.41 -4.84 1.11
C SER A 141 13.66 -4.03 0.05
N TRP A 142 12.59 -3.34 0.43
CA TRP A 142 11.82 -2.51 -0.49
C TRP A 142 12.66 -1.33 -0.96
N VAL A 143 13.23 -0.54 -0.04
CA VAL A 143 13.97 0.65 -0.42
C VAL A 143 15.23 0.30 -1.21
N ASN A 144 15.85 -0.87 -0.96
CA ASN A 144 17.05 -1.32 -1.64
C ASN A 144 16.88 -1.32 -3.17
N LEU A 145 15.64 -1.44 -3.67
CA LEU A 145 15.35 -1.48 -5.10
C LEU A 145 14.86 -0.13 -5.65
N LEU A 146 14.71 0.92 -4.83
CA LEU A 146 14.32 2.27 -5.28
C LEU A 146 15.32 3.38 -4.88
N LYS A 147 16.33 3.08 -4.04
CA LYS A 147 17.35 4.06 -3.63
C LYS A 147 17.90 4.81 -4.85
N MET A 1 3.87 16.68 -3.44
CA MET A 1 3.79 15.39 -2.72
C MET A 1 5.16 14.99 -2.18
N ALA A 2 5.17 14.18 -1.11
CA ALA A 2 6.39 13.54 -0.61
C ALA A 2 6.89 12.51 -1.63
N ASP A 3 8.16 12.13 -1.52
CA ASP A 3 8.84 11.30 -2.52
C ASP A 3 8.38 9.86 -2.40
N ILE A 4 8.04 9.45 -1.17
CA ILE A 4 7.37 8.20 -0.88
C ILE A 4 6.09 8.52 -0.11
N THR A 5 5.12 9.02 -0.85
CA THR A 5 3.78 9.24 -0.34
C THR A 5 3.11 7.87 -0.25
N LEU A 6 2.81 7.43 0.96
CA LEU A 6 2.04 6.21 1.21
C LEU A 6 0.56 6.47 0.87
N ILE A 7 -0.15 5.40 0.55
CA ILE A 7 -1.57 5.39 0.18
C ILE A 7 -2.24 4.44 1.18
N SER A 8 -2.62 4.99 2.33
CA SER A 8 -3.15 4.26 3.47
C SER A 8 -4.64 3.94 3.30
N GLY A 9 -5.14 2.92 4.01
CA GLY A 9 -6.55 2.60 4.05
C GLY A 9 -6.78 1.29 4.77
N SER A 10 -7.78 1.28 5.66
CA SER A 10 -8.31 0.06 6.27
C SER A 10 -9.78 0.23 6.67
N THR A 11 -10.51 -0.88 6.76
CA THR A 11 -11.85 -0.92 7.33
C THR A 11 -11.77 -0.78 8.85
N LEU A 12 -10.83 -1.49 9.48
CA LEU A 12 -10.58 -1.43 10.93
C LEU A 12 -10.11 -0.05 11.39
N GLY A 13 -9.49 0.72 10.51
CA GLY A 13 -8.95 2.04 10.84
C GLY A 13 -7.70 1.90 11.72
N GLY A 14 -6.85 0.90 11.40
CA GLY A 14 -5.66 0.55 12.15
C GLY A 14 -4.43 0.45 11.26
N ALA A 15 -4.60 0.29 9.95
CA ALA A 15 -3.50 0.33 9.00
C ALA A 15 -2.83 1.70 8.98
N GLU A 16 -3.52 2.75 9.43
CA GLU A 16 -2.97 4.09 9.52
C GLU A 16 -1.78 4.12 10.47
N TYR A 17 -1.81 3.33 11.54
CA TYR A 17 -0.70 3.28 12.50
C TYR A 17 0.51 2.57 11.89
N VAL A 18 0.27 1.49 11.14
CA VAL A 18 1.34 0.76 10.46
C VAL A 18 1.92 1.62 9.34
N ALA A 19 1.08 2.34 8.61
CA ALA A 19 1.52 3.28 7.58
C ALA A 19 2.37 4.38 8.20
N GLU A 20 1.97 4.93 9.35
CA GLU A 20 2.75 5.94 10.06
C GLU A 20 4.12 5.36 10.48
N HIS A 21 4.16 4.12 10.99
CA HIS A 21 5.41 3.45 11.35
C HIS A 21 6.31 3.30 10.12
N LEU A 22 5.78 2.80 9.01
CA LEU A 22 6.52 2.63 7.75
C LEU A 22 7.06 3.98 7.28
N ALA A 23 6.21 5.02 7.28
CA ALA A 23 6.57 6.37 6.88
C ALA A 23 7.67 6.94 7.76
N GLU A 24 7.64 6.67 9.07
CA GLU A 24 8.66 7.14 10.01
C GLU A 24 9.99 6.44 9.74
N LYS A 25 9.98 5.11 9.56
CA LYS A 25 11.20 4.36 9.27
C LYS A 25 11.82 4.84 7.95
N LEU A 26 11.00 5.10 6.93
CA LEU A 26 11.47 5.68 5.67
C LEU A 26 12.03 7.09 5.88
N GLU A 27 11.44 7.88 6.78
CA GLU A 27 11.93 9.22 7.06
C GLU A 27 13.31 9.16 7.74
N GLU A 28 13.52 8.20 8.64
CA GLU A 28 14.81 7.95 9.26
C GLU A 28 15.83 7.47 8.21
N ALA A 29 15.40 6.67 7.22
CA ALA A 29 16.23 6.28 6.10
C ALA A 29 16.60 7.48 5.22
N GLY A 30 15.76 8.52 5.18
CA GLY A 30 16.05 9.82 4.58
C GLY A 30 14.97 10.31 3.61
N PHE A 31 13.99 9.48 3.24
CA PHE A 31 13.00 9.81 2.23
C PHE A 31 11.92 10.71 2.82
N THR A 32 11.39 11.66 2.06
CA THR A 32 10.21 12.40 2.48
C THR A 32 9.02 11.44 2.39
N THR A 33 8.10 11.50 3.34
CA THR A 33 6.94 10.60 3.39
C THR A 33 5.65 11.36 3.70
N GLU A 34 4.51 10.74 3.35
CA GLU A 34 3.17 11.24 3.59
C GLU A 34 2.29 9.99 3.70
N THR A 35 1.09 10.09 4.25
CA THR A 35 0.19 8.99 4.50
C THR A 35 -1.20 9.43 4.05
N LEU A 36 -1.47 9.39 2.74
CA LEU A 36 -2.75 9.80 2.18
C LEU A 36 -3.74 8.70 2.48
N HIS A 37 -4.73 8.97 3.32
CA HIS A 37 -5.78 8.03 3.62
C HIS A 37 -6.83 8.12 2.51
N GLY A 38 -6.93 7.08 1.69
CA GLY A 38 -7.95 6.97 0.65
C GLY A 38 -7.96 8.09 -0.41
N PRO A 39 -6.82 8.41 -1.06
CA PRO A 39 -6.80 9.32 -2.22
C PRO A 39 -7.51 8.69 -3.43
N LEU A 40 -7.58 9.45 -4.52
CA LEU A 40 -8.17 9.06 -5.79
C LEU A 40 -7.21 9.38 -6.93
N LEU A 41 -7.45 8.79 -8.10
CA LEU A 41 -6.67 8.99 -9.31
C LEU A 41 -6.68 10.46 -9.74
N GLU A 42 -7.81 11.15 -9.56
CA GLU A 42 -7.94 12.57 -9.87
C GLU A 42 -7.10 13.47 -8.94
N ASP A 43 -6.43 12.89 -7.93
CA ASP A 43 -5.66 13.58 -6.91
C ASP A 43 -4.30 12.89 -6.70
N LEU A 44 -3.81 12.15 -7.70
CA LEU A 44 -2.52 11.46 -7.69
C LEU A 44 -1.87 11.66 -9.06
N PRO A 45 -0.64 12.22 -9.13
CA PRO A 45 0.07 12.35 -10.39
C PRO A 45 0.58 10.98 -10.88
N ALA A 46 0.86 10.89 -12.18
CA ALA A 46 1.24 9.64 -12.86
C ALA A 46 2.72 9.28 -12.69
N SER A 47 3.40 9.87 -11.70
CA SER A 47 4.84 9.71 -11.47
C SER A 47 5.09 9.75 -9.97
N GLY A 48 5.88 8.81 -9.45
CA GLY A 48 6.26 8.75 -8.04
C GLY A 48 6.56 7.32 -7.62
N ILE A 49 6.96 7.13 -6.36
CA ILE A 49 7.18 5.83 -5.76
C ILE A 49 6.21 5.75 -4.59
N TRP A 50 5.03 5.17 -4.83
CA TRP A 50 3.97 5.10 -3.85
C TRP A 50 4.09 3.79 -3.07
N LEU A 51 3.33 3.66 -1.97
CA LEU A 51 3.34 2.46 -1.15
C LEU A 51 1.93 2.31 -0.61
N VAL A 52 1.18 1.35 -1.16
CA VAL A 52 -0.23 1.18 -0.87
C VAL A 52 -0.39 0.22 0.32
N ILE A 53 -1.42 0.44 1.13
CA ILE A 53 -1.79 -0.40 2.25
C ILE A 53 -3.29 -0.64 2.12
N SER A 54 -3.76 -1.85 2.42
CA SER A 54 -5.16 -2.26 2.32
C SER A 54 -5.43 -3.35 3.35
N SER A 55 -6.66 -3.44 3.84
CA SER A 55 -7.07 -4.51 4.74
C SER A 55 -7.14 -5.86 4.03
N THR A 56 -7.08 -6.93 4.81
CA THR A 56 -7.35 -8.31 4.44
C THR A 56 -8.16 -8.89 5.61
N HIS A 57 -9.34 -8.30 5.80
CA HIS A 57 -10.23 -8.48 6.95
C HIS A 57 -11.11 -9.74 6.76
N GLY A 58 -10.69 -10.70 5.93
CA GLY A 58 -11.50 -11.85 5.52
C GLY A 58 -12.44 -11.52 4.35
N ALA A 59 -12.65 -10.24 4.02
CA ALA A 59 -13.57 -9.80 2.99
C ALA A 59 -13.06 -10.09 1.56
N GLY A 60 -11.73 -10.10 1.37
CA GLY A 60 -11.09 -10.28 0.08
C GLY A 60 -11.49 -9.18 -0.90
N ASP A 61 -11.71 -7.96 -0.40
CA ASP A 61 -12.08 -6.78 -1.17
C ASP A 61 -11.40 -5.57 -0.52
N ILE A 62 -11.06 -4.58 -1.33
CA ILE A 62 -10.25 -3.42 -0.94
C ILE A 62 -11.06 -2.64 0.10
N PRO A 63 -10.43 -2.06 1.15
CA PRO A 63 -11.16 -1.37 2.21
C PRO A 63 -11.92 -0.15 1.65
N ASP A 64 -13.11 0.10 2.20
CA ASP A 64 -14.08 1.07 1.67
C ASP A 64 -13.55 2.49 1.51
N ASN A 65 -12.57 2.88 2.33
CA ASN A 65 -11.98 4.22 2.27
C ASN A 65 -11.13 4.42 1.02
N LEU A 66 -10.59 3.33 0.45
CA LEU A 66 -9.58 3.36 -0.61
C LEU A 66 -10.06 2.67 -1.88
N SER A 67 -11.03 1.75 -1.79
CA SER A 67 -11.52 1.00 -2.92
C SER A 67 -12.03 1.86 -4.10
N PRO A 68 -12.57 3.09 -3.93
CA PRO A 68 -12.83 3.99 -5.05
C PRO A 68 -11.64 4.23 -5.98
N PHE A 69 -10.39 4.07 -5.50
CA PHE A 69 -9.21 4.18 -6.34
C PHE A 69 -9.23 3.14 -7.47
N TYR A 70 -9.58 1.89 -7.15
CA TYR A 70 -9.68 0.81 -8.14
C TYR A 70 -10.80 1.12 -9.15
N GLU A 71 -11.91 1.70 -8.68
CA GLU A 71 -13.02 2.09 -9.56
C GLU A 71 -12.56 3.19 -10.52
N ALA A 72 -11.87 4.21 -10.03
CA ALA A 72 -11.39 5.31 -10.88
C ALA A 72 -10.34 4.82 -11.88
N LEU A 73 -9.43 3.94 -11.44
CA LEU A 73 -8.39 3.37 -12.29
C LEU A 73 -9.01 2.60 -13.44
N GLN A 74 -9.93 1.67 -13.17
CA GLN A 74 -10.52 0.85 -14.23
C GLN A 74 -11.45 1.67 -15.12
N GLU A 75 -12.07 2.73 -14.60
CA GLU A 75 -12.92 3.61 -15.40
C GLU A 75 -12.05 4.37 -16.41
N GLN A 76 -10.98 5.02 -15.94
CA GLN A 76 -10.21 5.96 -16.75
C GLN A 76 -9.14 5.25 -17.60
N LYS A 77 -8.68 4.06 -17.19
CA LYS A 77 -7.55 3.34 -17.79
C LYS A 77 -6.39 4.30 -18.12
N PRO A 78 -5.83 5.00 -17.11
CA PRO A 78 -4.81 6.02 -17.30
C PRO A 78 -3.47 5.41 -17.77
N ASP A 79 -2.49 6.29 -18.03
CA ASP A 79 -1.10 5.91 -18.28
C ASP A 79 -0.31 6.30 -17.04
N LEU A 80 0.10 5.30 -16.26
CA LEU A 80 0.82 5.42 -14.98
C LEU A 80 2.18 4.72 -15.08
N SER A 81 2.71 4.59 -16.29
CA SER A 81 4.01 3.97 -16.58
C SER A 81 5.21 4.53 -15.78
N ALA A 82 5.03 5.65 -15.07
CA ALA A 82 6.08 6.29 -14.28
C ALA A 82 5.78 6.22 -12.78
N VAL A 83 4.64 5.66 -12.39
CA VAL A 83 4.36 5.32 -11.01
C VAL A 83 5.09 4.00 -10.77
N ARG A 84 5.66 3.86 -9.59
CA ARG A 84 6.19 2.60 -9.10
C ARG A 84 5.56 2.44 -7.73
N PHE A 85 5.28 1.22 -7.32
CA PHE A 85 4.47 1.01 -6.12
C PHE A 85 5.02 -0.11 -5.25
N GLY A 86 4.44 -0.25 -4.06
CA GLY A 86 4.63 -1.36 -3.15
C GLY A 86 3.27 -1.60 -2.51
N ALA A 87 3.10 -2.72 -1.82
CA ALA A 87 1.80 -3.17 -1.36
C ALA A 87 1.95 -3.91 -0.04
N ILE A 88 1.07 -3.58 0.90
CA ILE A 88 1.02 -4.12 2.25
C ILE A 88 -0.43 -4.59 2.47
N GLY A 89 -0.61 -5.81 2.99
CA GLY A 89 -1.92 -6.32 3.38
C GLY A 89 -1.95 -6.46 4.90
N ILE A 90 -3.00 -5.95 5.56
CA ILE A 90 -3.07 -5.87 7.02
C ILE A 90 -4.38 -6.52 7.46
N GLY A 91 -4.34 -7.49 8.36
CA GLY A 91 -5.50 -8.30 8.68
C GLY A 91 -5.09 -9.44 9.57
N SER A 92 -5.68 -10.61 9.34
CA SER A 92 -5.56 -11.77 10.20
C SER A 92 -4.87 -12.89 9.42
N ARG A 93 -3.55 -13.06 9.63
CA ARG A 93 -2.74 -14.06 8.91
C ARG A 93 -3.16 -15.50 9.24
N GLU A 94 -3.97 -15.71 10.28
CA GLU A 94 -4.61 -16.99 10.57
C GLU A 94 -5.46 -17.46 9.37
N TYR A 95 -5.98 -16.53 8.56
CA TYR A 95 -6.84 -16.82 7.41
C TYR A 95 -6.25 -16.24 6.13
N ASP A 96 -5.53 -15.11 6.25
CA ASP A 96 -4.72 -14.40 5.23
C ASP A 96 -5.53 -13.80 4.07
N THR A 97 -6.78 -14.24 3.91
CA THR A 97 -7.70 -13.84 2.85
C THR A 97 -7.16 -14.16 1.43
N PHE A 98 -7.99 -13.99 0.40
CA PHE A 98 -7.66 -14.29 -1.00
C PHE A 98 -6.71 -13.25 -1.62
N CYS A 99 -6.34 -12.19 -0.89
CA CYS A 99 -5.49 -11.06 -1.32
C CYS A 99 -6.07 -10.21 -2.46
N GLY A 100 -7.28 -10.52 -2.95
CA GLY A 100 -8.04 -9.67 -3.88
C GLY A 100 -8.11 -8.21 -3.42
N ALA A 101 -8.12 -8.02 -2.09
CA ALA A 101 -8.17 -6.74 -1.40
C ALA A 101 -7.00 -5.79 -1.68
N ILE A 102 -5.97 -6.21 -2.43
CA ILE A 102 -4.87 -5.38 -2.89
C ILE A 102 -4.49 -5.78 -4.32
N ASP A 103 -4.60 -7.07 -4.67
CA ASP A 103 -4.36 -7.58 -6.02
C ASP A 103 -5.13 -6.81 -7.08
N LYS A 104 -6.36 -6.35 -6.79
CA LYS A 104 -7.20 -5.67 -7.78
C LYS A 104 -6.66 -4.28 -8.08
N LEU A 105 -6.47 -3.44 -7.05
CA LEU A 105 -6.02 -2.07 -7.26
C LEU A 105 -4.60 -2.10 -7.83
N GLU A 106 -3.73 -2.99 -7.33
CA GLU A 106 -2.33 -2.96 -7.71
C GLU A 106 -2.18 -3.44 -9.16
N ALA A 107 -2.95 -4.47 -9.55
CA ALA A 107 -2.90 -4.97 -10.91
C ALA A 107 -3.46 -3.92 -11.88
N GLU A 108 -4.41 -3.08 -11.45
CA GLU A 108 -4.92 -2.03 -12.32
C GLU A 108 -3.87 -0.94 -12.53
N LEU A 109 -3.01 -0.62 -11.54
CA LEU A 109 -1.87 0.27 -11.79
C LEU A 109 -0.93 -0.41 -12.79
N LYS A 110 -0.71 -1.72 -12.64
CA LYS A 110 0.21 -2.46 -13.51
C LYS A 110 -0.31 -2.44 -14.94
N ASN A 111 -1.62 -2.65 -15.12
CA ASN A 111 -2.28 -2.55 -16.41
C ASN A 111 -2.19 -1.13 -16.98
N SER A 112 -2.31 -0.13 -16.11
CA SER A 112 -2.10 1.28 -16.46
C SER A 112 -0.63 1.60 -16.80
N GLY A 113 0.32 0.69 -16.55
CA GLY A 113 1.71 0.77 -16.99
C GLY A 113 2.72 0.72 -15.85
N ALA A 114 2.30 0.99 -14.61
CA ALA A 114 3.16 0.97 -13.43
C ALA A 114 3.75 -0.43 -13.17
N LYS A 115 4.62 -0.57 -12.17
CA LYS A 115 5.08 -1.87 -11.68
C LYS A 115 5.35 -1.78 -10.17
N GLN A 116 5.36 -2.94 -9.52
CA GLN A 116 5.69 -3.10 -8.11
C GLN A 116 7.21 -2.91 -7.91
N THR A 117 7.61 -2.77 -6.65
CA THR A 117 8.99 -2.63 -6.19
C THR A 117 9.15 -3.60 -5.02
N GLY A 118 10.33 -4.21 -4.86
CA GLY A 118 10.55 -5.24 -3.86
C GLY A 118 9.59 -6.41 -4.11
N GLU A 119 8.96 -6.88 -3.04
CA GLU A 119 7.94 -7.91 -3.03
C GLU A 119 6.88 -7.47 -1.99
N THR A 120 5.67 -7.99 -2.07
CA THR A 120 4.56 -7.66 -1.19
C THR A 120 4.88 -8.00 0.28
N LEU A 121 4.20 -7.36 1.24
CA LEU A 121 4.31 -7.68 2.67
C LEU A 121 2.92 -7.93 3.24
N LYS A 122 2.86 -8.79 4.27
CA LYS A 122 1.66 -9.07 5.05
C LYS A 122 1.96 -8.61 6.48
N ILE A 123 0.93 -8.15 7.17
CA ILE A 123 0.96 -7.69 8.54
C ILE A 123 -0.23 -8.38 9.20
N ASN A 124 -0.01 -8.84 10.42
CA ASN A 124 -1.00 -9.48 11.25
C ASN A 124 -1.37 -8.53 12.39
N ILE A 125 -2.66 -8.37 12.66
CA ILE A 125 -3.19 -7.57 13.76
C ILE A 125 -4.17 -8.37 14.62
N LEU A 126 -4.32 -9.68 14.35
CA LEU A 126 -5.27 -10.55 15.07
C LEU A 126 -4.87 -10.72 16.54
N ASP A 127 -3.56 -10.81 16.83
CA ASP A 127 -3.08 -11.20 18.16
C ASP A 127 -1.69 -10.63 18.48
N HIS A 128 -0.75 -10.65 17.53
CA HIS A 128 0.60 -10.11 17.69
C HIS A 128 1.06 -9.49 16.37
N ASP A 129 1.75 -8.36 16.49
CA ASP A 129 2.23 -7.50 15.41
C ASP A 129 3.59 -7.99 14.88
N ILE A 130 3.61 -9.25 14.41
CA ILE A 130 4.76 -9.98 13.86
C ILE A 130 6.11 -9.68 14.54
N PRO A 131 6.24 -9.78 15.88
CA PRO A 131 7.44 -9.35 16.59
C PRO A 131 8.69 -10.18 16.21
N GLU A 132 8.50 -11.40 15.69
CA GLU A 132 9.58 -12.27 15.24
C GLU A 132 10.12 -11.87 13.85
N ASP A 133 9.41 -11.01 13.12
CA ASP A 133 9.71 -10.65 11.72
C ASP A 133 9.18 -9.23 11.42
N PRO A 134 9.74 -8.19 12.07
CA PRO A 134 9.24 -6.82 11.94
C PRO A 134 9.42 -6.27 10.53
N ALA A 135 8.56 -5.31 10.16
CA ALA A 135 8.51 -4.72 8.82
C ALA A 135 9.81 -4.03 8.41
N GLU A 136 10.65 -3.63 9.37
CA GLU A 136 11.92 -2.96 9.10
C GLU A 136 12.83 -3.83 8.21
N GLU A 137 12.83 -5.15 8.40
CA GLU A 137 13.69 -6.04 7.63
C GLU A 137 13.23 -6.11 6.17
N TRP A 138 11.90 -6.13 5.95
CA TRP A 138 11.33 -6.03 4.60
C TRP A 138 11.65 -4.66 4.00
N LEU A 139 11.51 -3.60 4.79
CA LEU A 139 11.64 -2.23 4.32
C LEU A 139 13.03 -1.99 3.74
N GLY A 140 14.07 -2.54 4.37
CA GLY A 140 15.44 -2.48 3.87
C GLY A 140 15.54 -3.03 2.44
N SER A 141 14.97 -4.22 2.20
CA SER A 141 14.95 -4.83 0.88
C SER A 141 14.13 -4.00 -0.11
N TRP A 142 13.03 -3.39 0.34
CA TRP A 142 12.18 -2.57 -0.50
C TRP A 142 12.94 -1.32 -0.96
N VAL A 143 13.55 -0.56 -0.05
CA VAL A 143 14.26 0.66 -0.42
C VAL A 143 15.49 0.35 -1.28
N ASN A 144 16.10 -0.82 -1.12
CA ASN A 144 17.25 -1.24 -1.91
C ASN A 144 16.94 -1.24 -3.41
N LEU A 145 15.67 -1.38 -3.81
CA LEU A 145 15.26 -1.40 -5.21
C LEU A 145 14.64 -0.07 -5.69
N LEU A 146 14.60 0.98 -4.86
CA LEU A 146 14.15 2.32 -5.25
C LEU A 146 15.17 3.42 -4.97
N LYS A 147 16.25 3.10 -4.23
CA LYS A 147 17.32 4.01 -3.86
C LYS A 147 17.80 4.87 -5.04
N MET A 1 5.68 18.66 1.15
CA MET A 1 6.48 17.98 0.12
C MET A 1 6.73 16.53 0.53
N ALA A 2 6.67 15.59 -0.42
CA ALA A 2 6.93 14.17 -0.20
C ALA A 2 7.60 13.59 -1.45
N ASP A 3 8.21 12.42 -1.29
CA ASP A 3 8.93 11.69 -2.34
C ASP A 3 8.50 10.22 -2.35
N ILE A 4 8.08 9.70 -1.19
CA ILE A 4 7.42 8.41 -1.05
C ILE A 4 6.12 8.74 -0.35
N THR A 5 5.13 9.11 -1.14
CA THR A 5 3.78 9.34 -0.64
C THR A 5 3.17 7.95 -0.41
N LEU A 6 2.97 7.56 0.85
CA LEU A 6 2.24 6.34 1.19
C LEU A 6 0.75 6.59 0.95
N ILE A 7 0.01 5.52 0.69
CA ILE A 7 -1.40 5.51 0.36
C ILE A 7 -2.05 4.54 1.35
N SER A 8 -2.44 5.08 2.50
CA SER A 8 -3.08 4.36 3.59
C SER A 8 -4.50 3.93 3.18
N GLY A 9 -4.95 2.77 3.65
CA GLY A 9 -6.18 2.12 3.18
C GLY A 9 -6.95 1.38 4.26
N SER A 10 -7.20 2.05 5.39
CA SER A 10 -8.10 1.60 6.44
C SER A 10 -9.13 2.70 6.69
N THR A 11 -10.26 2.36 7.30
CA THR A 11 -11.35 3.30 7.59
C THR A 11 -11.17 3.98 8.96
N LEU A 12 -10.55 3.29 9.92
CA LEU A 12 -10.48 3.74 11.32
C LEU A 12 -9.13 3.47 11.98
N GLY A 13 -8.45 2.41 11.56
CA GLY A 13 -7.16 2.01 12.08
C GLY A 13 -6.72 0.73 11.38
N GLY A 14 -5.41 0.54 11.34
CA GLY A 14 -4.73 -0.67 10.92
C GLY A 14 -3.71 -0.34 9.85
N ALA A 15 -4.17 -0.14 8.61
CA ALA A 15 -3.30 0.17 7.48
C ALA A 15 -2.62 1.52 7.70
N GLU A 16 -3.38 2.50 8.19
CA GLU A 16 -2.88 3.84 8.48
C GLU A 16 -1.89 3.86 9.64
N TYR A 17 -2.07 2.95 10.60
CA TYR A 17 -1.16 2.85 11.74
C TYR A 17 0.18 2.30 11.28
N VAL A 18 0.16 1.24 10.47
CA VAL A 18 1.39 0.66 9.93
C VAL A 18 2.02 1.63 8.93
N ALA A 19 1.23 2.38 8.15
CA ALA A 19 1.74 3.42 7.27
C ALA A 19 2.50 4.48 8.07
N GLU A 20 2.00 4.90 9.23
CA GLU A 20 2.68 5.90 10.05
C GLU A 20 4.05 5.38 10.52
N HIS A 21 4.14 4.11 10.93
CA HIS A 21 5.40 3.52 11.35
C HIS A 21 6.37 3.41 10.16
N LEU A 22 5.89 2.94 9.01
CA LEU A 22 6.69 2.84 7.79
C LEU A 22 7.20 4.22 7.37
N ALA A 23 6.34 5.25 7.43
CA ALA A 23 6.70 6.61 7.09
C ALA A 23 7.79 7.14 8.03
N GLU A 24 7.70 6.85 9.34
CA GLU A 24 8.72 7.28 10.30
C GLU A 24 10.06 6.60 9.98
N LYS A 25 10.06 5.30 9.69
CA LYS A 25 11.29 4.59 9.32
C LYS A 25 11.88 5.16 8.03
N LEU A 26 11.05 5.50 7.04
CA LEU A 26 11.48 6.15 5.81
C LEU A 26 12.08 7.53 6.08
N GLU A 27 11.52 8.31 7.01
CA GLU A 27 12.08 9.61 7.37
C GLU A 27 13.46 9.44 8.01
N GLU A 28 13.64 8.41 8.85
CA GLU A 28 14.94 8.10 9.44
C GLU A 28 15.93 7.65 8.35
N ALA A 29 15.47 6.91 7.33
CA ALA A 29 16.28 6.56 6.17
C ALA A 29 16.61 7.78 5.30
N GLY A 30 15.77 8.83 5.33
CA GLY A 30 16.03 10.13 4.74
C GLY A 30 14.99 10.58 3.70
N PHE A 31 14.00 9.74 3.39
CA PHE A 31 12.99 10.05 2.38
C PHE A 31 11.89 10.93 2.99
N THR A 32 11.36 11.89 2.23
CA THR A 32 10.18 12.63 2.64
C THR A 32 8.94 11.80 2.32
N THR A 33 7.94 11.86 3.20
CA THR A 33 6.80 10.96 3.16
C THR A 33 5.49 11.73 3.40
N GLU A 34 4.37 11.07 3.11
CA GLU A 34 3.02 11.50 3.46
C GLU A 34 2.23 10.20 3.61
N THR A 35 1.10 10.22 4.30
CA THR A 35 0.27 9.06 4.58
C THR A 35 -1.14 9.43 4.15
N LEU A 36 -1.38 9.41 2.83
CA LEU A 36 -2.66 9.83 2.27
C LEU A 36 -3.69 8.79 2.65
N HIS A 37 -4.64 9.18 3.48
CA HIS A 37 -5.77 8.34 3.86
C HIS A 37 -6.77 8.32 2.71
N GLY A 38 -6.84 7.18 2.00
CA GLY A 38 -7.85 6.93 0.98
C GLY A 38 -7.96 8.01 -0.11
N PRO A 39 -6.86 8.41 -0.78
CA PRO A 39 -6.90 9.31 -1.93
C PRO A 39 -7.57 8.63 -3.13
N LEU A 40 -7.71 9.40 -4.22
CA LEU A 40 -8.18 8.93 -5.52
C LEU A 40 -7.18 9.35 -6.58
N LEU A 41 -7.32 8.77 -7.78
CA LEU A 41 -6.49 9.02 -8.94
C LEU A 41 -6.38 10.50 -9.28
N GLU A 42 -7.46 11.26 -9.10
CA GLU A 42 -7.51 12.70 -9.35
C GLU A 42 -6.60 13.52 -8.41
N ASP A 43 -5.99 12.88 -7.41
CA ASP A 43 -5.15 13.50 -6.38
C ASP A 43 -3.83 12.73 -6.21
N LEU A 44 -3.42 11.95 -7.23
CA LEU A 44 -2.21 11.15 -7.21
C LEU A 44 -1.44 11.34 -8.53
N PRO A 45 -0.25 11.96 -8.53
CA PRO A 45 0.55 12.13 -9.74
C PRO A 45 1.05 10.78 -10.28
N ALA A 46 1.37 10.79 -11.58
CA ALA A 46 1.66 9.58 -12.36
C ALA A 46 3.14 9.19 -12.41
N SER A 47 3.99 9.81 -11.58
CA SER A 47 5.42 9.59 -11.54
C SER A 47 5.87 9.70 -10.08
N GLY A 48 6.53 8.67 -9.56
CA GLY A 48 7.00 8.62 -8.18
C GLY A 48 7.04 7.18 -7.68
N ILE A 49 7.28 6.99 -6.39
CA ILE A 49 7.33 5.68 -5.75
C ILE A 49 6.32 5.73 -4.61
N TRP A 50 5.13 5.18 -4.82
CA TRP A 50 4.04 5.19 -3.85
C TRP A 50 4.06 3.89 -3.04
N LEU A 51 3.22 3.76 -2.02
CA LEU A 51 3.16 2.55 -1.21
C LEU A 51 1.71 2.34 -0.80
N VAL A 52 1.01 1.47 -1.51
CA VAL A 52 -0.39 1.19 -1.24
C VAL A 52 -0.49 0.16 -0.11
N ILE A 53 -1.45 0.38 0.81
CA ILE A 53 -1.76 -0.56 1.87
C ILE A 53 -3.28 -0.74 1.82
N SER A 54 -3.79 -1.91 2.18
CA SER A 54 -5.23 -2.16 2.29
C SER A 54 -5.45 -3.15 3.41
N SER A 55 -6.48 -2.91 4.23
CA SER A 55 -6.90 -3.93 5.17
C SER A 55 -7.56 -5.03 4.34
N THR A 56 -7.42 -6.31 4.70
CA THR A 56 -7.98 -7.41 3.91
C THR A 56 -9.45 -7.74 4.22
N HIS A 57 -10.02 -6.96 5.13
CA HIS A 57 -11.40 -6.98 5.63
C HIS A 57 -11.94 -8.38 5.97
N GLY A 58 -11.06 -9.38 6.17
CA GLY A 58 -11.44 -10.79 6.28
C GLY A 58 -12.25 -11.30 5.09
N ALA A 59 -12.15 -10.65 3.92
CA ALA A 59 -13.02 -10.88 2.76
C ALA A 59 -12.32 -10.69 1.41
N GLY A 60 -11.09 -10.16 1.40
CA GLY A 60 -10.34 -9.93 0.17
C GLY A 60 -10.85 -8.69 -0.57
N ASP A 61 -11.27 -7.66 0.16
CA ASP A 61 -11.73 -6.39 -0.41
C ASP A 61 -11.22 -5.24 0.47
N ILE A 62 -10.93 -4.10 -0.14
CA ILE A 62 -10.38 -2.94 0.54
C ILE A 62 -11.52 -2.24 1.30
N PRO A 63 -11.27 -1.63 2.48
CA PRO A 63 -12.23 -0.76 3.14
C PRO A 63 -12.66 0.41 2.24
N ASP A 64 -13.85 0.94 2.50
CA ASP A 64 -14.50 1.98 1.69
C ASP A 64 -13.70 3.29 1.58
N ASN A 65 -12.70 3.49 2.44
CA ASN A 65 -11.82 4.66 2.41
C ASN A 65 -10.99 4.69 1.13
N LEU A 66 -10.50 3.53 0.68
CA LEU A 66 -9.54 3.45 -0.44
C LEU A 66 -10.06 2.56 -1.57
N SER A 67 -11.02 1.66 -1.32
CA SER A 67 -11.60 0.80 -2.35
C SER A 67 -12.04 1.55 -3.62
N PRO A 68 -12.64 2.77 -3.57
CA PRO A 68 -12.91 3.58 -4.76
C PRO A 68 -11.75 3.78 -5.74
N PHE A 69 -10.49 3.65 -5.30
CA PHE A 69 -9.34 3.75 -6.19
C PHE A 69 -9.38 2.66 -7.28
N TYR A 70 -9.85 1.46 -6.95
CA TYR A 70 -10.02 0.37 -7.91
C TYR A 70 -10.95 0.79 -9.04
N GLU A 71 -12.06 1.45 -8.70
CA GLU A 71 -13.04 1.92 -9.66
C GLU A 71 -12.45 3.04 -10.51
N ALA A 72 -11.82 4.04 -9.91
CA ALA A 72 -11.30 5.19 -10.64
C ALA A 72 -10.19 4.80 -11.62
N LEU A 73 -9.34 3.84 -11.23
CA LEU A 73 -8.29 3.35 -12.12
C LEU A 73 -8.92 2.65 -13.32
N GLN A 74 -9.79 1.66 -13.10
CA GLN A 74 -10.32 0.89 -14.22
C GLN A 74 -11.26 1.72 -15.11
N GLU A 75 -11.94 2.73 -14.55
CA GLU A 75 -12.82 3.60 -15.32
C GLU A 75 -12.03 4.44 -16.32
N GLN A 76 -10.81 4.88 -15.94
CA GLN A 76 -10.04 5.85 -16.71
C GLN A 76 -8.85 5.23 -17.45
N LYS A 77 -8.37 4.06 -17.02
CA LYS A 77 -7.14 3.40 -17.48
C LYS A 77 -6.02 4.43 -17.69
N PRO A 78 -5.61 5.16 -16.63
CA PRO A 78 -4.65 6.25 -16.70
C PRO A 78 -3.26 5.75 -17.14
N ASP A 79 -2.39 6.70 -17.49
CA ASP A 79 -1.02 6.44 -17.93
C ASP A 79 -0.07 6.57 -16.74
N LEU A 80 -0.11 5.58 -15.84
CA LEU A 80 0.70 5.51 -14.61
C LEU A 80 2.01 4.76 -14.85
N SER A 81 2.38 4.61 -16.11
CA SER A 81 3.63 4.04 -16.65
C SER A 81 4.96 4.62 -16.09
N ALA A 82 4.93 5.42 -15.02
CA ALA A 82 6.11 5.93 -14.33
C ALA A 82 5.95 5.90 -12.80
N VAL A 83 4.82 5.38 -12.28
CA VAL A 83 4.67 5.09 -10.87
C VAL A 83 5.36 3.76 -10.61
N ARG A 84 6.04 3.67 -9.47
CA ARG A 84 6.57 2.45 -8.90
C ARG A 84 5.81 2.30 -7.58
N PHE A 85 5.60 1.09 -7.10
CA PHE A 85 4.83 0.91 -5.87
C PHE A 85 5.31 -0.27 -5.05
N GLY A 86 4.77 -0.36 -3.83
CA GLY A 86 4.89 -1.50 -2.94
C GLY A 86 3.47 -1.75 -2.45
N ALA A 87 3.20 -2.95 -1.93
CA ALA A 87 1.85 -3.38 -1.62
C ALA A 87 1.88 -4.16 -0.32
N ILE A 88 0.96 -3.85 0.59
CA ILE A 88 0.93 -4.41 1.94
C ILE A 88 -0.54 -4.75 2.25
N GLY A 89 -0.80 -6.00 2.66
CA GLY A 89 -2.14 -6.46 3.02
C GLY A 89 -2.18 -6.81 4.50
N ILE A 90 -3.05 -6.17 5.27
CA ILE A 90 -3.03 -6.27 6.74
C ILE A 90 -4.41 -6.75 7.20
N GLY A 91 -4.47 -7.72 8.12
CA GLY A 91 -5.70 -8.23 8.63
C GLY A 91 -5.41 -9.50 9.41
N SER A 92 -6.47 -10.25 9.66
CA SER A 92 -6.45 -11.55 10.31
C SER A 92 -5.92 -12.60 9.33
N ARG A 93 -4.60 -12.61 9.09
CA ARG A 93 -3.96 -13.42 8.07
C ARG A 93 -4.07 -14.92 8.33
N GLU A 94 -4.49 -15.33 9.53
CA GLU A 94 -4.82 -16.72 9.82
C GLU A 94 -6.05 -17.19 9.03
N TYR A 95 -6.92 -16.27 8.56
CA TYR A 95 -8.06 -16.58 7.71
C TYR A 95 -7.59 -16.88 6.27
N ASP A 96 -8.53 -17.30 5.41
CA ASP A 96 -8.23 -17.70 4.03
C ASP A 96 -7.69 -16.55 3.17
N THR A 97 -8.09 -15.30 3.45
CA THR A 97 -7.66 -14.14 2.68
C THR A 97 -6.16 -13.89 2.92
N PHE A 98 -5.39 -13.68 1.85
CA PHE A 98 -3.93 -13.52 1.92
C PHE A 98 -3.51 -12.10 1.51
N CYS A 99 -3.83 -11.70 0.28
CA CYS A 99 -3.52 -10.36 -0.25
C CYS A 99 -4.60 -9.84 -1.21
N GLY A 100 -5.74 -10.55 -1.35
CA GLY A 100 -6.74 -10.27 -2.38
C GLY A 100 -7.22 -8.83 -2.42
N ALA A 101 -7.31 -8.16 -1.25
CA ALA A 101 -7.74 -6.77 -1.18
C ALA A 101 -6.74 -5.86 -1.90
N ILE A 102 -5.48 -5.86 -1.45
CA ILE A 102 -4.48 -4.94 -2.00
C ILE A 102 -4.22 -5.31 -3.46
N ASP A 103 -4.28 -6.62 -3.79
CA ASP A 103 -4.04 -7.14 -5.13
C ASP A 103 -4.92 -6.48 -6.19
N LYS A 104 -6.18 -6.16 -5.87
CA LYS A 104 -7.05 -5.46 -6.82
C LYS A 104 -6.52 -4.06 -7.14
N LEU A 105 -6.06 -3.31 -6.13
CA LEU A 105 -5.55 -1.96 -6.36
C LEU A 105 -4.32 -2.05 -7.25
N GLU A 106 -3.36 -2.92 -6.89
CA GLU A 106 -2.10 -2.96 -7.59
C GLU A 106 -2.26 -3.53 -9.00
N ALA A 107 -3.23 -4.43 -9.22
CA ALA A 107 -3.50 -4.98 -10.53
C ALA A 107 -3.95 -3.87 -11.47
N GLU A 108 -4.75 -2.92 -11.00
CA GLU A 108 -5.13 -1.79 -11.83
C GLU A 108 -4.00 -0.77 -11.98
N LEU A 109 -3.09 -0.59 -11.01
CA LEU A 109 -1.91 0.25 -11.24
C LEU A 109 -1.04 -0.36 -12.34
N LYS A 110 -0.78 -1.67 -12.28
CA LYS A 110 0.10 -2.30 -13.27
C LYS A 110 -0.57 -2.38 -14.63
N ASN A 111 -1.90 -2.52 -14.68
CA ASN A 111 -2.66 -2.37 -15.91
C ASN A 111 -2.53 -0.95 -16.47
N SER A 112 -2.54 0.05 -15.58
CA SER A 112 -2.26 1.45 -15.91
C SER A 112 -0.77 1.71 -16.24
N GLY A 113 0.10 0.71 -16.18
CA GLY A 113 1.48 0.77 -16.68
C GLY A 113 2.53 0.82 -15.56
N ALA A 114 2.13 1.10 -14.32
CA ALA A 114 3.04 1.12 -13.17
C ALA A 114 3.64 -0.28 -12.94
N LYS A 115 4.63 -0.41 -12.03
CA LYS A 115 5.11 -1.74 -11.62
C LYS A 115 5.46 -1.80 -10.14
N GLN A 116 5.30 -3.00 -9.58
CA GLN A 116 5.64 -3.34 -8.20
C GLN A 116 7.17 -3.35 -8.06
N THR A 117 7.66 -3.00 -6.87
CA THR A 117 9.07 -3.05 -6.49
C THR A 117 9.16 -3.82 -5.16
N GLY A 118 10.23 -4.59 -4.98
CA GLY A 118 10.40 -5.46 -3.82
C GLY A 118 9.54 -6.71 -4.00
N GLU A 119 8.72 -7.01 -2.99
CA GLU A 119 7.71 -8.07 -3.00
C GLU A 119 6.50 -7.57 -2.21
N THR A 120 5.35 -8.22 -2.33
CA THR A 120 4.17 -7.90 -1.52
C THR A 120 4.45 -8.29 -0.07
N LEU A 121 4.00 -7.46 0.88
CA LEU A 121 4.09 -7.73 2.31
C LEU A 121 2.70 -8.09 2.83
N LYS A 122 2.64 -8.92 3.86
CA LYS A 122 1.42 -9.36 4.50
C LYS A 122 1.69 -9.36 6.00
N ILE A 123 0.76 -8.86 6.80
CA ILE A 123 0.93 -8.60 8.22
C ILE A 123 -0.31 -9.13 8.92
N ASN A 124 -0.15 -10.17 9.73
CA ASN A 124 -1.21 -10.63 10.62
C ASN A 124 -1.37 -9.62 11.75
N ILE A 125 -2.60 -9.37 12.21
CA ILE A 125 -2.91 -8.58 13.40
C ILE A 125 -3.86 -9.31 14.35
N LEU A 126 -4.25 -10.56 14.06
CA LEU A 126 -5.28 -11.27 14.83
C LEU A 126 -4.87 -11.53 16.28
N ASP A 127 -3.59 -11.88 16.51
CA ASP A 127 -3.13 -12.37 17.82
C ASP A 127 -1.72 -11.87 18.19
N HIS A 128 -1.02 -11.22 17.26
CA HIS A 128 0.31 -10.63 17.45
C HIS A 128 0.43 -9.42 16.53
N ASP A 129 1.29 -8.47 16.88
CA ASP A 129 1.35 -7.16 16.22
C ASP A 129 1.94 -7.20 14.81
N ILE A 130 2.92 -8.08 14.60
CA ILE A 130 3.61 -8.32 13.33
C ILE A 130 3.99 -9.80 13.25
N PRO A 131 4.16 -10.37 12.04
CA PRO A 131 4.73 -11.70 11.87
C PRO A 131 6.23 -11.70 12.20
N GLU A 132 6.83 -12.89 12.20
CA GLU A 132 8.26 -13.16 12.43
C GLU A 132 9.14 -12.67 11.25
N ASP A 133 8.67 -11.70 10.48
CA ASP A 133 9.35 -11.06 9.35
C ASP A 133 8.98 -9.57 9.40
N PRO A 134 9.65 -8.78 10.25
CA PRO A 134 9.26 -7.40 10.55
C PRO A 134 9.11 -6.51 9.32
N ALA A 135 8.23 -5.50 9.43
CA ALA A 135 8.04 -4.49 8.41
C ALA A 135 9.35 -3.76 8.08
N GLU A 136 10.25 -3.60 9.06
CA GLU A 136 11.54 -2.94 8.87
C GLU A 136 12.43 -3.75 7.90
N GLU A 137 12.39 -5.08 7.95
CA GLU A 137 13.21 -5.93 7.09
C GLU A 137 12.68 -5.87 5.66
N TRP A 138 11.35 -5.89 5.50
CA TRP A 138 10.74 -5.66 4.19
C TRP A 138 11.10 -4.27 3.68
N LEU A 139 11.02 -3.24 4.54
CA LEU A 139 11.24 -1.86 4.13
C LEU A 139 12.67 -1.68 3.64
N GLY A 140 13.65 -2.23 4.36
CA GLY A 140 15.05 -2.21 3.95
C GLY A 140 15.22 -2.85 2.58
N SER A 141 14.58 -4.01 2.37
CA SER A 141 14.60 -4.73 1.11
C SER A 141 13.94 -3.90 -0.01
N TRP A 142 12.87 -3.17 0.30
CA TRP A 142 12.14 -2.35 -0.65
C TRP A 142 13.02 -1.17 -1.08
N VAL A 143 13.54 -0.38 -0.15
CA VAL A 143 14.32 0.80 -0.49
C VAL A 143 15.59 0.41 -1.26
N ASN A 144 16.17 -0.77 -0.99
CA ASN A 144 17.33 -1.27 -1.71
C ASN A 144 17.08 -1.37 -3.22
N LEU A 145 15.82 -1.52 -3.66
CA LEU A 145 15.46 -1.64 -5.07
C LEU A 145 14.92 -0.33 -5.67
N LEU A 146 14.70 0.73 -4.89
CA LEU A 146 14.18 2.02 -5.39
C LEU A 146 15.13 3.20 -5.15
N LYS A 147 16.20 2.98 -4.36
CA LYS A 147 17.22 3.98 -4.03
C LYS A 147 17.70 4.74 -5.28
N MET A 1 9.27 18.87 0.44
CA MET A 1 8.06 18.13 0.01
C MET A 1 8.28 16.61 0.19
N ALA A 2 7.21 15.82 0.20
CA ALA A 2 7.29 14.37 0.21
C ALA A 2 8.02 13.86 -1.05
N ASP A 3 8.56 12.64 -0.96
CA ASP A 3 9.32 11.97 -2.02
C ASP A 3 8.89 10.52 -2.18
N ILE A 4 8.37 9.92 -1.11
CA ILE A 4 7.72 8.62 -1.10
C ILE A 4 6.39 8.84 -0.38
N THR A 5 5.39 9.29 -1.12
CA THR A 5 4.06 9.48 -0.57
C THR A 5 3.44 8.08 -0.43
N LEU A 6 3.16 7.66 0.80
CA LEU A 6 2.40 6.44 1.08
C LEU A 6 0.93 6.72 0.76
N ILE A 7 0.19 5.64 0.50
CA ILE A 7 -1.22 5.64 0.15
C ILE A 7 -1.86 4.66 1.14
N SER A 8 -2.09 5.17 2.36
CA SER A 8 -2.67 4.44 3.47
C SER A 8 -4.15 4.12 3.20
N GLY A 9 -4.69 3.05 3.80
CA GLY A 9 -6.05 2.59 3.55
C GLY A 9 -6.54 1.74 4.71
N SER A 10 -7.35 2.32 5.59
CA SER A 10 -8.04 1.60 6.64
C SER A 10 -9.35 2.30 6.98
N THR A 11 -10.14 1.61 7.78
CA THR A 11 -11.37 2.07 8.42
C THR A 11 -11.31 1.65 9.89
N LEU A 12 -10.82 0.42 10.15
CA LEU A 12 -10.50 -0.06 11.48
C LEU A 12 -9.35 0.75 12.09
N GLY A 13 -8.40 1.22 11.26
CA GLY A 13 -7.30 2.10 11.65
C GLY A 13 -5.97 1.35 11.76
N GLY A 14 -5.97 0.01 11.69
CA GLY A 14 -4.80 -0.80 11.93
C GLY A 14 -3.77 -0.60 10.83
N ALA A 15 -4.21 -0.61 9.56
CA ALA A 15 -3.31 -0.42 8.44
C ALA A 15 -2.78 1.00 8.40
N GLU A 16 -3.53 1.97 8.93
CA GLU A 16 -3.05 3.36 9.03
C GLU A 16 -1.94 3.47 10.08
N TYR A 17 -2.03 2.73 11.19
CA TYR A 17 -0.99 2.75 12.21
C TYR A 17 0.30 2.13 11.64
N VAL A 18 0.17 1.01 10.94
CA VAL A 18 1.33 0.38 10.31
C VAL A 18 1.89 1.28 9.22
N ALA A 19 1.05 1.97 8.43
CA ALA A 19 1.51 2.92 7.42
C ALA A 19 2.29 4.06 8.08
N GLU A 20 1.83 4.59 9.21
CA GLU A 20 2.55 5.64 9.94
C GLU A 20 3.92 5.13 10.41
N HIS A 21 3.99 3.90 10.94
CA HIS A 21 5.25 3.30 11.36
C HIS A 21 6.20 3.15 10.16
N LEU A 22 5.70 2.65 9.03
CA LEU A 22 6.48 2.48 7.81
C LEU A 22 6.99 3.83 7.31
N ALA A 23 6.16 4.87 7.35
CA ALA A 23 6.55 6.22 6.97
C ALA A 23 7.67 6.73 7.87
N GLU A 24 7.63 6.41 9.17
CA GLU A 24 8.68 6.78 10.11
C GLU A 24 9.97 6.04 9.75
N LYS A 25 9.89 4.76 9.39
CA LYS A 25 11.08 4.00 8.99
C LYS A 25 11.69 4.62 7.74
N LEU A 26 10.87 5.11 6.81
CA LEU A 26 11.38 5.77 5.62
C LEU A 26 12.05 7.10 5.97
N GLU A 27 11.52 7.86 6.93
CA GLU A 27 12.16 9.09 7.38
C GLU A 27 13.53 8.77 7.99
N GLU A 28 13.63 7.69 8.80
CA GLU A 28 14.90 7.25 9.36
C GLU A 28 15.86 6.78 8.26
N ALA A 29 15.33 6.12 7.21
CA ALA A 29 16.11 5.69 6.06
C ALA A 29 16.59 6.86 5.19
N GLY A 30 15.92 8.03 5.28
CA GLY A 30 16.37 9.28 4.70
C GLY A 30 15.47 9.81 3.58
N PHE A 31 14.17 9.51 3.60
CA PHE A 31 13.22 9.91 2.55
C PHE A 31 12.05 10.66 3.19
N THR A 32 11.61 11.75 2.58
CA THR A 32 10.41 12.46 3.02
C THR A 32 9.16 11.68 2.58
N THR A 33 8.12 11.73 3.40
CA THR A 33 6.94 10.91 3.25
C THR A 33 5.67 11.75 3.43
N GLU A 34 4.53 11.17 3.07
CA GLU A 34 3.19 11.66 3.33
C GLU A 34 2.33 10.39 3.41
N THR A 35 1.16 10.44 4.00
CA THR A 35 0.29 9.30 4.23
C THR A 35 -1.09 9.69 3.73
N LEU A 36 -1.28 9.64 2.41
CA LEU A 36 -2.54 9.93 1.79
C LEU A 36 -3.47 8.80 2.18
N HIS A 37 -4.46 9.11 3.02
CA HIS A 37 -5.32 8.13 3.62
C HIS A 37 -6.57 8.00 2.75
N GLY A 38 -6.53 7.07 1.80
CA GLY A 38 -7.62 6.81 0.86
C GLY A 38 -7.84 7.96 -0.12
N PRO A 39 -6.82 8.39 -0.89
CA PRO A 39 -7.00 9.33 -1.99
C PRO A 39 -7.73 8.65 -3.16
N LEU A 40 -7.93 9.42 -4.23
CA LEU A 40 -8.40 8.93 -5.52
C LEU A 40 -7.27 9.14 -6.52
N LEU A 41 -7.32 8.42 -7.65
CA LEU A 41 -6.30 8.47 -8.69
C LEU A 41 -6.10 9.90 -9.19
N GLU A 42 -7.18 10.66 -9.34
CA GLU A 42 -7.15 12.03 -9.83
C GLU A 42 -6.40 13.00 -8.89
N ASP A 43 -6.14 12.59 -7.63
CA ASP A 43 -5.55 13.44 -6.60
C ASP A 43 -4.01 13.36 -6.59
N LEU A 44 -3.40 12.51 -7.44
CA LEU A 44 -1.96 12.30 -7.51
C LEU A 44 -1.47 12.22 -8.96
N PRO A 45 -0.19 12.54 -9.25
CA PRO A 45 0.34 12.54 -10.59
C PRO A 45 0.69 11.11 -11.07
N ALA A 46 0.86 10.96 -12.38
CA ALA A 46 1.17 9.70 -13.05
C ALA A 46 2.65 9.32 -13.00
N SER A 47 3.42 9.91 -12.06
CA SER A 47 4.85 9.69 -11.90
C SER A 47 5.17 9.79 -10.41
N GLY A 48 6.00 8.89 -9.88
CA GLY A 48 6.42 8.90 -8.48
C GLY A 48 6.75 7.49 -7.99
N ILE A 49 7.08 7.37 -6.70
CA ILE A 49 7.26 6.08 -6.03
C ILE A 49 6.32 6.09 -4.84
N TRP A 50 5.20 5.37 -4.94
CA TRP A 50 4.15 5.34 -3.95
C TRP A 50 4.21 4.03 -3.15
N LEU A 51 3.40 3.90 -2.11
CA LEU A 51 3.33 2.68 -1.30
C LEU A 51 1.87 2.46 -0.92
N VAL A 52 1.20 1.56 -1.63
CA VAL A 52 -0.22 1.27 -1.39
C VAL A 52 -0.31 0.35 -0.19
N ILE A 53 -1.19 0.68 0.77
CA ILE A 53 -1.40 -0.13 1.97
C ILE A 53 -2.91 -0.24 2.08
N SER A 54 -3.42 -1.46 2.21
CA SER A 54 -4.84 -1.76 2.15
C SER A 54 -5.18 -2.70 3.29
N SER A 55 -6.21 -2.35 4.07
CA SER A 55 -6.74 -3.30 5.04
C SER A 55 -7.44 -4.46 4.31
N THR A 56 -7.62 -5.57 5.00
CA THR A 56 -8.43 -6.71 4.61
C THR A 56 -9.25 -7.02 5.85
N HIS A 57 -10.57 -6.76 5.81
CA HIS A 57 -11.42 -6.91 7.00
C HIS A 57 -11.47 -8.38 7.49
N GLY A 58 -11.24 -9.35 6.59
CA GLY A 58 -11.07 -10.76 6.93
C GLY A 58 -11.25 -11.67 5.73
N ALA A 59 -12.11 -11.29 4.77
CA ALA A 59 -12.52 -12.12 3.65
C ALA A 59 -12.39 -11.38 2.30
N GLY A 60 -11.42 -10.45 2.21
CA GLY A 60 -11.09 -9.75 0.96
C GLY A 60 -11.74 -8.37 0.84
N ASP A 61 -12.53 -7.94 1.84
CA ASP A 61 -13.16 -6.63 1.85
C ASP A 61 -12.11 -5.54 2.02
N ILE A 62 -11.88 -4.75 0.96
CA ILE A 62 -11.05 -3.55 0.98
C ILE A 62 -11.78 -2.49 1.83
N PRO A 63 -11.08 -1.68 2.64
CA PRO A 63 -11.69 -0.63 3.44
C PRO A 63 -12.32 0.44 2.53
N ASP A 64 -13.52 0.88 2.88
CA ASP A 64 -14.32 1.86 2.15
C ASP A 64 -13.60 3.21 1.95
N ASN A 65 -12.60 3.50 2.79
CA ASN A 65 -11.81 4.73 2.71
C ASN A 65 -11.00 4.79 1.41
N LEU A 66 -10.52 3.63 0.94
CA LEU A 66 -9.55 3.55 -0.16
C LEU A 66 -10.08 2.72 -1.34
N SER A 67 -11.05 1.83 -1.14
CA SER A 67 -11.57 0.99 -2.22
C SER A 67 -11.99 1.75 -3.50
N PRO A 68 -12.53 3.00 -3.47
CA PRO A 68 -12.77 3.78 -4.68
C PRO A 68 -11.57 3.95 -5.63
N PHE A 69 -10.33 3.80 -5.15
CA PHE A 69 -9.13 3.84 -5.98
C PHE A 69 -9.17 2.75 -7.04
N TYR A 70 -9.70 1.56 -6.72
CA TYR A 70 -9.85 0.45 -7.66
C TYR A 70 -10.84 0.82 -8.76
N GLU A 71 -11.96 1.46 -8.41
CA GLU A 71 -12.93 1.94 -9.38
C GLU A 71 -12.29 3.01 -10.28
N ALA A 72 -11.65 4.03 -9.71
CA ALA A 72 -11.13 5.13 -10.51
C ALA A 72 -10.03 4.71 -11.48
N LEU A 73 -9.26 3.66 -11.14
CA LEU A 73 -8.32 3.09 -12.08
C LEU A 73 -9.08 2.39 -13.20
N GLN A 74 -9.95 1.43 -12.89
CA GLN A 74 -10.54 0.61 -13.95
C GLN A 74 -11.54 1.40 -14.82
N GLU A 75 -12.17 2.45 -14.29
CA GLU A 75 -13.11 3.26 -15.07
C GLU A 75 -12.38 4.14 -16.08
N GLN A 76 -11.11 4.50 -15.83
CA GLN A 76 -10.37 5.44 -16.65
C GLN A 76 -9.26 4.76 -17.47
N LYS A 77 -8.76 3.60 -17.02
CA LYS A 77 -7.56 2.92 -17.54
C LYS A 77 -6.45 3.95 -17.87
N PRO A 78 -5.99 4.71 -16.88
CA PRO A 78 -5.05 5.81 -17.09
C PRO A 78 -3.69 5.28 -17.56
N ASP A 79 -2.84 6.18 -18.03
CA ASP A 79 -1.44 5.88 -18.32
C ASP A 79 -0.60 6.32 -17.12
N LEU A 80 -0.11 5.33 -16.35
CA LEU A 80 0.69 5.49 -15.14
C LEU A 80 2.05 4.85 -15.32
N SER A 81 2.50 4.72 -16.58
CA SER A 81 3.78 4.12 -16.98
C SER A 81 5.06 4.82 -16.44
N ALA A 82 4.94 5.61 -15.37
CA ALA A 82 6.05 6.23 -14.66
C ALA A 82 5.84 6.20 -13.12
N VAL A 83 4.75 5.61 -12.63
CA VAL A 83 4.59 5.34 -11.21
C VAL A 83 5.29 4.01 -10.94
N ARG A 84 5.93 3.93 -9.79
CA ARG A 84 6.46 2.69 -9.23
C ARG A 84 5.80 2.59 -7.87
N PHE A 85 5.56 1.38 -7.38
CA PHE A 85 4.81 1.23 -6.14
C PHE A 85 5.32 0.07 -5.33
N GLY A 86 4.81 -0.02 -4.10
CA GLY A 86 4.95 -1.15 -3.21
C GLY A 86 3.51 -1.46 -2.78
N ALA A 87 3.28 -2.66 -2.25
CA ALA A 87 1.94 -3.17 -2.01
C ALA A 87 1.97 -3.99 -0.73
N ILE A 88 1.10 -3.63 0.21
CA ILE A 88 1.01 -4.27 1.51
C ILE A 88 -0.48 -4.51 1.80
N GLY A 89 -0.81 -5.71 2.26
CA GLY A 89 -2.13 -6.04 2.77
C GLY A 89 -2.03 -6.28 4.27
N ILE A 90 -3.01 -5.81 5.05
CA ILE A 90 -2.94 -5.82 6.51
C ILE A 90 -4.33 -6.23 7.01
N GLY A 91 -4.45 -7.19 7.93
CA GLY A 91 -5.75 -7.64 8.36
C GLY A 91 -5.61 -8.90 9.20
N SER A 92 -6.77 -9.49 9.43
CA SER A 92 -6.95 -10.76 10.10
C SER A 92 -6.65 -11.88 9.09
N ARG A 93 -5.37 -12.09 8.79
CA ARG A 93 -4.89 -13.01 7.76
C ARG A 93 -5.47 -14.41 7.91
N GLU A 94 -5.68 -14.82 9.16
CA GLU A 94 -6.11 -16.17 9.53
C GLU A 94 -7.63 -16.35 9.37
N TYR A 95 -8.40 -15.27 9.16
CA TYR A 95 -9.86 -15.30 9.21
C TYR A 95 -10.45 -16.12 8.06
N ASP A 96 -10.06 -15.79 6.82
CA ASP A 96 -10.53 -16.46 5.60
C ASP A 96 -9.60 -16.15 4.43
N THR A 97 -9.23 -14.87 4.25
CA THR A 97 -8.46 -14.39 3.12
C THR A 97 -7.12 -13.87 3.68
N PHE A 98 -6.02 -14.28 3.06
CA PHE A 98 -4.66 -14.08 3.56
C PHE A 98 -4.17 -12.66 3.26
N CYS A 99 -4.87 -11.64 3.76
CA CYS A 99 -4.58 -10.22 3.54
C CYS A 99 -4.36 -9.88 2.06
N GLY A 100 -5.13 -10.51 1.16
CA GLY A 100 -4.92 -10.42 -0.28
C GLY A 100 -5.69 -9.27 -0.93
N ALA A 101 -6.46 -8.47 -0.18
CA ALA A 101 -7.35 -7.46 -0.76
C ALA A 101 -6.60 -6.35 -1.53
N ILE A 102 -5.31 -6.17 -1.24
CA ILE A 102 -4.40 -5.26 -1.95
C ILE A 102 -4.28 -5.66 -3.44
N ASP A 103 -4.45 -6.94 -3.76
CA ASP A 103 -4.16 -7.48 -5.10
C ASP A 103 -4.92 -6.76 -6.21
N LYS A 104 -6.19 -6.43 -5.99
CA LYS A 104 -7.01 -5.73 -6.98
C LYS A 104 -6.45 -4.34 -7.26
N LEU A 105 -6.07 -3.62 -6.20
CA LEU A 105 -5.63 -2.24 -6.28
C LEU A 105 -4.28 -2.18 -6.98
N GLU A 106 -3.34 -3.02 -6.56
CA GLU A 106 -2.01 -3.00 -7.13
C GLU A 106 -2.06 -3.45 -8.60
N ALA A 107 -2.90 -4.44 -8.90
CA ALA A 107 -2.97 -4.99 -10.24
C ALA A 107 -3.46 -3.94 -11.23
N GLU A 108 -4.41 -3.08 -10.83
CA GLU A 108 -4.89 -2.05 -11.73
C GLU A 108 -3.85 -0.95 -11.96
N LEU A 109 -2.94 -0.64 -11.02
CA LEU A 109 -1.82 0.26 -11.33
C LEU A 109 -0.90 -0.40 -12.35
N LYS A 110 -0.62 -1.70 -12.18
CA LYS A 110 0.25 -2.44 -13.08
C LYS A 110 -0.35 -2.49 -14.48
N ASN A 111 -1.66 -2.73 -14.55
CA ASN A 111 -2.43 -2.71 -15.79
C ASN A 111 -2.37 -1.32 -16.44
N SER A 112 -2.45 -0.26 -15.64
CA SER A 112 -2.31 1.12 -16.08
C SER A 112 -0.86 1.48 -16.48
N GLY A 113 0.12 0.59 -16.30
CA GLY A 113 1.47 0.73 -16.83
C GLY A 113 2.54 0.90 -15.75
N ALA A 114 2.14 1.18 -14.51
CA ALA A 114 3.06 1.25 -13.36
C ALA A 114 3.68 -0.13 -13.08
N LYS A 115 4.56 -0.25 -12.07
CA LYS A 115 4.99 -1.57 -11.63
C LYS A 115 5.40 -1.62 -10.16
N GLN A 116 5.16 -2.78 -9.55
CA GLN A 116 5.58 -3.17 -8.21
C GLN A 116 7.10 -3.05 -8.09
N THR A 117 7.58 -2.89 -6.87
CA THR A 117 8.98 -2.77 -6.51
C THR A 117 9.13 -3.54 -5.20
N GLY A 118 10.13 -4.42 -5.08
CA GLY A 118 10.24 -5.37 -3.98
C GLY A 118 9.18 -6.46 -4.07
N GLU A 119 9.24 -7.44 -3.18
CA GLU A 119 8.16 -8.43 -3.03
C GLU A 119 6.95 -7.75 -2.38
N THR A 120 5.77 -8.32 -2.55
CA THR A 120 4.57 -7.92 -1.81
C THR A 120 4.78 -8.23 -0.31
N LEU A 121 4.00 -7.60 0.58
CA LEU A 121 4.04 -7.87 2.02
C LEU A 121 2.63 -8.12 2.54
N LYS A 122 2.51 -8.96 3.57
CA LYS A 122 1.29 -9.15 4.33
C LYS A 122 1.63 -8.93 5.80
N ILE A 123 0.67 -8.40 6.56
CA ILE A 123 0.80 -8.15 8.00
C ILE A 123 -0.47 -8.74 8.62
N ASN A 124 -0.34 -9.88 9.31
CA ASN A 124 -1.43 -10.39 10.13
C ASN A 124 -1.45 -9.60 11.43
N ILE A 125 -2.63 -9.16 11.89
CA ILE A 125 -2.77 -8.44 13.14
C ILE A 125 -3.42 -9.31 14.22
N LEU A 126 -4.08 -10.41 13.85
CA LEU A 126 -4.88 -11.19 14.79
C LEU A 126 -3.99 -11.88 15.84
N ASP A 127 -2.78 -12.31 15.45
CA ASP A 127 -1.90 -13.06 16.34
C ASP A 127 -1.26 -12.18 17.41
N HIS A 128 -0.66 -11.04 17.01
CA HIS A 128 0.14 -10.20 17.91
C HIS A 128 0.28 -8.77 17.35
N ASP A 129 -0.76 -8.26 16.68
CA ASP A 129 -0.85 -6.94 16.02
C ASP A 129 0.06 -6.79 14.79
N ILE A 130 1.15 -7.54 14.71
CA ILE A 130 2.05 -7.70 13.58
C ILE A 130 2.55 -9.16 13.58
N PRO A 131 3.06 -9.68 12.44
CA PRO A 131 3.75 -10.97 12.42
C PRO A 131 5.10 -10.87 13.14
N GLU A 132 5.75 -12.01 13.36
CA GLU A 132 7.04 -12.09 14.05
C GLU A 132 8.13 -11.37 13.22
N ASP A 133 8.07 -11.48 11.89
CA ASP A 133 9.00 -10.82 10.97
C ASP A 133 8.75 -9.30 10.98
N PRO A 134 9.70 -8.45 11.42
CA PRO A 134 9.51 -7.01 11.48
C PRO A 134 9.20 -6.42 10.10
N ALA A 135 8.23 -5.48 10.03
CA ALA A 135 7.95 -4.72 8.81
C ALA A 135 9.18 -3.93 8.36
N GLU A 136 10.04 -3.53 9.31
CA GLU A 136 11.28 -2.78 9.05
C GLU A 136 12.21 -3.55 8.10
N GLU A 137 12.24 -4.88 8.16
CA GLU A 137 13.12 -5.68 7.32
C GLU A 137 12.65 -5.61 5.86
N TRP A 138 11.34 -5.69 5.63
CA TRP A 138 10.78 -5.50 4.30
C TRP A 138 11.03 -4.07 3.84
N LEU A 139 10.82 -3.08 4.71
CA LEU A 139 10.94 -1.67 4.38
C LEU A 139 12.37 -1.34 3.95
N GLY A 140 13.37 -1.86 4.67
CA GLY A 140 14.78 -1.75 4.31
C GLY A 140 15.06 -2.40 2.95
N SER A 141 14.52 -3.59 2.72
CA SER A 141 14.67 -4.29 1.44
C SER A 141 14.02 -3.50 0.30
N TRP A 142 12.91 -2.82 0.56
CA TRP A 142 12.17 -2.06 -0.42
C TRP A 142 12.96 -0.83 -0.86
N VAL A 143 13.50 -0.04 0.08
CA VAL A 143 14.31 1.10 -0.29
C VAL A 143 15.59 0.67 -1.00
N ASN A 144 16.15 -0.49 -0.66
CA ASN A 144 17.32 -1.04 -1.33
C ASN A 144 17.07 -1.32 -2.82
N LEU A 145 15.81 -1.50 -3.25
CA LEU A 145 15.49 -1.66 -4.67
C LEU A 145 15.06 -0.34 -5.29
N LEU A 146 14.20 0.46 -4.63
CA LEU A 146 13.69 1.69 -5.24
C LEU A 146 14.77 2.78 -5.35
N LYS A 147 15.80 2.74 -4.49
CA LYS A 147 16.96 3.62 -4.43
C LYS A 147 16.60 5.08 -4.74
N MET A 1 5.55 18.76 2.23
CA MET A 1 6.53 18.17 1.28
C MET A 1 6.60 16.65 1.48
N ALA A 2 6.48 15.88 0.39
CA ALA A 2 6.66 14.43 0.38
C ALA A 2 7.32 14.04 -0.95
N ASP A 3 7.95 12.87 -0.96
CA ASP A 3 8.66 12.29 -2.10
C ASP A 3 8.37 10.80 -2.24
N ILE A 4 8.00 10.13 -1.14
CA ILE A 4 7.48 8.78 -1.10
C ILE A 4 6.13 8.89 -0.38
N THR A 5 5.12 9.34 -1.11
CA THR A 5 3.79 9.51 -0.57
C THR A 5 3.18 8.11 -0.42
N LEU A 6 2.86 7.72 0.81
CA LEU A 6 2.17 6.47 1.08
C LEU A 6 0.68 6.70 0.75
N ILE A 7 0.01 5.62 0.35
CA ILE A 7 -1.39 5.56 -0.02
C ILE A 7 -2.00 4.65 1.05
N SER A 8 -2.25 5.25 2.20
CA SER A 8 -2.78 4.60 3.38
C SER A 8 -4.27 4.23 3.15
N GLY A 9 -4.74 3.14 3.76
CA GLY A 9 -6.05 2.58 3.44
C GLY A 9 -6.66 1.77 4.57
N SER A 10 -7.25 2.45 5.55
CA SER A 10 -8.07 1.83 6.58
C SER A 10 -9.13 2.84 7.03
N THR A 11 -10.38 2.38 7.14
CA THR A 11 -11.46 3.14 7.77
C THR A 11 -11.31 3.03 9.30
N LEU A 12 -10.91 1.85 9.79
CA LEU A 12 -10.67 1.61 11.21
C LEU A 12 -9.38 2.28 11.67
N GLY A 13 -8.32 2.20 10.84
CA GLY A 13 -6.99 2.74 11.11
C GLY A 13 -5.91 1.66 11.10
N GLY A 14 -6.27 0.38 11.04
CA GLY A 14 -5.40 -0.77 11.23
C GLY A 14 -4.16 -0.74 10.34
N ALA A 15 -4.36 -0.69 9.01
CA ALA A 15 -3.24 -0.64 8.08
C ALA A 15 -2.50 0.69 8.20
N GLU A 16 -3.19 1.76 8.60
CA GLU A 16 -2.61 3.10 8.61
C GLU A 16 -1.66 3.28 9.80
N TYR A 17 -1.81 2.49 10.87
CA TYR A 17 -0.82 2.44 11.94
C TYR A 17 0.49 1.87 11.41
N VAL A 18 0.41 0.83 10.57
CA VAL A 18 1.60 0.22 9.98
C VAL A 18 2.16 1.16 8.90
N ALA A 19 1.31 1.91 8.19
CA ALA A 19 1.78 2.96 7.29
C ALA A 19 2.60 4.00 8.06
N GLU A 20 2.18 4.38 9.27
CA GLU A 20 2.93 5.28 10.12
C GLU A 20 4.27 4.65 10.57
N HIS A 21 4.29 3.35 10.88
CA HIS A 21 5.53 2.66 11.20
C HIS A 21 6.50 2.73 10.01
N LEU A 22 6.02 2.47 8.79
CA LEU A 22 6.85 2.49 7.60
C LEU A 22 7.35 3.91 7.33
N ALA A 23 6.47 4.91 7.47
CA ALA A 23 6.81 6.31 7.31
C ALA A 23 7.91 6.73 8.30
N GLU A 24 7.83 6.30 9.56
CA GLU A 24 8.83 6.61 10.59
C GLU A 24 10.23 6.24 10.09
N LYS A 25 10.38 5.03 9.53
CA LYS A 25 11.70 4.57 9.10
C LYS A 25 12.17 5.40 7.92
N LEU A 26 11.27 5.72 6.98
CA LEU A 26 11.63 6.46 5.77
C LEU A 26 12.05 7.88 6.13
N GLU A 27 11.37 8.53 7.09
CA GLU A 27 11.75 9.85 7.57
C GLU A 27 13.16 9.80 8.18
N GLU A 28 13.43 8.79 9.02
CA GLU A 28 14.74 8.62 9.65
C GLU A 28 15.83 8.33 8.61
N ALA A 29 15.50 7.58 7.54
CA ALA A 29 16.41 7.30 6.44
C ALA A 29 16.72 8.55 5.60
N GLY A 30 15.86 9.57 5.65
CA GLY A 30 16.08 10.89 5.06
C GLY A 30 15.13 11.19 3.90
N PHE A 31 14.20 10.30 3.58
CA PHE A 31 13.13 10.56 2.62
C PHE A 31 12.08 11.48 3.26
N THR A 32 11.09 11.91 2.47
CA THR A 32 9.93 12.63 2.97
C THR A 32 8.68 11.84 2.55
N THR A 33 7.73 11.71 3.47
CA THR A 33 6.57 10.84 3.32
C THR A 33 5.29 11.59 3.68
N GLU A 34 4.16 10.97 3.39
CA GLU A 34 2.84 11.39 3.85
C GLU A 34 2.01 10.12 3.88
N THR A 35 1.39 9.79 5.00
CA THR A 35 0.46 8.67 5.14
C THR A 35 -0.90 9.15 4.64
N LEU A 36 -1.00 9.34 3.32
CA LEU A 36 -2.15 9.99 2.71
C LEU A 36 -3.34 9.05 2.83
N HIS A 37 -4.34 9.45 3.62
CA HIS A 37 -5.52 8.66 3.91
C HIS A 37 -6.40 8.63 2.66
N GLY A 38 -6.47 7.48 1.99
CA GLY A 38 -7.41 7.20 0.92
C GLY A 38 -7.46 8.25 -0.21
N PRO A 39 -6.33 8.55 -0.90
CA PRO A 39 -6.34 9.42 -2.08
C PRO A 39 -7.07 8.77 -3.26
N LEU A 40 -7.21 9.52 -4.35
CA LEU A 40 -7.76 9.09 -5.62
C LEU A 40 -6.80 9.44 -6.74
N LEU A 41 -7.00 8.83 -7.90
CA LEU A 41 -6.12 8.92 -9.06
C LEU A 41 -6.02 10.36 -9.60
N GLU A 42 -7.07 11.16 -9.39
CA GLU A 42 -7.09 12.58 -9.76
C GLU A 42 -6.04 13.42 -9.01
N ASP A 43 -5.39 12.85 -7.98
CA ASP A 43 -4.37 13.51 -7.15
C ASP A 43 -3.10 12.67 -7.06
N LEU A 44 -2.90 11.73 -8.01
CA LEU A 44 -1.76 10.82 -8.08
C LEU A 44 -1.27 10.79 -9.53
N PRO A 45 -0.22 11.56 -9.88
CA PRO A 45 0.27 11.63 -11.26
C PRO A 45 0.90 10.31 -11.70
N ALA A 46 1.09 10.17 -13.01
CA ALA A 46 1.59 8.97 -13.68
C ALA A 46 3.06 8.64 -13.42
N SER A 47 3.73 9.39 -12.54
CA SER A 47 5.15 9.27 -12.24
C SER A 47 5.32 9.58 -10.75
N GLY A 48 6.08 8.76 -10.04
CA GLY A 48 6.37 8.93 -8.62
C GLY A 48 6.63 7.59 -7.96
N ILE A 49 6.99 7.62 -6.68
CA ILE A 49 7.29 6.45 -5.88
C ILE A 49 6.20 6.41 -4.81
N TRP A 50 5.19 5.55 -4.98
CA TRP A 50 4.05 5.46 -4.08
C TRP A 50 4.12 4.12 -3.33
N LEU A 51 3.33 3.96 -2.27
CA LEU A 51 3.29 2.72 -1.47
C LEU A 51 1.86 2.55 -0.99
N VAL A 52 1.11 1.69 -1.67
CA VAL A 52 -0.27 1.37 -1.37
C VAL A 52 -0.29 0.37 -0.22
N ILE A 53 -1.12 0.63 0.79
CA ILE A 53 -1.31 -0.26 1.93
C ILE A 53 -2.81 -0.31 2.16
N SER A 54 -3.35 -1.51 2.33
CA SER A 54 -4.79 -1.78 2.35
C SER A 54 -5.07 -2.69 3.54
N SER A 55 -6.10 -2.38 4.34
CA SER A 55 -6.58 -3.33 5.34
C SER A 55 -7.48 -4.35 4.62
N THR A 56 -7.82 -5.45 5.28
CA THR A 56 -8.75 -6.44 4.78
C THR A 56 -9.55 -6.88 6.00
N HIS A 57 -10.84 -6.55 6.05
CA HIS A 57 -11.65 -6.70 7.26
C HIS A 57 -11.99 -8.16 7.64
N GLY A 58 -11.64 -9.16 6.82
CA GLY A 58 -11.74 -10.56 7.23
C GLY A 58 -11.74 -11.54 6.07
N ALA A 59 -12.40 -11.19 4.96
CA ALA A 59 -12.65 -12.13 3.86
C ALA A 59 -12.43 -11.51 2.47
N GLY A 60 -11.86 -10.30 2.39
CA GLY A 60 -11.46 -9.66 1.14
C GLY A 60 -11.89 -8.18 1.05
N ASP A 61 -12.81 -7.74 1.92
CA ASP A 61 -13.38 -6.40 1.90
C ASP A 61 -12.29 -5.33 2.02
N ILE A 62 -12.19 -4.47 1.00
CA ILE A 62 -11.28 -3.33 0.97
C ILE A 62 -11.96 -2.17 1.73
N PRO A 63 -11.28 -1.48 2.65
CA PRO A 63 -11.79 -0.31 3.33
C PRO A 63 -12.33 0.76 2.39
N ASP A 64 -13.49 1.33 2.74
CA ASP A 64 -14.21 2.30 1.92
C ASP A 64 -13.41 3.60 1.68
N ASN A 65 -12.38 3.88 2.49
CA ASN A 65 -11.58 5.09 2.32
C ASN A 65 -10.63 4.97 1.12
N LEU A 66 -10.22 3.77 0.72
CA LEU A 66 -9.22 3.56 -0.35
C LEU A 66 -9.78 2.73 -1.49
N SER A 67 -10.76 1.85 -1.23
CA SER A 67 -11.43 1.04 -2.24
C SER A 67 -11.86 1.85 -3.49
N PRO A 68 -12.38 3.09 -3.41
CA PRO A 68 -12.65 3.93 -4.58
C PRO A 68 -11.51 4.08 -5.59
N PHE A 69 -10.24 3.93 -5.17
CA PHE A 69 -9.10 3.99 -6.07
C PHE A 69 -9.19 2.90 -7.14
N TYR A 70 -9.67 1.69 -6.78
CA TYR A 70 -9.80 0.58 -7.72
C TYR A 70 -10.84 0.89 -8.80
N GLU A 71 -11.98 1.48 -8.45
CA GLU A 71 -13.00 1.80 -9.44
C GLU A 71 -12.57 2.98 -10.31
N ALA A 72 -11.90 3.99 -9.74
CA ALA A 72 -11.41 5.13 -10.50
C ALA A 72 -10.29 4.71 -11.47
N LEU A 73 -9.44 3.76 -11.06
CA LEU A 73 -8.41 3.20 -11.92
C LEU A 73 -9.06 2.47 -13.09
N GLN A 74 -9.95 1.51 -12.83
CA GLN A 74 -10.49 0.68 -13.91
C GLN A 74 -11.41 1.49 -14.84
N GLU A 75 -12.04 2.56 -14.35
CA GLU A 75 -12.89 3.40 -15.17
C GLU A 75 -12.07 4.18 -16.21
N GLN A 76 -10.86 4.63 -15.83
CA GLN A 76 -10.08 5.56 -16.65
C GLN A 76 -8.90 4.89 -17.37
N LYS A 77 -8.27 3.88 -16.75
CA LYS A 77 -7.05 3.19 -17.18
C LYS A 77 -6.08 4.09 -17.97
N PRO A 78 -5.61 5.22 -17.39
CA PRO A 78 -4.60 6.05 -18.05
C PRO A 78 -3.26 5.31 -18.09
N ASP A 79 -2.29 5.85 -18.85
CA ASP A 79 -0.91 5.38 -18.81
C ASP A 79 -0.26 5.80 -17.49
N LEU A 80 0.11 4.81 -16.66
CA LEU A 80 0.79 5.01 -15.37
C LEU A 80 2.14 4.29 -15.36
N SER A 81 2.68 3.97 -16.54
CA SER A 81 3.92 3.21 -16.75
C SER A 81 5.20 3.79 -16.13
N ALA A 82 5.13 4.88 -15.35
CA ALA A 82 6.27 5.49 -14.67
C ALA A 82 6.04 5.59 -13.16
N VAL A 83 4.89 5.12 -12.65
CA VAL A 83 4.67 4.96 -11.22
C VAL A 83 5.48 3.73 -10.79
N ARG A 84 6.25 3.86 -9.73
CA ARG A 84 6.89 2.75 -9.05
C ARG A 84 6.09 2.63 -7.77
N PHE A 85 5.19 1.66 -7.69
CA PHE A 85 4.35 1.52 -6.51
C PHE A 85 4.99 0.49 -5.58
N GLY A 86 4.47 0.46 -4.36
CA GLY A 86 4.72 -0.54 -3.35
C GLY A 86 3.35 -1.08 -3.00
N ALA A 87 3.27 -2.31 -2.51
CA ALA A 87 2.01 -2.97 -2.22
C ALA A 87 2.23 -3.85 -1.00
N ILE A 88 1.44 -3.62 0.05
CA ILE A 88 1.45 -4.38 1.29
C ILE A 88 -0.01 -4.61 1.62
N GLY A 89 -0.37 -5.86 1.94
CA GLY A 89 -1.70 -6.23 2.37
C GLY A 89 -1.64 -6.40 3.87
N ILE A 90 -2.66 -5.91 4.56
CA ILE A 90 -2.82 -6.02 5.99
C ILE A 90 -4.27 -6.46 6.17
N GLY A 91 -4.62 -7.15 7.26
CA GLY A 91 -5.98 -7.56 7.48
C GLY A 91 -6.05 -8.60 8.56
N SER A 92 -7.29 -8.90 8.89
CA SER A 92 -7.71 -9.94 9.82
C SER A 92 -7.55 -11.32 9.15
N ARG A 93 -6.33 -11.64 8.70
CA ARG A 93 -5.97 -12.84 7.93
C ARG A 93 -6.62 -14.08 8.53
N GLU A 94 -6.43 -14.30 9.82
CA GLU A 94 -6.83 -15.54 10.49
C GLU A 94 -8.35 -15.75 10.48
N TYR A 95 -9.15 -14.72 10.12
CA TYR A 95 -10.58 -14.89 9.88
C TYR A 95 -10.82 -15.78 8.65
N ASP A 96 -10.15 -15.46 7.54
CA ASP A 96 -10.19 -16.24 6.29
C ASP A 96 -9.17 -15.72 5.26
N THR A 97 -9.15 -14.40 5.04
CA THR A 97 -8.40 -13.76 3.96
C THR A 97 -6.88 -14.03 4.00
N PHE A 98 -6.19 -13.71 2.91
CA PHE A 98 -4.73 -13.68 2.81
C PHE A 98 -4.34 -12.20 2.60
N CYS A 99 -4.98 -11.31 3.36
CA CYS A 99 -4.95 -9.85 3.21
C CYS A 99 -5.12 -9.47 1.73
N GLY A 100 -6.18 -9.99 1.11
CA GLY A 100 -6.39 -9.92 -0.33
C GLY A 100 -6.71 -8.51 -0.86
N ALA A 101 -7.05 -7.55 0.00
CA ALA A 101 -7.57 -6.25 -0.44
C ALA A 101 -6.64 -5.50 -1.38
N ILE A 102 -5.32 -5.60 -1.16
CA ILE A 102 -4.32 -4.87 -1.91
C ILE A 102 -4.26 -5.37 -3.36
N ASP A 103 -4.62 -6.65 -3.60
CA ASP A 103 -4.38 -7.27 -4.90
C ASP A 103 -5.13 -6.56 -6.02
N LYS A 104 -6.39 -6.19 -5.80
CA LYS A 104 -7.17 -5.45 -6.79
C LYS A 104 -6.58 -4.06 -7.01
N LEU A 105 -6.22 -3.37 -5.93
CA LEU A 105 -5.72 -2.00 -5.98
C LEU A 105 -4.40 -1.96 -6.75
N GLU A 106 -3.47 -2.88 -6.45
CA GLU A 106 -2.18 -2.90 -7.13
C GLU A 106 -2.36 -3.34 -8.58
N ALA A 107 -3.23 -4.33 -8.84
CA ALA A 107 -3.31 -4.96 -10.14
C ALA A 107 -3.77 -3.98 -11.20
N GLU A 108 -4.65 -3.04 -10.86
CA GLU A 108 -5.13 -2.08 -11.85
C GLU A 108 -4.05 -1.04 -12.18
N LEU A 109 -3.15 -0.68 -11.24
CA LEU A 109 -1.98 0.14 -11.59
C LEU A 109 -1.06 -0.66 -12.50
N LYS A 110 -0.87 -1.96 -12.18
CA LYS A 110 0.02 -2.85 -12.90
C LYS A 110 -0.45 -2.99 -14.34
N ASN A 111 -1.77 -3.14 -14.52
CA ASN A 111 -2.42 -3.21 -15.83
C ASN A 111 -2.34 -1.86 -16.55
N SER A 112 -2.45 -0.74 -15.82
CA SER A 112 -2.21 0.60 -16.33
C SER A 112 -0.72 0.86 -16.67
N GLY A 113 0.17 -0.10 -16.44
CA GLY A 113 1.55 -0.10 -16.90
C GLY A 113 2.57 0.08 -15.78
N ALA A 114 2.15 0.52 -14.59
CA ALA A 114 3.02 0.70 -13.43
C ALA A 114 3.61 -0.64 -12.97
N LYS A 115 4.55 -0.63 -12.02
CA LYS A 115 5.13 -1.87 -11.48
C LYS A 115 5.41 -1.74 -9.98
N GLN A 116 5.42 -2.90 -9.33
CA GLN A 116 5.77 -3.11 -7.93
C GLN A 116 7.24 -2.75 -7.69
N THR A 117 7.60 -2.54 -6.43
CA THR A 117 8.94 -2.27 -5.93
C THR A 117 9.13 -3.16 -4.69
N GLY A 118 10.37 -3.54 -4.38
CA GLY A 118 10.64 -4.55 -3.36
C GLY A 118 9.93 -5.85 -3.73
N GLU A 119 9.28 -6.48 -2.75
CA GLU A 119 8.40 -7.61 -2.93
C GLU A 119 7.21 -7.42 -1.99
N THR A 120 6.05 -7.95 -2.38
CA THR A 120 4.79 -7.81 -1.68
C THR A 120 4.86 -8.46 -0.28
N LEU A 121 4.11 -7.93 0.68
CA LEU A 121 4.07 -8.40 2.07
C LEU A 121 2.62 -8.53 2.51
N LYS A 122 2.34 -9.50 3.39
CA LYS A 122 1.04 -9.73 4.03
C LYS A 122 1.28 -9.61 5.54
N ILE A 123 0.37 -8.97 6.28
CA ILE A 123 0.52 -8.70 7.71
C ILE A 123 -0.83 -8.97 8.38
N ASN A 124 -0.92 -10.07 9.14
CA ASN A 124 -2.10 -10.33 9.97
C ASN A 124 -2.16 -9.30 11.11
N ILE A 125 -3.36 -8.83 11.44
CA ILE A 125 -3.62 -7.97 12.61
C ILE A 125 -4.66 -8.60 13.55
N LEU A 126 -5.34 -9.69 13.17
CA LEU A 126 -6.28 -10.37 14.06
C LEU A 126 -5.49 -11.08 15.15
N ASP A 127 -5.65 -10.64 16.40
CA ASP A 127 -4.93 -11.11 17.59
C ASP A 127 -3.41 -10.99 17.44
N HIS A 128 -2.96 -9.98 16.69
CA HIS A 128 -1.56 -9.64 16.45
C HIS A 128 -1.38 -8.15 16.77
N ASP A 129 -0.15 -7.75 17.12
CA ASP A 129 0.21 -6.39 17.51
C ASP A 129 1.60 -5.99 16.99
N ILE A 130 2.16 -6.79 16.06
CA ILE A 130 3.49 -6.67 15.49
C ILE A 130 4.58 -6.16 16.47
N PRO A 131 4.80 -6.82 17.62
CA PRO A 131 5.77 -6.35 18.61
C PRO A 131 7.22 -6.42 18.09
N GLU A 132 7.51 -7.31 17.14
CA GLU A 132 8.81 -7.42 16.46
C GLU A 132 8.97 -6.31 15.40
N ASP A 133 7.91 -5.55 15.13
CA ASP A 133 7.75 -4.59 14.03
C ASP A 133 8.39 -5.06 12.70
N PRO A 134 7.99 -6.23 12.14
CA PRO A 134 8.64 -6.82 10.96
C PRO A 134 8.69 -5.91 9.73
N ALA A 135 7.77 -4.93 9.65
CA ALA A 135 7.76 -3.94 8.59
C ALA A 135 9.09 -3.20 8.48
N GLU A 136 9.78 -2.98 9.62
CA GLU A 136 11.08 -2.31 9.65
C GLU A 136 12.13 -3.12 8.86
N GLU A 137 12.08 -4.45 8.97
CA GLU A 137 13.03 -5.33 8.30
C GLU A 137 12.68 -5.41 6.81
N TRP A 138 11.41 -5.68 6.49
CA TRP A 138 10.98 -5.89 5.10
C TRP A 138 11.17 -4.63 4.25
N LEU A 139 11.00 -3.44 4.85
CA LEU A 139 11.24 -2.17 4.19
C LEU A 139 12.66 -2.08 3.65
N GLY A 140 13.64 -2.74 4.28
CA GLY A 140 15.01 -2.81 3.80
C GLY A 140 15.07 -3.32 2.36
N SER A 141 14.33 -4.38 2.05
CA SER A 141 14.27 -4.95 0.71
C SER A 141 13.59 -3.99 -0.27
N TRP A 142 12.64 -3.18 0.22
CA TRP A 142 11.92 -2.22 -0.60
C TRP A 142 12.84 -1.05 -0.98
N VAL A 143 13.51 -0.42 -0.01
CA VAL A 143 14.41 0.69 -0.30
C VAL A 143 15.62 0.23 -1.11
N ASN A 144 16.06 -1.03 -0.94
CA ASN A 144 17.15 -1.62 -1.71
C ASN A 144 16.84 -1.67 -3.20
N LEU A 145 15.57 -1.61 -3.61
CA LEU A 145 15.21 -1.51 -5.02
C LEU A 145 14.79 -0.10 -5.42
N LEU A 146 14.12 0.68 -4.55
CA LEU A 146 13.70 2.04 -4.91
C LEU A 146 14.90 2.98 -5.08
N LYS A 147 15.94 2.80 -4.25
CA LYS A 147 17.21 3.55 -4.18
C LYS A 147 17.07 5.00 -4.68
N MET A 1 7.90 18.62 1.54
CA MET A 1 7.27 17.92 0.40
C MET A 1 7.58 16.42 0.49
N ALA A 2 6.55 15.56 0.49
CA ALA A 2 6.73 14.11 0.50
C ALA A 2 7.41 13.63 -0.79
N ASP A 3 8.02 12.45 -0.73
CA ASP A 3 8.77 11.83 -1.83
C ASP A 3 8.39 10.36 -1.99
N ILE A 4 7.93 9.72 -0.91
CA ILE A 4 7.33 8.39 -0.90
C ILE A 4 6.01 8.57 -0.14
N THR A 5 4.99 9.03 -0.84
CA THR A 5 3.68 9.22 -0.24
C THR A 5 3.06 7.83 -0.09
N LEU A 6 2.72 7.44 1.14
CA LEU A 6 1.99 6.21 1.42
C LEU A 6 0.52 6.46 1.11
N ILE A 7 -0.15 5.42 0.63
CA ILE A 7 -1.57 5.41 0.29
C ILE A 7 -2.21 4.52 1.36
N SER A 8 -2.47 5.09 2.54
CA SER A 8 -3.03 4.39 3.68
C SER A 8 -4.45 3.88 3.36
N GLY A 9 -4.80 2.67 3.81
CA GLY A 9 -6.00 1.96 3.40
C GLY A 9 -6.70 1.21 4.53
N SER A 10 -7.33 1.94 5.45
CA SER A 10 -8.24 1.36 6.44
C SER A 10 -9.26 2.43 6.83
N THR A 11 -10.48 2.01 7.16
CA THR A 11 -11.50 2.87 7.77
C THR A 11 -11.21 3.01 9.27
N LEU A 12 -10.87 1.88 9.92
CA LEU A 12 -10.59 1.80 11.35
C LEU A 12 -9.32 2.57 11.77
N GLY A 13 -8.37 2.74 10.86
CA GLY A 13 -7.11 3.45 11.11
C GLY A 13 -5.94 2.51 11.40
N GLY A 14 -6.15 1.18 11.39
CA GLY A 14 -5.09 0.20 11.62
C GLY A 14 -3.99 0.33 10.58
N ALA A 15 -4.37 0.49 9.30
CA ALA A 15 -3.41 0.71 8.23
C ALA A 15 -2.71 2.05 8.40
N GLU A 16 -3.36 3.05 9.00
CA GLU A 16 -2.71 4.34 9.24
C GLU A 16 -1.64 4.20 10.32
N TYR A 17 -1.85 3.35 11.34
CA TYR A 17 -0.86 3.14 12.39
C TYR A 17 0.34 2.37 11.84
N VAL A 18 0.09 1.36 11.01
CA VAL A 18 1.16 0.63 10.32
C VAL A 18 1.89 1.59 9.37
N ALA A 19 1.16 2.41 8.62
CA ALA A 19 1.74 3.39 7.70
C ALA A 19 2.60 4.40 8.47
N GLU A 20 2.22 4.81 9.67
CA GLU A 20 3.02 5.74 10.48
C GLU A 20 4.38 5.13 10.81
N HIS A 21 4.43 3.83 11.17
CA HIS A 21 5.69 3.16 11.45
C HIS A 21 6.55 3.10 10.18
N LEU A 22 5.96 2.66 9.06
CA LEU A 22 6.66 2.57 7.78
C LEU A 22 7.21 3.94 7.38
N ALA A 23 6.38 4.98 7.48
CA ALA A 23 6.72 6.34 7.11
C ALA A 23 7.86 6.87 7.98
N GLU A 24 7.83 6.62 9.29
CA GLU A 24 8.88 7.07 10.20
C GLU A 24 10.21 6.41 9.85
N LYS A 25 10.21 5.10 9.56
CA LYS A 25 11.45 4.41 9.21
C LYS A 25 11.97 4.90 7.87
N LEU A 26 11.09 5.25 6.92
CA LEU A 26 11.53 5.87 5.68
C LEU A 26 12.16 7.25 5.93
N GLU A 27 11.65 8.04 6.88
CA GLU A 27 12.27 9.32 7.22
C GLU A 27 13.68 9.09 7.77
N GLU A 28 13.88 8.07 8.62
CA GLU A 28 15.19 7.70 9.11
C GLU A 28 16.11 7.21 7.98
N ALA A 29 15.55 6.48 7.01
CA ALA A 29 16.28 6.01 5.83
C ALA A 29 16.63 7.16 4.88
N GLY A 30 15.92 8.29 4.94
CA GLY A 30 16.27 9.52 4.24
C GLY A 30 15.25 9.96 3.19
N PHE A 31 13.98 9.57 3.32
CA PHE A 31 12.92 9.89 2.35
C PHE A 31 11.77 10.57 3.09
N THR A 32 11.27 11.69 2.56
CA THR A 32 10.08 12.31 3.10
C THR A 32 8.85 11.48 2.71
N THR A 33 7.84 11.46 3.57
CA THR A 33 6.70 10.57 3.46
C THR A 33 5.42 11.32 3.85
N GLU A 34 4.26 10.71 3.60
CA GLU A 34 2.97 11.18 4.10
C GLU A 34 2.10 9.94 4.21
N THR A 35 1.28 9.82 5.25
CA THR A 35 0.36 8.73 5.47
C THR A 35 -1.00 9.18 4.95
N LEU A 36 -1.10 9.33 3.62
CA LEU A 36 -2.24 9.97 3.00
C LEU A 36 -3.41 9.00 3.08
N HIS A 37 -4.48 9.42 3.75
CA HIS A 37 -5.68 8.62 3.97
C HIS A 37 -6.42 8.45 2.64
N GLY A 38 -6.25 7.29 2.00
CA GLY A 38 -6.98 6.84 0.84
C GLY A 38 -7.12 7.88 -0.30
N PRO A 39 -6.03 8.48 -0.81
CA PRO A 39 -6.12 9.37 -1.97
C PRO A 39 -6.68 8.60 -3.17
N LEU A 40 -7.50 9.28 -3.98
CA LEU A 40 -7.93 8.75 -5.26
C LEU A 40 -6.74 8.73 -6.23
N LEU A 41 -6.80 7.84 -7.22
CA LEU A 41 -5.86 7.84 -8.34
C LEU A 41 -5.92 9.18 -9.07
N GLU A 42 -7.10 9.78 -9.13
CA GLU A 42 -7.36 11.09 -9.72
C GLU A 42 -6.68 12.25 -8.96
N ASP A 43 -6.10 11.98 -7.78
CA ASP A 43 -5.59 12.99 -6.85
C ASP A 43 -4.07 12.82 -6.63
N LEU A 44 -3.40 12.01 -7.47
CA LEU A 44 -1.94 11.89 -7.50
C LEU A 44 -1.48 11.75 -8.97
N PRO A 45 -0.23 12.11 -9.31
CA PRO A 45 0.25 12.07 -10.68
C PRO A 45 0.57 10.64 -11.14
N ALA A 46 0.65 10.46 -12.46
CA ALA A 46 0.96 9.20 -13.13
C ALA A 46 2.46 8.85 -13.11
N SER A 47 3.23 9.47 -12.22
CA SER A 47 4.66 9.24 -12.05
C SER A 47 4.99 9.55 -10.60
N GLY A 48 5.75 8.69 -9.92
CA GLY A 48 6.12 8.84 -8.53
C GLY A 48 6.47 7.49 -7.92
N ILE A 49 6.84 7.50 -6.63
CA ILE A 49 7.15 6.32 -5.84
C ILE A 49 6.10 6.31 -4.72
N TRP A 50 5.12 5.40 -4.81
CA TRP A 50 4.05 5.29 -3.83
C TRP A 50 4.27 4.04 -2.97
N LEU A 51 3.51 3.89 -1.88
CA LEU A 51 3.57 2.70 -1.05
C LEU A 51 2.14 2.44 -0.60
N VAL A 52 1.50 1.49 -1.27
CA VAL A 52 0.07 1.22 -1.11
C VAL A 52 -0.14 0.29 0.08
N ILE A 53 -1.23 0.49 0.82
CA ILE A 53 -1.67 -0.39 1.89
C ILE A 53 -3.16 -0.61 1.65
N SER A 54 -3.68 -1.81 1.92
CA SER A 54 -5.12 -2.06 1.92
C SER A 54 -5.44 -3.13 2.96
N SER A 55 -6.48 -2.88 3.75
CA SER A 55 -7.03 -3.89 4.65
C SER A 55 -7.86 -4.90 3.84
N THR A 56 -8.09 -6.07 4.42
CA THR A 56 -8.74 -7.21 3.79
C THR A 56 -9.86 -7.66 4.74
N HIS A 57 -11.11 -7.36 4.37
CA HIS A 57 -12.27 -7.93 5.07
C HIS A 57 -12.31 -9.44 4.79
N GLY A 58 -13.16 -10.19 5.49
CA GLY A 58 -13.25 -11.64 5.39
C GLY A 58 -13.48 -12.19 3.98
N ALA A 59 -14.05 -11.38 3.08
CA ALA A 59 -14.29 -11.73 1.67
C ALA A 59 -13.47 -10.88 0.69
N GLY A 60 -12.49 -10.11 1.17
CA GLY A 60 -11.62 -9.32 0.32
C GLY A 60 -12.21 -7.98 -0.09
N ASP A 61 -13.26 -7.51 0.60
CA ASP A 61 -13.76 -6.15 0.41
C ASP A 61 -12.69 -5.17 0.90
N ILE A 62 -12.20 -4.30 0.01
CA ILE A 62 -11.25 -3.24 0.33
C ILE A 62 -12.01 -2.20 1.18
N PRO A 63 -11.38 -1.58 2.20
CA PRO A 63 -12.01 -0.56 3.04
C PRO A 63 -12.45 0.65 2.22
N ASP A 64 -13.58 1.23 2.63
CA ASP A 64 -14.27 2.33 1.95
C ASP A 64 -13.41 3.59 1.79
N ASN A 65 -12.38 3.75 2.63
CA ASN A 65 -11.48 4.91 2.55
C ASN A 65 -10.68 4.92 1.26
N LEU A 66 -10.41 3.75 0.66
CA LEU A 66 -9.49 3.60 -0.46
C LEU A 66 -10.09 2.79 -1.61
N SER A 67 -11.12 1.97 -1.39
CA SER A 67 -11.70 1.14 -2.43
C SER A 67 -12.11 1.88 -3.73
N PRO A 68 -12.55 3.15 -3.74
CA PRO A 68 -12.74 3.93 -4.97
C PRO A 68 -11.52 4.00 -5.90
N PHE A 69 -10.30 3.76 -5.41
CA PHE A 69 -9.09 3.68 -6.22
C PHE A 69 -9.24 2.61 -7.32
N TYR A 70 -9.92 1.50 -7.03
CA TYR A 70 -10.20 0.47 -8.02
C TYR A 70 -11.11 1.03 -9.11
N GLU A 71 -12.20 1.68 -8.70
CA GLU A 71 -13.23 2.19 -9.62
C GLU A 71 -12.61 3.22 -10.56
N ALA A 72 -11.79 4.12 -10.04
CA ALA A 72 -11.11 5.15 -10.82
C ALA A 72 -10.22 4.55 -11.92
N LEU A 73 -9.66 3.36 -11.70
CA LEU A 73 -8.85 2.67 -12.70
C LEU A 73 -9.73 2.04 -13.78
N GLN A 74 -10.97 1.63 -13.47
CA GLN A 74 -11.90 1.11 -14.48
C GLN A 74 -12.41 2.26 -15.33
N GLU A 75 -12.82 3.34 -14.66
CA GLU A 75 -13.51 4.48 -15.28
C GLU A 75 -12.60 5.20 -16.27
N GLN A 76 -11.27 5.12 -16.10
CA GLN A 76 -10.31 5.89 -16.89
C GLN A 76 -9.37 5.00 -17.71
N LYS A 77 -9.12 3.75 -17.28
CA LYS A 77 -8.07 2.87 -17.81
C LYS A 77 -6.81 3.69 -18.18
N PRO A 78 -6.21 4.40 -17.20
CA PRO A 78 -5.16 5.37 -17.43
C PRO A 78 -3.85 4.75 -17.93
N ASP A 79 -2.89 5.60 -18.29
CA ASP A 79 -1.51 5.24 -18.57
C ASP A 79 -0.65 5.68 -17.39
N LEU A 80 -0.19 4.70 -16.61
CA LEU A 80 0.57 4.88 -15.36
C LEU A 80 1.96 4.27 -15.48
N SER A 81 2.44 4.12 -16.72
CA SER A 81 3.75 3.57 -17.10
C SER A 81 5.00 4.29 -16.51
N ALA A 82 4.83 5.11 -15.47
CA ALA A 82 5.94 5.73 -14.72
C ALA A 82 5.68 5.73 -13.21
N VAL A 83 4.55 5.18 -12.73
CA VAL A 83 4.33 4.95 -11.32
C VAL A 83 5.16 3.73 -10.92
N ARG A 84 5.85 3.83 -9.80
CA ARG A 84 6.51 2.71 -9.14
C ARG A 84 5.91 2.68 -7.74
N PHE A 85 5.72 1.49 -7.18
CA PHE A 85 5.09 1.39 -5.88
C PHE A 85 5.56 0.18 -5.10
N GLY A 86 5.19 0.11 -3.82
CA GLY A 86 5.35 -1.05 -2.95
C GLY A 86 3.96 -1.32 -2.40
N ALA A 87 3.73 -2.49 -1.79
CA ALA A 87 2.38 -2.90 -1.43
C ALA A 87 2.38 -3.72 -0.15
N ILE A 88 1.42 -3.41 0.72
CA ILE A 88 1.21 -4.04 2.02
C ILE A 88 -0.24 -4.54 2.01
N GLY A 89 -0.45 -5.80 2.38
CA GLY A 89 -1.77 -6.35 2.63
C GLY A 89 -1.94 -6.47 4.15
N ILE A 90 -3.09 -6.08 4.67
CA ILE A 90 -3.40 -6.12 6.10
C ILE A 90 -4.76 -6.81 6.21
N GLY A 91 -5.05 -7.47 7.34
CA GLY A 91 -6.33 -8.06 7.62
C GLY A 91 -6.13 -9.07 8.73
N SER A 92 -7.24 -9.63 9.15
CA SER A 92 -7.29 -10.79 10.03
C SER A 92 -6.99 -12.00 9.14
N ARG A 93 -5.72 -12.38 9.04
CA ARG A 93 -5.26 -13.36 8.06
C ARG A 93 -5.97 -14.70 8.18
N GLU A 94 -6.44 -15.06 9.38
CA GLU A 94 -7.11 -16.34 9.63
C GLU A 94 -8.53 -16.39 9.05
N TYR A 95 -9.09 -15.26 8.59
CA TYR A 95 -10.38 -15.25 7.88
C TYR A 95 -10.23 -15.93 6.51
N ASP A 96 -11.37 -16.19 5.84
CA ASP A 96 -11.40 -16.96 4.59
C ASP A 96 -10.56 -16.33 3.48
N THR A 97 -10.48 -14.99 3.44
CA THR A 97 -9.62 -14.24 2.54
C THR A 97 -8.40 -13.79 3.35
N PHE A 98 -7.24 -14.41 3.10
CA PHE A 98 -5.98 -13.99 3.71
C PHE A 98 -5.64 -12.58 3.19
N CYS A 99 -4.88 -11.81 3.97
CA CYS A 99 -4.38 -10.47 3.68
C CYS A 99 -3.92 -10.38 2.24
N GLY A 100 -4.70 -9.69 1.42
CA GLY A 100 -4.49 -9.68 -0.02
C GLY A 100 -5.48 -8.87 -0.83
N ALA A 101 -6.45 -8.16 -0.22
CA ALA A 101 -7.41 -7.36 -0.99
C ALA A 101 -6.73 -6.21 -1.76
N ILE A 102 -5.51 -5.84 -1.38
CA ILE A 102 -4.61 -4.93 -2.11
C ILE A 102 -4.45 -5.38 -3.56
N ASP A 103 -4.48 -6.69 -3.82
CA ASP A 103 -4.18 -7.29 -5.12
C ASP A 103 -4.99 -6.66 -6.26
N LYS A 104 -6.27 -6.34 -6.02
CA LYS A 104 -7.12 -5.74 -7.05
C LYS A 104 -6.63 -4.33 -7.43
N LEU A 105 -6.13 -3.55 -6.46
CA LEU A 105 -5.63 -2.21 -6.73
C LEU A 105 -4.30 -2.34 -7.48
N GLU A 106 -3.37 -3.12 -6.93
CA GLU A 106 -2.01 -3.16 -7.46
C GLU A 106 -1.98 -3.78 -8.86
N ALA A 107 -2.83 -4.77 -9.11
CA ALA A 107 -2.90 -5.42 -10.41
C ALA A 107 -3.38 -4.42 -11.45
N GLU A 108 -4.34 -3.56 -11.10
CA GLU A 108 -4.85 -2.57 -12.03
C GLU A 108 -3.86 -1.43 -12.26
N LEU A 109 -3.01 -1.06 -11.29
CA LEU A 109 -1.91 -0.14 -11.58
C LEU A 109 -0.96 -0.78 -12.59
N LYS A 110 -0.59 -2.05 -12.37
CA LYS A 110 0.35 -2.75 -13.23
C LYS A 110 -0.23 -2.90 -14.63
N ASN A 111 -1.53 -3.21 -14.72
CA ASN A 111 -2.25 -3.32 -15.98
C ASN A 111 -2.26 -1.97 -16.71
N SER A 112 -2.44 -0.87 -15.96
CA SER A 112 -2.36 0.49 -16.46
C SER A 112 -0.93 0.92 -16.83
N GLY A 113 0.10 0.10 -16.53
CA GLY A 113 1.47 0.28 -17.01
C GLY A 113 2.50 0.40 -15.89
N ALA A 114 2.07 0.68 -14.65
CA ALA A 114 2.95 0.84 -13.50
C ALA A 114 3.73 -0.45 -13.20
N LYS A 115 4.69 -0.41 -12.28
CA LYS A 115 5.32 -1.64 -11.78
C LYS A 115 5.57 -1.54 -10.28
N GLN A 116 5.25 -2.65 -9.60
CA GLN A 116 5.57 -2.88 -8.20
C GLN A 116 7.09 -2.90 -8.02
N THR A 117 7.54 -2.90 -6.77
CA THR A 117 8.93 -2.95 -6.35
C THR A 117 9.00 -4.01 -5.25
N GLY A 118 10.12 -4.69 -5.11
CA GLY A 118 10.30 -5.73 -4.09
C GLY A 118 9.30 -6.86 -4.31
N GLU A 119 8.68 -7.33 -3.24
CA GLU A 119 7.56 -8.28 -3.26
C GLU A 119 6.56 -7.79 -2.20
N THR A 120 5.30 -8.18 -2.31
CA THR A 120 4.22 -7.74 -1.41
C THR A 120 4.50 -8.22 0.01
N LEU A 121 4.31 -7.35 1.02
CA LEU A 121 4.33 -7.75 2.43
C LEU A 121 2.89 -8.04 2.85
N LYS A 122 2.68 -8.96 3.79
CA LYS A 122 1.40 -9.20 4.43
C LYS A 122 1.61 -9.05 5.93
N ILE A 123 0.62 -8.52 6.63
CA ILE A 123 0.65 -8.25 8.05
C ILE A 123 -0.70 -8.71 8.60
N ASN A 124 -0.71 -9.81 9.35
CA ASN A 124 -1.89 -10.22 10.11
C ASN A 124 -2.10 -9.20 11.23
N ILE A 125 -3.35 -8.87 11.56
CA ILE A 125 -3.69 -8.01 12.70
C ILE A 125 -4.77 -8.63 13.60
N LEU A 126 -5.15 -9.90 13.38
CA LEU A 126 -6.16 -10.58 14.21
C LEU A 126 -5.72 -10.65 15.68
N ASP A 127 -4.42 -10.91 15.92
CA ASP A 127 -3.85 -11.12 17.25
C ASP A 127 -2.39 -10.64 17.26
N HIS A 128 -2.12 -9.57 16.52
CA HIS A 128 -0.80 -9.03 16.25
C HIS A 128 -0.95 -7.53 15.96
N ASP A 129 0.08 -6.73 16.26
CA ASP A 129 0.04 -5.27 16.20
C ASP A 129 1.46 -4.70 15.97
N ILE A 130 2.21 -5.35 15.07
CA ILE A 130 3.61 -5.08 14.73
C ILE A 130 4.51 -4.70 15.93
N PRO A 131 4.53 -5.47 17.04
CA PRO A 131 5.46 -5.21 18.13
C PRO A 131 6.90 -5.37 17.63
N GLU A 132 7.77 -4.44 18.01
CA GLU A 132 9.15 -4.32 17.54
C GLU A 132 9.25 -4.12 16.01
N ASP A 133 8.15 -3.70 15.36
CA ASP A 133 8.01 -3.32 13.95
C ASP A 133 8.83 -4.18 12.97
N PRO A 134 8.46 -5.47 12.80
CA PRO A 134 9.22 -6.40 11.95
C PRO A 134 9.18 -6.03 10.47
N ALA A 135 8.23 -5.19 10.04
CA ALA A 135 8.14 -4.70 8.68
C ALA A 135 9.39 -3.92 8.26
N GLU A 136 10.19 -3.41 9.20
CA GLU A 136 11.43 -2.71 8.94
C GLU A 136 12.38 -3.54 8.08
N GLU A 137 12.41 -4.87 8.27
CA GLU A 137 13.30 -5.75 7.50
C GLU A 137 12.91 -5.72 6.02
N TRP A 138 11.61 -5.79 5.72
CA TRP A 138 11.09 -5.80 4.36
C TRP A 138 11.19 -4.40 3.74
N LEU A 139 10.99 -3.36 4.56
CA LEU A 139 11.19 -1.98 4.17
C LEU A 139 12.64 -1.72 3.76
N GLY A 140 13.59 -2.37 4.45
CA GLY A 140 14.99 -2.40 4.08
C GLY A 140 15.16 -2.86 2.63
N SER A 141 14.50 -3.94 2.24
CA SER A 141 14.54 -4.44 0.87
C SER A 141 13.98 -3.40 -0.10
N TRP A 142 12.87 -2.73 0.23
CA TRP A 142 12.30 -1.70 -0.63
C TRP A 142 13.28 -0.55 -0.86
N VAL A 143 13.89 0.02 0.19
CA VAL A 143 14.82 1.12 -0.01
C VAL A 143 16.06 0.67 -0.79
N ASN A 144 16.52 -0.57 -0.58
CA ASN A 144 17.64 -1.16 -1.31
C ASN A 144 17.33 -1.32 -2.81
N LEU A 145 16.06 -1.37 -3.21
CA LEU A 145 15.71 -1.40 -4.63
C LEU A 145 15.50 0.02 -5.14
N LEU A 146 14.57 0.79 -4.56
CA LEU A 146 14.15 2.07 -5.12
C LEU A 146 15.24 3.16 -5.09
N LYS A 147 16.19 3.06 -4.14
CA LYS A 147 17.38 3.91 -3.96
C LYS A 147 17.20 5.33 -4.50
N MET A 1 7.59 18.71 0.84
CA MET A 1 6.94 17.98 -0.26
C MET A 1 7.25 16.48 -0.14
N ALA A 2 6.22 15.63 -0.03
CA ALA A 2 6.40 14.18 -0.01
C ALA A 2 6.96 13.69 -1.35
N ASP A 3 7.67 12.57 -1.30
CA ASP A 3 8.32 11.94 -2.45
C ASP A 3 8.04 10.43 -2.50
N ILE A 4 7.77 9.83 -1.33
CA ILE A 4 7.31 8.47 -1.18
C ILE A 4 5.96 8.59 -0.45
N THR A 5 4.96 9.01 -1.19
CA THR A 5 3.63 9.28 -0.68
C THR A 5 2.96 7.92 -0.47
N LEU A 6 2.54 7.62 0.77
CA LEU A 6 1.96 6.33 1.14
C LEU A 6 0.44 6.42 1.04
N ILE A 7 -0.21 5.31 0.75
CA ILE A 7 -1.63 5.21 0.40
C ILE A 7 -2.24 4.19 1.37
N SER A 8 -2.61 4.68 2.55
CA SER A 8 -3.32 3.90 3.56
C SER A 8 -4.79 3.72 3.15
N GLY A 9 -5.41 2.63 3.59
CA GLY A 9 -6.84 2.39 3.47
C GLY A 9 -7.19 1.26 4.42
N SER A 10 -8.04 1.53 5.39
CA SER A 10 -8.38 0.58 6.45
C SER A 10 -9.81 0.77 6.94
N THR A 11 -10.39 -0.34 7.37
CA THR A 11 -11.65 -0.43 8.09
C THR A 11 -11.51 0.06 9.53
N LEU A 12 -10.32 -0.10 10.13
CA LEU A 12 -10.07 0.11 11.55
C LEU A 12 -8.97 1.13 11.84
N GLY A 13 -8.04 1.31 10.91
CA GLY A 13 -6.93 2.27 11.00
C GLY A 13 -5.57 1.59 10.88
N GLY A 14 -5.51 0.27 10.66
CA GLY A 14 -4.28 -0.51 10.69
C GLY A 14 -3.33 -0.03 9.59
N ALA A 15 -3.85 0.27 8.40
CA ALA A 15 -3.05 0.76 7.29
C ALA A 15 -2.51 2.17 7.56
N GLU A 16 -3.16 2.93 8.44
CA GLU A 16 -2.63 4.23 8.85
C GLU A 16 -1.45 4.03 9.79
N TYR A 17 -1.58 3.11 10.76
CA TYR A 17 -0.55 2.88 11.78
C TYR A 17 0.68 2.25 11.13
N VAL A 18 0.47 1.30 10.22
CA VAL A 18 1.54 0.66 9.46
C VAL A 18 2.25 1.71 8.59
N ALA A 19 1.50 2.53 7.84
CA ALA A 19 2.12 3.53 6.99
C ALA A 19 2.91 4.54 7.84
N GLU A 20 2.40 4.94 9.01
CA GLU A 20 3.11 5.87 9.89
C GLU A 20 4.40 5.23 10.43
N HIS A 21 4.36 3.96 10.82
CA HIS A 21 5.54 3.25 11.31
C HIS A 21 6.61 3.16 10.22
N LEU A 22 6.20 2.82 8.99
CA LEU A 22 7.10 2.75 7.84
C LEU A 22 7.63 4.15 7.51
N ALA A 23 6.77 5.17 7.55
CA ALA A 23 7.14 6.55 7.28
C ALA A 23 8.23 7.03 8.23
N GLU A 24 8.17 6.67 9.51
CA GLU A 24 9.19 7.08 10.48
C GLU A 24 10.57 6.60 10.04
N LYS A 25 10.70 5.33 9.63
CA LYS A 25 11.97 4.79 9.17
C LYS A 25 12.37 5.42 7.83
N LEU A 26 11.43 5.69 6.93
CA LEU A 26 11.73 6.39 5.67
C LEU A 26 12.26 7.80 5.92
N GLU A 27 11.69 8.54 6.88
CA GLU A 27 12.16 9.88 7.22
C GLU A 27 13.55 9.82 7.85
N GLU A 28 13.82 8.83 8.70
CA GLU A 28 15.14 8.62 9.28
C GLU A 28 16.17 8.26 8.18
N ALA A 29 15.76 7.50 7.16
CA ALA A 29 16.60 7.20 6.01
C ALA A 29 16.84 8.43 5.12
N GLY A 30 15.96 9.44 5.18
CA GLY A 30 16.15 10.76 4.59
C GLY A 30 15.08 11.13 3.56
N PHE A 31 14.10 10.25 3.30
CA PHE A 31 13.03 10.49 2.34
C PHE A 31 11.96 11.42 2.95
N THR A 32 10.98 11.82 2.15
CA THR A 32 9.80 12.55 2.61
C THR A 32 8.57 11.71 2.25
N THR A 33 7.60 11.68 3.16
CA THR A 33 6.46 10.77 3.11
C THR A 33 5.17 11.52 3.46
N GLU A 34 4.03 10.88 3.23
CA GLU A 34 2.72 11.31 3.70
C GLU A 34 1.89 10.03 3.82
N THR A 35 0.86 10.02 4.66
CA THR A 35 0.08 8.84 5.00
C THR A 35 -1.37 9.11 4.57
N LEU A 36 -1.61 9.12 3.26
CA LEU A 36 -2.90 9.54 2.72
C LEU A 36 -3.87 8.40 2.95
N HIS A 37 -4.93 8.65 3.72
CA HIS A 37 -5.95 7.65 4.00
C HIS A 37 -7.05 7.79 2.94
N GLY A 38 -6.96 6.98 1.88
CA GLY A 38 -7.97 6.94 0.82
C GLY A 38 -7.90 8.07 -0.21
N PRO A 39 -6.72 8.37 -0.80
CA PRO A 39 -6.63 9.29 -1.94
C PRO A 39 -7.28 8.68 -3.19
N LEU A 40 -7.32 9.45 -4.27
CA LEU A 40 -7.85 9.06 -5.58
C LEU A 40 -6.86 9.42 -6.67
N LEU A 41 -7.11 8.90 -7.87
CA LEU A 41 -6.36 9.16 -9.10
C LEU A 41 -6.29 10.66 -9.41
N GLU A 42 -7.29 11.44 -8.98
CA GLU A 42 -7.34 12.88 -9.14
C GLU A 42 -6.21 13.61 -8.39
N ASP A 43 -5.48 12.92 -7.50
CA ASP A 43 -4.47 13.50 -6.61
C ASP A 43 -3.21 12.61 -6.55
N LEU A 44 -3.00 11.74 -7.55
CA LEU A 44 -1.87 10.82 -7.63
C LEU A 44 -1.32 10.86 -9.05
N PRO A 45 -0.18 11.55 -9.30
CA PRO A 45 0.37 11.72 -10.64
C PRO A 45 1.01 10.42 -11.17
N ALA A 46 1.35 10.44 -12.46
CA ALA A 46 1.81 9.30 -13.24
C ALA A 46 3.26 8.87 -12.97
N SER A 47 3.92 9.43 -11.95
CA SER A 47 5.30 9.13 -11.61
C SER A 47 5.52 9.37 -10.13
N GLY A 48 6.32 8.50 -9.49
CA GLY A 48 6.60 8.51 -8.07
C GLY A 48 6.80 7.08 -7.58
N ILE A 49 7.04 6.90 -6.29
CA ILE A 49 7.13 5.61 -5.65
C ILE A 49 6.09 5.63 -4.52
N TRP A 50 4.93 5.03 -4.77
CA TRP A 50 3.81 5.03 -3.83
C TRP A 50 3.83 3.76 -2.97
N LEU A 51 2.92 3.63 -2.01
CA LEU A 51 2.82 2.43 -1.18
C LEU A 51 1.35 2.15 -0.97
N VAL A 52 0.78 1.22 -1.73
CA VAL A 52 -0.61 0.83 -1.55
C VAL A 52 -0.67 -0.15 -0.37
N ILE A 53 -1.57 0.12 0.58
CA ILE A 53 -1.85 -0.73 1.72
C ILE A 53 -3.36 -0.95 1.74
N SER A 54 -3.82 -2.13 2.16
CA SER A 54 -5.24 -2.45 2.24
C SER A 54 -5.49 -3.36 3.43
N SER A 55 -6.63 -3.14 4.11
CA SER A 55 -7.11 -4.05 5.13
C SER A 55 -8.04 -5.05 4.43
N THR A 56 -7.50 -6.21 4.05
CA THR A 56 -8.27 -7.34 3.54
C THR A 56 -9.06 -7.93 4.72
N HIS A 57 -10.21 -7.33 5.01
CA HIS A 57 -11.07 -7.64 6.15
C HIS A 57 -11.93 -8.90 5.88
N GLY A 58 -11.31 -9.95 5.34
CA GLY A 58 -11.93 -11.27 5.11
C GLY A 58 -12.83 -11.33 3.87
N ALA A 59 -13.46 -10.21 3.49
CA ALA A 59 -14.45 -10.15 2.42
C ALA A 59 -13.88 -10.39 1.02
N GLY A 60 -12.57 -10.19 0.84
CA GLY A 60 -11.94 -10.18 -0.48
C GLY A 60 -12.25 -8.88 -1.23
N ASP A 61 -12.62 -7.83 -0.50
CA ASP A 61 -12.89 -6.50 -1.01
C ASP A 61 -12.11 -5.52 -0.14
N ILE A 62 -11.81 -4.37 -0.69
CA ILE A 62 -10.90 -3.37 -0.14
C ILE A 62 -11.74 -2.38 0.70
N PRO A 63 -11.18 -1.77 1.76
CA PRO A 63 -11.89 -0.82 2.61
C PRO A 63 -12.53 0.32 1.82
N ASP A 64 -13.75 0.68 2.20
CA ASP A 64 -14.61 1.62 1.45
C ASP A 64 -13.98 3.01 1.24
N ASN A 65 -13.01 3.38 2.10
CA ASN A 65 -12.33 4.67 1.98
C ASN A 65 -11.31 4.70 0.84
N LEU A 66 -10.82 3.55 0.36
CA LEU A 66 -9.74 3.46 -0.63
C LEU A 66 -10.13 2.60 -1.83
N SER A 67 -11.09 1.69 -1.69
CA SER A 67 -11.58 0.90 -2.81
C SER A 67 -12.05 1.74 -4.02
N PRO A 68 -12.56 2.99 -3.90
CA PRO A 68 -12.79 3.87 -5.04
C PRO A 68 -11.58 4.07 -5.97
N PHE A 69 -10.33 3.86 -5.49
CA PHE A 69 -9.15 3.95 -6.36
C PHE A 69 -9.18 2.86 -7.42
N TYR A 70 -9.60 1.63 -7.06
CA TYR A 70 -9.75 0.53 -8.03
C TYR A 70 -10.78 0.91 -9.10
N GLU A 71 -11.89 1.53 -8.69
CA GLU A 71 -12.93 1.97 -9.62
C GLU A 71 -12.40 3.08 -10.53
N ALA A 72 -11.73 4.10 -9.97
CA ALA A 72 -11.24 5.24 -10.74
C ALA A 72 -10.18 4.82 -11.76
N LEU A 73 -9.27 3.93 -11.36
CA LEU A 73 -8.22 3.44 -12.24
C LEU A 73 -8.84 2.69 -13.42
N GLN A 74 -9.75 1.72 -13.17
CA GLN A 74 -10.31 0.94 -14.27
C GLN A 74 -11.25 1.78 -15.14
N GLU A 75 -11.91 2.80 -14.58
CA GLU A 75 -12.80 3.68 -15.33
C GLU A 75 -11.97 4.55 -16.29
N GLN A 76 -10.92 5.21 -15.79
CA GLN A 76 -10.16 6.18 -16.58
C GLN A 76 -9.09 5.49 -17.44
N LYS A 77 -8.64 4.29 -17.07
CA LYS A 77 -7.47 3.59 -17.63
C LYS A 77 -6.33 4.58 -17.93
N PRO A 78 -5.80 5.27 -16.89
CA PRO A 78 -4.80 6.31 -17.06
C PRO A 78 -3.46 5.73 -17.57
N ASP A 79 -2.55 6.61 -17.96
CA ASP A 79 -1.17 6.26 -18.26
C ASP A 79 -0.34 6.55 -17.02
N LEU A 80 0.04 5.50 -16.29
CA LEU A 80 0.84 5.53 -15.07
C LEU A 80 2.13 4.74 -15.29
N SER A 81 2.59 4.66 -16.53
CA SER A 81 3.78 3.93 -16.99
C SER A 81 5.13 4.38 -16.37
N ALA A 82 5.12 5.13 -15.27
CA ALA A 82 6.30 5.54 -14.52
C ALA A 82 6.03 5.57 -13.01
N VAL A 83 4.86 5.12 -12.54
CA VAL A 83 4.62 4.90 -11.13
C VAL A 83 5.31 3.59 -10.75
N ARG A 84 5.92 3.55 -9.59
CA ARG A 84 6.41 2.35 -8.95
C ARG A 84 5.72 2.30 -7.60
N PHE A 85 5.60 1.13 -6.98
CA PHE A 85 4.88 1.04 -5.71
C PHE A 85 5.37 -0.13 -4.88
N GLY A 86 4.82 -0.25 -3.67
CA GLY A 86 4.96 -1.40 -2.79
C GLY A 86 3.54 -1.78 -2.38
N ALA A 87 3.33 -2.99 -1.87
CA ALA A 87 2.02 -3.56 -1.65
C ALA A 87 2.03 -4.33 -0.33
N ILE A 88 1.10 -3.99 0.55
CA ILE A 88 1.01 -4.53 1.91
C ILE A 88 -0.45 -4.87 2.16
N GLY A 89 -0.72 -6.11 2.56
CA GLY A 89 -2.03 -6.50 3.03
C GLY A 89 -2.00 -6.55 4.55
N ILE A 90 -3.16 -6.32 5.16
CA ILE A 90 -3.38 -6.39 6.59
C ILE A 90 -4.69 -7.18 6.75
N GLY A 91 -4.78 -8.10 7.71
CA GLY A 91 -5.96 -8.87 7.98
C GLY A 91 -5.64 -9.88 9.07
N SER A 92 -6.35 -10.99 9.05
CA SER A 92 -6.22 -12.06 10.03
C SER A 92 -6.03 -13.38 9.30
N ARG A 93 -4.98 -14.13 9.66
CA ARG A 93 -4.68 -15.43 9.09
C ARG A 93 -5.73 -16.49 9.49
N GLU A 94 -6.68 -16.13 10.38
CA GLU A 94 -7.83 -16.95 10.75
C GLU A 94 -8.65 -17.35 9.52
N TYR A 95 -8.73 -16.49 8.50
CA TYR A 95 -9.48 -16.74 7.28
C TYR A 95 -8.55 -16.80 6.07
N ASP A 96 -9.00 -17.49 5.00
CA ASP A 96 -8.20 -17.74 3.80
C ASP A 96 -7.83 -16.44 3.09
N THR A 97 -8.72 -15.45 3.11
CA THR A 97 -8.54 -14.12 2.57
C THR A 97 -7.61 -13.27 3.47
N PHE A 98 -6.56 -13.89 4.03
CA PHE A 98 -5.66 -13.30 5.02
C PHE A 98 -5.18 -11.91 4.57
N CYS A 99 -4.70 -11.83 3.34
CA CYS A 99 -4.27 -10.63 2.64
C CYS A 99 -4.51 -10.96 1.16
N GLY A 100 -5.08 -10.04 0.39
CA GLY A 100 -5.31 -10.29 -1.03
C GLY A 100 -6.12 -9.20 -1.73
N ALA A 101 -7.00 -8.48 -1.04
CA ALA A 101 -7.80 -7.42 -1.65
C ALA A 101 -6.94 -6.23 -2.11
N ILE A 102 -5.70 -6.12 -1.60
CA ILE A 102 -4.70 -5.17 -2.09
C ILE A 102 -4.46 -5.39 -3.59
N ASP A 103 -4.55 -6.64 -4.05
CA ASP A 103 -4.25 -7.02 -5.43
C ASP A 103 -5.11 -6.26 -6.43
N LYS A 104 -6.35 -5.92 -6.07
CA LYS A 104 -7.23 -5.14 -6.94
C LYS A 104 -6.64 -3.76 -7.20
N LEU A 105 -6.12 -3.08 -6.16
CA LEU A 105 -5.52 -1.76 -6.32
C LEU A 105 -4.33 -1.87 -7.27
N GLU A 106 -3.42 -2.79 -6.96
CA GLU A 106 -2.15 -2.84 -7.69
C GLU A 106 -2.34 -3.36 -9.11
N ALA A 107 -3.30 -4.26 -9.36
CA ALA A 107 -3.56 -4.80 -10.68
C ALA A 107 -3.91 -3.67 -11.64
N GLU A 108 -4.76 -2.73 -11.22
CA GLU A 108 -5.13 -1.64 -12.08
C GLU A 108 -4.01 -0.61 -12.22
N LEU A 109 -3.11 -0.43 -11.23
CA LEU A 109 -1.93 0.40 -11.44
C LEU A 109 -1.05 -0.25 -12.51
N LYS A 110 -0.84 -1.57 -12.44
CA LYS A 110 0.02 -2.27 -13.38
C LYS A 110 -0.59 -2.25 -14.77
N ASN A 111 -1.91 -2.40 -14.87
CA ASN A 111 -2.63 -2.28 -16.12
C ASN A 111 -2.48 -0.86 -16.71
N SER A 112 -2.51 0.15 -15.84
CA SER A 112 -2.25 1.54 -16.22
C SER A 112 -0.77 1.79 -16.59
N GLY A 113 0.15 0.88 -16.26
CA GLY A 113 1.54 0.88 -16.72
C GLY A 113 2.56 0.79 -15.59
N ALA A 114 2.16 0.98 -14.33
CA ALA A 114 3.04 0.97 -13.16
C ALA A 114 3.65 -0.42 -12.94
N LYS A 115 4.60 -0.57 -12.00
CA LYS A 115 5.08 -1.88 -11.56
C LYS A 115 5.42 -1.89 -10.07
N GLN A 116 5.14 -3.02 -9.43
CA GLN A 116 5.53 -3.33 -8.05
C GLN A 116 7.06 -3.25 -7.91
N THR A 117 7.52 -2.99 -6.69
CA THR A 117 8.93 -2.95 -6.31
C THR A 117 9.01 -3.62 -4.94
N GLY A 118 9.98 -4.51 -4.76
CA GLY A 118 10.09 -5.35 -3.57
C GLY A 118 9.06 -6.48 -3.59
N GLU A 119 9.12 -7.35 -2.58
CA GLU A 119 8.10 -8.38 -2.38
C GLU A 119 6.84 -7.75 -1.77
N THR A 120 5.73 -8.47 -1.81
CA THR A 120 4.51 -8.11 -1.09
C THR A 120 4.76 -8.31 0.42
N LEU A 121 3.91 -7.75 1.29
CA LEU A 121 3.99 -7.97 2.73
C LEU A 121 2.61 -8.36 3.26
N LYS A 122 2.59 -9.19 4.32
CA LYS A 122 1.41 -9.65 5.03
C LYS A 122 1.58 -9.15 6.46
N ILE A 123 0.48 -8.73 7.10
CA ILE A 123 0.49 -8.23 8.47
C ILE A 123 -0.76 -8.81 9.15
N ASN A 124 -0.55 -9.72 10.09
CA ASN A 124 -1.62 -10.29 10.90
C ASN A 124 -1.94 -9.36 12.06
N ILE A 125 -3.22 -9.06 12.28
CA ILE A 125 -3.71 -8.21 13.36
C ILE A 125 -4.83 -8.90 14.17
N LEU A 126 -5.00 -10.23 14.02
CA LEU A 126 -6.06 -11.01 14.67
C LEU A 126 -6.04 -10.80 16.18
N ASP A 127 -4.85 -10.87 16.78
CA ASP A 127 -4.58 -10.64 18.20
C ASP A 127 -3.08 -10.47 18.36
N HIS A 128 -2.31 -11.43 17.85
CA HIS A 128 -0.87 -11.35 17.72
C HIS A 128 -0.58 -10.40 16.55
N ASP A 129 -0.20 -9.16 16.87
CA ASP A 129 0.18 -8.11 15.94
C ASP A 129 1.56 -8.42 15.33
N ILE A 130 1.58 -9.44 14.47
CA ILE A 130 2.72 -10.07 13.82
C ILE A 130 4.07 -9.91 14.59
N PRO A 131 4.26 -10.64 15.71
CA PRO A 131 5.44 -10.51 16.58
C PRO A 131 6.81 -10.64 15.87
N GLU A 132 6.87 -11.28 14.69
CA GLU A 132 8.08 -11.35 13.87
C GLU A 132 8.55 -9.95 13.42
N ASP A 133 7.64 -8.96 13.41
CA ASP A 133 7.84 -7.58 12.95
C ASP A 133 8.65 -7.48 11.65
N PRO A 134 8.19 -8.13 10.55
CA PRO A 134 8.94 -8.19 9.29
C PRO A 134 9.02 -6.83 8.58
N ALA A 135 8.24 -5.83 8.97
CA ALA A 135 8.21 -4.51 8.35
C ALA A 135 9.60 -3.87 8.30
N GLU A 136 10.43 -4.10 9.32
CA GLU A 136 11.79 -3.56 9.39
C GLU A 136 12.63 -4.03 8.21
N GLU A 137 12.61 -5.34 7.95
CA GLU A 137 13.44 -5.98 6.93
C GLU A 137 12.82 -5.79 5.55
N TRP A 138 11.49 -5.83 5.47
CA TRP A 138 10.76 -5.54 4.25
C TRP A 138 11.10 -4.13 3.77
N LEU A 139 11.05 -3.14 4.67
CA LEU A 139 11.29 -1.75 4.29
C LEU A 139 12.74 -1.56 3.90
N GLY A 140 13.69 -2.18 4.61
CA GLY A 140 15.10 -2.16 4.26
C GLY A 140 15.31 -2.71 2.84
N SER A 141 14.65 -3.82 2.51
CA SER A 141 14.70 -4.40 1.17
C SER A 141 14.04 -3.46 0.14
N TRP A 142 12.93 -2.82 0.50
CA TRP A 142 12.19 -1.95 -0.40
C TRP A 142 13.04 -0.75 -0.78
N VAL A 143 13.65 -0.04 0.18
CA VAL A 143 14.49 1.11 -0.15
C VAL A 143 15.73 0.67 -0.93
N ASN A 144 16.28 -0.52 -0.65
CA ASN A 144 17.42 -1.04 -1.39
C ASN A 144 17.09 -1.25 -2.86
N LEU A 145 15.83 -1.58 -3.22
CA LEU A 145 15.45 -1.70 -4.63
C LEU A 145 15.03 -0.35 -5.21
N LEU A 146 14.20 0.44 -4.51
CA LEU A 146 13.63 1.67 -5.07
C LEU A 146 14.68 2.79 -5.20
N LYS A 147 15.75 2.74 -4.39
CA LYS A 147 16.85 3.70 -4.31
C LYS A 147 16.36 5.14 -4.47
N MET A 1 8.53 18.72 0.99
CA MET A 1 8.24 17.94 -0.24
C MET A 1 8.42 16.45 0.04
N ALA A 2 7.33 15.68 -0.02
CA ALA A 2 7.40 14.22 0.11
C ALA A 2 8.11 13.60 -1.10
N ASP A 3 8.61 12.37 -0.94
CA ASP A 3 9.35 11.64 -1.96
C ASP A 3 8.90 10.18 -2.05
N ILE A 4 8.34 9.63 -0.95
CA ILE A 4 7.66 8.35 -0.90
C ILE A 4 6.33 8.61 -0.21
N THR A 5 5.36 9.08 -0.98
CA THR A 5 4.03 9.33 -0.45
C THR A 5 3.34 7.97 -0.30
N LEU A 6 3.01 7.60 0.94
CA LEU A 6 2.19 6.43 1.23
C LEU A 6 0.74 6.74 0.86
N ILE A 7 -0.01 5.70 0.51
CA ILE A 7 -1.41 5.77 0.14
C ILE A 7 -2.12 4.84 1.11
N SER A 8 -2.74 5.43 2.13
CA SER A 8 -3.34 4.73 3.25
C SER A 8 -4.83 4.50 2.98
N GLY A 9 -5.24 3.23 3.04
CA GLY A 9 -6.63 2.77 3.02
C GLY A 9 -6.80 1.92 4.25
N SER A 10 -6.59 2.54 5.41
CA SER A 10 -6.45 1.86 6.69
C SER A 10 -7.59 2.23 7.64
N THR A 11 -8.15 1.23 8.30
CA THR A 11 -9.23 1.35 9.28
C THR A 11 -9.02 0.44 10.49
N LEU A 12 -8.37 -0.71 10.28
CA LEU A 12 -8.18 -1.76 11.28
C LEU A 12 -7.26 -1.36 12.43
N GLY A 13 -6.65 -0.18 12.41
CA GLY A 13 -5.73 0.31 13.43
C GLY A 13 -4.33 -0.27 13.21
N GLY A 14 -4.21 -1.57 13.00
CA GLY A 14 -2.95 -2.23 12.70
C GLY A 14 -2.32 -1.65 11.44
N ALA A 15 -3.12 -1.46 10.38
CA ALA A 15 -2.68 -0.86 9.13
C ALA A 15 -2.28 0.61 9.32
N GLU A 16 -2.89 1.28 10.31
CA GLU A 16 -2.55 2.68 10.61
C GLU A 16 -1.21 2.74 11.34
N TYR A 17 -0.96 1.81 12.27
CA TYR A 17 0.32 1.71 12.98
C TYR A 17 1.41 1.35 11.98
N VAL A 18 1.11 0.45 11.04
CA VAL A 18 2.00 0.09 9.94
C VAL A 18 2.37 1.33 9.14
N ALA A 19 1.39 2.14 8.71
CA ALA A 19 1.66 3.32 7.90
C ALA A 19 2.51 4.32 8.67
N GLU A 20 2.22 4.56 9.95
CA GLU A 20 2.98 5.49 10.78
C GLU A 20 4.41 5.00 10.98
N HIS A 21 4.58 3.71 11.28
CA HIS A 21 5.88 3.07 11.46
C HIS A 21 6.70 3.19 10.17
N LEU A 22 6.11 2.86 9.03
CA LEU A 22 6.77 2.94 7.73
C LEU A 22 7.21 4.36 7.45
N ALA A 23 6.34 5.36 7.68
CA ALA A 23 6.67 6.75 7.46
C ALA A 23 7.88 7.16 8.32
N GLU A 24 7.85 6.86 9.62
CA GLU A 24 8.93 7.19 10.53
C GLU A 24 10.25 6.53 10.09
N LYS A 25 10.20 5.23 9.76
CA LYS A 25 11.39 4.50 9.36
C LYS A 25 11.95 5.01 8.04
N LEU A 26 11.11 5.38 7.07
CA LEU A 26 11.59 5.96 5.81
C LEU A 26 12.24 7.32 6.06
N GLU A 27 11.69 8.15 6.94
CA GLU A 27 12.30 9.44 7.26
C GLU A 27 13.67 9.24 7.92
N GLU A 28 13.81 8.25 8.80
CA GLU A 28 15.09 7.87 9.40
C GLU A 28 16.06 7.33 8.33
N ALA A 29 15.55 6.55 7.36
CA ALA A 29 16.35 6.03 6.25
C ALA A 29 16.80 7.13 5.28
N GLY A 30 16.09 8.27 5.25
CA GLY A 30 16.49 9.47 4.54
C GLY A 30 15.53 9.87 3.40
N PHE A 31 14.26 9.49 3.47
CA PHE A 31 13.27 9.76 2.42
C PHE A 31 12.05 10.43 3.07
N THR A 32 11.63 11.57 2.54
CA THR A 32 10.44 12.26 3.03
C THR A 32 9.18 11.50 2.62
N THR A 33 8.14 11.58 3.43
CA THR A 33 6.92 10.80 3.27
C THR A 33 5.68 11.70 3.42
N GLU A 34 4.53 11.13 3.09
CA GLU A 34 3.20 11.67 3.32
C GLU A 34 2.32 10.42 3.45
N THR A 35 1.12 10.54 4.01
CA THR A 35 0.20 9.43 4.22
C THR A 35 -1.15 9.89 3.71
N LEU A 36 -1.37 9.77 2.39
CA LEU A 36 -2.61 10.22 1.76
C LEU A 36 -3.69 9.24 2.20
N HIS A 37 -4.60 9.72 3.04
CA HIS A 37 -5.72 8.93 3.50
C HIS A 37 -6.77 8.93 2.38
N GLY A 38 -6.92 7.78 1.72
CA GLY A 38 -7.98 7.53 0.76
C GLY A 38 -8.03 8.52 -0.43
N PRO A 39 -6.92 8.79 -1.15
CA PRO A 39 -6.94 9.59 -2.37
C PRO A 39 -7.69 8.87 -3.50
N LEU A 40 -7.85 9.56 -4.63
CA LEU A 40 -8.35 9.02 -5.88
C LEU A 40 -7.32 9.29 -6.97
N LEU A 41 -7.35 8.48 -8.03
CA LEU A 41 -6.35 8.51 -9.10
C LEU A 41 -6.36 9.85 -9.85
N GLU A 42 -7.51 10.52 -9.92
CA GLU A 42 -7.65 11.85 -10.52
C GLU A 42 -6.86 12.94 -9.76
N ASP A 43 -6.32 12.62 -8.58
CA ASP A 43 -5.57 13.53 -7.71
C ASP A 43 -4.12 13.04 -7.53
N LEU A 44 -3.64 12.15 -8.42
CA LEU A 44 -2.26 11.67 -8.45
C LEU A 44 -1.70 11.86 -9.87
N PRO A 45 -0.42 12.24 -10.02
CA PRO A 45 0.25 12.23 -11.32
C PRO A 45 0.53 10.77 -11.74
N ALA A 46 0.80 10.57 -13.03
CA ALA A 46 1.07 9.26 -13.62
C ALA A 46 2.52 8.78 -13.39
N SER A 47 3.20 9.32 -12.38
CA SER A 47 4.59 9.03 -12.07
C SER A 47 4.85 9.35 -10.60
N GLY A 48 5.79 8.63 -9.97
CA GLY A 48 6.16 8.82 -8.57
C GLY A 48 6.54 7.48 -7.94
N ILE A 49 6.91 7.51 -6.66
CA ILE A 49 7.22 6.33 -5.85
C ILE A 49 6.19 6.33 -4.72
N TRP A 50 5.17 5.48 -4.84
CA TRP A 50 4.07 5.38 -3.89
C TRP A 50 4.26 4.13 -3.01
N LEU A 51 3.46 3.98 -1.96
CA LEU A 51 3.47 2.78 -1.13
C LEU A 51 2.04 2.59 -0.62
N VAL A 52 1.33 1.60 -1.15
CA VAL A 52 -0.08 1.40 -0.85
C VAL A 52 -0.20 0.50 0.39
N ILE A 53 -1.11 0.84 1.31
CA ILE A 53 -1.39 0.07 2.51
C ILE A 53 -2.92 -0.05 2.57
N SER A 54 -3.43 -1.27 2.70
CA SER A 54 -4.86 -1.54 2.60
C SER A 54 -5.31 -2.47 3.71
N SER A 55 -6.24 -1.99 4.54
CA SER A 55 -6.97 -2.80 5.50
C SER A 55 -7.94 -3.68 4.71
N THR A 56 -8.80 -4.39 5.45
CA THR A 56 -9.90 -5.15 4.92
C THR A 56 -11.17 -4.72 5.67
N HIS A 57 -12.28 -4.63 4.93
CA HIS A 57 -13.58 -4.20 5.43
C HIS A 57 -14.30 -5.32 6.23
N GLY A 58 -13.60 -6.40 6.58
CA GLY A 58 -14.21 -7.61 7.14
C GLY A 58 -15.05 -8.36 6.09
N ALA A 59 -14.73 -8.14 4.81
CA ALA A 59 -15.40 -8.76 3.66
C ALA A 59 -14.40 -9.15 2.55
N GLY A 60 -13.09 -9.06 2.79
CA GLY A 60 -12.10 -9.41 1.78
C GLY A 60 -12.03 -8.36 0.68
N ASP A 61 -12.22 -7.10 1.04
CA ASP A 61 -12.21 -5.94 0.15
C ASP A 61 -11.63 -4.75 0.92
N ILE A 62 -11.02 -3.79 0.23
CA ILE A 62 -10.41 -2.61 0.86
C ILE A 62 -11.53 -1.76 1.49
N PRO A 63 -11.29 -1.04 2.61
CA PRO A 63 -12.20 -0.05 3.15
C PRO A 63 -12.64 1.01 2.12
N ASP A 64 -13.86 1.52 2.30
CA ASP A 64 -14.49 2.53 1.46
C ASP A 64 -13.68 3.84 1.36
N ASN A 65 -12.71 4.05 2.26
CA ASN A 65 -11.81 5.19 2.24
C ASN A 65 -10.97 5.18 0.96
N LEU A 66 -10.51 4.00 0.52
CA LEU A 66 -9.56 3.86 -0.58
C LEU A 66 -10.06 2.92 -1.68
N SER A 67 -11.00 2.02 -1.40
CA SER A 67 -11.48 1.07 -2.40
C SER A 67 -12.00 1.72 -3.71
N PRO A 68 -12.58 2.95 -3.73
CA PRO A 68 -12.87 3.66 -4.97
C PRO A 68 -11.69 3.80 -5.95
N PHE A 69 -10.44 3.71 -5.47
CA PHE A 69 -9.25 3.73 -6.31
C PHE A 69 -9.30 2.63 -7.37
N TYR A 70 -9.86 1.46 -7.03
CA TYR A 70 -10.01 0.36 -7.98
C TYR A 70 -10.94 0.73 -9.12
N GLU A 71 -12.04 1.45 -8.82
CA GLU A 71 -13.01 1.86 -9.82
C GLU A 71 -12.40 2.97 -10.68
N ALA A 72 -11.76 3.97 -10.07
CA ALA A 72 -11.15 5.07 -10.79
C ALA A 72 -9.99 4.61 -11.67
N LEU A 73 -9.29 3.54 -11.27
CA LEU A 73 -8.30 2.89 -12.12
C LEU A 73 -8.99 2.32 -13.35
N GLN A 74 -9.89 1.35 -13.18
CA GLN A 74 -10.44 0.62 -14.33
C GLN A 74 -11.32 1.50 -15.23
N GLU A 75 -11.87 2.60 -14.70
CA GLU A 75 -12.67 3.56 -15.47
C GLU A 75 -11.78 4.37 -16.44
N GLN A 76 -10.53 4.66 -16.07
CA GLN A 76 -9.69 5.60 -16.81
C GLN A 76 -8.46 4.96 -17.48
N LYS A 77 -7.89 3.92 -16.84
CA LYS A 77 -6.61 3.28 -17.15
C LYS A 77 -5.60 4.22 -17.84
N PRO A 78 -5.13 5.28 -17.16
CA PRO A 78 -4.13 6.19 -17.69
C PRO A 78 -2.82 5.47 -18.03
N ASP A 79 -1.89 6.20 -18.65
CA ASP A 79 -0.53 5.76 -18.95
C ASP A 79 0.34 5.79 -17.67
N LEU A 80 -0.02 4.98 -16.66
CA LEU A 80 0.64 4.92 -15.35
C LEU A 80 2.00 4.21 -15.41
N SER A 81 2.47 3.91 -16.62
CA SER A 81 3.77 3.41 -17.07
C SER A 81 5.03 4.08 -16.49
N ALA A 82 4.91 4.93 -15.47
CA ALA A 82 6.02 5.56 -14.77
C ALA A 82 5.78 5.65 -13.25
N VAL A 83 4.67 5.11 -12.74
CA VAL A 83 4.46 4.95 -11.30
C VAL A 83 5.25 3.72 -10.87
N ARG A 84 5.93 3.84 -9.73
CA ARG A 84 6.54 2.73 -9.02
C ARG A 84 5.86 2.68 -7.67
N PHE A 85 5.59 1.50 -7.15
CA PHE A 85 4.82 1.38 -5.92
C PHE A 85 5.24 0.15 -5.12
N GLY A 86 4.72 0.03 -3.90
CA GLY A 86 4.81 -1.14 -3.05
C GLY A 86 3.39 -1.39 -2.54
N ALA A 87 3.11 -2.58 -2.02
CA ALA A 87 1.75 -3.00 -1.71
C ALA A 87 1.76 -3.85 -0.44
N ILE A 88 0.87 -3.51 0.49
CA ILE A 88 0.75 -4.14 1.80
C ILE A 88 -0.73 -4.40 2.03
N GLY A 89 -1.07 -5.63 2.44
CA GLY A 89 -2.43 -6.03 2.75
C GLY A 89 -2.53 -6.45 4.21
N ILE A 90 -3.62 -6.05 4.87
CA ILE A 90 -3.85 -6.25 6.29
C ILE A 90 -5.25 -6.84 6.40
N GLY A 91 -5.34 -8.06 6.94
CA GLY A 91 -6.51 -8.90 7.03
C GLY A 91 -6.04 -10.20 7.65
N SER A 92 -6.79 -11.26 7.44
CA SER A 92 -6.52 -12.58 7.98
C SER A 92 -5.79 -13.45 6.95
N ARG A 93 -5.28 -14.62 7.38
CA ARG A 93 -4.77 -15.66 6.48
C ARG A 93 -5.58 -16.96 6.66
N GLU A 94 -6.27 -17.07 7.80
CA GLU A 94 -6.94 -18.24 8.33
C GLU A 94 -8.47 -18.08 8.29
N TYR A 95 -8.97 -16.99 7.69
CA TYR A 95 -10.38 -16.62 7.59
C TYR A 95 -10.64 -16.00 6.21
N ASP A 96 -11.92 -15.92 5.85
CA ASP A 96 -12.42 -15.57 4.52
C ASP A 96 -11.95 -14.20 4.03
N THR A 97 -11.83 -13.22 4.93
CA THR A 97 -11.20 -11.94 4.63
C THR A 97 -9.67 -12.12 4.55
N PHE A 98 -9.21 -12.69 3.44
CA PHE A 98 -7.79 -12.82 3.15
C PHE A 98 -7.16 -11.43 3.06
N CYS A 99 -6.01 -11.24 3.70
CA CYS A 99 -5.19 -10.04 3.65
C CYS A 99 -4.81 -9.62 2.22
N GLY A 100 -4.85 -10.54 1.25
CA GLY A 100 -4.57 -10.26 -0.15
C GLY A 100 -5.60 -9.36 -0.85
N ALA A 101 -6.60 -8.82 -0.16
CA ALA A 101 -7.58 -7.86 -0.70
C ALA A 101 -6.92 -6.64 -1.37
N ILE A 102 -5.67 -6.30 -1.02
CA ILE A 102 -4.85 -5.26 -1.67
C ILE A 102 -4.75 -5.51 -3.18
N ASP A 103 -4.77 -6.78 -3.60
CA ASP A 103 -4.47 -7.22 -4.95
C ASP A 103 -5.25 -6.45 -6.01
N LYS A 104 -6.51 -6.07 -5.73
CA LYS A 104 -7.32 -5.26 -6.64
C LYS A 104 -6.59 -3.98 -7.04
N LEU A 105 -6.10 -3.22 -6.05
CA LEU A 105 -5.52 -1.91 -6.29
C LEU A 105 -4.22 -2.07 -7.05
N GLU A 106 -3.34 -2.94 -6.55
CA GLU A 106 -2.01 -3.06 -7.10
C GLU A 106 -2.07 -3.65 -8.52
N ALA A 107 -3.00 -4.59 -8.76
CA ALA A 107 -3.06 -5.27 -10.03
C ALA A 107 -3.49 -4.29 -11.10
N GLU A 108 -4.46 -3.42 -10.83
CA GLU A 108 -4.87 -2.45 -11.83
C GLU A 108 -3.82 -1.36 -12.05
N LEU A 109 -2.93 -1.04 -11.10
CA LEU A 109 -1.80 -0.16 -11.40
C LEU A 109 -0.87 -0.86 -12.39
N LYS A 110 -0.46 -2.10 -12.08
CA LYS A 110 0.55 -2.78 -12.90
C LYS A 110 -0.03 -3.12 -14.28
N ASN A 111 -1.32 -3.44 -14.34
CA ASN A 111 -2.07 -3.65 -15.57
C ASN A 111 -2.43 -2.33 -16.28
N SER A 112 -1.93 -1.19 -15.80
CA SER A 112 -1.99 0.11 -16.47
C SER A 112 -0.57 0.66 -16.72
N GLY A 113 0.45 -0.20 -16.62
CA GLY A 113 1.83 0.09 -17.03
C GLY A 113 2.78 0.28 -15.86
N ALA A 114 2.27 0.64 -14.67
CA ALA A 114 3.10 0.84 -13.48
C ALA A 114 3.87 -0.45 -13.14
N LYS A 115 4.85 -0.38 -12.23
CA LYS A 115 5.49 -1.59 -11.73
C LYS A 115 5.70 -1.52 -10.22
N GLN A 116 5.40 -2.64 -9.58
CA GLN A 116 5.66 -2.91 -8.19
C GLN A 116 7.18 -2.83 -7.94
N THR A 117 7.56 -2.73 -6.67
CA THR A 117 8.93 -2.64 -6.19
C THR A 117 9.01 -3.57 -4.97
N GLY A 118 10.22 -4.02 -4.61
CA GLY A 118 10.42 -5.02 -3.57
C GLY A 118 9.59 -6.26 -3.92
N GLU A 119 8.79 -6.72 -2.96
CA GLU A 119 7.77 -7.74 -3.16
C GLU A 119 6.58 -7.41 -2.25
N THR A 120 5.44 -8.04 -2.49
CA THR A 120 4.20 -7.81 -1.73
C THR A 120 4.40 -8.19 -0.26
N LEU A 121 3.62 -7.58 0.65
CA LEU A 121 3.67 -7.88 2.08
C LEU A 121 2.25 -8.15 2.59
N LYS A 122 2.12 -9.08 3.53
CA LYS A 122 0.90 -9.33 4.29
C LYS A 122 1.25 -9.07 5.75
N ILE A 123 0.33 -8.50 6.51
CA ILE A 123 0.50 -8.28 7.95
C ILE A 123 -0.79 -8.79 8.58
N ASN A 124 -0.72 -10.01 9.12
CA ASN A 124 -1.89 -10.73 9.62
C ASN A 124 -2.47 -10.08 10.87
N ILE A 125 -3.79 -10.05 11.01
CA ILE A 125 -4.49 -9.53 12.18
C ILE A 125 -5.06 -10.66 13.05
N LEU A 126 -5.26 -11.85 12.47
CA LEU A 126 -5.95 -12.96 13.11
C LEU A 126 -5.13 -13.47 14.29
N ASP A 127 -3.80 -13.46 14.15
CA ASP A 127 -2.84 -13.87 15.16
C ASP A 127 -1.57 -13.02 15.03
N HIS A 128 -0.87 -12.85 16.16
CA HIS A 128 0.38 -12.10 16.38
C HIS A 128 0.28 -10.59 16.16
N ASP A 129 -0.49 -10.10 15.18
CA ASP A 129 -0.71 -8.71 14.77
C ASP A 129 0.53 -7.99 14.20
N ILE A 130 1.68 -8.16 14.86
CA ILE A 130 3.05 -7.78 14.48
C ILE A 130 3.17 -6.60 13.47
N PRO A 131 2.74 -5.38 13.84
CA PRO A 131 2.62 -4.26 12.91
C PRO A 131 3.95 -3.55 12.57
N GLU A 132 5.12 -4.15 12.86
CA GLU A 132 6.40 -3.45 12.75
C GLU A 132 7.48 -4.29 12.09
N ASP A 133 7.80 -5.48 12.61
CA ASP A 133 8.98 -6.23 12.14
C ASP A 133 8.93 -6.62 10.66
N PRO A 134 7.84 -7.20 10.10
CA PRO A 134 7.75 -7.47 8.67
C PRO A 134 7.87 -6.19 7.84
N ALA A 135 7.27 -5.09 8.33
CA ALA A 135 7.29 -3.82 7.63
C ALA A 135 8.71 -3.26 7.58
N GLU A 136 9.50 -3.40 8.65
CA GLU A 136 10.89 -2.95 8.68
C GLU A 136 11.74 -3.78 7.69
N GLU A 137 11.55 -5.10 7.67
CA GLU A 137 12.32 -5.98 6.80
C GLU A 137 12.02 -5.65 5.32
N TRP A 138 10.75 -5.50 4.96
CA TRP A 138 10.37 -5.15 3.60
C TRP A 138 10.78 -3.72 3.25
N LEU A 139 10.76 -2.78 4.19
CA LEU A 139 11.24 -1.43 3.99
C LEU A 139 12.71 -1.45 3.59
N GLY A 140 13.52 -2.31 4.20
CA GLY A 140 14.91 -2.53 3.81
C GLY A 140 15.00 -2.90 2.33
N SER A 141 14.18 -3.85 1.88
CA SER A 141 14.14 -4.27 0.49
C SER A 141 13.67 -3.13 -0.42
N TRP A 142 12.67 -2.35 0.01
CA TRP A 142 12.17 -1.24 -0.77
C TRP A 142 13.25 -0.19 -0.96
N VAL A 143 13.92 0.30 0.10
CA VAL A 143 14.94 1.31 -0.07
C VAL A 143 16.12 0.75 -0.88
N ASN A 144 16.45 -0.55 -0.72
CA ASN A 144 17.52 -1.18 -1.51
C ASN A 144 17.25 -1.12 -3.01
N LEU A 145 15.97 -1.17 -3.44
CA LEU A 145 15.62 -1.14 -4.86
C LEU A 145 15.29 0.27 -5.35
N LEU A 146 14.66 1.13 -4.54
CA LEU A 146 14.20 2.44 -5.00
C LEU A 146 15.24 3.56 -4.80
N LYS A 147 16.26 3.37 -3.95
CA LYS A 147 17.21 4.43 -3.58
C LYS A 147 17.75 5.17 -4.81
N MET A 1 7.99 18.74 1.98
CA MET A 1 8.89 17.84 1.23
C MET A 1 8.50 16.37 1.50
N ALA A 2 8.37 15.57 0.44
CA ALA A 2 8.18 14.13 0.51
C ALA A 2 8.88 13.50 -0.70
N ASP A 3 9.22 12.22 -0.59
CA ASP A 3 9.94 11.47 -1.62
C ASP A 3 9.40 10.04 -1.73
N ILE A 4 8.80 9.50 -0.67
CA ILE A 4 8.12 8.21 -0.64
C ILE A 4 6.78 8.49 0.06
N THR A 5 5.80 8.96 -0.69
CA THR A 5 4.49 9.27 -0.13
C THR A 5 3.74 7.94 0.04
N LEU A 6 3.43 7.57 1.27
CA LEU A 6 2.64 6.38 1.59
C LEU A 6 1.17 6.66 1.28
N ILE A 7 0.42 5.59 1.02
CA ILE A 7 -0.99 5.60 0.68
C ILE A 7 -1.66 4.63 1.64
N SER A 8 -2.24 5.19 2.71
CA SER A 8 -2.97 4.43 3.71
C SER A 8 -4.39 4.11 3.20
N GLY A 9 -4.99 3.06 3.75
CA GLY A 9 -6.32 2.61 3.36
C GLY A 9 -6.83 1.54 4.31
N SER A 10 -7.51 1.94 5.38
CA SER A 10 -8.19 1.01 6.28
C SER A 10 -9.36 1.69 6.97
N THR A 11 -10.55 1.08 6.92
CA THR A 11 -11.68 1.50 7.73
C THR A 11 -11.38 1.21 9.21
N LEU A 12 -10.60 0.15 9.47
CA LEU A 12 -10.13 -0.24 10.80
C LEU A 12 -9.09 0.73 11.38
N GLY A 13 -8.53 1.62 10.58
CA GLY A 13 -7.45 2.53 11.00
C GLY A 13 -6.10 1.83 11.22
N GLY A 14 -5.94 0.60 10.74
CA GLY A 14 -4.74 -0.21 10.96
C GLY A 14 -3.67 0.07 9.92
N ALA A 15 -4.04 0.28 8.66
CA ALA A 15 -3.11 0.59 7.59
C ALA A 15 -2.45 1.94 7.84
N GLU A 16 -3.21 2.92 8.34
CA GLU A 16 -2.64 4.23 8.64
C GLU A 16 -1.75 4.21 9.90
N TYR A 17 -2.06 3.36 10.88
CA TYR A 17 -1.23 3.14 12.05
C TYR A 17 0.09 2.52 11.62
N VAL A 18 0.04 1.51 10.74
CA VAL A 18 1.22 0.92 10.14
C VAL A 18 1.98 1.98 9.34
N ALA A 19 1.29 2.78 8.52
CA ALA A 19 1.92 3.78 7.67
C ALA A 19 2.73 4.77 8.49
N GLU A 20 2.23 5.19 9.66
CA GLU A 20 2.95 6.12 10.53
C GLU A 20 4.28 5.53 10.98
N HIS A 21 4.29 4.24 11.36
CA HIS A 21 5.50 3.58 11.83
C HIS A 21 6.48 3.34 10.67
N LEU A 22 5.98 2.92 9.51
CA LEU A 22 6.82 2.75 8.32
C LEU A 22 7.44 4.10 7.93
N ALA A 23 6.64 5.18 7.94
CA ALA A 23 7.10 6.51 7.61
C ALA A 23 8.20 6.97 8.58
N GLU A 24 8.01 6.73 9.89
CA GLU A 24 9.02 7.08 10.88
C GLU A 24 10.34 6.36 10.57
N LYS A 25 10.29 5.06 10.24
CA LYS A 25 11.49 4.30 9.88
C LYS A 25 12.15 4.88 8.62
N LEU A 26 11.37 5.27 7.61
CA LEU A 26 11.92 5.90 6.40
C LEU A 26 12.59 7.23 6.72
N GLU A 27 11.98 8.05 7.59
CA GLU A 27 12.55 9.34 7.97
C GLU A 27 13.85 9.14 8.75
N GLU A 28 13.90 8.14 9.64
CA GLU A 28 15.13 7.80 10.37
C GLU A 28 16.21 7.29 9.41
N ALA A 29 15.83 6.55 8.35
CA ALA A 29 16.74 6.11 7.31
C ALA A 29 17.24 7.26 6.43
N GLY A 30 16.52 8.39 6.38
CA GLY A 30 16.96 9.64 5.77
C GLY A 30 16.07 10.12 4.63
N PHE A 31 15.01 9.37 4.28
CA PHE A 31 14.05 9.73 3.25
C PHE A 31 13.05 10.76 3.79
N THR A 32 12.12 11.21 2.95
CA THR A 32 10.98 12.02 3.37
C THR A 32 9.71 11.32 2.90
N THR A 33 8.63 11.51 3.65
CA THR A 33 7.40 10.77 3.48
C THR A 33 6.21 11.71 3.59
N GLU A 34 5.03 11.19 3.25
CA GLU A 34 3.74 11.80 3.48
C GLU A 34 2.78 10.61 3.60
N THR A 35 1.60 10.80 4.16
CA THR A 35 0.63 9.75 4.37
C THR A 35 -0.70 10.26 3.80
N LEU A 36 -1.05 9.78 2.61
CA LEU A 36 -2.37 9.99 2.05
C LEU A 36 -3.28 8.97 2.71
N HIS A 37 -4.59 9.26 2.80
CA HIS A 37 -5.56 8.39 3.44
C HIS A 37 -6.70 8.22 2.44
N GLY A 38 -6.73 7.06 1.76
CA GLY A 38 -7.74 6.75 0.76
C GLY A 38 -7.81 7.78 -0.39
N PRO A 39 -6.69 8.09 -1.07
CA PRO A 39 -6.68 8.99 -2.21
C PRO A 39 -7.45 8.40 -3.41
N LEU A 40 -7.60 9.20 -4.46
CA LEU A 40 -8.21 8.83 -5.73
C LEU A 40 -7.28 9.21 -6.87
N LEU A 41 -7.53 8.64 -8.05
CA LEU A 41 -6.80 8.91 -9.29
C LEU A 41 -6.81 10.41 -9.61
N GLU A 42 -7.88 11.11 -9.20
CA GLU A 42 -8.09 12.54 -9.39
C GLU A 42 -7.04 13.39 -8.65
N ASP A 43 -6.24 12.80 -7.76
CA ASP A 43 -5.26 13.51 -6.93
C ASP A 43 -3.93 12.75 -6.88
N LEU A 44 -3.71 11.82 -7.81
CA LEU A 44 -2.63 10.86 -7.81
C LEU A 44 -2.04 10.81 -9.23
N PRO A 45 -0.90 11.47 -9.49
CA PRO A 45 -0.36 11.63 -10.84
C PRO A 45 0.24 10.32 -11.38
N ALA A 46 0.45 10.28 -12.70
CA ALA A 46 0.90 9.12 -13.46
C ALA A 46 2.37 8.74 -13.24
N SER A 47 3.05 9.40 -12.30
CA SER A 47 4.48 9.25 -12.04
C SER A 47 4.68 9.51 -10.55
N GLY A 48 5.55 8.72 -9.89
CA GLY A 48 5.90 8.93 -8.50
C GLY A 48 6.32 7.63 -7.83
N ILE A 49 6.70 7.74 -6.56
CA ILE A 49 7.20 6.65 -5.74
C ILE A 49 6.23 6.54 -4.56
N TRP A 50 5.32 5.56 -4.62
CA TRP A 50 4.21 5.40 -3.69
C TRP A 50 4.38 4.11 -2.87
N LEU A 51 3.61 3.92 -1.80
CA LEU A 51 3.61 2.68 -1.01
C LEU A 51 2.20 2.48 -0.48
N VAL A 52 1.45 1.60 -1.14
CA VAL A 52 0.03 1.36 -0.89
C VAL A 52 -0.14 0.38 0.28
N ILE A 53 -1.13 0.59 1.15
CA ILE A 53 -1.45 -0.26 2.27
C ILE A 53 -2.97 -0.40 2.29
N SER A 54 -3.49 -1.63 2.30
CA SER A 54 -4.91 -1.91 2.09
C SER A 54 -5.37 -3.06 2.99
N SER A 55 -6.48 -2.86 3.71
CA SER A 55 -7.14 -3.95 4.43
C SER A 55 -7.75 -4.99 3.47
N THR A 56 -8.16 -6.12 4.03
CA THR A 56 -8.89 -7.22 3.42
C THR A 56 -9.87 -7.65 4.50
N HIS A 57 -11.12 -7.88 4.12
CA HIS A 57 -12.14 -8.45 4.99
C HIS A 57 -12.78 -9.60 4.22
N GLY A 58 -13.19 -10.65 4.94
CA GLY A 58 -13.88 -11.83 4.46
C GLY A 58 -13.44 -12.32 3.09
N ALA A 59 -14.20 -11.92 2.06
CA ALA A 59 -14.10 -12.42 0.70
C ALA A 59 -13.12 -11.62 -0.18
N GLY A 60 -12.32 -10.70 0.38
CA GLY A 60 -11.44 -9.85 -0.42
C GLY A 60 -12.01 -8.45 -0.56
N ASP A 61 -12.86 -8.03 0.39
CA ASP A 61 -13.37 -6.67 0.47
C ASP A 61 -12.23 -5.76 0.90
N ILE A 62 -11.77 -4.90 -0.02
CA ILE A 62 -10.86 -3.82 0.30
C ILE A 62 -11.69 -2.74 1.01
N PRO A 63 -11.10 -1.95 1.92
CA PRO A 63 -11.84 -1.06 2.80
C PRO A 63 -12.41 0.10 1.99
N ASP A 64 -13.61 0.56 2.37
CA ASP A 64 -14.37 1.61 1.66
C ASP A 64 -13.61 2.93 1.51
N ASN A 65 -12.59 3.17 2.33
CA ASN A 65 -11.76 4.37 2.25
C ASN A 65 -10.89 4.37 0.98
N LEU A 66 -10.47 3.19 0.50
CA LEU A 66 -9.47 3.07 -0.56
C LEU A 66 -9.98 2.26 -1.75
N SER A 67 -10.95 1.36 -1.57
CA SER A 67 -11.51 0.58 -2.67
C SER A 67 -12.02 1.43 -3.85
N PRO A 68 -12.53 2.67 -3.70
CA PRO A 68 -12.82 3.55 -4.83
C PRO A 68 -11.65 3.76 -5.79
N PHE A 69 -10.39 3.63 -5.34
CA PHE A 69 -9.23 3.72 -6.23
C PHE A 69 -9.27 2.62 -7.28
N TYR A 70 -9.65 1.39 -6.91
CA TYR A 70 -9.78 0.28 -7.87
C TYR A 70 -10.88 0.59 -8.89
N GLU A 71 -11.97 1.23 -8.47
CA GLU A 71 -13.06 1.60 -9.37
C GLU A 71 -12.61 2.69 -10.34
N ALA A 72 -11.91 3.72 -9.85
CA ALA A 72 -11.41 4.80 -10.69
C ALA A 72 -10.36 4.27 -11.68
N LEU A 73 -9.47 3.39 -11.22
CA LEU A 73 -8.43 2.80 -12.04
C LEU A 73 -9.05 2.00 -13.18
N GLN A 74 -10.01 1.11 -12.92
CA GLN A 74 -10.58 0.29 -13.98
C GLN A 74 -11.46 1.13 -14.92
N GLU A 75 -12.08 2.21 -14.42
CA GLU A 75 -12.91 3.09 -15.24
C GLU A 75 -12.05 3.86 -16.25
N GLN A 76 -10.89 4.38 -15.81
CA GLN A 76 -10.10 5.31 -16.62
C GLN A 76 -8.93 4.63 -17.34
N LYS A 77 -8.30 3.62 -16.72
CA LYS A 77 -7.04 2.96 -17.11
C LYS A 77 -6.08 3.90 -17.87
N PRO A 78 -5.66 5.04 -17.28
CA PRO A 78 -4.76 5.97 -17.93
C PRO A 78 -3.35 5.38 -18.01
N ASP A 79 -2.44 6.09 -18.69
CA ASP A 79 -1.03 5.71 -18.86
C ASP A 79 -0.22 5.99 -17.58
N LEU A 80 -0.48 5.21 -16.53
CA LEU A 80 0.27 5.22 -15.24
C LEU A 80 1.64 4.56 -15.37
N SER A 81 2.12 4.44 -16.61
CA SER A 81 3.36 3.86 -17.12
C SER A 81 4.68 4.37 -16.48
N ALA A 82 4.61 5.09 -15.36
CA ALA A 82 5.78 5.63 -14.65
C ALA A 82 5.55 5.66 -13.13
N VAL A 83 4.44 5.15 -12.61
CA VAL A 83 4.26 4.94 -11.18
C VAL A 83 5.12 3.74 -10.80
N ARG A 84 5.91 3.88 -9.74
CA ARG A 84 6.62 2.78 -9.11
C ARG A 84 6.07 2.72 -7.70
N PHE A 85 5.48 1.60 -7.30
CA PHE A 85 4.80 1.49 -6.02
C PHE A 85 5.27 0.25 -5.27
N GLY A 86 4.89 0.16 -4.00
CA GLY A 86 5.03 -1.03 -3.17
C GLY A 86 3.64 -1.27 -2.60
N ALA A 87 3.39 -2.46 -2.08
CA ALA A 87 2.03 -2.87 -1.73
C ALA A 87 2.06 -3.77 -0.50
N ILE A 88 1.12 -3.53 0.40
CA ILE A 88 1.01 -4.19 1.68
C ILE A 88 -0.47 -4.56 1.84
N GLY A 89 -0.76 -5.82 2.12
CA GLY A 89 -2.09 -6.27 2.48
C GLY A 89 -2.17 -6.49 3.98
N ILE A 90 -3.32 -6.23 4.58
CA ILE A 90 -3.55 -6.36 6.02
C ILE A 90 -4.92 -7.03 6.18
N GLY A 91 -5.12 -7.85 7.20
CA GLY A 91 -6.38 -8.48 7.52
C GLY A 91 -6.12 -9.49 8.62
N SER A 92 -7.19 -9.96 9.22
CA SER A 92 -7.18 -11.08 10.15
C SER A 92 -7.18 -12.36 9.32
N ARG A 93 -6.07 -13.10 9.33
CA ARG A 93 -5.85 -14.24 8.42
C ARG A 93 -6.82 -15.42 8.60
N GLU A 94 -7.73 -15.37 9.57
CA GLU A 94 -8.71 -16.41 9.83
C GLU A 94 -9.65 -16.58 8.63
N TYR A 95 -10.12 -15.49 8.01
CA TYR A 95 -10.99 -15.58 6.83
C TYR A 95 -10.19 -15.96 5.59
N ASP A 96 -10.87 -16.57 4.61
CA ASP A 96 -10.28 -17.21 3.45
C ASP A 96 -9.36 -16.31 2.63
N THR A 97 -9.67 -15.00 2.54
CA THR A 97 -8.92 -14.08 1.69
C THR A 97 -7.83 -13.32 2.45
N PHE A 98 -7.56 -13.77 3.67
CA PHE A 98 -6.60 -13.29 4.67
C PHE A 98 -6.19 -11.82 4.51
N CYS A 99 -5.21 -11.53 3.65
CA CYS A 99 -4.59 -10.23 3.45
C CYS A 99 -4.35 -10.02 1.94
N GLY A 100 -5.27 -10.47 1.09
CA GLY A 100 -5.10 -10.54 -0.36
C GLY A 100 -5.90 -9.52 -1.17
N ALA A 101 -6.79 -8.72 -0.59
CA ALA A 101 -7.64 -7.78 -1.34
C ALA A 101 -6.85 -6.67 -2.04
N ILE A 102 -5.61 -6.43 -1.61
CA ILE A 102 -4.64 -5.55 -2.27
C ILE A 102 -4.45 -5.96 -3.75
N ASP A 103 -4.65 -7.25 -4.06
CA ASP A 103 -4.51 -7.81 -5.40
C ASP A 103 -5.31 -7.03 -6.45
N LYS A 104 -6.49 -6.52 -6.10
CA LYS A 104 -7.33 -5.75 -7.03
C LYS A 104 -6.63 -4.44 -7.38
N LEU A 105 -6.27 -3.67 -6.35
CA LEU A 105 -5.70 -2.34 -6.50
C LEU A 105 -4.38 -2.43 -7.26
N GLU A 106 -3.51 -3.35 -6.85
CA GLU A 106 -2.17 -3.44 -7.43
C GLU A 106 -2.28 -3.85 -8.90
N ALA A 107 -3.21 -4.76 -9.23
CA ALA A 107 -3.27 -5.32 -10.56
C ALA A 107 -3.72 -4.26 -11.54
N GLU A 108 -4.69 -3.41 -11.15
CA GLU A 108 -5.17 -2.39 -12.05
C GLU A 108 -4.14 -1.28 -12.26
N LEU A 109 -3.28 -0.96 -11.27
CA LEU A 109 -2.15 -0.07 -11.51
C LEU A 109 -1.21 -0.70 -12.54
N LYS A 110 -0.85 -1.97 -12.35
CA LYS A 110 0.10 -2.65 -13.22
C LYS A 110 -0.45 -2.75 -14.64
N ASN A 111 -1.75 -3.00 -14.77
CA ASN A 111 -2.44 -3.02 -16.06
C ASN A 111 -2.46 -1.64 -16.70
N SER A 112 -2.59 -0.59 -15.90
CA SER A 112 -2.47 0.81 -16.33
C SER A 112 -1.01 1.20 -16.67
N GLY A 113 -0.03 0.31 -16.48
CA GLY A 113 1.34 0.47 -16.93
C GLY A 113 2.34 0.66 -15.80
N ALA A 114 1.87 0.90 -14.57
CA ALA A 114 2.72 1.04 -13.39
C ALA A 114 3.49 -0.27 -13.12
N LYS A 115 4.44 -0.25 -12.18
CA LYS A 115 5.05 -1.48 -11.69
C LYS A 115 5.24 -1.41 -10.19
N GLN A 116 5.07 -2.57 -9.56
CA GLN A 116 5.39 -2.80 -8.16
C GLN A 116 6.90 -3.00 -8.03
N THR A 117 7.41 -3.05 -6.81
CA THR A 117 8.77 -3.43 -6.49
C THR A 117 8.72 -4.60 -5.50
N GLY A 118 9.74 -5.44 -5.49
CA GLY A 118 9.90 -6.50 -4.52
C GLY A 118 8.76 -7.51 -4.67
N GLU A 119 8.11 -7.85 -3.57
CA GLU A 119 6.90 -8.66 -3.51
C GLU A 119 5.96 -8.00 -2.50
N THR A 120 4.67 -8.33 -2.54
CA THR A 120 3.67 -7.75 -1.64
C THR A 120 3.92 -8.25 -0.21
N LEU A 121 3.90 -7.34 0.76
CA LEU A 121 3.96 -7.68 2.18
C LEU A 121 2.55 -8.07 2.65
N LYS A 122 2.45 -8.91 3.67
CA LYS A 122 1.21 -9.20 4.37
C LYS A 122 1.44 -8.92 5.85
N ILE A 123 0.43 -8.42 6.55
CA ILE A 123 0.47 -8.14 7.98
C ILE A 123 -0.82 -8.73 8.56
N ASN A 124 -0.72 -9.90 9.18
CA ASN A 124 -1.84 -10.46 9.93
C ASN A 124 -2.11 -9.61 11.16
N ILE A 125 -3.39 -9.37 11.46
CA ILE A 125 -3.85 -8.60 12.62
C ILE A 125 -4.90 -9.38 13.44
N LEU A 126 -5.02 -10.71 13.23
CA LEU A 126 -6.00 -11.57 13.91
C LEU A 126 -5.90 -11.44 15.43
N ASP A 127 -4.68 -11.41 15.98
CA ASP A 127 -4.46 -11.28 17.42
C ASP A 127 -3.18 -10.50 17.71
N HIS A 128 -2.04 -10.93 17.17
CA HIS A 128 -0.80 -10.16 17.24
C HIS A 128 -0.92 -8.92 16.34
N ASP A 129 -0.25 -7.83 16.72
CA ASP A 129 -0.31 -6.56 16.01
C ASP A 129 0.41 -6.60 14.67
N ILE A 130 1.45 -7.43 14.57
CA ILE A 130 2.23 -7.74 13.37
C ILE A 130 2.60 -9.24 13.44
N PRO A 131 2.86 -9.90 12.29
CA PRO A 131 3.34 -11.28 12.29
C PRO A 131 4.75 -11.38 12.87
N GLU A 132 5.23 -12.62 13.02
CA GLU A 132 6.53 -12.97 13.59
C GLU A 132 7.75 -12.54 12.73
N ASP A 133 7.53 -11.69 11.73
CA ASP A 133 8.56 -11.13 10.85
C ASP A 133 8.20 -9.65 10.62
N PRO A 134 8.97 -8.69 11.16
CA PRO A 134 8.59 -7.28 11.15
C PRO A 134 8.71 -6.68 9.74
N ALA A 135 7.98 -5.58 9.52
CA ALA A 135 7.97 -4.88 8.23
C ALA A 135 9.32 -4.26 7.88
N GLU A 136 10.19 -4.02 8.87
CA GLU A 136 11.42 -3.24 8.71
C GLU A 136 12.34 -3.80 7.62
N GLU A 137 12.47 -5.12 7.52
CA GLU A 137 13.34 -5.73 6.50
C GLU A 137 12.70 -5.63 5.11
N TRP A 138 11.37 -5.66 5.02
CA TRP A 138 10.64 -5.53 3.76
C TRP A 138 10.70 -4.08 3.28
N LEU A 139 10.57 -3.13 4.20
CA LEU A 139 10.75 -1.71 3.96
C LEU A 139 12.18 -1.42 3.51
N GLY A 140 13.16 -2.03 4.17
CA GLY A 140 14.57 -2.00 3.79
C GLY A 140 14.77 -2.51 2.37
N SER A 141 14.12 -3.62 2.03
CA SER A 141 14.16 -4.20 0.69
C SER A 141 13.57 -3.22 -0.34
N TRP A 142 12.47 -2.52 -0.01
CA TRP A 142 11.90 -1.53 -0.92
C TRP A 142 12.86 -0.38 -1.19
N VAL A 143 13.46 0.23 -0.16
CA VAL A 143 14.40 1.31 -0.41
C VAL A 143 15.64 0.80 -1.15
N ASN A 144 16.08 -0.43 -0.89
CA ASN A 144 17.18 -1.05 -1.62
C ASN A 144 16.84 -1.21 -3.11
N LEU A 145 15.58 -1.46 -3.47
CA LEU A 145 15.17 -1.60 -4.86
C LEU A 145 15.00 -0.23 -5.53
N LEU A 146 14.24 0.70 -4.93
CA LEU A 146 13.91 1.98 -5.56
C LEU A 146 15.05 3.01 -5.49
N LYS A 147 16.03 2.78 -4.60
CA LYS A 147 17.24 3.58 -4.39
C LYS A 147 16.96 5.09 -4.41
N MET A 1 8.81 18.71 -0.29
CA MET A 1 7.87 17.85 -1.04
C MET A 1 8.11 16.38 -0.66
N ALA A 2 7.03 15.58 -0.55
CA ALA A 2 7.15 14.14 -0.37
C ALA A 2 7.85 13.51 -1.58
N ASP A 3 8.46 12.34 -1.36
CA ASP A 3 9.21 11.60 -2.38
C ASP A 3 8.86 10.11 -2.36
N ILE A 4 8.42 9.59 -1.20
CA ILE A 4 7.89 8.26 -1.04
C ILE A 4 6.56 8.43 -0.30
N THR A 5 5.52 8.77 -1.06
CA THR A 5 4.19 8.95 -0.50
C THR A 5 3.58 7.56 -0.28
N LEU A 6 3.42 7.18 0.98
CA LEU A 6 2.69 5.97 1.37
C LEU A 6 1.19 6.24 1.20
N ILE A 7 0.42 5.17 1.02
CA ILE A 7 -1.01 5.23 0.78
C ILE A 7 -1.66 4.29 1.80
N SER A 8 -2.19 4.88 2.87
CA SER A 8 -2.91 4.20 3.95
C SER A 8 -4.27 3.69 3.45
N GLY A 9 -4.84 2.68 4.14
CA GLY A 9 -6.01 1.96 3.67
C GLY A 9 -6.66 1.11 4.76
N SER A 10 -7.08 1.75 5.85
CA SER A 10 -7.90 1.16 6.90
C SER A 10 -9.09 2.10 7.12
N THR A 11 -10.09 1.65 7.89
CA THR A 11 -11.28 2.44 8.22
C THR A 11 -10.94 3.54 9.23
N LEU A 12 -10.19 3.18 10.27
CA LEU A 12 -9.94 4.03 11.43
C LEU A 12 -8.53 3.88 11.99
N GLY A 13 -7.92 2.70 11.81
CA GLY A 13 -6.58 2.36 12.23
C GLY A 13 -6.30 0.95 11.75
N GLY A 14 -5.01 0.67 11.58
CA GLY A 14 -4.45 -0.60 11.15
C GLY A 14 -3.40 -0.30 10.10
N ALA A 15 -3.84 -0.15 8.84
CA ALA A 15 -2.96 0.24 7.75
C ALA A 15 -2.43 1.66 7.94
N GLU A 16 -3.22 2.55 8.57
CA GLU A 16 -2.81 3.91 8.89
C GLU A 16 -1.66 3.91 9.92
N TYR A 17 -1.69 2.95 10.86
CA TYR A 17 -0.63 2.81 11.86
C TYR A 17 0.63 2.28 11.18
N VAL A 18 0.52 1.24 10.35
CA VAL A 18 1.65 0.71 9.60
C VAL A 18 2.22 1.82 8.69
N ALA A 19 1.37 2.63 8.05
CA ALA A 19 1.81 3.71 7.18
C ALA A 19 2.63 4.73 7.97
N GLU A 20 2.14 5.16 9.13
CA GLU A 20 2.85 6.13 9.96
C GLU A 20 4.18 5.55 10.46
N HIS A 21 4.18 4.30 10.89
CA HIS A 21 5.38 3.65 11.42
C HIS A 21 6.44 3.47 10.33
N LEU A 22 6.03 3.05 9.13
CA LEU A 22 6.93 2.93 7.99
C LEU A 22 7.45 4.30 7.58
N ALA A 23 6.59 5.32 7.56
CA ALA A 23 6.99 6.68 7.23
C ALA A 23 8.05 7.19 8.21
N GLU A 24 7.91 6.90 9.51
CA GLU A 24 8.91 7.28 10.52
C GLU A 24 10.27 6.71 10.13
N LYS A 25 10.35 5.42 9.79
CA LYS A 25 11.63 4.80 9.45
C LYS A 25 12.18 5.38 8.15
N LEU A 26 11.33 5.67 7.16
CA LEU A 26 11.77 6.32 5.94
C LEU A 26 12.34 7.71 6.23
N GLU A 27 11.74 8.48 7.13
CA GLU A 27 12.22 9.81 7.49
C GLU A 27 13.57 9.70 8.21
N GLU A 28 13.77 8.67 9.05
CA GLU A 28 15.06 8.41 9.68
C GLU A 28 16.12 8.03 8.63
N ALA A 29 15.74 7.26 7.61
CA ALA A 29 16.60 6.94 6.49
C ALA A 29 16.90 8.18 5.62
N GLY A 30 16.02 9.18 5.62
CA GLY A 30 16.23 10.50 5.04
C GLY A 30 15.22 10.87 3.95
N PHE A 31 14.30 9.96 3.59
CA PHE A 31 13.33 10.21 2.53
C PHE A 31 12.18 11.06 3.07
N THR A 32 11.63 11.97 2.26
CA THR A 32 10.40 12.67 2.59
C THR A 32 9.20 11.76 2.25
N THR A 33 8.15 11.83 3.06
CA THR A 33 7.03 10.91 2.99
C THR A 33 5.71 11.68 3.11
N GLU A 34 4.61 10.97 2.87
CA GLU A 34 3.24 11.40 3.12
C GLU A 34 2.49 10.08 3.33
N THR A 35 1.31 10.10 3.93
CA THR A 35 0.55 8.92 4.31
C THR A 35 -0.90 9.19 3.89
N LEU A 36 -1.17 9.09 2.59
CA LEU A 36 -2.46 9.50 2.02
C LEU A 36 -3.53 8.55 2.56
N HIS A 37 -4.46 9.10 3.33
CA HIS A 37 -5.57 8.34 3.88
C HIS A 37 -6.59 8.13 2.76
N GLY A 38 -6.53 6.97 2.09
CA GLY A 38 -7.49 6.55 1.09
C GLY A 38 -7.72 7.59 -0.03
N PRO A 39 -6.69 7.93 -0.82
CA PRO A 39 -6.78 8.91 -1.89
C PRO A 39 -7.65 8.41 -3.05
N LEU A 40 -7.84 9.28 -4.04
CA LEU A 40 -8.45 8.98 -5.33
C LEU A 40 -7.44 9.36 -6.42
N LEU A 41 -7.65 8.85 -7.63
CA LEU A 41 -6.75 9.06 -8.76
C LEU A 41 -6.57 10.55 -9.06
N GLU A 42 -7.63 11.34 -8.87
CA GLU A 42 -7.64 12.79 -9.10
C GLU A 42 -6.76 13.56 -8.10
N ASP A 43 -6.13 12.87 -7.13
CA ASP A 43 -5.29 13.47 -6.09
C ASP A 43 -3.96 12.71 -5.99
N LEU A 44 -3.62 11.93 -7.02
CA LEU A 44 -2.53 10.98 -7.02
C LEU A 44 -1.76 11.10 -8.35
N PRO A 45 -0.56 11.72 -8.37
CA PRO A 45 0.15 11.99 -9.61
C PRO A 45 0.68 10.71 -10.28
N ALA A 46 0.85 10.77 -11.60
CA ALA A 46 1.15 9.63 -12.46
C ALA A 46 2.65 9.30 -12.53
N SER A 47 3.47 9.79 -11.59
CA SER A 47 4.90 9.54 -11.55
C SER A 47 5.36 9.68 -10.10
N GLY A 48 6.13 8.70 -9.60
CA GLY A 48 6.65 8.69 -8.24
C GLY A 48 6.73 7.25 -7.72
N ILE A 49 7.08 7.12 -6.43
CA ILE A 49 7.31 5.83 -5.78
C ILE A 49 6.35 5.76 -4.60
N TRP A 50 5.25 5.03 -4.76
CA TRP A 50 4.19 4.92 -3.76
C TRP A 50 4.35 3.63 -2.96
N LEU A 51 3.60 3.44 -1.88
CA LEU A 51 3.61 2.19 -1.11
C LEU A 51 2.21 2.02 -0.54
N VAL A 52 1.44 1.15 -1.18
CA VAL A 52 0.01 0.97 -0.91
C VAL A 52 -0.14 -0.01 0.26
N ILE A 53 -1.04 0.28 1.20
CA ILE A 53 -1.27 -0.52 2.39
C ILE A 53 -2.79 -0.66 2.49
N SER A 54 -3.31 -1.88 2.36
CA SER A 54 -4.74 -2.13 2.22
C SER A 54 -5.18 -3.21 3.22
N SER A 55 -6.21 -2.90 3.99
CA SER A 55 -6.84 -3.87 4.86
C SER A 55 -7.76 -4.79 4.01
N THR A 56 -8.17 -5.91 4.61
CA THR A 56 -9.01 -6.94 4.02
C THR A 56 -10.03 -7.29 5.09
N HIS A 57 -11.25 -6.74 4.99
CA HIS A 57 -12.31 -7.06 5.94
C HIS A 57 -12.71 -8.54 5.80
N GLY A 58 -12.65 -9.05 4.56
CA GLY A 58 -12.81 -10.46 4.23
C GLY A 58 -13.22 -10.58 2.77
N ALA A 59 -12.94 -11.73 2.16
CA ALA A 59 -13.25 -12.08 0.77
C ALA A 59 -12.89 -10.98 -0.25
N GLY A 60 -11.83 -10.20 0.00
CA GLY A 60 -11.34 -9.21 -0.94
C GLY A 60 -11.96 -7.82 -0.74
N ASP A 61 -12.77 -7.64 0.31
CA ASP A 61 -13.38 -6.36 0.64
C ASP A 61 -12.33 -5.43 1.26
N ILE A 62 -11.71 -4.63 0.39
CA ILE A 62 -10.84 -3.52 0.75
C ILE A 62 -11.76 -2.49 1.46
N PRO A 63 -11.30 -1.79 2.51
CA PRO A 63 -12.12 -0.82 3.23
C PRO A 63 -12.51 0.36 2.34
N ASP A 64 -13.70 0.91 2.59
CA ASP A 64 -14.33 2.00 1.84
C ASP A 64 -13.48 3.29 1.76
N ASN A 65 -12.49 3.42 2.66
CA ASN A 65 -11.53 4.52 2.64
C ASN A 65 -10.71 4.49 1.35
N LEU A 66 -10.27 3.31 0.91
CA LEU A 66 -9.30 3.14 -0.18
C LEU A 66 -9.89 2.38 -1.38
N SER A 67 -10.90 1.53 -1.18
CA SER A 67 -11.44 0.73 -2.26
C SER A 67 -11.94 1.52 -3.49
N PRO A 68 -12.46 2.77 -3.38
CA PRO A 68 -12.76 3.60 -4.55
C PRO A 68 -11.60 3.78 -5.53
N PHE A 69 -10.34 3.66 -5.08
CA PHE A 69 -9.18 3.78 -5.95
C PHE A 69 -9.18 2.70 -7.04
N TYR A 70 -9.61 1.47 -6.71
CA TYR A 70 -9.73 0.37 -7.66
C TYR A 70 -10.75 0.72 -8.75
N GLU A 71 -11.87 1.35 -8.37
CA GLU A 71 -12.92 1.74 -9.31
C GLU A 71 -12.43 2.89 -10.19
N ALA A 72 -11.83 3.92 -9.60
CA ALA A 72 -11.36 5.09 -10.34
C ALA A 72 -10.23 4.75 -11.31
N LEU A 73 -9.39 3.76 -10.98
CA LEU A 73 -8.40 3.24 -11.90
C LEU A 73 -9.08 2.60 -13.10
N GLN A 74 -9.91 1.57 -12.88
CA GLN A 74 -10.46 0.80 -14.00
C GLN A 74 -11.45 1.62 -14.84
N GLU A 75 -12.11 2.62 -14.24
CA GLU A 75 -13.05 3.50 -14.94
C GLU A 75 -12.31 4.36 -15.99
N GLN A 76 -11.07 4.76 -15.71
CA GLN A 76 -10.36 5.76 -16.51
C GLN A 76 -9.17 5.18 -17.29
N LYS A 77 -8.52 4.13 -16.76
CA LYS A 77 -7.24 3.56 -17.22
C LYS A 77 -6.30 4.61 -17.84
N PRO A 78 -5.94 5.68 -17.09
CA PRO A 78 -5.08 6.73 -17.59
C PRO A 78 -3.65 6.21 -17.75
N ASP A 79 -2.78 7.01 -18.39
CA ASP A 79 -1.37 6.68 -18.51
C ASP A 79 -0.66 6.89 -17.17
N LEU A 80 -0.37 5.79 -16.46
CA LEU A 80 0.39 5.76 -15.21
C LEU A 80 1.72 5.02 -15.40
N SER A 81 2.21 4.95 -16.63
CA SER A 81 3.43 4.25 -17.06
C SER A 81 4.75 4.77 -16.44
N ALA A 82 4.68 5.50 -15.32
CA ALA A 82 5.83 6.02 -14.58
C ALA A 82 5.60 5.95 -13.06
N VAL A 83 4.46 5.42 -12.59
CA VAL A 83 4.26 5.12 -11.18
C VAL A 83 5.02 3.82 -10.88
N ARG A 84 5.70 3.80 -9.75
CA ARG A 84 6.28 2.61 -9.18
C ARG A 84 5.65 2.50 -7.81
N PHE A 85 5.37 1.31 -7.32
CA PHE A 85 4.69 1.15 -6.06
C PHE A 85 5.16 -0.13 -5.36
N GLY A 86 4.78 -0.27 -4.09
CA GLY A 86 4.92 -1.49 -3.32
C GLY A 86 3.55 -1.78 -2.72
N ALA A 87 3.35 -2.98 -2.17
CA ALA A 87 2.04 -3.45 -1.77
C ALA A 87 2.16 -4.19 -0.44
N ILE A 88 1.27 -3.85 0.48
CA ILE A 88 1.16 -4.42 1.82
C ILE A 88 -0.32 -4.73 2.00
N GLY A 89 -0.63 -5.95 2.44
CA GLY A 89 -1.98 -6.37 2.75
C GLY A 89 -2.10 -6.71 4.23
N ILE A 90 -3.26 -6.45 4.84
CA ILE A 90 -3.46 -6.58 6.28
C ILE A 90 -4.83 -7.22 6.51
N GLY A 91 -4.93 -8.12 7.49
CA GLY A 91 -6.14 -8.79 7.89
C GLY A 91 -5.77 -9.86 8.91
N SER A 92 -6.77 -10.55 9.40
CA SER A 92 -6.62 -11.75 10.22
C SER A 92 -6.25 -12.91 9.29
N ARG A 93 -5.13 -13.61 9.53
CA ARG A 93 -4.64 -14.62 8.59
C ARG A 93 -5.62 -15.77 8.34
N GLU A 94 -6.57 -16.01 9.25
CA GLU A 94 -7.56 -17.08 9.13
C GLU A 94 -8.78 -16.67 8.28
N TYR A 95 -8.86 -15.40 7.84
CA TYR A 95 -9.87 -14.98 6.85
C TYR A 95 -9.64 -15.70 5.52
N ASP A 96 -10.67 -15.71 4.66
CA ASP A 96 -10.58 -16.21 3.28
C ASP A 96 -9.56 -15.44 2.45
N THR A 97 -9.32 -14.18 2.79
CA THR A 97 -8.29 -13.31 2.24
C THR A 97 -7.79 -12.45 3.42
N PHE A 98 -6.48 -12.24 3.55
CA PHE A 98 -5.95 -11.32 4.56
C PHE A 98 -4.87 -10.39 3.98
N CYS A 99 -4.58 -10.50 2.69
CA CYS A 99 -3.59 -9.65 2.03
C CYS A 99 -3.77 -9.62 0.51
N GLY A 100 -4.15 -10.75 -0.10
CA GLY A 100 -4.30 -10.90 -1.55
C GLY A 100 -5.25 -9.87 -2.18
N ALA A 101 -6.16 -9.29 -1.39
CA ALA A 101 -7.05 -8.20 -1.81
C ALA A 101 -6.29 -7.01 -2.41
N ILE A 102 -5.04 -6.76 -1.99
CA ILE A 102 -4.23 -5.66 -2.50
C ILE A 102 -4.04 -5.82 -4.02
N ASP A 103 -4.04 -7.07 -4.51
CA ASP A 103 -3.83 -7.40 -5.93
C ASP A 103 -4.81 -6.68 -6.85
N LYS A 104 -6.03 -6.39 -6.39
CA LYS A 104 -7.03 -5.66 -7.19
C LYS A 104 -6.52 -4.27 -7.50
N LEU A 105 -6.06 -3.55 -6.48
CA LEU A 105 -5.60 -2.17 -6.62
C LEU A 105 -4.36 -2.16 -7.51
N GLU A 106 -3.39 -3.04 -7.23
CA GLU A 106 -2.14 -3.00 -7.98
C GLU A 106 -2.32 -3.50 -9.41
N ALA A 107 -3.23 -4.45 -9.67
CA ALA A 107 -3.48 -4.94 -11.01
C ALA A 107 -3.92 -3.79 -11.90
N GLU A 108 -4.84 -2.94 -11.41
CA GLU A 108 -5.30 -1.83 -12.21
C GLU A 108 -4.24 -0.71 -12.34
N LEU A 109 -3.33 -0.54 -11.37
CA LEU A 109 -2.19 0.37 -11.59
C LEU A 109 -1.30 -0.19 -12.70
N LYS A 110 -1.00 -1.48 -12.68
CA LYS A 110 -0.12 -2.10 -13.66
C LYS A 110 -0.77 -2.06 -15.04
N ASN A 111 -2.08 -2.29 -15.10
CA ASN A 111 -2.86 -2.21 -16.33
C ASN A 111 -2.83 -0.78 -16.89
N SER A 112 -2.87 0.23 -16.01
CA SER A 112 -2.71 1.63 -16.36
C SER A 112 -1.26 2.00 -16.72
N GLY A 113 -0.27 1.13 -16.46
CA GLY A 113 1.10 1.24 -16.94
C GLY A 113 2.16 1.11 -15.84
N ALA A 114 1.79 1.26 -14.57
CA ALA A 114 2.71 1.24 -13.43
C ALA A 114 3.41 -0.12 -13.28
N LYS A 115 4.39 -0.24 -12.37
CA LYS A 115 4.94 -1.55 -12.00
C LYS A 115 5.28 -1.64 -10.51
N GLN A 116 5.02 -2.82 -9.96
CA GLN A 116 5.30 -3.22 -8.58
C GLN A 116 6.83 -3.19 -8.34
N THR A 117 7.23 -3.14 -7.07
CA THR A 117 8.61 -3.05 -6.61
C THR A 117 8.73 -3.91 -5.34
N GLY A 118 9.91 -4.49 -5.08
CA GLY A 118 10.10 -5.36 -3.93
C GLY A 118 9.28 -6.64 -4.07
N GLU A 119 8.75 -7.15 -2.97
CA GLU A 119 7.85 -8.30 -2.91
C GLU A 119 6.74 -7.93 -1.93
N THR A 120 5.54 -8.47 -2.14
CA THR A 120 4.36 -8.14 -1.37
C THR A 120 4.54 -8.55 0.09
N LEU A 121 4.20 -7.64 1.01
CA LEU A 121 4.18 -7.91 2.45
C LEU A 121 2.75 -8.22 2.87
N LYS A 122 2.59 -9.01 3.92
CA LYS A 122 1.32 -9.37 4.51
C LYS A 122 1.49 -9.30 6.02
N ILE A 123 0.49 -8.77 6.72
CA ILE A 123 0.58 -8.44 8.14
C ILE A 123 -0.67 -9.03 8.81
N ASN A 124 -0.48 -10.14 9.51
CA ASN A 124 -1.51 -10.75 10.34
C ASN A 124 -1.82 -9.82 11.53
N ILE A 125 -3.10 -9.61 11.83
CA ILE A 125 -3.54 -8.85 13.00
C ILE A 125 -4.20 -9.75 14.06
N LEU A 126 -4.46 -11.02 13.73
CA LEU A 126 -5.07 -11.99 14.63
C LEU A 126 -4.00 -12.49 15.59
N ASP A 127 -3.78 -11.72 16.65
CA ASP A 127 -2.95 -12.09 17.80
C ASP A 127 -3.47 -11.34 19.03
N HIS A 128 -3.75 -10.04 18.86
CA HIS A 128 -4.45 -9.17 19.79
C HIS A 128 -4.94 -7.97 18.99
N ASP A 129 -3.99 -7.30 18.34
CA ASP A 129 -4.14 -6.25 17.34
C ASP A 129 -2.74 -6.19 16.70
N ILE A 130 -2.23 -5.01 16.36
CA ILE A 130 -0.85 -4.76 15.95
C ILE A 130 -0.30 -3.60 16.80
N PRO A 131 -0.05 -3.82 18.10
CA PRO A 131 0.58 -2.81 18.97
C PRO A 131 2.08 -2.61 18.64
N GLU A 132 2.62 -3.42 17.73
CA GLU A 132 3.97 -3.35 17.18
C GLU A 132 3.82 -3.76 15.70
N ASP A 133 4.78 -3.39 14.86
CA ASP A 133 4.73 -3.60 13.41
C ASP A 133 6.12 -4.03 12.89
N PRO A 134 6.27 -5.26 12.36
CA PRO A 134 7.54 -5.76 11.85
C PRO A 134 7.91 -5.22 10.45
N ALA A 135 7.04 -4.44 9.78
CA ALA A 135 7.25 -4.03 8.40
C ALA A 135 8.56 -3.23 8.19
N GLU A 136 9.12 -2.64 9.26
CA GLU A 136 10.41 -1.95 9.21
C GLU A 136 11.55 -2.86 8.69
N GLU A 137 11.43 -4.19 8.84
CA GLU A 137 12.43 -5.12 8.31
C GLU A 137 12.28 -5.22 6.79
N TRP A 138 11.04 -5.41 6.32
CA TRP A 138 10.71 -5.56 4.91
C TRP A 138 10.92 -4.25 4.15
N LEU A 139 10.81 -3.11 4.84
CA LEU A 139 11.15 -1.80 4.31
C LEU A 139 12.60 -1.76 3.82
N GLY A 140 13.50 -2.50 4.49
CA GLY A 140 14.89 -2.65 4.08
C GLY A 140 14.98 -3.17 2.65
N SER A 141 14.18 -4.17 2.30
CA SER A 141 14.11 -4.70 0.95
C SER A 141 13.61 -3.63 -0.02
N TRP A 142 12.57 -2.86 0.36
CA TRP A 142 12.05 -1.82 -0.51
C TRP A 142 13.10 -0.74 -0.80
N VAL A 143 13.78 -0.18 0.21
CA VAL A 143 14.76 0.87 -0.05
C VAL A 143 15.95 0.32 -0.86
N ASN A 144 16.29 -0.96 -0.73
CA ASN A 144 17.37 -1.58 -1.50
C ASN A 144 16.98 -1.73 -2.97
N LEU A 145 15.69 -1.70 -3.29
CA LEU A 145 15.16 -1.95 -4.64
C LEU A 145 14.81 -0.62 -5.31
N LEU A 146 14.10 0.28 -4.61
CA LEU A 146 13.73 1.59 -5.16
C LEU A 146 14.91 2.57 -5.19
N LYS A 147 15.94 2.32 -4.37
CA LYS A 147 17.18 3.11 -4.23
C LYS A 147 16.92 4.61 -4.30
N MET A 1 7.63 18.28 -1.68
CA MET A 1 7.93 17.98 -0.25
C MET A 1 8.12 16.47 -0.04
N ALA A 2 7.04 15.68 -0.01
CA ALA A 2 7.13 14.22 0.08
C ALA A 2 7.78 13.64 -1.19
N ASP A 3 8.32 12.43 -1.07
CA ASP A 3 9.02 11.71 -2.13
C ASP A 3 8.60 10.24 -2.19
N ILE A 4 8.14 9.69 -1.06
CA ILE A 4 7.51 8.39 -0.96
C ILE A 4 6.18 8.64 -0.27
N THR A 5 5.21 9.13 -1.03
CA THR A 5 3.87 9.36 -0.52
C THR A 5 3.21 7.99 -0.36
N LEU A 6 2.86 7.64 0.87
CA LEU A 6 2.20 6.39 1.20
C LEU A 6 0.69 6.57 0.99
N ILE A 7 -0.01 5.48 0.73
CA ILE A 7 -1.42 5.42 0.38
C ILE A 7 -2.05 4.46 1.38
N SER A 8 -2.43 5.00 2.54
CA SER A 8 -3.07 4.27 3.62
C SER A 8 -4.51 3.89 3.24
N GLY A 9 -5.04 2.81 3.80
CA GLY A 9 -6.36 2.29 3.49
C GLY A 9 -6.83 1.39 4.63
N SER A 10 -7.73 1.89 5.48
CA SER A 10 -8.30 1.11 6.56
C SER A 10 -9.74 1.52 6.84
N THR A 11 -10.38 0.68 7.65
CA THR A 11 -11.69 0.85 8.26
C THR A 11 -11.59 0.32 9.69
N LEU A 12 -10.92 -0.84 9.88
CA LEU A 12 -10.61 -1.39 11.19
C LEU A 12 -9.66 -0.50 11.99
N GLY A 13 -8.78 0.24 11.30
CA GLY A 13 -7.89 1.23 11.90
C GLY A 13 -6.45 0.73 12.02
N GLY A 14 -5.98 -0.08 11.07
CA GLY A 14 -4.66 -0.69 11.09
C GLY A 14 -3.66 0.03 10.17
N ALA A 15 -4.07 0.39 8.95
CA ALA A 15 -3.15 1.00 7.99
C ALA A 15 -2.72 2.39 8.45
N GLU A 16 -3.55 3.06 9.25
CA GLU A 16 -3.22 4.37 9.81
C GLU A 16 -2.00 4.27 10.73
N TYR A 17 -1.90 3.19 11.50
CA TYR A 17 -0.74 2.93 12.35
C TYR A 17 0.43 2.45 11.50
N VAL A 18 0.19 1.45 10.65
CA VAL A 18 1.24 0.82 9.85
C VAL A 18 1.94 1.86 8.98
N ALA A 19 1.20 2.72 8.28
CA ALA A 19 1.81 3.70 7.37
C ALA A 19 2.69 4.66 8.15
N GLU A 20 2.26 5.12 9.34
CA GLU A 20 3.06 6.00 10.17
C GLU A 20 4.32 5.29 10.68
N HIS A 21 4.19 4.03 11.12
CA HIS A 21 5.31 3.24 11.60
C HIS A 21 6.34 3.01 10.50
N LEU A 22 5.89 2.70 9.28
CA LEU A 22 6.79 2.53 8.12
C LEU A 22 7.43 3.87 7.78
N ALA A 23 6.65 4.96 7.79
CA ALA A 23 7.14 6.30 7.46
C ALA A 23 8.28 6.74 8.39
N GLU A 24 8.22 6.38 9.67
CA GLU A 24 9.29 6.66 10.63
C GLU A 24 10.64 6.17 10.08
N LYS A 25 10.66 4.94 9.57
CA LYS A 25 11.90 4.32 9.08
C LYS A 25 12.36 5.04 7.83
N LEU A 26 11.44 5.42 6.96
CA LEU A 26 11.76 6.10 5.70
C LEU A 26 12.36 7.47 5.99
N GLU A 27 11.83 8.20 6.97
CA GLU A 27 12.34 9.51 7.36
C GLU A 27 13.75 9.35 7.96
N GLU A 28 13.99 8.32 8.78
CA GLU A 28 15.32 8.05 9.31
C GLU A 28 16.30 7.68 8.20
N ALA A 29 15.85 6.94 7.17
CA ALA A 29 16.64 6.60 6.00
C ALA A 29 16.96 7.82 5.14
N GLY A 30 16.16 8.90 5.24
CA GLY A 30 16.44 10.20 4.63
C GLY A 30 15.40 10.60 3.58
N PHE A 31 14.40 9.76 3.32
CA PHE A 31 13.30 10.09 2.42
C PHE A 31 12.33 11.07 3.09
N THR A 32 11.33 11.54 2.35
CA THR A 32 10.21 12.31 2.87
C THR A 32 8.93 11.57 2.51
N THR A 33 7.93 11.63 3.39
CA THR A 33 6.74 10.81 3.31
C THR A 33 5.48 11.67 3.49
N GLU A 34 4.32 11.10 3.16
CA GLU A 34 2.99 11.62 3.45
C GLU A 34 2.10 10.37 3.53
N THR A 35 0.94 10.45 4.16
CA THR A 35 0.09 9.31 4.44
C THR A 35 -1.30 9.64 3.93
N LEU A 36 -1.52 9.48 2.62
CA LEU A 36 -2.80 9.78 2.00
C LEU A 36 -3.74 8.66 2.40
N HIS A 37 -4.73 8.99 3.24
CA HIS A 37 -5.72 8.03 3.67
C HIS A 37 -6.82 7.99 2.62
N GLY A 38 -6.86 6.91 1.84
CA GLY A 38 -7.90 6.65 0.86
C GLY A 38 -8.02 7.72 -0.24
N PRO A 39 -6.94 8.10 -0.93
CA PRO A 39 -6.98 8.99 -2.08
C PRO A 39 -7.69 8.32 -3.27
N LEU A 40 -7.80 9.07 -4.37
CA LEU A 40 -8.28 8.61 -5.66
C LEU A 40 -7.28 9.05 -6.74
N LEU A 41 -7.43 8.50 -7.95
CA LEU A 41 -6.60 8.78 -9.10
C LEU A 41 -6.53 10.29 -9.41
N GLU A 42 -7.65 11.00 -9.21
CA GLU A 42 -7.75 12.44 -9.42
C GLU A 42 -6.83 13.26 -8.49
N ASP A 43 -6.19 12.62 -7.51
CA ASP A 43 -5.32 13.24 -6.51
C ASP A 43 -3.96 12.52 -6.43
N LEU A 44 -3.59 11.75 -7.47
CA LEU A 44 -2.34 10.99 -7.54
C LEU A 44 -1.74 11.18 -8.94
N PRO A 45 -0.59 11.86 -9.08
CA PRO A 45 0.04 12.07 -10.37
C PRO A 45 0.66 10.76 -10.90
N ALA A 46 0.91 10.73 -12.22
CA ALA A 46 1.34 9.55 -12.97
C ALA A 46 2.84 9.22 -12.80
N SER A 47 3.51 9.83 -11.83
CA SER A 47 4.95 9.71 -11.63
C SER A 47 5.23 9.78 -10.14
N GLY A 48 6.01 8.84 -9.61
CA GLY A 48 6.39 8.80 -8.20
C GLY A 48 6.65 7.37 -7.74
N ILE A 49 6.94 7.19 -6.45
CA ILE A 49 7.17 5.90 -5.83
C ILE A 49 6.24 5.84 -4.63
N TRP A 50 5.10 5.18 -4.79
CA TRP A 50 4.02 5.13 -3.80
C TRP A 50 4.09 3.80 -3.03
N LEU A 51 3.25 3.65 -2.01
CA LEU A 51 3.11 2.41 -1.24
C LEU A 51 1.65 2.29 -0.90
N VAL A 52 0.93 1.34 -1.48
CA VAL A 52 -0.45 1.10 -1.08
C VAL A 52 -0.44 0.17 0.14
N ILE A 53 -1.27 0.46 1.14
CA ILE A 53 -1.43 -0.36 2.34
C ILE A 53 -2.93 -0.55 2.49
N SER A 54 -3.40 -1.81 2.44
CA SER A 54 -4.83 -2.14 2.48
C SER A 54 -5.09 -3.02 3.70
N SER A 55 -6.13 -2.70 4.46
CA SER A 55 -6.57 -3.48 5.61
C SER A 55 -7.54 -4.57 5.17
N THR A 56 -7.13 -5.34 4.16
CA THR A 56 -7.87 -6.36 3.46
C THR A 56 -8.45 -7.39 4.45
N HIS A 57 -9.74 -7.24 4.80
CA HIS A 57 -10.42 -8.13 5.74
C HIS A 57 -10.40 -9.55 5.14
N GLY A 58 -9.98 -10.54 5.94
CA GLY A 58 -9.82 -11.93 5.50
C GLY A 58 -8.93 -12.10 4.27
N ALA A 59 -8.09 -11.09 3.96
CA ALA A 59 -7.34 -10.98 2.71
C ALA A 59 -8.26 -11.16 1.49
N GLY A 60 -9.51 -10.69 1.57
CA GLY A 60 -10.56 -10.96 0.60
C GLY A 60 -11.63 -9.86 0.47
N ASP A 61 -11.55 -8.78 1.25
CA ASP A 61 -12.40 -7.61 1.08
C ASP A 61 -11.59 -6.34 1.38
N ILE A 62 -11.45 -5.48 0.37
CA ILE A 62 -10.68 -4.23 0.47
C ILE A 62 -11.44 -3.30 1.42
N PRO A 63 -10.77 -2.52 2.29
CA PRO A 63 -11.43 -1.52 3.11
C PRO A 63 -12.04 -0.43 2.25
N ASP A 64 -13.25 0.01 2.61
CA ASP A 64 -14.07 0.95 1.85
C ASP A 64 -13.41 2.32 1.65
N ASN A 65 -12.40 2.66 2.46
CA ASN A 65 -11.71 3.94 2.35
C ASN A 65 -10.83 4.02 1.11
N LEU A 66 -10.27 2.87 0.66
CA LEU A 66 -9.29 2.82 -0.42
C LEU A 66 -9.81 2.00 -1.62
N SER A 67 -10.74 1.08 -1.38
CA SER A 67 -11.39 0.29 -2.41
C SER A 67 -11.86 1.10 -3.65
N PRO A 68 -12.46 2.30 -3.52
CA PRO A 68 -12.80 3.16 -4.66
C PRO A 68 -11.70 3.41 -5.69
N PHE A 69 -10.41 3.32 -5.30
CA PHE A 69 -9.29 3.53 -6.22
C PHE A 69 -9.32 2.52 -7.37
N TYR A 70 -9.75 1.28 -7.12
CA TYR A 70 -9.91 0.27 -8.16
C TYR A 70 -10.89 0.74 -9.24
N GLU A 71 -11.98 1.40 -8.83
CA GLU A 71 -13.01 1.84 -9.75
C GLU A 71 -12.51 3.02 -10.59
N ALA A 72 -11.90 4.03 -9.96
CA ALA A 72 -11.41 5.19 -10.70
C ALA A 72 -10.29 4.81 -11.67
N LEU A 73 -9.43 3.86 -11.30
CA LEU A 73 -8.38 3.38 -12.18
C LEU A 73 -9.01 2.67 -13.38
N GLN A 74 -9.89 1.69 -13.17
CA GLN A 74 -10.42 0.91 -14.29
C GLN A 74 -11.35 1.74 -15.19
N GLU A 75 -11.99 2.78 -14.65
CA GLU A 75 -12.86 3.66 -15.42
C GLU A 75 -12.03 4.46 -16.45
N GLN A 76 -10.82 4.87 -16.06
CA GLN A 76 -10.03 5.84 -16.85
C GLN A 76 -8.82 5.19 -17.57
N LYS A 77 -8.26 4.11 -17.02
CA LYS A 77 -7.02 3.45 -17.45
C LYS A 77 -5.98 4.43 -18.05
N PRO A 78 -5.57 5.46 -17.29
CA PRO A 78 -4.61 6.46 -17.77
C PRO A 78 -3.22 5.84 -17.95
N ASP A 79 -2.30 6.59 -18.56
CA ASP A 79 -0.89 6.21 -18.62
C ASP A 79 -0.23 6.50 -17.27
N LEU A 80 0.13 5.44 -16.53
CA LEU A 80 0.82 5.50 -15.23
C LEU A 80 2.18 4.82 -15.30
N SER A 81 2.73 4.65 -16.50
CA SER A 81 4.03 4.04 -16.80
C SER A 81 5.27 4.71 -16.15
N ALA A 82 5.09 5.62 -15.20
CA ALA A 82 6.18 6.21 -14.41
C ALA A 82 5.88 6.16 -12.91
N VAL A 83 4.76 5.56 -12.50
CA VAL A 83 4.49 5.25 -11.10
C VAL A 83 5.23 3.95 -10.80
N ARG A 84 5.82 3.89 -9.61
CA ARG A 84 6.37 2.68 -9.01
C ARG A 84 5.57 2.52 -7.73
N PHE A 85 5.31 1.30 -7.29
CA PHE A 85 4.51 1.09 -6.08
C PHE A 85 5.06 -0.06 -5.25
N GLY A 86 4.51 -0.22 -4.06
CA GLY A 86 4.69 -1.35 -3.18
C GLY A 86 3.31 -1.64 -2.64
N ALA A 87 3.10 -2.82 -2.08
CA ALA A 87 1.78 -3.27 -1.68
C ALA A 87 1.90 -4.05 -0.38
N ILE A 88 1.03 -3.72 0.58
CA ILE A 88 1.00 -4.32 1.89
C ILE A 88 -0.47 -4.64 2.19
N GLY A 89 -0.71 -5.82 2.76
CA GLY A 89 -2.00 -6.22 3.29
C GLY A 89 -1.93 -6.27 4.82
N ILE A 90 -3.06 -6.07 5.49
CA ILE A 90 -3.17 -6.18 6.93
C ILE A 90 -4.45 -6.98 7.16
N GLY A 91 -4.36 -8.12 7.86
CA GLY A 91 -5.44 -9.05 8.04
C GLY A 91 -4.96 -10.18 8.94
N SER A 92 -5.59 -11.34 8.83
CA SER A 92 -5.28 -12.52 9.63
C SER A 92 -4.46 -13.49 8.79
N ARG A 93 -3.28 -13.89 9.24
CA ARG A 93 -2.40 -14.79 8.49
C ARG A 93 -2.97 -16.22 8.41
N GLU A 94 -3.96 -16.57 9.24
CA GLU A 94 -4.72 -17.82 9.10
C GLU A 94 -5.60 -17.80 7.83
N TYR A 95 -5.80 -16.60 7.23
CA TYR A 95 -6.49 -16.28 6.01
C TYR A 95 -7.94 -16.82 5.91
N ASP A 96 -8.57 -16.51 4.78
CA ASP A 96 -9.91 -16.94 4.36
C ASP A 96 -9.96 -16.87 2.83
N THR A 97 -9.39 -15.79 2.30
CA THR A 97 -9.10 -15.55 0.90
C THR A 97 -7.58 -15.30 0.83
N PHE A 98 -6.98 -15.24 -0.37
CA PHE A 98 -5.53 -15.24 -0.55
C PHE A 98 -5.08 -14.01 -1.36
N CYS A 99 -5.47 -12.83 -0.89
CA CYS A 99 -5.02 -11.51 -1.33
C CYS A 99 -5.53 -11.08 -2.71
N GLY A 100 -6.41 -11.86 -3.34
CA GLY A 100 -7.01 -11.51 -4.62
C GLY A 100 -7.75 -10.17 -4.58
N ALA A 101 -8.24 -9.76 -3.39
CA ALA A 101 -8.89 -8.47 -3.20
C ALA A 101 -7.90 -7.31 -3.37
N ILE A 102 -6.79 -7.29 -2.62
CA ILE A 102 -5.82 -6.18 -2.72
C ILE A 102 -5.17 -6.19 -4.10
N ASP A 103 -4.98 -7.37 -4.69
CA ASP A 103 -4.44 -7.51 -6.04
C ASP A 103 -5.21 -6.67 -7.07
N LYS A 104 -6.51 -6.42 -6.87
CA LYS A 104 -7.30 -5.58 -7.77
C LYS A 104 -6.75 -4.15 -7.83
N LEU A 105 -6.36 -3.59 -6.67
CA LEU A 105 -5.86 -2.22 -6.60
C LEU A 105 -4.58 -2.12 -7.40
N GLU A 106 -3.63 -3.01 -7.13
CA GLU A 106 -2.33 -2.94 -7.78
C GLU A 106 -2.43 -3.29 -9.27
N ALA A 107 -3.32 -4.24 -9.63
CA ALA A 107 -3.38 -4.77 -10.98
C ALA A 107 -3.79 -3.69 -11.97
N GLU A 108 -4.70 -2.78 -11.58
CA GLU A 108 -5.10 -1.70 -12.47
C GLU A 108 -3.95 -0.70 -12.68
N LEU A 109 -3.10 -0.43 -11.68
CA LEU A 109 -1.91 0.39 -11.92
C LEU A 109 -0.96 -0.34 -12.87
N LYS A 110 -0.80 -1.64 -12.66
CA LYS A 110 0.12 -2.49 -13.41
C LYS A 110 -0.29 -2.51 -14.87
N ASN A 111 -1.59 -2.67 -15.13
CA ASN A 111 -2.18 -2.57 -16.45
C ASN A 111 -1.97 -1.17 -17.04
N SER A 112 -2.14 -0.13 -16.22
CA SER A 112 -1.92 1.26 -16.60
C SER A 112 -0.44 1.59 -16.87
N GLY A 113 0.49 0.66 -16.60
CA GLY A 113 1.89 0.73 -16.99
C GLY A 113 2.86 0.80 -15.81
N ALA A 114 2.36 1.09 -14.60
CA ALA A 114 3.17 1.10 -13.38
C ALA A 114 3.75 -0.29 -13.09
N LYS A 115 4.67 -0.40 -12.14
CA LYS A 115 5.16 -1.70 -11.65
C LYS A 115 5.41 -1.66 -10.15
N GLN A 116 5.32 -2.83 -9.53
CA GLN A 116 5.70 -3.05 -8.14
C GLN A 116 7.23 -2.98 -8.03
N THR A 117 7.72 -2.66 -6.85
CA THR A 117 9.11 -2.73 -6.44
C THR A 117 9.16 -3.59 -5.16
N GLY A 118 10.30 -4.24 -4.90
CA GLY A 118 10.46 -5.17 -3.78
C GLY A 118 9.49 -6.34 -3.93
N GLU A 119 8.97 -6.84 -2.80
CA GLU A 119 8.02 -7.94 -2.75
C GLU A 119 6.91 -7.57 -1.77
N THR A 120 5.71 -8.12 -1.97
CA THR A 120 4.51 -7.85 -1.20
C THR A 120 4.69 -8.33 0.26
N LEU A 121 4.03 -7.67 1.22
CA LEU A 121 4.09 -8.01 2.64
C LEU A 121 2.67 -8.13 3.18
N LYS A 122 2.42 -9.04 4.12
CA LYS A 122 1.18 -9.11 4.88
C LYS A 122 1.56 -8.90 6.34
N ILE A 123 0.67 -8.27 7.10
CA ILE A 123 0.89 -7.89 8.48
C ILE A 123 -0.27 -8.53 9.26
N ASN A 124 0.07 -9.58 10.01
CA ASN A 124 -0.88 -10.33 10.81
C ASN A 124 -1.37 -9.46 11.96
N ILE A 125 -2.69 -9.34 12.14
CA ILE A 125 -3.31 -8.64 13.26
C ILE A 125 -4.30 -9.54 14.00
N LEU A 126 -4.32 -10.85 13.71
CA LEU A 126 -5.20 -11.81 14.38
C LEU A 126 -4.96 -11.84 15.88
N ASP A 127 -3.70 -11.70 16.32
CA ASP A 127 -3.34 -11.61 17.74
C ASP A 127 -1.98 -10.95 17.94
N HIS A 128 -0.98 -11.31 17.11
CA HIS A 128 0.42 -10.91 17.31
C HIS A 128 0.70 -9.46 16.90
N ASP A 129 -0.26 -8.77 16.26
CA ASP A 129 -0.24 -7.37 15.82
C ASP A 129 0.78 -7.03 14.71
N ILE A 130 1.80 -7.87 14.52
CA ILE A 130 2.77 -7.90 13.44
C ILE A 130 3.04 -9.37 13.09
N PRO A 131 3.68 -9.70 11.95
CA PRO A 131 4.16 -11.05 11.69
C PRO A 131 5.15 -11.53 12.75
N GLU A 132 5.65 -12.76 12.61
CA GLU A 132 6.70 -13.32 13.46
C GLU A 132 8.07 -12.61 13.29
N ASP A 133 8.15 -11.61 12.40
CA ASP A 133 9.34 -10.83 12.09
C ASP A 133 8.86 -9.41 11.72
N PRO A 134 9.42 -8.33 12.30
CA PRO A 134 8.88 -6.98 12.10
C PRO A 134 9.12 -6.47 10.68
N ALA A 135 8.32 -5.47 10.27
CA ALA A 135 8.33 -4.93 8.91
C ALA A 135 9.62 -4.21 8.53
N GLU A 136 10.44 -3.81 9.51
CA GLU A 136 11.59 -2.93 9.30
C GLU A 136 12.57 -3.50 8.26
N GLU A 137 12.87 -4.81 8.33
CA GLU A 137 13.81 -5.43 7.40
C GLU A 137 13.19 -5.59 6.00
N TRP A 138 11.89 -5.86 5.94
CA TRP A 138 11.19 -5.99 4.67
C TRP A 138 11.10 -4.64 3.97
N LEU A 139 10.84 -3.57 4.72
CA LEU A 139 10.84 -2.20 4.21
C LEU A 139 12.25 -1.81 3.76
N GLY A 140 13.29 -2.21 4.51
CA GLY A 140 14.68 -2.04 4.09
C GLY A 140 14.93 -2.70 2.74
N SER A 141 14.44 -3.94 2.58
CA SER A 141 14.54 -4.69 1.34
C SER A 141 13.76 -4.01 0.20
N TRP A 142 12.63 -3.36 0.51
CA TRP A 142 11.84 -2.62 -0.45
C TRP A 142 12.65 -1.39 -0.94
N VAL A 143 13.14 -0.54 -0.04
CA VAL A 143 13.84 0.66 -0.46
C VAL A 143 15.15 0.36 -1.16
N ASN A 144 15.77 -0.80 -0.91
CA ASN A 144 17.00 -1.23 -1.57
C ASN A 144 16.85 -1.24 -3.10
N LEU A 145 15.62 -1.38 -3.61
CA LEU A 145 15.35 -1.45 -5.05
C LEU A 145 14.81 -0.14 -5.63
N LEU A 146 14.62 0.93 -4.84
CA LEU A 146 14.16 2.25 -5.33
C LEU A 146 15.07 3.41 -4.90
N LYS A 147 16.00 3.19 -3.98
CA LYS A 147 16.97 4.19 -3.52
C LYS A 147 17.71 4.81 -4.70
N MET A 1 7.55 18.85 0.89
CA MET A 1 6.78 18.06 -0.11
C MET A 1 7.13 16.58 0.01
N ALA A 2 6.13 15.70 0.08
CA ALA A 2 6.34 14.25 0.12
C ALA A 2 6.98 13.75 -1.18
N ASP A 3 7.65 12.61 -1.09
CA ASP A 3 8.36 11.97 -2.20
C ASP A 3 8.05 10.46 -2.25
N ILE A 4 7.71 9.87 -1.10
CA ILE A 4 7.19 8.52 -0.98
C ILE A 4 5.87 8.67 -0.22
N THR A 5 4.83 9.08 -0.95
CA THR A 5 3.51 9.23 -0.40
C THR A 5 2.94 7.82 -0.23
N LEU A 6 2.70 7.41 1.03
CA LEU A 6 1.99 6.18 1.32
C LEU A 6 0.50 6.44 1.08
N ILE A 7 -0.21 5.39 0.67
CA ILE A 7 -1.61 5.41 0.29
C ILE A 7 -2.31 4.50 1.30
N SER A 8 -2.76 5.10 2.40
CA SER A 8 -3.31 4.41 3.56
C SER A 8 -4.77 4.01 3.32
N GLY A 9 -5.14 2.79 3.73
CA GLY A 9 -6.40 2.14 3.43
C GLY A 9 -7.00 1.44 4.64
N SER A 10 -7.57 2.22 5.55
CA SER A 10 -8.38 1.75 6.66
C SER A 10 -9.47 2.79 6.91
N THR A 11 -10.66 2.36 7.31
CA THR A 11 -11.82 3.23 7.53
C THR A 11 -11.69 4.05 8.81
N LEU A 12 -11.03 3.48 9.84
CA LEU A 12 -10.93 4.09 11.17
C LEU A 12 -9.49 4.08 11.71
N GLY A 13 -8.71 3.06 11.34
CA GLY A 13 -7.33 2.90 11.73
C GLY A 13 -6.91 1.47 11.37
N GLY A 14 -5.61 1.29 11.23
CA GLY A 14 -4.95 0.03 10.93
C GLY A 14 -3.85 0.30 9.92
N ALA A 15 -4.22 0.55 8.67
CA ALA A 15 -3.27 0.89 7.62
C ALA A 15 -2.61 2.23 7.90
N GLU A 16 -3.35 3.19 8.49
CA GLU A 16 -2.77 4.48 8.86
C GLU A 16 -1.67 4.29 9.91
N TYR A 17 -1.85 3.34 10.83
CA TYR A 17 -0.90 3.10 11.92
C TYR A 17 0.36 2.43 11.37
N VAL A 18 0.17 1.38 10.55
CA VAL A 18 1.29 0.70 9.89
C VAL A 18 2.03 1.69 8.99
N ALA A 19 1.30 2.52 8.23
CA ALA A 19 1.90 3.49 7.33
C ALA A 19 2.76 4.47 8.10
N GLU A 20 2.28 5.01 9.23
CA GLU A 20 3.06 5.93 10.06
C GLU A 20 4.31 5.22 10.60
N HIS A 21 4.15 3.98 11.09
CA HIS A 21 5.24 3.22 11.67
C HIS A 21 6.34 2.92 10.65
N LEU A 22 5.98 2.67 9.38
CA LEU A 22 6.93 2.47 8.29
C LEU A 22 7.56 3.81 7.90
N ALA A 23 6.73 4.86 7.72
CA ALA A 23 7.15 6.17 7.24
C ALA A 23 8.22 6.77 8.13
N GLU A 24 8.16 6.54 9.43
CA GLU A 24 9.18 6.96 10.40
C GLU A 24 10.60 6.59 9.92
N LYS A 25 10.78 5.37 9.40
CA LYS A 25 12.09 4.88 9.01
C LYS A 25 12.50 5.47 7.67
N LEU A 26 11.54 5.73 6.77
CA LEU A 26 11.81 6.42 5.51
C LEU A 26 12.28 7.84 5.77
N GLU A 27 11.70 8.53 6.76
CA GLU A 27 12.13 9.88 7.14
C GLU A 27 13.55 9.83 7.70
N GLU A 28 13.88 8.84 8.54
CA GLU A 28 15.24 8.66 9.05
C GLU A 28 16.23 8.34 7.91
N ALA A 29 15.80 7.58 6.90
CA ALA A 29 16.61 7.28 5.72
C ALA A 29 16.84 8.53 4.85
N GLY A 30 15.97 9.56 4.97
CA GLY A 30 16.15 10.87 4.37
C GLY A 30 15.07 11.24 3.35
N PHE A 31 14.10 10.35 3.11
CA PHE A 31 12.97 10.61 2.22
C PHE A 31 11.96 11.52 2.92
N THR A 32 10.92 11.94 2.20
CA THR A 32 9.76 12.64 2.74
C THR A 32 8.54 11.79 2.43
N THR A 33 7.57 11.76 3.35
CA THR A 33 6.45 10.84 3.30
C THR A 33 5.14 11.58 3.61
N GLU A 34 4.02 10.90 3.37
CA GLU A 34 2.69 11.31 3.78
C GLU A 34 1.93 10.00 3.94
N THR A 35 0.95 9.93 4.83
CA THR A 35 0.12 8.77 5.08
C THR A 35 -1.27 9.16 4.57
N LEU A 36 -1.37 9.28 3.24
CA LEU A 36 -2.53 9.85 2.58
C LEU A 36 -3.67 8.85 2.68
N HIS A 37 -4.65 9.13 3.53
CA HIS A 37 -5.82 8.29 3.70
C HIS A 37 -6.73 8.42 2.47
N GLY A 38 -6.94 7.30 1.78
CA GLY A 38 -7.93 7.16 0.73
C GLY A 38 -7.91 8.23 -0.38
N PRO A 39 -6.77 8.48 -1.05
CA PRO A 39 -6.73 9.32 -2.24
C PRO A 39 -7.50 8.67 -3.40
N LEU A 40 -7.59 9.40 -4.51
CA LEU A 40 -8.13 8.94 -5.78
C LEU A 40 -7.09 9.23 -6.86
N LEU A 41 -7.22 8.55 -8.00
CA LEU A 41 -6.31 8.67 -9.12
C LEU A 41 -6.33 10.10 -9.69
N GLU A 42 -7.45 10.81 -9.54
CA GLU A 42 -7.62 12.20 -9.95
C GLU A 42 -6.72 13.16 -9.14
N ASP A 43 -6.04 12.67 -8.09
CA ASP A 43 -5.18 13.45 -7.20
C ASP A 43 -3.82 12.75 -7.00
N LEU A 44 -3.43 11.89 -7.95
CA LEU A 44 -2.16 11.15 -7.94
C LEU A 44 -1.55 11.26 -9.34
N PRO A 45 -0.38 11.90 -9.52
CA PRO A 45 0.23 12.05 -10.83
C PRO A 45 0.77 10.71 -11.35
N ALA A 46 1.05 10.65 -12.65
CA ALA A 46 1.46 9.46 -13.39
C ALA A 46 2.92 9.07 -13.14
N SER A 47 3.58 9.62 -12.12
CA SER A 47 4.96 9.33 -11.77
C SER A 47 5.16 9.57 -10.27
N GLY A 48 6.01 8.77 -9.64
CA GLY A 48 6.30 8.81 -8.21
C GLY A 48 6.62 7.40 -7.72
N ILE A 49 6.91 7.27 -6.42
CA ILE A 49 7.10 5.99 -5.76
C ILE A 49 6.09 5.96 -4.63
N TRP A 50 4.95 5.31 -4.87
CA TRP A 50 3.86 5.20 -3.91
C TRP A 50 3.98 3.89 -3.15
N LEU A 51 3.20 3.70 -2.09
CA LEU A 51 3.20 2.48 -1.30
C LEU A 51 1.78 2.31 -0.80
N VAL A 52 1.07 1.31 -1.30
CA VAL A 52 -0.35 1.12 -1.07
C VAL A 52 -0.53 0.13 0.08
N ILE A 53 -1.47 0.41 0.98
CA ILE A 53 -1.81 -0.44 2.11
C ILE A 53 -3.34 -0.49 2.14
N SER A 54 -3.93 -1.67 2.28
CA SER A 54 -5.38 -1.87 2.41
C SER A 54 -5.60 -2.93 3.48
N SER A 55 -6.70 -2.81 4.25
CA SER A 55 -7.00 -3.63 5.40
C SER A 55 -8.16 -4.57 5.08
N THR A 56 -7.87 -5.66 4.36
CA THR A 56 -8.81 -6.70 3.94
C THR A 56 -9.73 -7.07 5.12
N HIS A 57 -11.03 -6.78 5.01
CA HIS A 57 -11.96 -7.03 6.11
C HIS A 57 -12.12 -8.52 6.46
N GLY A 58 -11.81 -9.42 5.51
CA GLY A 58 -11.70 -10.84 5.79
C GLY A 58 -11.83 -11.71 4.54
N ALA A 59 -12.56 -11.26 3.51
CA ALA A 59 -12.91 -12.06 2.34
C ALA A 59 -12.67 -11.32 1.02
N GLY A 60 -11.70 -10.40 1.00
CA GLY A 60 -11.29 -9.69 -0.22
C GLY A 60 -11.95 -8.31 -0.37
N ASP A 61 -12.74 -7.87 0.62
CA ASP A 61 -13.36 -6.56 0.63
C ASP A 61 -12.36 -5.51 1.11
N ILE A 62 -12.10 -4.51 0.28
CA ILE A 62 -11.19 -3.40 0.58
C ILE A 62 -11.97 -2.38 1.46
N PRO A 63 -11.33 -1.75 2.45
CA PRO A 63 -11.89 -0.62 3.19
C PRO A 63 -12.45 0.47 2.29
N ASP A 64 -13.63 0.99 2.66
CA ASP A 64 -14.40 1.95 1.87
C ASP A 64 -13.65 3.26 1.62
N ASN A 65 -12.64 3.58 2.44
CA ASN A 65 -11.85 4.81 2.27
C ASN A 65 -10.98 4.74 1.02
N LEU A 66 -10.53 3.55 0.60
CA LEU A 66 -9.51 3.39 -0.45
C LEU A 66 -10.01 2.51 -1.60
N SER A 67 -11.01 1.66 -1.36
CA SER A 67 -11.67 0.86 -2.38
C SER A 67 -12.02 1.66 -3.66
N PRO A 68 -12.54 2.92 -3.59
CA PRO A 68 -12.75 3.76 -4.77
C PRO A 68 -11.55 3.91 -5.72
N PHE A 69 -10.31 3.78 -5.24
CA PHE A 69 -9.13 3.88 -6.09
C PHE A 69 -9.12 2.76 -7.14
N TYR A 70 -9.55 1.54 -6.78
CA TYR A 70 -9.65 0.43 -7.72
C TYR A 70 -10.67 0.75 -8.82
N GLU A 71 -11.78 1.39 -8.47
CA GLU A 71 -12.80 1.78 -9.43
C GLU A 71 -12.25 2.87 -10.35
N ALA A 72 -11.63 3.92 -9.80
CA ALA A 72 -11.11 5.02 -10.59
C ALA A 72 -9.96 4.59 -11.51
N LEU A 73 -9.19 3.56 -11.12
CA LEU A 73 -8.18 2.96 -11.99
C LEU A 73 -8.87 2.26 -13.15
N GLN A 74 -9.77 1.30 -12.89
CA GLN A 74 -10.32 0.47 -13.96
C GLN A 74 -11.26 1.27 -14.88
N GLU A 75 -11.92 2.32 -14.38
CA GLU A 75 -12.87 3.11 -15.17
C GLU A 75 -12.16 4.05 -16.13
N GLN A 76 -10.89 4.41 -15.87
CA GLN A 76 -10.19 5.44 -16.65
C GLN A 76 -8.96 4.89 -17.36
N LYS A 77 -8.23 3.94 -16.75
CA LYS A 77 -6.97 3.35 -17.19
C LYS A 77 -6.09 4.33 -18.01
N PRO A 78 -5.68 5.47 -17.42
CA PRO A 78 -4.74 6.39 -18.07
C PRO A 78 -3.36 5.73 -18.16
N ASP A 79 -2.44 6.36 -18.89
CA ASP A 79 -1.04 5.96 -18.93
C ASP A 79 -0.35 6.32 -17.62
N LEU A 80 0.02 5.31 -16.83
CA LEU A 80 0.74 5.43 -15.55
C LEU A 80 2.08 4.72 -15.61
N SER A 81 2.63 4.56 -16.82
CA SER A 81 3.90 3.87 -17.11
C SER A 81 5.17 4.49 -16.51
N ALA A 82 5.04 5.29 -15.45
CA ALA A 82 6.16 5.84 -14.70
C ALA A 82 5.87 5.87 -13.18
N VAL A 83 4.72 5.38 -12.73
CA VAL A 83 4.47 5.17 -11.31
C VAL A 83 5.23 3.91 -10.90
N ARG A 84 5.80 3.93 -9.70
CA ARG A 84 6.36 2.76 -9.05
C ARG A 84 5.57 2.63 -7.77
N PHE A 85 5.29 1.40 -7.33
CA PHE A 85 4.44 1.18 -6.17
C PHE A 85 5.01 0.09 -5.28
N GLY A 86 4.41 -0.08 -4.11
CA GLY A 86 4.62 -1.17 -3.19
C GLY A 86 3.23 -1.54 -2.67
N ALA A 87 3.11 -2.70 -2.03
CA ALA A 87 1.80 -3.25 -1.71
C ALA A 87 1.89 -4.04 -0.40
N ILE A 88 0.98 -3.72 0.53
CA ILE A 88 0.89 -4.34 1.84
C ILE A 88 -0.57 -4.73 2.02
N GLY A 89 -0.82 -6.01 2.29
CA GLY A 89 -2.13 -6.55 2.55
C GLY A 89 -2.29 -6.75 4.05
N ILE A 90 -2.89 -5.78 4.73
CA ILE A 90 -3.33 -5.94 6.11
C ILE A 90 -4.65 -6.72 6.00
N GLY A 91 -5.06 -7.46 7.03
CA GLY A 91 -6.37 -8.04 7.08
C GLY A 91 -6.46 -9.13 8.12
N SER A 92 -7.68 -9.59 8.28
CA SER A 92 -8.05 -10.77 9.04
C SER A 92 -7.66 -12.03 8.24
N ARG A 93 -6.36 -12.33 8.19
CA ARG A 93 -5.77 -13.36 7.33
C ARG A 93 -6.37 -14.75 7.57
N GLU A 94 -6.86 -15.01 8.79
CA GLU A 94 -7.45 -16.31 9.15
C GLU A 94 -8.92 -16.41 8.75
N TYR A 95 -9.58 -15.31 8.36
CA TYR A 95 -11.03 -15.29 8.18
C TYR A 95 -11.46 -16.11 6.95
N ASP A 96 -10.86 -15.82 5.80
CA ASP A 96 -11.15 -16.51 4.53
C ASP A 96 -10.06 -16.21 3.49
N THR A 97 -9.73 -14.94 3.32
CA THR A 97 -8.82 -14.44 2.28
C THR A 97 -7.54 -13.99 2.97
N PHE A 98 -6.39 -14.39 2.42
CA PHE A 98 -5.07 -14.18 3.02
C PHE A 98 -4.58 -12.76 2.71
N CYS A 99 -5.34 -11.76 3.18
CA CYS A 99 -5.11 -10.34 2.97
C CYS A 99 -4.80 -10.01 1.51
N GLY A 100 -5.64 -10.51 0.60
CA GLY A 100 -5.43 -10.43 -0.83
C GLY A 100 -6.14 -9.24 -1.48
N ALA A 101 -6.91 -8.44 -0.74
CA ALA A 101 -7.70 -7.35 -1.32
C ALA A 101 -6.81 -6.26 -1.95
N ILE A 102 -5.54 -6.17 -1.51
CA ILE A 102 -4.52 -5.29 -2.06
C ILE A 102 -4.28 -5.60 -3.56
N ASP A 103 -4.49 -6.86 -3.97
CA ASP A 103 -4.18 -7.30 -5.32
C ASP A 103 -4.96 -6.50 -6.36
N LYS A 104 -6.21 -6.15 -6.06
CA LYS A 104 -7.06 -5.35 -6.93
C LYS A 104 -6.43 -3.97 -7.14
N LEU A 105 -6.11 -3.29 -6.05
CA LEU A 105 -5.58 -1.92 -6.08
C LEU A 105 -4.26 -1.90 -6.82
N GLU A 106 -3.34 -2.80 -6.44
CA GLU A 106 -1.97 -2.75 -6.95
C GLU A 106 -1.96 -3.16 -8.44
N ALA A 107 -2.73 -4.19 -8.80
CA ALA A 107 -2.62 -4.76 -10.13
C ALA A 107 -3.17 -3.79 -11.17
N GLU A 108 -4.19 -3.01 -10.83
CA GLU A 108 -4.75 -2.09 -11.81
C GLU A 108 -3.79 -0.93 -12.09
N LEU A 109 -2.94 -0.51 -11.12
CA LEU A 109 -1.86 0.44 -11.43
C LEU A 109 -0.87 -0.24 -12.38
N LYS A 110 -0.53 -1.50 -12.12
CA LYS A 110 0.44 -2.23 -12.91
C LYS A 110 -0.06 -2.32 -14.35
N ASN A 111 -1.34 -2.64 -14.52
CA ASN A 111 -1.96 -2.77 -15.83
C ASN A 111 -2.00 -1.42 -16.55
N SER A 112 -2.24 -0.34 -15.80
CA SER A 112 -2.21 1.03 -16.30
C SER A 112 -0.78 1.47 -16.69
N GLY A 113 0.25 0.73 -16.29
CA GLY A 113 1.62 0.91 -16.75
C GLY A 113 2.66 0.82 -15.64
N ALA A 114 2.25 1.02 -14.38
CA ALA A 114 3.14 1.06 -13.23
C ALA A 114 3.88 -0.27 -13.01
N LYS A 115 4.86 -0.33 -12.11
CA LYS A 115 5.53 -1.58 -11.73
C LYS A 115 5.83 -1.58 -10.24
N GLN A 116 5.68 -2.74 -9.60
CA GLN A 116 5.93 -2.94 -8.18
C GLN A 116 7.42 -2.71 -7.87
N THR A 117 7.74 -2.55 -6.59
CA THR A 117 9.08 -2.34 -6.05
C THR A 117 9.18 -3.24 -4.81
N GLY A 118 10.39 -3.75 -4.51
CA GLY A 118 10.57 -4.77 -3.49
C GLY A 118 9.73 -6.00 -3.82
N GLU A 119 9.02 -6.53 -2.83
CA GLU A 119 8.11 -7.65 -2.93
C GLU A 119 6.91 -7.31 -2.02
N THR A 120 5.77 -7.97 -2.22
CA THR A 120 4.55 -7.75 -1.45
C THR A 120 4.74 -8.13 0.02
N LEU A 121 3.91 -7.60 0.92
CA LEU A 121 3.88 -7.95 2.34
C LEU A 121 2.45 -8.28 2.75
N LYS A 122 2.28 -9.21 3.69
CA LYS A 122 1.00 -9.56 4.31
C LYS A 122 1.17 -9.30 5.80
N ILE A 123 0.14 -8.79 6.45
CA ILE A 123 0.13 -8.48 7.88
C ILE A 123 -1.22 -8.95 8.41
N ASN A 124 -1.24 -10.13 9.04
CA ASN A 124 -2.44 -10.59 9.75
C ASN A 124 -2.67 -9.69 10.96
N ILE A 125 -3.89 -9.17 11.15
CA ILE A 125 -4.28 -8.40 12.32
C ILE A 125 -5.33 -9.13 13.15
N LEU A 126 -5.82 -10.29 12.70
CA LEU A 126 -6.64 -11.21 13.48
C LEU A 126 -5.61 -12.11 14.19
N ASP A 127 -4.77 -11.49 15.01
CA ASP A 127 -3.57 -12.05 15.60
C ASP A 127 -3.41 -11.49 17.03
N HIS A 128 -2.30 -11.78 17.70
CA HIS A 128 -1.94 -11.14 18.97
C HIS A 128 -1.90 -9.62 18.78
N ASP A 129 -1.30 -9.16 17.67
CA ASP A 129 -1.35 -7.78 17.21
C ASP A 129 -0.96 -7.73 15.72
N ILE A 130 0.17 -8.34 15.39
CA ILE A 130 0.75 -8.53 14.07
C ILE A 130 1.55 -9.85 14.07
N PRO A 131 1.90 -10.43 12.90
CA PRO A 131 2.83 -11.55 12.84
C PRO A 131 4.24 -11.12 13.32
N GLU A 132 5.08 -12.11 13.61
CA GLU A 132 6.44 -11.90 14.12
C GLU A 132 7.40 -11.42 13.02
N ASP A 133 7.00 -11.49 11.74
CA ASP A 133 7.83 -11.10 10.59
C ASP A 133 8.28 -9.63 10.70
N PRO A 134 9.58 -9.31 10.66
CA PRO A 134 10.07 -7.96 10.88
C PRO A 134 9.79 -7.05 9.68
N ALA A 135 8.94 -6.04 9.87
CA ALA A 135 8.70 -5.00 8.87
C ALA A 135 10.00 -4.28 8.48
N GLU A 136 10.98 -4.23 9.39
CA GLU A 136 12.27 -3.58 9.16
C GLU A 136 13.01 -4.24 7.99
N GLU A 137 12.98 -5.57 7.90
CA GLU A 137 13.68 -6.31 6.86
C GLU A 137 12.97 -6.13 5.52
N TRP A 138 11.63 -6.16 5.54
CA TRP A 138 10.84 -5.89 4.34
C TRP A 138 11.14 -4.48 3.83
N LEU A 139 11.08 -3.47 4.70
CA LEU A 139 11.27 -2.08 4.30
C LEU A 139 12.69 -1.87 3.79
N GLY A 140 13.68 -2.47 4.45
CA GLY A 140 15.07 -2.45 3.99
C GLY A 140 15.19 -3.00 2.57
N SER A 141 14.55 -4.14 2.31
CA SER A 141 14.54 -4.76 0.99
C SER A 141 13.82 -3.85 -0.04
N TRP A 142 12.76 -3.16 0.38
CA TRP A 142 11.98 -2.27 -0.47
C TRP A 142 12.84 -1.06 -0.89
N VAL A 143 13.47 -0.36 0.06
CA VAL A 143 14.30 0.79 -0.27
C VAL A 143 15.55 0.38 -1.05
N ASN A 144 16.08 -0.83 -0.81
CA ASN A 144 17.23 -1.38 -1.53
C ASN A 144 16.96 -1.53 -3.03
N LEU A 145 15.69 -1.59 -3.46
CA LEU A 145 15.35 -1.56 -4.88
C LEU A 145 14.86 -0.18 -5.32
N LEU A 146 14.12 0.57 -4.49
CA LEU A 146 13.60 1.88 -4.90
C LEU A 146 14.73 2.90 -5.11
N LYS A 147 15.78 2.84 -4.27
CA LYS A 147 16.97 3.68 -4.24
C LYS A 147 16.74 5.09 -4.81
N MET A 1 8.50 19.00 0.20
CA MET A 1 7.49 18.17 -0.50
C MET A 1 7.77 16.68 -0.23
N ALA A 2 6.71 15.87 -0.12
CA ALA A 2 6.84 14.42 -0.04
C ALA A 2 7.46 13.87 -1.32
N ASP A 3 8.10 12.71 -1.23
CA ASP A 3 8.79 12.04 -2.34
C ASP A 3 8.42 10.56 -2.39
N ILE A 4 8.06 9.97 -1.24
CA ILE A 4 7.52 8.63 -1.12
C ILE A 4 6.20 8.79 -0.36
N THR A 5 5.17 9.21 -1.10
CA THR A 5 3.84 9.41 -0.57
C THR A 5 3.22 8.01 -0.38
N LEU A 6 2.90 7.64 0.85
CA LEU A 6 2.27 6.36 1.18
C LEU A 6 0.74 6.52 1.10
N ILE A 7 0.04 5.41 0.90
CA ILE A 7 -1.39 5.35 0.62
C ILE A 7 -1.99 4.39 1.66
N SER A 8 -2.50 4.96 2.75
CA SER A 8 -3.18 4.22 3.80
C SER A 8 -4.57 3.77 3.32
N GLY A 9 -5.04 2.61 3.77
CA GLY A 9 -6.29 1.99 3.34
C GLY A 9 -6.79 0.99 4.38
N SER A 10 -7.45 1.48 5.42
CA SER A 10 -8.04 0.63 6.45
C SER A 10 -9.20 1.36 7.12
N THR A 11 -10.26 0.61 7.43
CA THR A 11 -11.38 1.04 8.27
C THR A 11 -11.01 0.77 9.73
N LEU A 12 -10.29 -0.33 9.99
CA LEU A 12 -9.82 -0.75 11.31
C LEU A 12 -8.76 0.21 11.86
N GLY A 13 -7.98 0.83 10.96
CA GLY A 13 -6.89 1.74 11.31
C GLY A 13 -5.53 1.03 11.33
N GLY A 14 -5.42 -0.14 10.71
CA GLY A 14 -4.19 -0.93 10.72
C GLY A 14 -3.21 -0.42 9.67
N ALA A 15 -3.72 -0.09 8.47
CA ALA A 15 -2.86 0.36 7.37
C ALA A 15 -2.23 1.70 7.70
N GLU A 16 -2.96 2.57 8.40
CA GLU A 16 -2.41 3.87 8.78
C GLU A 16 -1.33 3.73 9.86
N TYR A 17 -1.49 2.77 10.77
CA TYR A 17 -0.52 2.48 11.82
C TYR A 17 0.77 1.95 11.18
N VAL A 18 0.64 1.01 10.25
CA VAL A 18 1.77 0.46 9.53
C VAL A 18 2.43 1.57 8.70
N ALA A 19 1.65 2.37 7.95
CA ALA A 19 2.18 3.44 7.13
C ALA A 19 2.93 4.47 7.96
N GLU A 20 2.45 4.80 9.17
CA GLU A 20 3.12 5.76 10.04
C GLU A 20 4.49 5.24 10.48
N HIS A 21 4.59 3.97 10.88
CA HIS A 21 5.87 3.40 11.29
C HIS A 21 6.82 3.27 10.11
N LEU A 22 6.31 2.89 8.94
CA LEU A 22 7.12 2.81 7.73
C LEU A 22 7.61 4.21 7.33
N ALA A 23 6.75 5.23 7.41
CA ALA A 23 7.11 6.61 7.12
C ALA A 23 8.21 7.09 8.08
N GLU A 24 8.08 6.80 9.37
CA GLU A 24 9.07 7.19 10.37
C GLU A 24 10.45 6.61 10.02
N LYS A 25 10.50 5.33 9.60
CA LYS A 25 11.74 4.71 9.18
C LYS A 25 12.26 5.28 7.86
N LEU A 26 11.39 5.57 6.89
CA LEU A 26 11.76 6.24 5.65
C LEU A 26 12.37 7.61 5.92
N GLU A 27 11.85 8.35 6.91
CA GLU A 27 12.39 9.66 7.28
C GLU A 27 13.79 9.50 7.89
N GLU A 28 14.05 8.43 8.66
CA GLU A 28 15.40 8.15 9.15
C GLU A 28 16.33 7.79 7.98
N ALA A 29 15.84 7.06 6.97
CA ALA A 29 16.59 6.76 5.76
C ALA A 29 16.85 8.03 4.94
N GLY A 30 15.99 9.05 5.06
CA GLY A 30 16.19 10.40 4.53
C GLY A 30 15.10 10.84 3.54
N PHE A 31 14.13 9.97 3.21
CA PHE A 31 13.09 10.28 2.25
C PHE A 31 11.98 11.11 2.92
N THR A 32 11.38 12.04 2.20
CA THR A 32 10.18 12.74 2.67
C THR A 32 8.96 11.88 2.32
N THR A 33 7.95 11.88 3.20
CA THR A 33 6.83 10.97 3.12
C THR A 33 5.50 11.71 3.38
N GLU A 34 4.39 11.03 3.12
CA GLU A 34 3.04 11.44 3.48
C GLU A 34 2.26 10.14 3.68
N THR A 35 1.12 10.17 4.36
CA THR A 35 0.34 9.01 4.72
C THR A 35 -1.11 9.32 4.34
N LEU A 36 -1.40 9.26 3.03
CA LEU A 36 -2.68 9.71 2.50
C LEU A 36 -3.77 8.75 2.97
N HIS A 37 -4.76 9.28 3.67
CA HIS A 37 -5.89 8.53 4.17
C HIS A 37 -6.89 8.34 3.01
N GLY A 38 -6.81 7.20 2.32
CA GLY A 38 -7.79 6.82 1.29
C GLY A 38 -7.90 7.84 0.15
N PRO A 39 -6.80 8.18 -0.56
CA PRO A 39 -6.81 9.11 -1.69
C PRO A 39 -7.53 8.52 -2.91
N LEU A 40 -7.59 9.32 -3.97
CA LEU A 40 -8.08 8.95 -5.29
C LEU A 40 -7.06 9.35 -6.34
N LEU A 41 -7.23 8.82 -7.56
CA LEU A 41 -6.30 8.95 -8.66
C LEU A 41 -6.15 10.41 -9.11
N GLU A 42 -7.18 11.24 -8.89
CA GLU A 42 -7.15 12.68 -9.16
C GLU A 42 -6.11 13.43 -8.29
N ASP A 43 -5.52 12.77 -7.29
CA ASP A 43 -4.56 13.34 -6.35
C ASP A 43 -3.28 12.48 -6.27
N LEU A 44 -3.05 11.62 -7.26
CA LEU A 44 -1.90 10.73 -7.36
C LEU A 44 -1.37 10.80 -8.80
N PRO A 45 -0.32 11.61 -9.08
CA PRO A 45 0.19 11.79 -10.43
C PRO A 45 0.85 10.52 -10.97
N ALA A 46 1.05 10.51 -12.30
CA ALA A 46 1.50 9.35 -13.08
C ALA A 46 2.96 8.95 -12.86
N SER A 47 3.67 9.61 -11.93
CA SER A 47 5.09 9.44 -11.70
C SER A 47 5.35 9.58 -10.20
N GLY A 48 6.11 8.65 -9.62
CA GLY A 48 6.45 8.68 -8.20
C GLY A 48 6.84 7.29 -7.70
N ILE A 49 7.03 7.15 -6.39
CA ILE A 49 7.25 5.89 -5.72
C ILE A 49 6.26 5.86 -4.55
N TRP A 50 5.12 5.20 -4.75
CA TRP A 50 4.01 5.18 -3.79
C TRP A 50 4.03 3.88 -3.00
N LEU A 51 3.20 3.75 -1.95
CA LEU A 51 3.09 2.52 -1.17
C LEU A 51 1.63 2.27 -0.88
N VAL A 52 1.02 1.33 -1.60
CA VAL A 52 -0.37 0.96 -1.40
C VAL A 52 -0.42 0.01 -0.19
N ILE A 53 -1.29 0.29 0.79
CA ILE A 53 -1.55 -0.61 1.91
C ILE A 53 -3.07 -0.74 1.98
N SER A 54 -3.58 -1.98 2.03
CA SER A 54 -5.01 -2.27 1.92
C SER A 54 -5.37 -3.36 2.93
N SER A 55 -6.41 -3.13 3.70
CA SER A 55 -6.99 -4.18 4.55
C SER A 55 -7.77 -5.17 3.68
N THR A 56 -8.07 -6.34 4.26
CA THR A 56 -8.87 -7.42 3.72
C THR A 56 -9.77 -7.84 4.88
N HIS A 57 -11.06 -8.13 4.62
CA HIS A 57 -12.05 -8.31 5.68
C HIS A 57 -12.80 -9.65 5.63
N GLY A 58 -12.38 -10.61 4.80
CA GLY A 58 -12.90 -11.97 4.84
C GLY A 58 -12.73 -12.71 3.52
N ALA A 59 -13.13 -12.07 2.41
CA ALA A 59 -13.25 -12.70 1.10
C ALA A 59 -12.69 -11.81 -0.03
N GLY A 60 -11.78 -10.89 0.30
CA GLY A 60 -11.16 -9.99 -0.68
C GLY A 60 -11.85 -8.63 -0.73
N ASP A 61 -12.76 -8.34 0.22
CA ASP A 61 -13.37 -7.02 0.36
C ASP A 61 -12.29 -6.02 0.75
N ILE A 62 -12.12 -4.96 -0.05
CA ILE A 62 -11.22 -3.84 0.23
C ILE A 62 -11.99 -2.87 1.17
N PRO A 63 -11.32 -2.20 2.12
CA PRO A 63 -11.96 -1.17 2.94
C PRO A 63 -12.49 -0.02 2.06
N ASP A 64 -13.67 0.47 2.40
CA ASP A 64 -14.36 1.55 1.66
C ASP A 64 -13.57 2.85 1.60
N ASN A 65 -12.55 3.00 2.47
CA ASN A 65 -11.68 4.18 2.47
C ASN A 65 -10.81 4.25 1.20
N LEU A 66 -10.41 3.09 0.67
CA LEU A 66 -9.44 3.02 -0.45
C LEU A 66 -9.98 2.23 -1.64
N SER A 67 -10.99 1.37 -1.44
CA SER A 67 -11.67 0.64 -2.51
C SER A 67 -12.08 1.53 -3.70
N PRO A 68 -12.59 2.77 -3.53
CA PRO A 68 -12.82 3.70 -4.63
C PRO A 68 -11.65 3.91 -5.59
N PHE A 69 -10.40 3.75 -5.15
CA PHE A 69 -9.23 3.86 -6.02
C PHE A 69 -9.25 2.79 -7.11
N TYR A 70 -9.68 1.57 -6.81
CA TYR A 70 -9.80 0.50 -7.79
C TYR A 70 -10.84 0.86 -8.85
N GLU A 71 -11.93 1.51 -8.44
CA GLU A 71 -12.99 1.94 -9.36
C GLU A 71 -12.47 3.07 -10.25
N ALA A 72 -11.87 4.11 -9.67
CA ALA A 72 -11.35 5.24 -10.44
C ALA A 72 -10.22 4.83 -11.38
N LEU A 73 -9.42 3.84 -11.00
CA LEU A 73 -8.41 3.27 -11.87
C LEU A 73 -9.09 2.57 -13.05
N GLN A 74 -9.99 1.63 -12.82
CA GLN A 74 -10.54 0.83 -13.91
C GLN A 74 -11.46 1.65 -14.83
N GLU A 75 -12.11 2.70 -14.32
CA GLU A 75 -12.99 3.54 -15.11
C GLU A 75 -12.19 4.41 -16.10
N GLN A 76 -10.94 4.76 -15.78
CA GLN A 76 -10.18 5.76 -16.53
C GLN A 76 -8.95 5.15 -17.24
N LYS A 77 -8.32 4.15 -16.63
CA LYS A 77 -7.05 3.52 -17.03
C LYS A 77 -6.08 4.48 -17.76
N PRO A 78 -5.68 5.61 -17.14
CA PRO A 78 -4.75 6.54 -17.77
C PRO A 78 -3.36 5.92 -17.85
N ASP A 79 -2.44 6.61 -18.53
CA ASP A 79 -1.02 6.25 -18.53
C ASP A 79 -0.40 6.54 -17.15
N LEU A 80 -0.03 5.49 -16.42
CA LEU A 80 0.66 5.56 -15.12
C LEU A 80 2.01 4.84 -15.19
N SER A 81 2.59 4.76 -16.40
CA SER A 81 3.83 4.03 -16.72
C SER A 81 5.12 4.54 -16.04
N ALA A 82 5.00 5.29 -14.94
CA ALA A 82 6.13 5.75 -14.12
C ALA A 82 5.77 5.77 -12.62
N VAL A 83 4.62 5.21 -12.23
CA VAL A 83 4.29 5.00 -10.84
C VAL A 83 5.00 3.72 -10.39
N ARG A 84 6.11 3.86 -9.68
CA ARG A 84 6.69 2.70 -9.00
C ARG A 84 5.82 2.58 -7.74
N PHE A 85 5.60 1.37 -7.22
CA PHE A 85 4.85 1.24 -5.98
C PHE A 85 5.33 0.07 -5.15
N GLY A 86 4.80 -0.02 -3.93
CA GLY A 86 4.92 -1.15 -3.04
C GLY A 86 3.50 -1.55 -2.68
N ALA A 87 3.33 -2.76 -2.16
CA ALA A 87 2.03 -3.37 -1.94
C ALA A 87 2.11 -4.16 -0.65
N ILE A 88 1.19 -3.87 0.27
CA ILE A 88 1.11 -4.51 1.58
C ILE A 88 -0.38 -4.81 1.78
N GLY A 89 -0.68 -6.02 2.26
CA GLY A 89 -2.03 -6.42 2.60
C GLY A 89 -2.12 -6.65 4.09
N ILE A 90 -3.29 -6.37 4.68
CA ILE A 90 -3.55 -6.55 6.10
C ILE A 90 -4.84 -7.38 6.20
N GLY A 91 -4.98 -8.21 7.22
CA GLY A 91 -6.15 -9.03 7.46
C GLY A 91 -5.80 -10.09 8.48
N SER A 92 -6.80 -10.62 9.17
CA SER A 92 -6.66 -11.76 10.05
C SER A 92 -6.44 -13.00 9.18
N ARG A 93 -5.32 -13.70 9.35
CA ARG A 93 -4.96 -14.88 8.55
C ARG A 93 -5.97 -16.03 8.66
N GLU A 94 -6.86 -16.02 9.66
CA GLU A 94 -7.96 -16.97 9.78
C GLU A 94 -8.97 -16.85 8.62
N TYR A 95 -9.09 -15.68 7.99
CA TYR A 95 -10.05 -15.44 6.91
C TYR A 95 -9.79 -16.34 5.70
N ASP A 96 -10.83 -16.57 4.88
CA ASP A 96 -10.73 -17.26 3.60
C ASP A 96 -9.74 -16.54 2.68
N THR A 97 -9.78 -15.21 2.68
CA THR A 97 -8.88 -14.34 1.95
C THR A 97 -8.41 -13.31 2.98
N PHE A 98 -7.09 -13.17 3.11
CA PHE A 98 -6.44 -12.28 4.06
C PHE A 98 -5.26 -11.63 3.33
N CYS A 99 -4.91 -10.40 3.72
CA CYS A 99 -3.77 -9.66 3.18
C CYS A 99 -3.67 -9.75 1.65
N GLY A 100 -4.80 -9.71 0.93
CA GLY A 100 -4.85 -10.02 -0.50
C GLY A 100 -5.83 -9.16 -1.27
N ALA A 101 -6.72 -8.40 -0.62
CA ALA A 101 -7.60 -7.47 -1.33
C ALA A 101 -6.81 -6.34 -2.02
N ILE A 102 -5.55 -6.12 -1.60
CA ILE A 102 -4.57 -5.24 -2.25
C ILE A 102 -4.40 -5.63 -3.72
N ASP A 103 -4.57 -6.93 -4.05
CA ASP A 103 -4.24 -7.46 -5.39
C ASP A 103 -4.99 -6.73 -6.50
N LYS A 104 -6.27 -6.37 -6.26
CA LYS A 104 -7.07 -5.67 -7.26
C LYS A 104 -6.55 -4.25 -7.49
N LEU A 105 -6.25 -3.55 -6.40
CA LEU A 105 -5.75 -2.17 -6.45
C LEU A 105 -4.43 -2.14 -7.22
N GLU A 106 -3.50 -3.03 -6.86
CA GLU A 106 -2.19 -3.03 -7.50
C GLU A 106 -2.29 -3.49 -8.96
N ALA A 107 -3.20 -4.42 -9.26
CA ALA A 107 -3.33 -4.98 -10.60
C ALA A 107 -3.75 -3.90 -11.58
N GLU A 108 -4.68 -3.02 -11.18
CA GLU A 108 -5.15 -1.99 -12.10
C GLU A 108 -4.09 -0.89 -12.28
N LEU A 109 -3.25 -0.61 -11.26
CA LEU A 109 -2.10 0.27 -11.46
C LEU A 109 -1.16 -0.34 -12.48
N LYS A 110 -0.76 -1.60 -12.30
CA LYS A 110 0.26 -2.18 -13.17
C LYS A 110 -0.27 -2.35 -14.58
N ASN A 111 -1.57 -2.64 -14.72
CA ASN A 111 -2.22 -2.68 -16.03
C ASN A 111 -2.23 -1.29 -16.68
N SER A 112 -2.42 -0.23 -15.88
CA SER A 112 -2.29 1.16 -16.32
C SER A 112 -0.83 1.58 -16.61
N GLY A 113 0.15 0.72 -16.36
CA GLY A 113 1.54 0.87 -16.76
C GLY A 113 2.52 0.88 -15.59
N ALA A 114 2.02 1.09 -14.36
CA ALA A 114 2.82 1.16 -13.14
C ALA A 114 3.55 -0.17 -12.86
N LYS A 115 4.38 -0.24 -11.81
CA LYS A 115 5.02 -1.52 -11.46
C LYS A 115 5.38 -1.61 -9.98
N GLN A 116 5.10 -2.77 -9.39
CA GLN A 116 5.53 -3.18 -8.05
C GLN A 116 7.07 -3.19 -8.02
N THR A 117 7.63 -2.68 -6.93
CA THR A 117 9.04 -2.73 -6.59
C THR A 117 9.12 -3.44 -5.24
N GLY A 118 10.12 -4.32 -5.07
CA GLY A 118 10.31 -5.11 -3.86
C GLY A 118 9.25 -6.22 -3.74
N GLU A 119 9.38 -7.06 -2.73
CA GLU A 119 8.46 -8.17 -2.49
C GLU A 119 7.26 -7.65 -1.67
N THR A 120 6.07 -8.11 -2.02
CA THR A 120 4.82 -7.86 -1.32
C THR A 120 4.90 -8.34 0.13
N LEU A 121 4.14 -7.74 1.05
CA LEU A 121 4.16 -8.07 2.48
C LEU A 121 2.72 -8.31 2.97
N LYS A 122 2.59 -9.19 3.97
CA LYS A 122 1.34 -9.47 4.67
C LYS A 122 1.54 -8.97 6.10
N ILE A 123 0.51 -8.34 6.67
CA ILE A 123 0.44 -7.96 8.07
C ILE A 123 -0.74 -8.73 8.64
N ASN A 124 -0.46 -9.89 9.26
CA ASN A 124 -1.49 -10.63 9.99
C ASN A 124 -1.89 -9.80 11.21
N ILE A 125 -3.19 -9.74 11.52
CA ILE A 125 -3.74 -9.03 12.67
C ILE A 125 -4.69 -9.92 13.48
N LEU A 126 -4.70 -11.25 13.23
CA LEU A 126 -5.52 -12.21 13.97
C LEU A 126 -5.18 -12.16 15.48
N ASP A 127 -3.90 -12.13 15.81
CA ASP A 127 -3.38 -12.05 17.17
C ASP A 127 -1.90 -11.67 17.12
N HIS A 128 -1.12 -12.38 16.31
CA HIS A 128 0.29 -12.11 16.05
C HIS A 128 0.41 -10.90 15.11
N ASP A 129 0.08 -9.72 15.63
CA ASP A 129 0.25 -8.41 15.02
C ASP A 129 1.74 -8.06 14.89
N ILE A 130 2.40 -8.73 13.94
CA ILE A 130 3.82 -8.67 13.61
C ILE A 130 4.77 -8.53 14.83
N PRO A 131 4.71 -9.45 15.82
CA PRO A 131 5.62 -9.45 16.97
C PRO A 131 7.05 -9.85 16.57
N GLU A 132 7.24 -10.35 15.35
CA GLU A 132 8.51 -10.75 14.75
C GLU A 132 8.41 -10.39 13.26
N ASP A 133 9.56 -10.23 12.60
CA ASP A 133 9.71 -9.70 11.24
C ASP A 133 8.79 -8.47 10.96
N PRO A 134 8.96 -7.35 11.70
CA PRO A 134 8.18 -6.13 11.48
C PRO A 134 8.26 -5.60 10.04
N ALA A 135 7.25 -4.80 9.65
CA ALA A 135 7.28 -4.07 8.39
C ALA A 135 8.54 -3.20 8.28
N GLU A 136 8.96 -2.63 9.41
CA GLU A 136 10.15 -1.79 9.52
C GLU A 136 11.43 -2.52 9.12
N GLU A 137 11.47 -3.85 9.19
CA GLU A 137 12.62 -4.64 8.75
C GLU A 137 12.47 -4.99 7.27
N TRP A 138 11.27 -5.41 6.85
CA TRP A 138 10.97 -5.71 5.44
C TRP A 138 11.20 -4.50 4.54
N LEU A 139 11.03 -3.28 5.09
CA LEU A 139 11.28 -2.02 4.43
C LEU A 139 12.67 -1.95 3.82
N GLY A 140 13.68 -2.58 4.46
CA GLY A 140 15.03 -2.63 3.95
C GLY A 140 15.08 -3.23 2.53
N SER A 141 14.34 -4.33 2.33
CA SER A 141 14.25 -5.00 1.04
C SER A 141 13.53 -4.13 0.02
N TRP A 142 12.59 -3.28 0.44
CA TRP A 142 11.89 -2.37 -0.46
C TRP A 142 12.83 -1.25 -0.90
N VAL A 143 13.44 -0.52 0.05
CA VAL A 143 14.25 0.64 -0.29
C VAL A 143 15.47 0.25 -1.11
N ASN A 144 16.00 -0.97 -0.92
CA ASN A 144 17.14 -1.49 -1.66
C ASN A 144 16.93 -1.42 -3.18
N LEU A 145 15.68 -1.49 -3.65
CA LEU A 145 15.34 -1.50 -5.07
C LEU A 145 14.86 -0.15 -5.61
N LEU A 146 14.69 0.89 -4.77
CA LEU A 146 14.21 2.21 -5.19
C LEU A 146 15.15 3.36 -4.79
N LYS A 147 16.10 3.13 -3.88
CA LYS A 147 17.05 4.14 -3.42
C LYS A 147 17.78 4.77 -4.59
N MET A 1 5.64 18.13 -2.48
CA MET A 1 4.91 17.43 -1.40
C MET A 1 5.54 16.06 -1.15
N ALA A 2 6.24 15.91 -0.01
CA ALA A 2 7.02 14.72 0.37
C ALA A 2 7.95 14.24 -0.75
N ASP A 3 8.39 12.98 -0.66
CA ASP A 3 9.24 12.32 -1.67
C ASP A 3 8.83 10.86 -1.87
N ILE A 4 8.26 10.21 -0.85
CA ILE A 4 7.67 8.89 -0.90
C ILE A 4 6.31 9.04 -0.21
N THR A 5 5.33 9.49 -0.96
CA THR A 5 3.99 9.70 -0.45
C THR A 5 3.36 8.31 -0.29
N LEU A 6 2.99 7.95 0.95
CA LEU A 6 2.24 6.74 1.22
C LEU A 6 0.78 7.00 0.84
N ILE A 7 0.11 5.95 0.40
CA ILE A 7 -1.28 5.95 -0.04
C ILE A 7 -1.98 5.09 1.02
N SER A 8 -2.22 5.70 2.18
CA SER A 8 -2.80 5.08 3.36
C SER A 8 -4.31 4.90 3.16
N GLY A 9 -4.75 3.71 2.73
CA GLY A 9 -6.13 3.42 2.35
C GLY A 9 -6.77 2.56 3.41
N SER A 10 -6.69 3.02 4.65
CA SER A 10 -7.01 2.22 5.82
C SER A 10 -8.00 2.93 6.75
N THR A 11 -8.60 2.16 7.66
CA THR A 11 -9.57 2.64 8.65
C THR A 11 -9.48 1.87 9.98
N LEU A 12 -9.10 0.59 9.95
CA LEU A 12 -9.16 -0.29 11.12
C LEU A 12 -8.23 0.14 12.26
N GLY A 13 -7.21 0.95 11.99
CA GLY A 13 -6.27 1.47 12.97
C GLY A 13 -4.94 0.74 12.87
N GLY A 14 -4.97 -0.60 12.75
CA GLY A 14 -3.78 -1.43 12.72
C GLY A 14 -2.95 -1.17 11.47
N ALA A 15 -3.62 -1.06 10.32
CA ALA A 15 -2.96 -0.71 9.07
C ALA A 15 -2.39 0.70 9.13
N GLU A 16 -3.03 1.61 9.87
CA GLU A 16 -2.51 2.97 10.04
C GLU A 16 -1.29 2.99 10.95
N TYR A 17 -1.24 2.13 11.99
CA TYR A 17 -0.06 2.03 12.84
C TYR A 17 1.10 1.46 12.04
N VAL A 18 0.83 0.47 11.18
CA VAL A 18 1.81 -0.05 10.25
C VAL A 18 2.27 1.07 9.30
N ALA A 19 1.35 1.85 8.72
CA ALA A 19 1.70 2.95 7.82
C ALA A 19 2.59 3.99 8.53
N GLU A 20 2.30 4.30 9.79
CA GLU A 20 3.09 5.23 10.58
C GLU A 20 4.50 4.67 10.83
N HIS A 21 4.62 3.38 11.16
CA HIS A 21 5.91 2.76 11.39
C HIS A 21 6.73 2.73 10.08
N LEU A 22 6.10 2.36 8.97
CA LEU A 22 6.70 2.34 7.64
C LEU A 22 7.21 3.73 7.27
N ALA A 23 6.39 4.76 7.49
CA ALA A 23 6.77 6.15 7.26
C ALA A 23 7.98 6.51 8.12
N GLU A 24 7.96 6.16 9.40
CA GLU A 24 9.05 6.46 10.33
C GLU A 24 10.35 5.83 9.83
N LYS A 25 10.31 4.59 9.35
CA LYS A 25 11.53 3.94 8.85
C LYS A 25 12.07 4.69 7.64
N LEU A 26 11.20 5.22 6.77
CA LEU A 26 11.64 5.99 5.62
C LEU A 26 12.21 7.33 6.05
N GLU A 27 11.62 7.99 7.05
CA GLU A 27 12.15 9.25 7.59
C GLU A 27 13.56 9.02 8.15
N GLU A 28 13.76 7.91 8.88
CA GLU A 28 15.08 7.54 9.40
C GLU A 28 16.06 7.22 8.25
N ALA A 29 15.59 6.54 7.19
CA ALA A 29 16.38 6.23 6.02
C ALA A 29 16.75 7.48 5.21
N GLY A 30 15.99 8.58 5.36
CA GLY A 30 16.32 9.89 4.81
C GLY A 30 15.37 10.34 3.70
N PHE A 31 14.11 9.90 3.70
CA PHE A 31 13.12 10.24 2.69
C PHE A 31 11.89 10.85 3.36
N THR A 32 11.39 11.97 2.83
CA THR A 32 10.18 12.60 3.35
C THR A 32 8.95 11.80 2.91
N THR A 33 7.98 11.67 3.81
CA THR A 33 6.80 10.86 3.63
C THR A 33 5.53 11.65 3.98
N GLU A 34 4.37 11.10 3.62
CA GLU A 34 3.06 11.58 4.05
C GLU A 34 2.15 10.38 3.98
N THR A 35 1.43 10.05 5.05
CA THR A 35 0.44 8.98 5.12
C THR A 35 -0.88 9.50 4.53
N LEU A 36 -0.86 9.83 3.24
CA LEU A 36 -1.94 10.54 2.58
C LEU A 36 -3.15 9.61 2.57
N HIS A 37 -4.26 10.05 3.17
CA HIS A 37 -5.43 9.21 3.36
C HIS A 37 -6.12 9.00 2.01
N GLY A 38 -5.99 7.77 1.50
CA GLY A 38 -6.62 7.24 0.30
C GLY A 38 -6.77 8.22 -0.87
N PRO A 39 -5.69 8.85 -1.38
CA PRO A 39 -5.78 9.71 -2.56
C PRO A 39 -6.24 8.92 -3.78
N LEU A 40 -6.96 9.59 -4.68
CA LEU A 40 -7.54 8.99 -5.88
C LEU A 40 -6.66 9.26 -7.09
N LEU A 41 -6.98 8.61 -8.22
CA LEU A 41 -6.32 8.78 -9.51
C LEU A 41 -6.28 10.25 -9.92
N GLU A 42 -7.36 11.01 -9.65
CA GLU A 42 -7.48 12.42 -9.96
C GLU A 42 -6.52 13.30 -9.13
N ASP A 43 -5.80 12.72 -8.15
CA ASP A 43 -4.90 13.41 -7.22
C ASP A 43 -3.58 12.65 -7.08
N LEU A 44 -3.24 11.80 -8.05
CA LEU A 44 -2.01 11.00 -8.10
C LEU A 44 -1.43 11.12 -9.51
N PRO A 45 -0.31 11.83 -9.71
CA PRO A 45 0.30 11.96 -11.03
C PRO A 45 0.87 10.61 -11.49
N ALA A 46 1.08 10.48 -12.81
CA ALA A 46 1.46 9.24 -13.47
C ALA A 46 2.92 8.83 -13.23
N SER A 47 3.65 9.51 -12.35
CA SER A 47 5.06 9.28 -12.07
C SER A 47 5.30 9.60 -10.60
N GLY A 48 6.15 8.82 -9.94
CA GLY A 48 6.49 8.98 -8.53
C GLY A 48 6.87 7.63 -7.93
N ILE A 49 7.17 7.62 -6.63
CA ILE A 49 7.50 6.43 -5.87
C ILE A 49 6.52 6.43 -4.69
N TRP A 50 5.47 5.61 -4.79
CA TRP A 50 4.39 5.57 -3.81
C TRP A 50 4.47 4.25 -3.02
N LEU A 51 3.68 4.14 -1.95
CA LEU A 51 3.58 2.92 -1.15
C LEU A 51 2.12 2.81 -0.69
N VAL A 52 1.38 1.88 -1.28
CA VAL A 52 -0.04 1.66 -0.97
C VAL A 52 -0.13 0.80 0.29
N ILE A 53 -1.09 1.12 1.17
CA ILE A 53 -1.43 0.36 2.36
C ILE A 53 -2.96 0.27 2.35
N SER A 54 -3.54 -0.84 2.78
CA SER A 54 -4.99 -0.98 2.88
C SER A 54 -5.35 -1.93 4.04
N SER A 55 -6.44 -1.64 4.73
CA SER A 55 -6.98 -2.59 5.70
C SER A 55 -7.56 -3.79 4.95
N THR A 56 -7.54 -4.97 5.58
CA THR A 56 -8.09 -6.22 5.08
C THR A 56 -9.22 -6.60 6.05
N HIS A 57 -10.44 -6.15 5.74
CA HIS A 57 -11.62 -6.37 6.60
C HIS A 57 -11.85 -7.86 6.88
N GLY A 58 -11.51 -8.74 5.93
CA GLY A 58 -11.47 -10.19 6.12
C GLY A 58 -11.75 -10.96 4.83
N ALA A 59 -12.56 -10.38 3.93
CA ALA A 59 -13.08 -11.07 2.75
C ALA A 59 -12.74 -10.30 1.45
N GLY A 60 -11.66 -9.50 1.46
CA GLY A 60 -11.21 -8.77 0.27
C GLY A 60 -11.95 -7.45 0.07
N ASP A 61 -12.80 -7.05 1.03
CA ASP A 61 -13.38 -5.72 1.06
C ASP A 61 -12.30 -4.73 1.48
N ILE A 62 -12.36 -3.51 0.97
CA ILE A 62 -11.33 -2.48 1.14
C ILE A 62 -12.04 -1.23 1.69
N PRO A 63 -11.44 -0.51 2.64
CA PRO A 63 -11.99 0.74 3.15
C PRO A 63 -12.35 1.74 2.05
N ASP A 64 -13.50 2.39 2.22
CA ASP A 64 -14.01 3.48 1.36
C ASP A 64 -13.05 4.67 1.27
N ASN A 65 -12.03 4.71 2.15
CA ASN A 65 -10.93 5.67 2.12
C ASN A 65 -10.25 5.64 0.75
N LEU A 66 -10.03 4.43 0.21
CA LEU A 66 -9.23 4.21 -1.00
C LEU A 66 -9.89 3.28 -2.01
N SER A 67 -10.84 2.42 -1.60
CA SER A 67 -11.39 1.40 -2.48
C SER A 67 -11.92 1.91 -3.84
N PRO A 68 -12.50 3.14 -4.00
CA PRO A 68 -12.83 3.71 -5.30
C PRO A 68 -11.67 3.74 -6.31
N PHE A 69 -10.41 3.72 -5.87
CA PHE A 69 -9.25 3.71 -6.75
C PHE A 69 -9.25 2.46 -7.65
N TYR A 70 -9.71 1.32 -7.14
CA TYR A 70 -9.82 0.09 -7.93
C TYR A 70 -10.80 0.31 -9.09
N GLU A 71 -11.93 0.97 -8.83
CA GLU A 71 -12.95 1.26 -9.83
C GLU A 71 -12.40 2.28 -10.84
N ALA A 72 -11.78 3.36 -10.36
CA ALA A 72 -11.34 4.46 -11.23
C ALA A 72 -10.21 4.01 -12.16
N LEU A 73 -9.30 3.15 -11.70
CA LEU A 73 -8.25 2.63 -12.55
C LEU A 73 -8.86 1.71 -13.59
N GLN A 74 -9.69 0.73 -13.20
CA GLN A 74 -10.19 -0.24 -14.18
C GLN A 74 -11.17 0.41 -15.17
N GLU A 75 -11.87 1.48 -14.78
CA GLU A 75 -12.79 2.19 -15.66
C GLU A 75 -12.03 2.90 -16.78
N GLN A 76 -10.86 3.47 -16.46
CA GLN A 76 -10.12 4.34 -17.37
C GLN A 76 -8.97 3.62 -18.07
N LYS A 77 -8.46 2.53 -17.49
CA LYS A 77 -7.23 1.84 -17.88
C LYS A 77 -6.13 2.84 -18.27
N PRO A 78 -5.76 3.77 -17.36
CA PRO A 78 -4.90 4.89 -17.69
C PRO A 78 -3.50 4.41 -18.10
N ASP A 79 -2.90 5.07 -19.07
CA ASP A 79 -1.52 4.84 -19.51
C ASP A 79 -0.57 5.58 -18.57
N LEU A 80 -0.54 5.17 -17.29
CA LEU A 80 0.33 5.80 -16.30
C LEU A 80 1.78 5.46 -16.65
N SER A 81 2.06 4.16 -16.76
CA SER A 81 3.30 3.59 -17.30
C SER A 81 4.61 4.16 -16.72
N ALA A 82 4.59 4.78 -15.53
CA ALA A 82 5.77 5.37 -14.90
C ALA A 82 5.66 5.53 -13.38
N VAL A 83 4.53 5.16 -12.76
CA VAL A 83 4.45 5.08 -11.30
C VAL A 83 5.28 3.88 -10.87
N ARG A 84 6.03 4.03 -9.78
CA ARG A 84 6.71 2.94 -9.10
C ARG A 84 6.03 2.87 -7.74
N PHE A 85 5.69 1.67 -7.26
CA PHE A 85 4.86 1.55 -6.08
C PHE A 85 5.32 0.42 -5.17
N GLY A 86 4.68 0.36 -4.01
CA GLY A 86 4.74 -0.72 -3.05
C GLY A 86 3.30 -1.01 -2.64
N ALA A 87 3.03 -2.16 -2.04
CA ALA A 87 1.68 -2.63 -1.81
C ALA A 87 1.70 -3.52 -0.57
N ILE A 88 0.87 -3.18 0.42
CA ILE A 88 0.76 -3.91 1.67
C ILE A 88 -0.74 -3.96 2.03
N GLY A 89 -1.20 -5.10 2.54
CA GLY A 89 -2.52 -5.25 3.12
C GLY A 89 -2.36 -5.77 4.54
N ILE A 90 -3.14 -5.25 5.49
CA ILE A 90 -3.04 -5.63 6.91
C ILE A 90 -4.46 -5.85 7.42
N GLY A 91 -4.74 -6.99 8.05
CA GLY A 91 -6.01 -7.21 8.70
C GLY A 91 -6.20 -8.69 8.97
N SER A 92 -7.46 -9.07 8.96
CA SER A 92 -7.97 -10.37 9.37
C SER A 92 -7.90 -11.38 8.23
N ARG A 93 -6.71 -11.58 7.66
CA ARG A 93 -6.51 -12.42 6.46
C ARG A 93 -7.09 -13.82 6.62
N GLU A 94 -7.00 -14.38 7.83
CA GLU A 94 -7.47 -15.72 8.15
C GLU A 94 -9.00 -15.86 8.01
N TYR A 95 -9.75 -14.76 8.00
CA TYR A 95 -11.21 -14.78 8.00
C TYR A 95 -11.76 -15.45 6.74
N ASP A 96 -11.26 -15.08 5.56
CA ASP A 96 -11.73 -15.61 4.27
C ASP A 96 -10.74 -15.37 3.12
N THR A 97 -10.15 -14.18 3.03
CA THR A 97 -9.36 -13.75 1.88
C THR A 97 -7.99 -13.25 2.38
N PHE A 98 -6.93 -13.71 1.72
CA PHE A 98 -5.55 -13.55 2.16
C PHE A 98 -4.74 -12.53 1.34
N CYS A 99 -5.29 -11.93 0.29
CA CYS A 99 -4.57 -10.93 -0.51
C CYS A 99 -5.46 -9.93 -1.26
N GLY A 100 -6.71 -10.27 -1.58
CA GLY A 100 -7.61 -9.48 -2.41
C GLY A 100 -7.69 -8.00 -2.03
N ALA A 101 -7.66 -7.70 -0.73
CA ALA A 101 -7.81 -6.35 -0.20
C ALA A 101 -6.65 -5.40 -0.57
N ILE A 102 -5.57 -5.89 -1.17
CA ILE A 102 -4.52 -5.08 -1.77
C ILE A 102 -4.27 -5.52 -3.21
N ASP A 103 -4.40 -6.82 -3.52
CA ASP A 103 -4.18 -7.36 -4.85
C ASP A 103 -5.04 -6.64 -5.90
N LYS A 104 -6.27 -6.26 -5.57
CA LYS A 104 -7.14 -5.49 -6.48
C LYS A 104 -6.48 -4.18 -6.87
N LEU A 105 -6.09 -3.38 -5.87
CA LEU A 105 -5.58 -2.03 -6.09
C LEU A 105 -4.25 -2.11 -6.83
N GLU A 106 -3.35 -2.96 -6.34
CA GLU A 106 -1.98 -2.99 -6.85
C GLU A 106 -1.98 -3.56 -8.27
N ALA A 107 -2.84 -4.55 -8.55
CA ALA A 107 -2.88 -5.15 -9.87
C ALA A 107 -3.39 -4.13 -10.89
N GLU A 108 -4.37 -3.29 -10.54
CA GLU A 108 -4.84 -2.28 -11.48
C GLU A 108 -3.78 -1.19 -11.74
N LEU A 109 -2.92 -0.84 -10.77
CA LEU A 109 -1.78 0.04 -11.10
C LEU A 109 -0.85 -0.67 -12.07
N LYS A 110 -0.60 -1.97 -11.84
CA LYS A 110 0.28 -2.77 -12.67
C LYS A 110 -0.27 -2.86 -14.10
N ASN A 111 -1.58 -3.02 -14.23
CA ASN A 111 -2.32 -3.01 -15.49
C ASN A 111 -2.24 -1.63 -16.16
N SER A 112 -2.25 -0.56 -15.36
CA SER A 112 -2.01 0.81 -15.81
C SER A 112 -0.54 1.09 -16.15
N GLY A 113 0.32 0.06 -16.18
CA GLY A 113 1.70 0.15 -16.66
C GLY A 113 2.69 0.53 -15.57
N ALA A 114 2.23 0.90 -14.37
CA ALA A 114 3.08 1.08 -13.20
C ALA A 114 3.73 -0.26 -12.81
N LYS A 115 4.73 -0.25 -11.92
CA LYS A 115 5.34 -1.50 -11.45
C LYS A 115 5.71 -1.42 -9.97
N GLN A 116 5.71 -2.59 -9.33
CA GLN A 116 6.22 -2.82 -7.98
C GLN A 116 7.69 -2.38 -7.90
N THR A 117 8.20 -2.22 -6.68
CA THR A 117 9.56 -1.76 -6.40
C THR A 117 10.17 -2.60 -5.27
N GLY A 118 9.84 -3.89 -5.30
CA GLY A 118 10.09 -4.87 -4.26
C GLY A 118 9.07 -6.00 -4.39
N GLU A 119 8.96 -6.86 -3.40
CA GLU A 119 7.88 -7.84 -3.34
C GLU A 119 6.67 -7.20 -2.65
N THR A 120 5.46 -7.70 -2.93
CA THR A 120 4.24 -7.35 -2.21
C THR A 120 4.36 -7.91 -0.78
N LEU A 121 3.62 -7.37 0.20
CA LEU A 121 3.52 -7.93 1.54
C LEU A 121 2.05 -7.99 1.95
N LYS A 122 1.70 -8.94 2.83
CA LYS A 122 0.41 -8.99 3.49
C LYS A 122 0.71 -9.34 4.95
N ILE A 123 -0.08 -8.83 5.89
CA ILE A 123 0.22 -8.88 7.33
C ILE A 123 -1.08 -9.32 8.02
N ASN A 124 -1.14 -10.59 8.44
CA ASN A 124 -2.26 -11.09 9.23
C ASN A 124 -2.12 -10.59 10.67
N ILE A 125 -3.23 -10.24 11.32
CA ILE A 125 -3.25 -9.83 12.72
C ILE A 125 -4.33 -10.56 13.53
N LEU A 126 -5.07 -11.53 12.97
CA LEU A 126 -6.25 -12.09 13.65
C LEU A 126 -5.84 -13.02 14.80
N ASP A 127 -5.24 -14.17 14.51
CA ASP A 127 -4.85 -15.16 15.52
C ASP A 127 -3.64 -14.71 16.36
N HIS A 128 -2.78 -13.87 15.79
CA HIS A 128 -1.49 -13.52 16.35
C HIS A 128 -1.09 -12.10 15.94
N ASP A 129 -0.27 -11.45 16.76
CA ASP A 129 0.17 -10.06 16.60
C ASP A 129 1.34 -9.90 15.61
N ILE A 130 1.72 -10.99 14.93
CA ILE A 130 2.86 -11.12 14.03
C ILE A 130 4.12 -10.37 14.53
N PRO A 131 4.67 -10.76 15.69
CA PRO A 131 5.82 -10.08 16.29
C PRO A 131 7.11 -10.20 15.46
N GLU A 132 7.13 -11.04 14.43
CA GLU A 132 8.21 -11.09 13.43
C GLU A 132 8.32 -9.76 12.66
N ASP A 133 7.25 -8.96 12.64
CA ASP A 133 7.15 -7.63 12.03
C ASP A 133 7.83 -7.53 10.65
N PRO A 134 7.38 -8.28 9.64
CA PRO A 134 8.02 -8.34 8.33
C PRO A 134 8.00 -7.01 7.59
N ALA A 135 7.14 -6.07 8.00
CA ALA A 135 7.06 -4.73 7.42
C ALA A 135 8.44 -4.04 7.40
N GLU A 136 9.25 -4.23 8.45
CA GLU A 136 10.56 -3.58 8.53
C GLU A 136 11.51 -4.13 7.46
N GLU A 137 11.50 -5.45 7.25
CA GLU A 137 12.38 -6.10 6.28
C GLU A 137 11.97 -5.73 4.86
N TRP A 138 10.66 -5.69 4.59
CA TRP A 138 10.15 -5.26 3.30
C TRP A 138 10.43 -3.77 3.06
N LEU A 139 10.35 -2.91 4.08
CA LEU A 139 10.65 -1.49 3.93
C LEU A 139 12.13 -1.31 3.60
N GLY A 140 13.02 -2.05 4.28
CA GLY A 140 14.43 -2.13 3.95
C GLY A 140 14.64 -2.56 2.50
N SER A 141 13.89 -3.57 2.05
CA SER A 141 13.94 -4.04 0.68
C SER A 141 13.47 -2.94 -0.30
N TRP A 142 12.41 -2.20 0.03
CA TRP A 142 11.91 -1.10 -0.79
C TRP A 142 12.99 -0.03 -0.97
N VAL A 143 13.65 0.45 0.08
CA VAL A 143 14.68 1.46 -0.10
C VAL A 143 15.89 0.90 -0.85
N ASN A 144 16.21 -0.39 -0.71
CA ASN A 144 17.30 -1.03 -1.44
C ASN A 144 17.01 -1.12 -2.94
N LEU A 145 15.74 -1.00 -3.34
CA LEU A 145 15.29 -1.14 -4.72
C LEU A 145 15.04 0.25 -5.33
N LEU A 146 14.34 1.14 -4.62
CA LEU A 146 14.02 2.48 -5.13
C LEU A 146 15.24 3.41 -5.09
N LYS A 147 16.23 3.12 -4.23
CA LYS A 147 17.50 3.82 -4.04
C LYS A 147 17.34 5.34 -4.18
N MET A 1 6.68 18.49 1.60
CA MET A 1 7.51 17.74 0.63
C MET A 1 7.51 16.25 1.00
N ALA A 2 7.39 15.37 0.00
CA ALA A 2 7.44 13.91 0.16
C ALA A 2 8.12 13.31 -1.08
N ASP A 3 8.62 12.08 -0.93
CA ASP A 3 9.34 11.35 -1.96
C ASP A 3 8.89 9.88 -2.02
N ILE A 4 8.37 9.35 -0.90
CA ILE A 4 7.71 8.06 -0.82
C ILE A 4 6.37 8.34 -0.12
N THR A 5 5.40 8.80 -0.89
CA THR A 5 4.07 9.04 -0.34
C THR A 5 3.37 7.68 -0.18
N LEU A 6 3.03 7.33 1.06
CA LEU A 6 2.22 6.15 1.35
C LEU A 6 0.77 6.46 0.96
N ILE A 7 0.04 5.42 0.56
CA ILE A 7 -1.36 5.45 0.15
C ILE A 7 -2.08 4.57 1.19
N SER A 8 -2.62 5.22 2.22
CA SER A 8 -3.16 4.62 3.41
C SER A 8 -4.63 4.21 3.20
N GLY A 9 -4.87 2.99 2.73
CA GLY A 9 -6.17 2.34 2.67
C GLY A 9 -6.50 1.79 4.07
N SER A 10 -6.48 2.67 5.06
CA SER A 10 -6.50 2.29 6.46
C SER A 10 -7.84 2.53 7.15
N THR A 11 -8.90 1.90 6.65
CA THR A 11 -10.21 1.86 7.30
C THR A 11 -10.12 1.21 8.68
N LEU A 12 -9.28 0.17 8.83
CA LEU A 12 -9.07 -0.49 10.13
C LEU A 12 -8.40 0.41 11.17
N GLY A 13 -7.73 1.50 10.77
CA GLY A 13 -6.96 2.38 11.64
C GLY A 13 -5.63 1.75 12.07
N GLY A 14 -5.60 0.46 12.38
CA GLY A 14 -4.39 -0.30 12.69
C GLY A 14 -3.44 -0.34 11.49
N ALA A 15 -3.99 -0.43 10.28
CA ALA A 15 -3.21 -0.32 9.05
C ALA A 15 -2.52 1.04 8.99
N GLU A 16 -3.12 2.08 9.59
CA GLU A 16 -2.53 3.42 9.61
C GLU A 16 -1.46 3.55 10.69
N TYR A 17 -1.57 2.82 11.80
CA TYR A 17 -0.53 2.81 12.82
C TYR A 17 0.73 2.16 12.25
N VAL A 18 0.57 1.08 11.48
CA VAL A 18 1.67 0.46 10.76
C VAL A 18 2.19 1.42 9.69
N ALA A 19 1.32 2.10 8.93
CA ALA A 19 1.76 3.08 7.94
C ALA A 19 2.61 4.19 8.57
N GLU A 20 2.22 4.68 9.76
CA GLU A 20 2.96 5.71 10.47
C GLU A 20 4.33 5.17 10.92
N HIS A 21 4.39 3.94 11.42
CA HIS A 21 5.65 3.30 11.81
C HIS A 21 6.58 3.16 10.60
N LEU A 22 6.06 2.66 9.47
CA LEU A 22 6.80 2.50 8.24
C LEU A 22 7.34 3.86 7.78
N ALA A 23 6.47 4.88 7.78
CA ALA A 23 6.83 6.23 7.35
C ALA A 23 7.94 6.79 8.24
N GLU A 24 7.83 6.64 9.57
CA GLU A 24 8.85 7.12 10.50
C GLU A 24 10.19 6.46 10.20
N LYS A 25 10.22 5.17 9.90
CA LYS A 25 11.48 4.49 9.57
C LYS A 25 12.01 4.93 8.21
N LEU A 26 11.15 5.28 7.25
CA LEU A 26 11.62 5.90 6.01
C LEU A 26 12.24 7.27 6.26
N GLU A 27 11.66 8.09 7.15
CA GLU A 27 12.22 9.39 7.49
C GLU A 27 13.63 9.20 8.08
N GLU A 28 13.81 8.22 8.96
CA GLU A 28 15.10 7.89 9.54
C GLU A 28 16.07 7.34 8.48
N ALA A 29 15.58 6.55 7.52
CA ALA A 29 16.37 6.02 6.42
C ALA A 29 16.80 7.12 5.42
N GLY A 30 16.09 8.26 5.40
CA GLY A 30 16.47 9.44 4.64
C GLY A 30 15.55 9.73 3.46
N PHE A 31 14.27 9.34 3.54
CA PHE A 31 13.28 9.56 2.48
C PHE A 31 12.07 10.27 3.10
N THR A 32 11.61 11.36 2.50
CA THR A 32 10.45 12.08 2.98
C THR A 32 9.18 11.32 2.61
N THR A 33 8.15 11.41 3.45
CA THR A 33 6.95 10.61 3.34
C THR A 33 5.68 11.46 3.50
N GLU A 34 4.54 10.85 3.21
CA GLU A 34 3.20 11.35 3.48
C GLU A 34 2.35 10.08 3.63
N THR A 35 1.16 10.17 4.22
CA THR A 35 0.27 9.04 4.47
C THR A 35 -1.12 9.49 4.01
N LEU A 36 -1.34 9.46 2.68
CA LEU A 36 -2.58 9.93 2.09
C LEU A 36 -3.68 8.96 2.49
N HIS A 37 -4.63 9.41 3.30
CA HIS A 37 -5.78 8.62 3.67
C HIS A 37 -6.71 8.53 2.47
N GLY A 38 -6.76 7.37 1.83
CA GLY A 38 -7.70 7.05 0.75
C GLY A 38 -7.75 8.06 -0.40
N PRO A 39 -6.64 8.38 -1.08
CA PRO A 39 -6.63 9.25 -2.25
C PRO A 39 -7.29 8.59 -3.46
N LEU A 40 -7.42 9.34 -4.55
CA LEU A 40 -7.96 8.92 -5.84
C LEU A 40 -7.03 9.34 -6.97
N LEU A 41 -7.33 8.86 -8.18
CA LEU A 41 -6.62 9.17 -9.41
C LEU A 41 -6.48 10.67 -9.64
N GLU A 42 -7.52 11.45 -9.30
CA GLU A 42 -7.52 12.91 -9.42
C GLU A 42 -6.49 13.60 -8.50
N ASP A 43 -5.84 12.86 -7.60
CA ASP A 43 -4.88 13.34 -6.62
C ASP A 43 -3.63 12.43 -6.58
N LEU A 44 -3.43 11.62 -7.62
CA LEU A 44 -2.30 10.69 -7.77
C LEU A 44 -1.75 10.85 -9.19
N PRO A 45 -0.67 11.63 -9.39
CA PRO A 45 -0.10 11.83 -10.72
C PRO A 45 0.53 10.53 -11.24
N ALA A 46 0.78 10.49 -12.56
CA ALA A 46 1.20 9.30 -13.29
C ALA A 46 2.63 8.85 -13.02
N SER A 47 3.35 9.51 -12.11
CA SER A 47 4.77 9.32 -11.88
C SER A 47 5.04 9.57 -10.40
N GLY A 48 5.86 8.72 -9.78
CA GLY A 48 6.26 8.83 -8.38
C GLY A 48 6.58 7.45 -7.83
N ILE A 49 7.01 7.41 -6.56
CA ILE A 49 7.27 6.19 -5.82
C ILE A 49 6.23 6.18 -4.70
N TRP A 50 5.18 5.38 -4.86
CA TRP A 50 4.09 5.28 -3.91
C TRP A 50 4.27 4.02 -3.05
N LEU A 51 3.51 3.86 -1.97
CA LEU A 51 3.56 2.66 -1.14
C LEU A 51 2.14 2.41 -0.64
N VAL A 52 1.45 1.48 -1.29
CA VAL A 52 0.05 1.19 -1.02
C VAL A 52 -0.06 0.31 0.23
N ILE A 53 -1.06 0.58 1.07
CA ILE A 53 -1.42 -0.25 2.21
C ILE A 53 -2.94 -0.43 2.12
N SER A 54 -3.43 -1.65 2.34
CA SER A 54 -4.85 -1.93 2.43
C SER A 54 -5.19 -2.66 3.72
N SER A 55 -6.30 -2.24 4.34
CA SER A 55 -6.92 -2.97 5.45
C SER A 55 -7.52 -4.26 4.91
N THR A 56 -7.77 -5.25 5.77
CA THR A 56 -8.31 -6.55 5.39
C THR A 56 -9.30 -6.98 6.47
N HIS A 57 -10.57 -6.60 6.32
CA HIS A 57 -11.62 -6.75 7.34
C HIS A 57 -12.16 -8.21 7.39
N GLY A 58 -11.29 -9.22 7.32
CA GLY A 58 -11.63 -10.63 7.44
C GLY A 58 -12.23 -11.22 6.15
N ALA A 59 -13.08 -10.46 5.46
CA ALA A 59 -13.70 -10.87 4.20
C ALA A 59 -12.73 -10.82 3.00
N GLY A 60 -11.65 -10.04 3.10
CA GLY A 60 -10.70 -9.85 2.00
C GLY A 60 -11.11 -8.75 1.03
N ASP A 61 -12.14 -7.95 1.35
CA ASP A 61 -12.57 -6.82 0.52
C ASP A 61 -11.62 -5.63 0.69
N ILE A 62 -11.51 -4.80 -0.34
CA ILE A 62 -10.67 -3.60 -0.38
C ILE A 62 -11.19 -2.59 0.65
N PRO A 63 -10.32 -1.84 1.36
CA PRO A 63 -10.71 -0.79 2.30
C PRO A 63 -11.58 0.28 1.64
N ASP A 64 -12.76 0.55 2.21
CA ASP A 64 -13.77 1.44 1.64
C ASP A 64 -13.26 2.86 1.37
N ASN A 65 -12.26 3.33 2.11
CA ASN A 65 -11.70 4.67 1.95
C ASN A 65 -10.86 4.80 0.67
N LEU A 66 -10.39 3.69 0.08
CA LEU A 66 -9.43 3.67 -1.02
C LEU A 66 -9.95 2.83 -2.18
N SER A 67 -10.87 1.90 -1.93
CA SER A 67 -11.40 0.99 -2.93
C SER A 67 -11.97 1.68 -4.19
N PRO A 68 -12.55 2.91 -4.16
CA PRO A 68 -12.89 3.64 -5.36
C PRO A 68 -11.74 3.82 -6.36
N PHE A 69 -10.47 3.75 -5.94
CA PHE A 69 -9.33 3.82 -6.85
C PHE A 69 -9.33 2.67 -7.86
N TYR A 70 -9.77 1.47 -7.45
CA TYR A 70 -9.90 0.32 -8.34
C TYR A 70 -10.87 0.65 -9.48
N GLU A 71 -11.98 1.31 -9.15
CA GLU A 71 -12.98 1.70 -10.13
C GLU A 71 -12.43 2.82 -11.02
N ALA A 72 -11.85 3.86 -10.45
CA ALA A 72 -11.39 5.02 -11.22
C ALA A 72 -10.27 4.67 -12.18
N LEU A 73 -9.40 3.71 -11.83
CA LEU A 73 -8.40 3.22 -12.78
C LEU A 73 -9.09 2.46 -13.90
N GLN A 74 -9.90 1.44 -13.60
CA GLN A 74 -10.44 0.58 -14.65
C GLN A 74 -11.43 1.32 -15.55
N GLU A 75 -12.18 2.31 -15.03
CA GLU A 75 -13.16 3.05 -15.80
C GLU A 75 -12.49 4.01 -16.80
N GLN A 76 -11.24 4.43 -16.55
CA GLN A 76 -10.55 5.44 -17.35
C GLN A 76 -9.36 4.87 -18.13
N LYS A 77 -8.77 3.75 -17.68
CA LYS A 77 -7.50 3.20 -18.15
C LYS A 77 -6.50 4.34 -18.44
N PRO A 78 -6.08 5.09 -17.40
CA PRO A 78 -5.33 6.33 -17.55
C PRO A 78 -3.90 6.17 -18.08
N ASP A 79 -3.41 4.94 -18.26
CA ASP A 79 -2.14 4.63 -18.94
C ASP A 79 -0.98 5.45 -18.36
N LEU A 80 -0.85 5.39 -17.03
CA LEU A 80 0.10 6.15 -16.23
C LEU A 80 1.53 5.83 -16.67
N SER A 81 1.84 4.54 -16.83
CA SER A 81 3.09 4.02 -17.38
C SER A 81 4.39 4.49 -16.69
N ALA A 82 4.33 5.06 -15.48
CA ALA A 82 5.52 5.58 -14.79
C ALA A 82 5.39 5.62 -13.26
N VAL A 83 4.28 5.16 -12.69
CA VAL A 83 4.18 4.96 -11.25
C VAL A 83 5.03 3.74 -10.90
N ARG A 84 5.78 3.82 -9.81
CA ARG A 84 6.45 2.69 -9.19
C ARG A 84 5.88 2.64 -7.80
N PHE A 85 5.61 1.44 -7.27
CA PHE A 85 4.93 1.33 -5.99
C PHE A 85 5.36 0.07 -5.25
N GLY A 86 4.96 -0.02 -3.99
CA GLY A 86 5.06 -1.21 -3.16
C GLY A 86 3.67 -1.43 -2.58
N ALA A 87 3.39 -2.59 -2.01
CA ALA A 87 2.05 -2.98 -1.62
C ALA A 87 2.09 -3.81 -0.35
N ILE A 88 1.18 -3.50 0.57
CA ILE A 88 1.09 -4.08 1.89
C ILE A 88 -0.38 -4.39 2.13
N GLY A 89 -0.67 -5.56 2.71
CA GLY A 89 -2.01 -5.91 3.18
C GLY A 89 -1.93 -6.17 4.68
N ILE A 90 -2.87 -5.64 5.45
CA ILE A 90 -2.86 -5.69 6.92
C ILE A 90 -4.29 -5.96 7.34
N GLY A 91 -4.56 -6.91 8.23
CA GLY A 91 -5.87 -7.08 8.79
C GLY A 91 -6.00 -8.43 9.47
N SER A 92 -7.24 -8.83 9.62
CA SER A 92 -7.71 -10.05 10.27
C SER A 92 -7.51 -11.28 9.37
N ARG A 93 -6.32 -11.42 8.79
CA ARG A 93 -6.02 -12.40 7.74
C ARG A 93 -6.10 -13.85 8.25
N GLU A 94 -6.07 -14.05 9.57
CA GLU A 94 -6.34 -15.35 10.18
C GLU A 94 -7.77 -15.83 9.90
N TYR A 95 -8.73 -14.91 9.69
CA TYR A 95 -10.15 -15.24 9.60
C TYR A 95 -10.42 -16.07 8.34
N ASP A 96 -10.06 -15.53 7.18
CA ASP A 96 -10.09 -16.20 5.88
C ASP A 96 -9.35 -15.33 4.86
N THR A 97 -9.90 -14.15 4.55
CA THR A 97 -9.47 -13.19 3.54
C THR A 97 -9.19 -13.82 2.15
N PHE A 98 -8.75 -13.00 1.18
CA PHE A 98 -8.62 -13.41 -0.22
C PHE A 98 -7.51 -12.65 -0.97
N CYS A 99 -6.73 -11.81 -0.28
CA CYS A 99 -5.74 -10.85 -0.83
C CYS A 99 -6.28 -9.82 -1.84
N GLY A 100 -7.52 -9.98 -2.35
CA GLY A 100 -8.21 -9.03 -3.22
C GLY A 100 -8.11 -7.59 -2.72
N ALA A 101 -8.10 -7.41 -1.39
CA ALA A 101 -8.02 -6.12 -0.70
C ALA A 101 -6.87 -5.24 -1.16
N ILE A 102 -5.79 -5.82 -1.68
CA ILE A 102 -4.69 -5.06 -2.26
C ILE A 102 -4.48 -5.50 -3.72
N ASP A 103 -4.73 -6.78 -4.03
CA ASP A 103 -4.43 -7.37 -5.33
C ASP A 103 -5.20 -6.68 -6.46
N LYS A 104 -6.45 -6.29 -6.22
CA LYS A 104 -7.24 -5.59 -7.23
C LYS A 104 -6.69 -4.19 -7.50
N LEU A 105 -6.29 -3.46 -6.44
CA LEU A 105 -5.74 -2.11 -6.59
C LEU A 105 -4.46 -2.17 -7.40
N GLU A 106 -3.55 -3.07 -7.03
CA GLU A 106 -2.25 -3.15 -7.69
C GLU A 106 -2.39 -3.65 -9.13
N ALA A 107 -3.36 -4.53 -9.40
CA ALA A 107 -3.57 -5.07 -10.72
C ALA A 107 -3.95 -3.95 -11.67
N GLU A 108 -4.80 -3.02 -11.25
CA GLU A 108 -5.19 -1.91 -12.11
C GLU A 108 -4.08 -0.87 -12.25
N LEU A 109 -3.21 -0.69 -11.25
CA LEU A 109 -2.01 0.14 -11.46
C LEU A 109 -1.13 -0.49 -12.52
N LYS A 110 -0.88 -1.80 -12.41
CA LYS A 110 -0.01 -2.50 -13.36
C LYS A 110 -0.63 -2.54 -14.75
N ASN A 111 -1.95 -2.68 -14.83
CA ASN A 111 -2.70 -2.57 -16.09
C ASN A 111 -2.55 -1.17 -16.69
N SER A 112 -2.57 -0.13 -15.84
CA SER A 112 -2.29 1.25 -16.21
C SER A 112 -0.79 1.49 -16.45
N GLY A 113 0.05 0.46 -16.55
CA GLY A 113 1.44 0.56 -16.98
C GLY A 113 2.43 0.84 -15.84
N ALA A 114 1.94 1.08 -14.62
CA ALA A 114 2.81 1.15 -13.43
C ALA A 114 3.51 -0.20 -13.22
N LYS A 115 4.49 -0.26 -12.32
CA LYS A 115 5.05 -1.54 -11.89
C LYS A 115 5.38 -1.52 -10.40
N GLN A 116 5.07 -2.65 -9.76
CA GLN A 116 5.37 -2.92 -8.37
C GLN A 116 6.90 -2.96 -8.17
N THR A 117 7.33 -3.01 -6.91
CA THR A 117 8.72 -3.06 -6.49
C THR A 117 8.76 -4.04 -5.30
N GLY A 118 9.91 -4.67 -5.08
CA GLY A 118 10.07 -5.62 -3.98
C GLY A 118 9.14 -6.81 -4.19
N GLU A 119 8.41 -7.22 -3.15
CA GLU A 119 7.36 -8.22 -3.17
C GLU A 119 6.29 -7.74 -2.17
N THR A 120 5.04 -8.17 -2.36
CA THR A 120 3.91 -7.76 -1.53
C THR A 120 4.13 -8.24 -0.08
N LEU A 121 3.96 -7.34 0.89
CA LEU A 121 4.02 -7.66 2.31
C LEU A 121 2.61 -7.97 2.79
N LYS A 122 2.45 -8.96 3.67
CA LYS A 122 1.16 -9.31 4.28
C LYS A 122 1.39 -9.35 5.79
N ILE A 123 0.44 -8.85 6.58
CA ILE A 123 0.57 -8.73 8.03
C ILE A 123 -0.79 -9.12 8.64
N ASN A 124 -0.89 -10.35 9.13
CA ASN A 124 -2.06 -10.74 9.93
C ASN A 124 -1.90 -10.06 11.30
N ILE A 125 -2.95 -9.44 11.82
CA ILE A 125 -2.90 -8.70 13.08
C ILE A 125 -4.01 -9.12 14.05
N LEU A 126 -4.79 -10.17 13.74
CA LEU A 126 -5.90 -10.62 14.59
C LEU A 126 -5.44 -10.91 16.02
N ASP A 127 -4.19 -11.38 16.18
CA ASP A 127 -3.52 -11.56 17.46
C ASP A 127 -2.07 -11.06 17.35
N HIS A 128 -1.90 -9.86 16.78
CA HIS A 128 -0.62 -9.20 16.47
C HIS A 128 0.40 -10.15 15.82
N ASP A 129 -0.08 -11.00 14.92
CA ASP A 129 0.62 -12.12 14.30
C ASP A 129 1.52 -11.66 13.14
N ILE A 130 2.34 -10.65 13.40
CA ILE A 130 3.29 -10.08 12.43
C ILE A 130 4.22 -11.17 11.86
N PRO A 131 4.68 -11.03 10.60
CA PRO A 131 5.47 -12.06 9.93
C PRO A 131 6.83 -12.29 10.60
N GLU A 132 7.44 -13.43 10.28
CA GLU A 132 8.72 -13.88 10.81
C GLU A 132 9.92 -13.11 10.22
N ASP A 133 9.67 -12.16 9.31
CA ASP A 133 10.65 -11.23 8.77
C ASP A 133 10.10 -9.82 8.99
N PRO A 134 10.69 -8.99 9.88
CA PRO A 134 10.12 -7.72 10.31
C PRO A 134 9.73 -6.78 9.17
N ALA A 135 8.74 -5.92 9.44
CA ALA A 135 8.37 -4.82 8.56
C ALA A 135 9.59 -3.95 8.22
N GLU A 136 10.49 -3.74 9.19
CA GLU A 136 11.69 -2.93 9.01
C GLU A 136 12.63 -3.54 7.97
N GLU A 137 12.71 -4.87 7.89
CA GLU A 137 13.60 -5.55 6.95
C GLU A 137 12.96 -5.57 5.56
N TRP A 138 11.64 -5.72 5.48
CA TRP A 138 10.91 -5.64 4.22
C TRP A 138 10.99 -4.21 3.65
N LEU A 139 10.88 -3.21 4.53
CA LEU A 139 11.04 -1.80 4.19
C LEU A 139 12.47 -1.52 3.75
N GLY A 140 13.46 -2.09 4.45
CA GLY A 140 14.86 -2.06 4.08
C GLY A 140 15.06 -2.61 2.68
N SER A 141 14.40 -3.72 2.36
CA SER A 141 14.46 -4.33 1.04
C SER A 141 13.84 -3.38 -0.01
N TRP A 142 12.73 -2.71 0.30
CA TRP A 142 12.14 -1.74 -0.61
C TRP A 142 13.09 -0.59 -0.90
N VAL A 143 13.66 0.07 0.12
CA VAL A 143 14.57 1.18 -0.14
C VAL A 143 15.80 0.71 -0.93
N ASN A 144 16.28 -0.51 -0.69
CA ASN A 144 17.41 -1.07 -1.43
C ASN A 144 17.12 -1.21 -2.92
N LEU A 145 15.85 -1.32 -3.34
CA LEU A 145 15.50 -1.39 -4.76
C LEU A 145 15.22 0.01 -5.32
N LEU A 146 14.41 0.82 -4.63
CA LEU A 146 13.93 2.11 -5.16
C LEU A 146 14.96 3.25 -5.02
N LYS A 147 16.04 3.05 -4.25
CA LYS A 147 17.09 4.04 -3.98
C LYS A 147 17.45 4.87 -5.21
N MET A 1 5.53 18.68 1.49
CA MET A 1 6.65 18.04 0.76
C MET A 1 6.65 16.54 1.06
N ALA A 2 6.59 15.70 0.01
CA ALA A 2 6.73 14.25 0.10
C ALA A 2 7.39 13.74 -1.18
N ASP A 3 8.00 12.57 -1.10
CA ASP A 3 8.72 11.90 -2.19
C ASP A 3 8.38 10.41 -2.23
N ILE A 4 8.01 9.82 -1.09
CA ILE A 4 7.46 8.48 -0.97
C ILE A 4 6.11 8.67 -0.28
N THR A 5 5.14 9.11 -1.06
CA THR A 5 3.80 9.38 -0.60
C THR A 5 3.12 8.02 -0.40
N LEU A 6 2.75 7.70 0.84
CA LEU A 6 2.09 6.44 1.17
C LEU A 6 0.57 6.65 1.00
N ILE A 7 -0.15 5.55 0.78
CA ILE A 7 -1.55 5.52 0.40
C ILE A 7 -2.23 4.62 1.44
N SER A 8 -2.79 5.24 2.47
CA SER A 8 -3.40 4.61 3.63
C SER A 8 -4.90 4.37 3.40
N GLY A 9 -5.48 3.37 4.06
CA GLY A 9 -6.90 3.08 4.07
C GLY A 9 -7.11 1.79 4.85
N SER A 10 -8.01 1.79 5.82
CA SER A 10 -8.19 0.67 6.73
C SER A 10 -9.64 0.53 7.19
N THR A 11 -9.98 -0.71 7.57
CA THR A 11 -11.20 -1.11 8.24
C THR A 11 -10.83 -1.95 9.47
N LEU A 12 -9.76 -2.74 9.38
CA LEU A 12 -9.16 -3.42 10.53
C LEU A 12 -8.54 -2.39 11.50
N GLY A 13 -8.23 -1.18 11.04
CA GLY A 13 -7.74 -0.09 11.88
C GLY A 13 -6.25 -0.20 12.11
N GLY A 14 -5.50 -0.66 11.10
CA GLY A 14 -4.08 -0.97 11.20
C GLY A 14 -3.26 -0.33 10.07
N ALA A 15 -3.84 -0.01 8.92
CA ALA A 15 -3.07 0.53 7.79
C ALA A 15 -2.53 1.92 8.14
N GLU A 16 -3.28 2.68 8.96
CA GLU A 16 -2.84 3.98 9.42
C GLU A 16 -1.60 3.85 10.32
N TYR A 17 -1.57 2.82 11.17
CA TYR A 17 -0.44 2.57 12.07
C TYR A 17 0.75 2.10 11.25
N VAL A 18 0.55 1.13 10.35
CA VAL A 18 1.63 0.59 9.53
C VAL A 18 2.23 1.71 8.66
N ALA A 19 1.40 2.56 8.05
CA ALA A 19 1.88 3.65 7.23
C ALA A 19 2.76 4.59 8.06
N GLU A 20 2.32 5.00 9.24
CA GLU A 20 3.10 5.90 10.10
C GLU A 20 4.39 5.21 10.57
N HIS A 21 4.30 3.94 10.97
CA HIS A 21 5.44 3.17 11.48
C HIS A 21 6.52 3.00 10.40
N LEU A 22 6.12 2.79 9.14
CA LEU A 22 7.05 2.69 8.02
C LEU A 22 7.58 4.08 7.65
N ALA A 23 6.71 5.11 7.65
CA ALA A 23 7.09 6.47 7.32
C ALA A 23 8.20 6.96 8.24
N GLU A 24 8.13 6.64 9.54
CA GLU A 24 9.16 6.97 10.51
C GLU A 24 10.54 6.49 10.03
N LYS A 25 10.63 5.25 9.53
CA LYS A 25 11.90 4.67 9.09
C LYS A 25 12.38 5.39 7.83
N LEU A 26 11.47 5.74 6.92
CA LEU A 26 11.82 6.44 5.69
C LEU A 26 12.33 7.85 6.00
N GLU A 27 11.71 8.55 6.96
CA GLU A 27 12.15 9.87 7.37
C GLU A 27 13.53 9.79 8.02
N GLU A 28 13.79 8.77 8.84
CA GLU A 28 15.11 8.55 9.43
C GLU A 28 16.15 8.23 8.35
N ALA A 29 15.76 7.49 7.30
CA ALA A 29 16.63 7.21 6.15
C ALA A 29 16.90 8.46 5.31
N GLY A 30 16.02 9.47 5.38
CA GLY A 30 16.23 10.80 4.81
C GLY A 30 15.19 11.19 3.74
N PHE A 31 14.23 10.31 3.44
CA PHE A 31 13.16 10.59 2.49
C PHE A 31 12.11 11.51 3.13
N THR A 32 11.12 11.95 2.35
CA THR A 32 9.95 12.66 2.82
C THR A 32 8.72 11.81 2.46
N THR A 33 7.72 11.82 3.33
CA THR A 33 6.58 10.91 3.27
C THR A 33 5.28 11.69 3.52
N GLU A 34 4.15 11.04 3.24
CA GLU A 34 2.81 11.50 3.60
C GLU A 34 1.97 10.21 3.70
N THR A 35 0.84 10.25 4.39
CA THR A 35 -0.02 9.11 4.65
C THR A 35 -1.40 9.47 4.13
N LEU A 36 -1.56 9.51 2.81
CA LEU A 36 -2.79 9.98 2.19
C LEU A 36 -3.87 8.96 2.49
N HIS A 37 -4.87 9.34 3.26
CA HIS A 37 -5.99 8.48 3.59
C HIS A 37 -6.97 8.53 2.43
N GLY A 38 -7.07 7.42 1.69
CA GLY A 38 -8.06 7.23 0.63
C GLY A 38 -7.97 8.20 -0.56
N PRO A 39 -6.78 8.46 -1.15
CA PRO A 39 -6.68 9.19 -2.41
C PRO A 39 -7.24 8.34 -3.56
N LEU A 40 -7.34 8.96 -4.74
CA LEU A 40 -7.71 8.31 -6.00
C LEU A 40 -6.69 8.73 -7.06
N LEU A 41 -6.81 8.16 -8.27
CA LEU A 41 -5.99 8.52 -9.42
C LEU A 41 -6.07 10.02 -9.72
N GLU A 42 -7.24 10.64 -9.45
CA GLU A 42 -7.45 12.09 -9.63
C GLU A 42 -6.57 12.95 -8.71
N ASP A 43 -5.84 12.35 -7.77
CA ASP A 43 -4.99 13.03 -6.78
C ASP A 43 -3.61 12.35 -6.66
N LEU A 44 -3.21 11.56 -7.66
CA LEU A 44 -1.94 10.82 -7.69
C LEU A 44 -1.34 10.95 -9.08
N PRO A 45 -0.19 11.62 -9.25
CA PRO A 45 0.43 11.81 -10.56
C PRO A 45 1.03 10.49 -11.09
N ALA A 46 1.33 10.47 -12.39
CA ALA A 46 1.74 9.28 -13.13
C ALA A 46 3.24 8.97 -13.00
N SER A 47 3.90 9.50 -11.96
CA SER A 47 5.30 9.21 -11.67
C SER A 47 5.53 9.41 -10.17
N GLY A 48 6.30 8.52 -9.56
CA GLY A 48 6.60 8.53 -8.12
C GLY A 48 6.82 7.11 -7.63
N ILE A 49 7.07 6.96 -6.32
CA ILE A 49 7.24 5.68 -5.66
C ILE A 49 6.27 5.69 -4.48
N TRP A 50 5.13 5.02 -4.64
CA TRP A 50 4.02 5.04 -3.68
C TRP A 50 4.01 3.74 -2.86
N LEU A 51 3.12 3.64 -1.87
CA LEU A 51 2.93 2.43 -1.07
C LEU A 51 1.46 2.33 -0.72
N VAL A 52 0.75 1.38 -1.32
CA VAL A 52 -0.65 1.13 -1.02
C VAL A 52 -0.70 0.16 0.17
N ILE A 53 -1.50 0.48 1.18
CA ILE A 53 -1.71 -0.34 2.38
C ILE A 53 -3.23 -0.44 2.54
N SER A 54 -3.75 -1.65 2.74
CA SER A 54 -5.18 -1.94 2.70
C SER A 54 -5.49 -3.09 3.65
N SER A 55 -6.62 -3.00 4.34
CA SER A 55 -7.15 -4.14 5.09
C SER A 55 -7.71 -5.16 4.08
N THR A 56 -7.87 -6.41 4.50
CA THR A 56 -8.32 -7.50 3.62
C THR A 56 -9.67 -8.07 4.04
N HIS A 57 -10.29 -7.43 5.03
CA HIS A 57 -11.56 -7.74 5.68
C HIS A 57 -11.78 -9.25 5.97
N GLY A 58 -10.69 -10.03 6.05
CA GLY A 58 -10.74 -11.49 6.11
C GLY A 58 -11.48 -12.16 4.95
N ALA A 59 -11.67 -11.49 3.81
CA ALA A 59 -12.55 -11.96 2.73
C ALA A 59 -12.20 -11.42 1.32
N GLY A 60 -11.35 -10.41 1.21
CA GLY A 60 -10.98 -9.81 -0.08
C GLY A 60 -11.72 -8.50 -0.37
N ASP A 61 -12.61 -8.07 0.53
CA ASP A 61 -13.21 -6.74 0.49
C ASP A 61 -12.16 -5.73 0.94
N ILE A 62 -12.31 -4.46 0.52
CA ILE A 62 -11.31 -3.41 0.66
C ILE A 62 -11.94 -2.24 1.45
N PRO A 63 -11.19 -1.54 2.31
CA PRO A 63 -11.62 -0.32 2.99
C PRO A 63 -12.36 0.66 2.08
N ASP A 64 -13.58 1.04 2.46
CA ASP A 64 -14.47 1.87 1.65
C ASP A 64 -13.87 3.25 1.32
N ASN A 65 -12.94 3.74 2.14
CA ASN A 65 -12.28 5.03 1.92
C ASN A 65 -11.27 5.00 0.78
N LEU A 66 -10.74 3.82 0.41
CA LEU A 66 -9.62 3.66 -0.53
C LEU A 66 -10.00 2.77 -1.71
N SER A 67 -10.92 1.82 -1.50
CA SER A 67 -11.45 0.93 -2.51
C SER A 67 -11.85 1.64 -3.82
N PRO A 68 -12.49 2.84 -3.83
CA PRO A 68 -12.78 3.60 -5.05
C PRO A 68 -11.57 3.85 -5.98
N PHE A 69 -10.33 3.80 -5.49
CA PHE A 69 -9.13 3.91 -6.32
C PHE A 69 -9.12 2.83 -7.41
N TYR A 70 -9.57 1.61 -7.10
CA TYR A 70 -9.68 0.50 -8.06
C TYR A 70 -10.58 0.90 -9.22
N GLU A 71 -11.72 1.54 -8.92
CA GLU A 71 -12.70 1.93 -9.93
C GLU A 71 -12.16 3.11 -10.74
N ALA A 72 -11.59 4.12 -10.10
CA ALA A 72 -11.10 5.31 -10.79
C ALA A 72 -9.92 4.99 -11.70
N LEU A 73 -9.06 4.03 -11.32
CA LEU A 73 -7.98 3.55 -12.17
C LEU A 73 -8.58 2.90 -13.41
N GLN A 74 -9.41 1.87 -13.26
CA GLN A 74 -9.88 1.10 -14.42
C GLN A 74 -10.82 1.92 -15.32
N GLU A 75 -11.53 2.91 -14.77
CA GLU A 75 -12.42 3.76 -15.54
C GLU A 75 -11.61 4.61 -16.53
N GLN A 76 -10.42 5.07 -16.15
CA GLN A 76 -9.65 6.06 -16.90
C GLN A 76 -8.45 5.44 -17.63
N LYS A 77 -7.87 4.38 -17.07
CA LYS A 77 -6.66 3.67 -17.50
C LYS A 77 -5.65 4.57 -18.24
N PRO A 78 -5.12 5.64 -17.60
CA PRO A 78 -4.04 6.42 -18.18
C PRO A 78 -2.75 5.59 -18.24
N ASP A 79 -1.74 6.11 -18.94
CA ASP A 79 -0.40 5.54 -18.91
C ASP A 79 0.27 5.88 -17.58
N LEU A 80 0.49 4.87 -16.73
CA LEU A 80 1.16 4.99 -15.43
C LEU A 80 2.48 4.22 -15.42
N SER A 81 3.04 3.92 -16.59
CA SER A 81 4.31 3.21 -16.78
C SER A 81 5.57 3.90 -16.21
N ALA A 82 5.40 4.83 -15.26
CA ALA A 82 6.48 5.49 -14.53
C ALA A 82 6.17 5.59 -13.03
N VAL A 83 5.00 5.12 -12.57
CA VAL A 83 4.72 4.96 -11.16
C VAL A 83 5.37 3.64 -10.75
N ARG A 84 5.92 3.62 -9.53
CA ARG A 84 6.38 2.41 -8.87
C ARG A 84 5.60 2.38 -7.56
N PHE A 85 5.26 1.20 -7.07
CA PHE A 85 4.41 1.10 -5.90
C PHE A 85 4.82 -0.07 -5.01
N GLY A 86 4.20 -0.15 -3.85
CA GLY A 86 4.27 -1.28 -2.95
C GLY A 86 2.86 -1.62 -2.51
N ALA A 87 2.72 -2.79 -1.90
CA ALA A 87 1.43 -3.38 -1.61
C ALA A 87 1.57 -4.22 -0.34
N ILE A 88 0.62 -4.07 0.57
CA ILE A 88 0.59 -4.73 1.87
C ILE A 88 -0.85 -5.17 2.09
N GLY A 89 -1.05 -6.45 2.43
CA GLY A 89 -2.33 -7.02 2.80
C GLY A 89 -2.35 -7.19 4.30
N ILE A 90 -3.07 -6.32 5.01
CA ILE A 90 -3.29 -6.47 6.44
C ILE A 90 -4.49 -7.41 6.57
N GLY A 91 -4.35 -8.46 7.37
CA GLY A 91 -5.33 -9.53 7.50
C GLY A 91 -4.81 -10.47 8.58
N SER A 92 -5.08 -11.77 8.44
CA SER A 92 -4.50 -12.83 9.27
C SER A 92 -4.65 -14.18 8.58
N ARG A 93 -3.69 -15.08 8.85
CA ARG A 93 -3.61 -16.40 8.21
C ARG A 93 -4.80 -17.31 8.57
N GLU A 94 -5.53 -16.98 9.64
CA GLU A 94 -6.74 -17.71 10.03
C GLU A 94 -7.82 -17.56 8.95
N TYR A 95 -7.91 -16.38 8.32
CA TYR A 95 -8.83 -16.12 7.22
C TYR A 95 -8.34 -16.81 5.93
N ASP A 96 -9.27 -17.04 5.00
CA ASP A 96 -8.98 -17.66 3.70
C ASP A 96 -8.20 -16.73 2.77
N THR A 97 -8.21 -15.42 3.03
CA THR A 97 -7.65 -14.40 2.15
C THR A 97 -6.40 -13.80 2.81
N PHE A 98 -5.35 -13.55 2.02
CA PHE A 98 -4.09 -12.97 2.50
C PHE A 98 -3.83 -11.61 1.84
N CYS A 99 -4.02 -11.51 0.52
CA CYS A 99 -3.77 -10.30 -0.26
C CYS A 99 -4.87 -9.98 -1.27
N GLY A 100 -5.94 -10.79 -1.37
CA GLY A 100 -6.95 -10.66 -2.42
C GLY A 100 -7.67 -9.31 -2.47
N ALA A 101 -7.59 -8.50 -1.41
CA ALA A 101 -8.12 -7.15 -1.38
C ALA A 101 -7.16 -6.16 -2.05
N ILE A 102 -5.92 -6.07 -1.54
CA ILE A 102 -4.88 -5.19 -2.08
C ILE A 102 -4.57 -5.57 -3.53
N ASP A 103 -4.70 -6.86 -3.86
CA ASP A 103 -4.48 -7.38 -5.20
C ASP A 103 -5.27 -6.61 -6.26
N LYS A 104 -6.50 -6.19 -5.96
CA LYS A 104 -7.32 -5.46 -6.93
C LYS A 104 -6.77 -4.04 -7.12
N LEU A 105 -6.49 -3.35 -6.02
CA LEU A 105 -5.97 -1.98 -6.04
C LEU A 105 -4.66 -1.93 -6.79
N GLU A 106 -3.73 -2.84 -6.47
CA GLU A 106 -2.43 -2.85 -7.10
C GLU A 106 -2.54 -3.24 -8.57
N ALA A 107 -3.43 -4.19 -8.89
CA ALA A 107 -3.50 -4.76 -10.22
C ALA A 107 -3.86 -3.69 -11.24
N GLU A 108 -4.75 -2.75 -10.90
CA GLU A 108 -5.10 -1.72 -11.88
C GLU A 108 -3.97 -0.71 -12.10
N LEU A 109 -3.08 -0.45 -11.13
CA LEU A 109 -1.87 0.34 -11.41
C LEU A 109 -0.99 -0.46 -12.35
N LYS A 110 -0.83 -1.77 -12.07
CA LYS A 110 0.02 -2.68 -12.83
C LYS A 110 -0.44 -2.75 -14.27
N ASN A 111 -1.76 -2.87 -14.45
CA ASN A 111 -2.45 -2.91 -15.73
C ASN A 111 -2.33 -1.58 -16.48
N SER A 112 -2.33 -0.46 -15.75
CA SER A 112 -2.07 0.86 -16.30
C SER A 112 -0.60 1.09 -16.65
N GLY A 113 0.31 0.17 -16.28
CA GLY A 113 1.70 0.14 -16.73
C GLY A 113 2.72 0.22 -15.59
N ALA A 114 2.31 0.66 -14.40
CA ALA A 114 3.16 0.76 -13.22
C ALA A 114 3.66 -0.63 -12.77
N LYS A 115 4.59 -0.70 -11.81
CA LYS A 115 5.08 -1.99 -11.28
C LYS A 115 5.37 -1.94 -9.79
N GLN A 116 5.32 -3.12 -9.15
CA GLN A 116 5.76 -3.38 -7.78
C GLN A 116 7.23 -2.98 -7.60
N THR A 117 7.70 -2.94 -6.36
CA THR A 117 9.06 -2.56 -5.99
C THR A 117 9.65 -3.54 -4.96
N GLY A 118 9.31 -4.81 -5.16
CA GLY A 118 9.63 -5.95 -4.30
C GLY A 118 8.43 -6.90 -4.19
N GLU A 119 8.47 -7.87 -3.27
CA GLU A 119 7.40 -8.83 -3.06
C GLU A 119 6.39 -8.31 -2.02
N THR A 120 5.09 -8.60 -2.22
CA THR A 120 3.98 -8.14 -1.40
C THR A 120 4.13 -8.58 0.06
N LEU A 121 3.83 -7.69 1.01
CA LEU A 121 3.87 -8.00 2.43
C LEU A 121 2.50 -8.50 2.90
N LYS A 122 2.49 -9.39 3.89
CA LYS A 122 1.31 -9.82 4.62
C LYS A 122 1.54 -9.35 6.05
N ILE A 123 0.51 -8.82 6.72
CA ILE A 123 0.60 -8.40 8.12
C ILE A 123 -0.52 -9.15 8.83
N ASN A 124 -0.13 -10.24 9.48
CA ASN A 124 -0.99 -11.11 10.28
C ASN A 124 -1.18 -10.48 11.66
N ILE A 125 -2.24 -9.69 11.81
CA ILE A 125 -2.47 -8.93 13.05
C ILE A 125 -2.78 -9.84 14.24
N LEU A 126 -3.48 -10.96 14.01
CA LEU A 126 -3.93 -11.91 15.02
C LEU A 126 -2.78 -12.58 15.77
N ASP A 127 -1.55 -12.51 15.25
CA ASP A 127 -0.36 -13.05 15.91
C ASP A 127 -0.15 -12.40 17.29
N HIS A 128 -0.43 -11.09 17.41
CA HIS A 128 -0.46 -10.34 18.67
C HIS A 128 -1.09 -8.97 18.40
N ASP A 129 -0.55 -8.27 17.40
CA ASP A 129 -1.04 -6.99 16.87
C ASP A 129 -0.47 -6.76 15.47
N ILE A 130 0.77 -7.21 15.26
CA ILE A 130 1.51 -7.34 14.02
C ILE A 130 2.31 -8.65 14.14
N PRO A 131 2.80 -9.26 13.04
CA PRO A 131 3.63 -10.46 13.12
C PRO A 131 4.99 -10.13 13.76
N GLU A 132 5.71 -11.18 14.18
CA GLU A 132 7.01 -11.06 14.82
C GLU A 132 8.05 -10.46 13.87
N ASP A 133 7.97 -10.78 12.58
CA ASP A 133 8.85 -10.24 11.54
C ASP A 133 8.60 -8.73 11.37
N PRO A 134 9.58 -7.85 11.64
CA PRO A 134 9.36 -6.40 11.60
C PRO A 134 9.23 -5.92 10.15
N ALA A 135 8.25 -5.03 9.90
CA ALA A 135 8.02 -4.47 8.57
C ALA A 135 9.23 -3.67 8.07
N GLU A 136 10.09 -3.18 8.96
CA GLU A 136 11.31 -2.47 8.62
C GLU A 136 12.28 -3.37 7.83
N GLU A 137 12.29 -4.68 8.07
CA GLU A 137 13.15 -5.60 7.33
C GLU A 137 12.69 -5.67 5.87
N TRP A 138 11.38 -5.78 5.66
CA TRP A 138 10.76 -5.75 4.34
C TRP A 138 10.98 -4.39 3.67
N LEU A 139 10.90 -3.29 4.44
CA LEU A 139 11.18 -1.94 3.93
C LEU A 139 12.61 -1.83 3.44
N GLY A 140 13.55 -2.57 4.04
CA GLY A 140 14.92 -2.70 3.58
C GLY A 140 14.99 -3.10 2.11
N SER A 141 14.16 -4.06 1.69
CA SER A 141 14.06 -4.45 0.29
C SER A 141 13.54 -3.30 -0.57
N TRP A 142 12.57 -2.52 -0.08
CA TRP A 142 12.04 -1.38 -0.82
C TRP A 142 13.12 -0.34 -1.07
N VAL A 143 13.86 0.09 -0.04
CA VAL A 143 14.89 1.09 -0.25
C VAL A 143 16.03 0.54 -1.11
N ASN A 144 16.32 -0.76 -1.05
CA ASN A 144 17.33 -1.38 -1.90
C ASN A 144 16.89 -1.39 -3.37
N LEU A 145 15.58 -1.52 -3.63
CA LEU A 145 15.03 -1.53 -4.98
C LEU A 145 14.91 -0.10 -5.52
N LEU A 146 14.31 0.82 -4.75
CA LEU A 146 13.99 2.17 -5.22
C LEU A 146 15.21 3.11 -5.20
N LYS A 147 16.24 2.78 -4.40
CA LYS A 147 17.49 3.52 -4.24
C LYS A 147 17.25 5.04 -4.16
N MET A 1 7.12 18.02 -2.48
CA MET A 1 6.45 17.66 -1.20
C MET A 1 7.17 16.53 -0.47
N ALA A 2 7.31 15.34 -1.07
CA ALA A 2 7.94 14.15 -0.48
C ALA A 2 8.52 13.29 -1.61
N ASP A 3 9.10 12.14 -1.25
CA ASP A 3 9.83 11.27 -2.18
C ASP A 3 9.32 9.83 -2.11
N ILE A 4 8.75 9.42 -0.97
CA ILE A 4 8.03 8.17 -0.81
C ILE A 4 6.70 8.53 -0.14
N THR A 5 5.72 8.90 -0.95
CA THR A 5 4.40 9.29 -0.45
C THR A 5 3.61 8.01 -0.19
N LEU A 6 3.27 7.74 1.08
CA LEU A 6 2.44 6.60 1.45
C LEU A 6 0.99 6.88 1.08
N ILE A 7 0.21 5.81 0.88
CA ILE A 7 -1.21 5.86 0.53
C ILE A 7 -1.94 4.90 1.48
N SER A 8 -2.63 5.46 2.47
CA SER A 8 -3.33 4.70 3.50
C SER A 8 -4.69 4.23 3.00
N GLY A 9 -5.01 2.96 3.22
CA GLY A 9 -6.28 2.34 2.94
C GLY A 9 -6.76 1.69 4.22
N SER A 10 -7.46 2.44 5.06
CA SER A 10 -8.09 1.91 6.26
C SER A 10 -9.39 2.64 6.60
N THR A 11 -10.13 1.99 7.46
CA THR A 11 -11.33 2.47 8.16
C THR A 11 -11.19 2.03 9.62
N LEU A 12 -10.76 0.78 9.84
CA LEU A 12 -10.45 0.22 11.14
C LEU A 12 -9.25 0.93 11.79
N GLY A 13 -8.26 1.35 10.98
CA GLY A 13 -7.07 2.09 11.39
C GLY A 13 -5.77 1.33 11.13
N GLY A 14 -5.82 0.05 10.75
CA GLY A 14 -4.66 -0.82 10.66
C GLY A 14 -3.60 -0.29 9.72
N ALA A 15 -3.98 0.07 8.49
CA ALA A 15 -3.04 0.62 7.51
C ALA A 15 -2.59 2.01 7.91
N GLU A 16 -3.37 2.73 8.73
CA GLU A 16 -2.94 4.06 9.19
C GLU A 16 -1.84 3.90 10.26
N TYR A 17 -1.96 2.92 11.16
CA TYR A 17 -0.95 2.66 12.19
C TYR A 17 0.32 2.14 11.53
N VAL A 18 0.18 1.22 10.57
CA VAL A 18 1.29 0.71 9.80
C VAL A 18 1.93 1.83 8.97
N ALA A 19 1.14 2.74 8.38
CA ALA A 19 1.69 3.85 7.63
C ALA A 19 2.55 4.75 8.53
N GLU A 20 2.09 5.04 9.75
CA GLU A 20 2.85 5.86 10.70
C GLU A 20 4.19 5.18 11.03
N HIS A 21 4.18 3.87 11.28
CA HIS A 21 5.39 3.10 11.56
C HIS A 21 6.36 3.16 10.37
N LEU A 22 5.86 2.84 9.17
CA LEU A 22 6.67 2.81 7.95
C LEU A 22 7.26 4.18 7.66
N ALA A 23 6.46 5.25 7.81
CA ALA A 23 6.90 6.62 7.58
C ALA A 23 8.03 6.96 8.55
N GLU A 24 7.91 6.60 9.83
CA GLU A 24 8.94 6.86 10.82
C GLU A 24 10.25 6.15 10.43
N LYS A 25 10.17 4.88 10.04
CA LYS A 25 11.36 4.12 9.61
C LYS A 25 12.00 4.78 8.39
N LEU A 26 11.20 5.22 7.41
CA LEU A 26 11.72 5.90 6.22
C LEU A 26 12.37 7.23 6.59
N GLU A 27 11.79 8.02 7.50
CA GLU A 27 12.36 9.29 7.91
C GLU A 27 13.70 9.07 8.63
N GLU A 28 13.80 8.02 9.45
CA GLU A 28 15.06 7.65 10.10
C GLU A 28 16.10 7.19 9.07
N ALA A 29 15.68 6.48 8.02
CA ALA A 29 16.55 6.11 6.90
C ALA A 29 16.96 7.34 6.07
N GLY A 30 16.15 8.40 6.07
CA GLY A 30 16.48 9.71 5.51
C GLY A 30 15.54 10.15 4.37
N PHE A 31 14.54 9.35 4.00
CA PHE A 31 13.63 9.66 2.91
C PHE A 31 12.54 10.61 3.41
N THR A 32 12.12 11.55 2.56
CA THR A 32 10.95 12.38 2.83
C THR A 32 9.68 11.59 2.50
N THR A 33 8.67 11.70 3.36
CA THR A 33 7.44 10.92 3.29
C THR A 33 6.23 11.85 3.33
N GLU A 34 5.09 11.33 2.91
CA GLU A 34 3.78 11.93 3.04
C GLU A 34 2.85 10.73 3.25
N THR A 35 1.61 10.94 3.68
CA THR A 35 0.69 9.84 3.97
C THR A 35 -0.71 10.31 3.57
N LEU A 36 -1.17 9.85 2.41
CA LEU A 36 -2.43 10.27 1.81
C LEU A 36 -3.47 9.27 2.27
N HIS A 37 -4.33 9.71 3.18
CA HIS A 37 -5.46 8.89 3.63
C HIS A 37 -6.51 8.89 2.51
N GLY A 38 -6.64 7.78 1.78
CA GLY A 38 -7.70 7.57 0.82
C GLY A 38 -7.78 8.61 -0.32
N PRO A 39 -6.71 8.86 -1.09
CA PRO A 39 -6.76 9.71 -2.26
C PRO A 39 -7.65 9.12 -3.37
N LEU A 40 -7.87 9.91 -4.42
CA LEU A 40 -8.49 9.54 -5.69
C LEU A 40 -7.56 9.99 -6.81
N LEU A 41 -7.85 9.57 -8.05
CA LEU A 41 -7.03 9.88 -9.22
C LEU A 41 -6.82 11.39 -9.38
N GLU A 42 -7.83 12.18 -9.02
CA GLU A 42 -7.82 13.64 -9.11
C GLU A 42 -6.82 14.29 -8.14
N ASP A 43 -6.15 13.51 -7.29
CA ASP A 43 -5.20 14.00 -6.28
C ASP A 43 -3.94 13.11 -6.26
N LEU A 44 -3.72 12.33 -7.33
CA LEU A 44 -2.72 11.28 -7.41
C LEU A 44 -1.99 11.41 -8.76
N PRO A 45 -0.80 12.04 -8.79
CA PRO A 45 -0.06 12.25 -10.03
C PRO A 45 0.49 10.94 -10.61
N ALA A 46 0.69 10.93 -11.93
CA ALA A 46 1.02 9.75 -12.71
C ALA A 46 2.49 9.32 -12.64
N SER A 47 3.29 9.94 -11.78
CA SER A 47 4.74 9.79 -11.75
C SER A 47 5.22 9.96 -10.31
N GLY A 48 5.96 8.99 -9.77
CA GLY A 48 6.53 9.04 -8.44
C GLY A 48 6.63 7.64 -7.83
N ILE A 49 7.07 7.58 -6.57
CA ILE A 49 7.27 6.34 -5.82
C ILE A 49 6.28 6.38 -4.66
N TRP A 50 5.18 5.64 -4.78
CA TRP A 50 4.12 5.59 -3.78
C TRP A 50 4.33 4.35 -2.89
N LEU A 51 3.59 4.22 -1.77
CA LEU A 51 3.67 3.04 -0.91
C LEU A 51 2.27 2.77 -0.41
N VAL A 52 1.60 1.80 -1.01
CA VAL A 52 0.20 1.49 -0.75
C VAL A 52 0.13 0.56 0.48
N ILE A 53 -0.84 0.80 1.36
CA ILE A 53 -1.11 -0.04 2.53
C ILE A 53 -2.63 -0.22 2.57
N SER A 54 -3.11 -1.46 2.69
CA SER A 54 -4.52 -1.81 2.52
C SER A 54 -5.02 -2.62 3.72
N SER A 55 -6.22 -2.33 4.23
CA SER A 55 -6.80 -3.01 5.40
C SER A 55 -7.93 -3.97 4.99
N THR A 56 -7.68 -4.78 3.97
CA THR A 56 -8.50 -5.91 3.52
C THR A 56 -9.20 -6.58 4.70
N HIS A 57 -10.51 -6.33 4.80
CA HIS A 57 -11.35 -7.07 5.73
C HIS A 57 -11.32 -8.53 5.26
N GLY A 58 -11.47 -9.48 6.19
CA GLY A 58 -11.25 -10.91 6.00
C GLY A 58 -11.80 -11.51 4.70
N ALA A 59 -12.93 -11.02 4.21
CA ALA A 59 -13.56 -11.50 3.00
C ALA A 59 -12.80 -11.15 1.71
N GLY A 60 -11.78 -10.28 1.75
CA GLY A 60 -11.18 -9.77 0.53
C GLY A 60 -11.93 -8.51 0.12
N ASP A 61 -12.17 -7.61 1.09
CA ASP A 61 -12.90 -6.38 0.88
C ASP A 61 -12.01 -5.23 1.31
N ILE A 62 -11.49 -4.49 0.32
CA ILE A 62 -10.65 -3.33 0.54
C ILE A 62 -11.52 -2.25 1.24
N PRO A 63 -10.98 -1.50 2.20
CA PRO A 63 -11.71 -0.44 2.89
C PRO A 63 -12.16 0.66 1.92
N ASP A 64 -13.38 1.15 2.17
CA ASP A 64 -14.10 2.11 1.33
C ASP A 64 -13.40 3.47 1.21
N ASN A 65 -12.42 3.75 2.07
CA ASN A 65 -11.66 5.00 2.00
C ASN A 65 -10.75 5.04 0.78
N LEU A 66 -10.33 3.89 0.22
CA LEU A 66 -9.29 3.82 -0.81
C LEU A 66 -9.73 3.02 -2.02
N SER A 67 -10.58 2.00 -1.84
CA SER A 67 -11.07 1.18 -2.96
C SER A 67 -11.69 2.01 -4.12
N PRO A 68 -12.37 3.17 -3.92
CA PRO A 68 -12.87 4.00 -5.02
C PRO A 68 -11.81 4.38 -6.06
N PHE A 69 -10.56 4.63 -5.65
CA PHE A 69 -9.50 4.98 -6.59
C PHE A 69 -9.27 3.85 -7.57
N TYR A 70 -9.24 2.61 -7.08
CA TYR A 70 -8.91 1.45 -7.87
C TYR A 70 -10.08 1.05 -8.77
N GLU A 71 -11.33 1.31 -8.34
CA GLU A 71 -12.48 1.18 -9.22
C GLU A 71 -12.35 2.18 -10.38
N ALA A 72 -11.94 3.43 -10.09
CA ALA A 72 -11.70 4.44 -11.11
C ALA A 72 -10.51 4.09 -12.02
N LEU A 73 -9.58 3.22 -11.60
CA LEU A 73 -8.53 2.74 -12.47
C LEU A 73 -9.13 1.86 -13.56
N GLN A 74 -9.87 0.81 -13.19
CA GLN A 74 -10.43 -0.10 -14.21
C GLN A 74 -11.46 0.63 -15.08
N GLU A 75 -12.13 1.65 -14.55
CA GLU A 75 -13.13 2.42 -15.29
C GLU A 75 -12.49 3.24 -16.42
N GLN A 76 -11.21 3.63 -16.28
CA GLN A 76 -10.57 4.59 -17.19
C GLN A 76 -9.30 4.07 -17.87
N LYS A 77 -8.67 3.00 -17.36
CA LYS A 77 -7.33 2.53 -17.74
C LYS A 77 -6.39 3.74 -17.92
N PRO A 78 -6.20 4.56 -16.86
CA PRO A 78 -5.50 5.83 -16.96
C PRO A 78 -4.02 5.61 -17.27
N ASP A 79 -3.37 6.65 -17.82
CA ASP A 79 -1.95 6.64 -18.12
C ASP A 79 -1.15 6.97 -16.85
N LEU A 80 -0.88 5.95 -16.04
CA LEU A 80 -0.05 6.02 -14.82
C LEU A 80 1.28 5.30 -15.06
N SER A 81 1.69 5.24 -16.32
CA SER A 81 2.86 4.54 -16.87
C SER A 81 4.23 4.96 -16.31
N ALA A 82 4.27 5.66 -15.16
CA ALA A 82 5.49 6.12 -14.49
C ALA A 82 5.35 6.09 -12.97
N VAL A 83 4.24 5.58 -12.43
CA VAL A 83 4.12 5.33 -11.01
C VAL A 83 4.88 4.03 -10.72
N ARG A 84 5.64 4.02 -9.63
CA ARG A 84 6.24 2.83 -9.06
C ARG A 84 5.73 2.81 -7.64
N PHE A 85 5.51 1.64 -7.06
CA PHE A 85 4.92 1.59 -5.73
C PHE A 85 5.39 0.36 -4.96
N GLY A 86 5.12 0.39 -3.67
CA GLY A 86 5.27 -0.75 -2.76
C GLY A 86 3.84 -1.09 -2.34
N ALA A 87 3.57 -2.31 -1.88
CA ALA A 87 2.21 -2.77 -1.68
C ALA A 87 2.14 -3.69 -0.47
N ILE A 88 1.17 -3.43 0.40
CA ILE A 88 0.99 -4.11 1.67
C ILE A 88 -0.51 -4.37 1.83
N GLY A 89 -0.86 -5.55 2.31
CA GLY A 89 -2.20 -5.91 2.74
C GLY A 89 -2.13 -6.29 4.22
N ILE A 90 -3.22 -6.05 4.93
CA ILE A 90 -3.35 -6.26 6.36
C ILE A 90 -4.73 -6.86 6.57
N GLY A 91 -4.86 -7.89 7.41
CA GLY A 91 -6.11 -8.52 7.75
C GLY A 91 -5.85 -9.61 8.77
N SER A 92 -6.82 -10.48 8.93
CA SER A 92 -6.84 -11.56 9.91
C SER A 92 -6.72 -12.89 9.15
N ARG A 93 -5.54 -13.53 9.19
CA ARG A 93 -5.22 -14.75 8.43
C ARG A 93 -6.14 -15.93 8.79
N GLU A 94 -6.93 -15.85 9.87
CA GLU A 94 -7.98 -16.82 10.15
C GLU A 94 -8.98 -16.92 8.97
N TYR A 95 -9.21 -15.81 8.25
CA TYR A 95 -10.06 -15.78 7.07
C TYR A 95 -9.27 -16.22 5.83
N ASP A 96 -9.95 -16.79 4.84
CA ASP A 96 -9.32 -17.35 3.65
C ASP A 96 -8.74 -16.26 2.73
N THR A 97 -9.30 -15.04 2.74
CA THR A 97 -9.00 -13.99 1.78
C THR A 97 -8.44 -12.74 2.49
N PHE A 98 -7.78 -12.96 3.62
CA PHE A 98 -7.36 -11.92 4.57
C PHE A 98 -6.61 -10.74 3.95
N CYS A 99 -5.81 -10.98 2.90
CA CYS A 99 -5.11 -9.95 2.14
C CYS A 99 -5.30 -10.16 0.63
N GLY A 100 -6.18 -11.07 0.20
CA GLY A 100 -6.26 -11.50 -1.20
C GLY A 100 -6.55 -10.33 -2.14
N ALA A 101 -7.41 -9.39 -1.71
CA ALA A 101 -7.79 -8.23 -2.51
C ALA A 101 -6.65 -7.23 -2.74
N ILE A 102 -5.49 -7.37 -2.08
CA ILE A 102 -4.32 -6.58 -2.42
C ILE A 102 -3.91 -6.87 -3.87
N ASP A 103 -4.21 -8.07 -4.38
CA ASP A 103 -3.87 -8.46 -5.74
C ASP A 103 -4.64 -7.60 -6.76
N LYS A 104 -5.92 -7.31 -6.47
CA LYS A 104 -6.72 -6.38 -7.27
C LYS A 104 -6.04 -5.02 -7.29
N LEU A 105 -5.65 -4.51 -6.12
CA LEU A 105 -5.06 -3.18 -6.00
C LEU A 105 -3.79 -3.07 -6.85
N GLU A 106 -2.84 -3.98 -6.64
CA GLU A 106 -1.57 -3.92 -7.37
C GLU A 106 -1.81 -4.12 -8.86
N ALA A 107 -2.74 -5.02 -9.23
CA ALA A 107 -2.94 -5.35 -10.62
C ALA A 107 -3.54 -4.18 -11.40
N GLU A 108 -4.43 -3.39 -10.78
CA GLU A 108 -5.12 -2.32 -11.49
C GLU A 108 -4.18 -1.13 -11.72
N LEU A 109 -3.22 -0.85 -10.83
CA LEU A 109 -2.18 0.13 -11.14
C LEU A 109 -1.25 -0.43 -12.22
N LYS A 110 -0.92 -1.73 -12.17
CA LYS A 110 -0.06 -2.35 -13.18
C LYS A 110 -0.72 -2.27 -14.55
N ASN A 111 -2.02 -2.49 -14.62
CA ASN A 111 -2.82 -2.33 -15.82
C ASN A 111 -2.87 -0.87 -16.30
N SER A 112 -2.80 0.07 -15.36
CA SER A 112 -2.67 1.50 -15.65
C SER A 112 -1.21 1.89 -16.02
N GLY A 113 -0.30 0.92 -16.15
CA GLY A 113 1.05 1.12 -16.66
C GLY A 113 2.10 1.27 -15.56
N ALA A 114 1.68 1.44 -14.30
CA ALA A 114 2.58 1.45 -13.15
C ALA A 114 3.24 0.07 -12.95
N LYS A 115 4.06 -0.09 -11.90
CA LYS A 115 4.55 -1.42 -11.52
C LYS A 115 4.88 -1.47 -10.03
N GLN A 116 4.50 -2.57 -9.38
CA GLN A 116 4.89 -2.94 -8.01
C GLN A 116 6.42 -3.02 -7.96
N THR A 117 6.99 -3.10 -6.76
CA THR A 117 8.42 -3.17 -6.51
C THR A 117 8.64 -4.27 -5.45
N GLY A 118 9.79 -4.93 -5.46
CA GLY A 118 10.10 -5.98 -4.50
C GLY A 118 9.10 -7.12 -4.66
N GLU A 119 8.36 -7.42 -3.59
CA GLU A 119 7.21 -8.33 -3.59
C GLU A 119 6.16 -7.70 -2.65
N THR A 120 4.91 -8.16 -2.73
CA THR A 120 3.82 -7.61 -1.91
C THR A 120 3.84 -8.27 -0.52
N LEU A 121 3.61 -7.47 0.51
CA LEU A 121 3.66 -7.87 1.92
C LEU A 121 2.26 -8.18 2.43
N LYS A 122 2.16 -9.11 3.39
CA LYS A 122 0.95 -9.39 4.15
C LYS A 122 1.29 -9.12 5.60
N ILE A 123 0.34 -8.64 6.39
CA ILE A 123 0.50 -8.42 7.82
C ILE A 123 -0.74 -9.00 8.48
N ASN A 124 -0.61 -10.21 9.03
CA ASN A 124 -1.65 -10.76 9.88
C ASN A 124 -1.69 -9.93 11.17
N ILE A 125 -2.88 -9.62 11.68
CA ILE A 125 -3.07 -8.85 12.90
C ILE A 125 -4.04 -9.54 13.88
N LEU A 126 -4.34 -10.83 13.71
CA LEU A 126 -5.19 -11.60 14.62
C LEU A 126 -4.45 -12.88 15.02
N ASP A 127 -4.43 -13.17 16.32
CA ASP A 127 -3.83 -14.33 16.99
C ASP A 127 -2.29 -14.34 16.94
N HIS A 128 -1.70 -13.79 15.89
CA HIS A 128 -0.27 -13.61 15.67
C HIS A 128 -0.07 -12.26 14.96
N ASP A 129 1.19 -11.87 14.79
CA ASP A 129 1.64 -10.66 14.11
C ASP A 129 2.71 -11.12 13.10
N ILE A 130 3.80 -10.38 12.90
CA ILE A 130 4.88 -10.70 11.98
C ILE A 130 6.29 -10.55 12.64
N PRO A 131 6.51 -10.94 13.90
CA PRO A 131 7.77 -10.64 14.59
C PRO A 131 8.98 -11.34 13.96
N GLU A 132 8.78 -12.47 13.28
CA GLU A 132 9.83 -13.22 12.60
C GLU A 132 10.18 -12.63 11.23
N ASP A 133 9.39 -11.68 10.72
CA ASP A 133 9.51 -11.11 9.38
C ASP A 133 8.91 -9.68 9.40
N PRO A 134 9.52 -8.76 10.18
CA PRO A 134 8.93 -7.46 10.46
C PRO A 134 8.85 -6.57 9.22
N ALA A 135 7.96 -5.59 9.27
CA ALA A 135 7.78 -4.59 8.21
C ALA A 135 9.08 -3.86 7.90
N GLU A 136 9.93 -3.64 8.92
CA GLU A 136 11.23 -2.99 8.76
C GLU A 136 12.11 -3.72 7.74
N GLU A 137 12.09 -5.06 7.73
CA GLU A 137 12.96 -5.84 6.85
C GLU A 137 12.45 -5.76 5.41
N TRP A 138 11.13 -5.86 5.22
CA TRP A 138 10.51 -5.79 3.90
C TRP A 138 10.63 -4.36 3.33
N LEU A 139 10.52 -3.34 4.20
CA LEU A 139 10.80 -1.96 3.86
C LEU A 139 12.26 -1.81 3.43
N GLY A 140 13.18 -2.49 4.10
CA GLY A 140 14.57 -2.62 3.70
C GLY A 140 14.70 -3.07 2.25
N SER A 141 13.96 -4.12 1.86
CA SER A 141 13.95 -4.60 0.49
C SER A 141 13.43 -3.53 -0.47
N TRP A 142 12.38 -2.79 -0.10
CA TRP A 142 11.86 -1.72 -0.94
C TRP A 142 12.89 -0.61 -1.13
N VAL A 143 13.50 -0.08 -0.08
CA VAL A 143 14.46 1.00 -0.24
C VAL A 143 15.68 0.52 -1.04
N ASN A 144 16.09 -0.75 -0.88
CA ASN A 144 17.18 -1.36 -1.61
C ASN A 144 16.90 -1.48 -3.12
N LEU A 145 15.64 -1.45 -3.56
CA LEU A 145 15.30 -1.46 -4.98
C LEU A 145 15.00 -0.05 -5.49
N LEU A 146 14.14 0.71 -4.79
CA LEU A 146 13.70 2.02 -5.29
C LEU A 146 14.82 3.07 -5.26
N LYS A 147 15.80 2.91 -4.34
CA LYS A 147 17.02 3.71 -4.18
C LYS A 147 16.84 5.18 -4.60
N MET A 1 6.27 18.71 1.84
CA MET A 1 7.17 18.00 0.91
C MET A 1 7.12 16.49 1.18
N ALA A 2 6.98 15.69 0.13
CA ALA A 2 7.06 14.23 0.18
C ALA A 2 7.71 13.74 -1.12
N ASP A 3 8.32 12.56 -1.06
CA ASP A 3 9.02 11.91 -2.17
C ASP A 3 8.68 10.43 -2.25
N ILE A 4 8.30 9.83 -1.12
CA ILE A 4 7.73 8.49 -1.04
C ILE A 4 6.41 8.67 -0.31
N THR A 5 5.39 9.09 -1.06
CA THR A 5 4.07 9.32 -0.51
C THR A 5 3.43 7.95 -0.32
N LEU A 6 3.18 7.57 0.94
CA LEU A 6 2.47 6.35 1.31
C LEU A 6 0.97 6.57 1.15
N ILE A 7 0.25 5.47 0.95
CA ILE A 7 -1.18 5.43 0.65
C ILE A 7 -1.79 4.47 1.68
N SER A 8 -2.26 5.02 2.80
CA SER A 8 -3.02 4.32 3.82
C SER A 8 -4.39 3.88 3.27
N GLY A 9 -5.06 2.93 3.93
CA GLY A 9 -6.24 2.32 3.34
C GLY A 9 -6.91 1.25 4.19
N SER A 10 -7.33 1.59 5.41
CA SER A 10 -8.15 0.74 6.27
C SER A 10 -9.28 1.55 6.89
N THR A 11 -10.39 0.88 7.22
CA THR A 11 -11.49 1.42 8.01
C THR A 11 -11.36 0.93 9.45
N LEU A 12 -10.87 -0.31 9.64
CA LEU A 12 -10.62 -0.91 10.95
C LEU A 12 -9.59 -0.13 11.77
N GLY A 13 -8.70 0.60 11.10
CA GLY A 13 -7.66 1.40 11.73
C GLY A 13 -6.45 0.52 11.99
N GLY A 14 -5.78 0.10 10.92
CA GLY A 14 -4.57 -0.72 10.98
C GLY A 14 -3.57 -0.31 9.91
N ALA A 15 -4.03 -0.15 8.66
CA ALA A 15 -3.18 0.32 7.58
C ALA A 15 -2.69 1.74 7.84
N GLU A 16 -3.45 2.55 8.58
CA GLU A 16 -3.09 3.92 8.87
C GLU A 16 -1.87 3.93 9.80
N TYR A 17 -1.85 3.02 10.79
CA TYR A 17 -0.77 2.93 11.76
C TYR A 17 0.45 2.24 11.14
N VAL A 18 0.24 1.24 10.28
CA VAL A 18 1.33 0.64 9.52
C VAL A 18 1.96 1.71 8.60
N ALA A 19 1.14 2.54 7.95
CA ALA A 19 1.66 3.62 7.10
C ALA A 19 2.46 4.61 7.93
N GLU A 20 1.96 5.02 9.10
CA GLU A 20 2.67 5.95 9.98
C GLU A 20 3.99 5.35 10.45
N HIS A 21 4.02 4.06 10.81
CA HIS A 21 5.22 3.36 11.25
C HIS A 21 6.25 3.33 10.12
N LEU A 22 5.84 2.93 8.91
CA LEU A 22 6.71 2.87 7.74
C LEU A 22 7.22 4.27 7.39
N ALA A 23 6.37 5.30 7.48
CA ALA A 23 6.77 6.67 7.22
C ALA A 23 7.83 7.12 8.23
N GLU A 24 7.69 6.77 9.51
CA GLU A 24 8.67 7.13 10.54
C GLU A 24 10.01 6.45 10.25
N LYS A 25 10.01 5.16 9.87
CA LYS A 25 11.23 4.46 9.48
C LYS A 25 11.89 5.17 8.30
N LEU A 26 11.12 5.55 7.28
CA LEU A 26 11.63 6.27 6.11
C LEU A 26 12.19 7.64 6.50
N GLU A 27 11.58 8.36 7.43
CA GLU A 27 12.08 9.66 7.87
C GLU A 27 13.43 9.49 8.58
N GLU A 28 13.61 8.41 9.38
CA GLU A 28 14.88 8.12 10.01
C GLU A 28 15.93 7.72 8.95
N ALA A 29 15.53 7.01 7.89
CA ALA A 29 16.39 6.70 6.75
C ALA A 29 16.75 7.95 5.93
N GLY A 30 15.90 8.99 5.97
CA GLY A 30 16.17 10.31 5.42
C GLY A 30 15.22 10.73 4.31
N PHE A 31 14.25 9.89 3.93
CA PHE A 31 13.31 10.18 2.84
C PHE A 31 12.15 11.04 3.38
N THR A 32 11.58 11.89 2.53
CA THR A 32 10.37 12.64 2.85
C THR A 32 9.15 11.80 2.47
N THR A 33 8.12 11.84 3.31
CA THR A 33 6.96 10.95 3.25
C THR A 33 5.68 11.75 3.52
N GLU A 34 4.54 11.14 3.20
CA GLU A 34 3.20 11.61 3.58
C GLU A 34 2.35 10.34 3.59
N THR A 35 1.25 10.31 4.33
CA THR A 35 0.45 9.11 4.55
C THR A 35 -0.99 9.44 4.17
N LEU A 36 -1.29 9.32 2.87
CA LEU A 36 -2.58 9.73 2.33
C LEU A 36 -3.65 8.77 2.86
N HIS A 37 -4.63 9.32 3.56
CA HIS A 37 -5.75 8.58 4.12
C HIS A 37 -6.72 8.24 2.98
N GLY A 38 -6.56 7.06 2.37
CA GLY A 38 -7.44 6.53 1.34
C GLY A 38 -7.74 7.52 0.19
N PRO A 39 -6.72 7.97 -0.57
CA PRO A 39 -6.87 8.88 -1.69
C PRO A 39 -7.61 8.23 -2.87
N LEU A 40 -7.84 9.02 -3.92
CA LEU A 40 -8.33 8.57 -5.22
C LEU A 40 -7.16 8.66 -6.20
N LEU A 41 -7.20 7.84 -7.26
CA LEU A 41 -6.15 7.76 -8.27
C LEU A 41 -5.89 9.12 -8.91
N GLU A 42 -6.95 9.90 -9.15
CA GLU A 42 -6.86 11.21 -9.80
C GLU A 42 -6.05 12.23 -9.00
N ASP A 43 -5.83 12.00 -7.69
CA ASP A 43 -5.02 12.87 -6.85
C ASP A 43 -3.52 12.71 -7.13
N LEU A 44 -3.11 11.59 -7.74
CA LEU A 44 -1.71 11.23 -7.94
C LEU A 44 -1.26 11.57 -9.36
N PRO A 45 -0.02 12.03 -9.57
CA PRO A 45 0.56 12.15 -10.90
C PRO A 45 0.91 10.75 -11.43
N ALA A 46 1.13 10.64 -12.75
CA ALA A 46 1.39 9.38 -13.45
C ALA A 46 2.88 9.00 -13.37
N SER A 47 3.60 9.45 -12.35
CA SER A 47 5.00 9.13 -12.11
C SER A 47 5.27 9.32 -10.62
N GLY A 48 6.09 8.46 -10.00
CA GLY A 48 6.45 8.56 -8.59
C GLY A 48 6.75 7.19 -8.00
N ILE A 49 7.01 7.14 -6.69
CA ILE A 49 7.27 5.91 -5.96
C ILE A 49 6.34 5.95 -4.75
N TRP A 50 5.24 5.21 -4.83
CA TRP A 50 4.21 5.15 -3.81
C TRP A 50 4.37 3.84 -3.02
N LEU A 51 3.61 3.69 -1.93
CA LEU A 51 3.61 2.45 -1.14
C LEU A 51 2.20 2.35 -0.59
N VAL A 52 1.49 1.30 -0.98
CA VAL A 52 0.06 1.16 -0.72
C VAL A 52 -0.13 0.16 0.42
N ILE A 53 -1.01 0.49 1.36
CA ILE A 53 -1.33 -0.33 2.52
C ILE A 53 -2.85 -0.40 2.54
N SER A 54 -3.38 -1.62 2.44
CA SER A 54 -4.79 -1.93 2.31
C SER A 54 -5.17 -2.87 3.46
N SER A 55 -6.39 -3.36 3.48
CA SER A 55 -6.82 -4.43 4.37
C SER A 55 -7.82 -5.30 3.61
N THR A 56 -8.19 -6.45 4.15
CA THR A 56 -9.19 -7.33 3.57
C THR A 56 -10.23 -7.59 4.67
N HIS A 57 -11.53 -7.40 4.35
CA HIS A 57 -12.60 -7.63 5.32
C HIS A 57 -12.73 -9.13 5.68
N GLY A 58 -12.37 -10.02 4.75
CA GLY A 58 -12.34 -11.47 4.99
C GLY A 58 -12.30 -12.28 3.69
N ALA A 59 -13.04 -11.84 2.66
CA ALA A 59 -13.28 -12.61 1.44
C ALA A 59 -12.91 -11.82 0.17
N GLY A 60 -12.08 -10.78 0.31
CA GLY A 60 -11.55 -10.00 -0.82
C GLY A 60 -12.10 -8.57 -0.89
N ASP A 61 -13.10 -8.25 -0.07
CA ASP A 61 -13.66 -6.89 0.00
C ASP A 61 -12.61 -5.93 0.58
N ILE A 62 -12.27 -4.91 -0.20
CA ILE A 62 -11.35 -3.84 0.19
C ILE A 62 -12.13 -2.87 1.11
N PRO A 63 -11.52 -2.31 2.17
CA PRO A 63 -12.15 -1.33 3.05
C PRO A 63 -12.49 -0.02 2.31
N ASP A 64 -13.60 0.58 2.70
CA ASP A 64 -14.20 1.77 2.07
C ASP A 64 -13.29 3.00 2.06
N ASN A 65 -12.24 3.02 2.89
CA ASN A 65 -11.28 4.11 2.94
C ASN A 65 -10.55 4.22 1.59
N LEU A 66 -10.13 3.09 1.03
CA LEU A 66 -9.25 3.06 -0.15
C LEU A 66 -9.89 2.34 -1.33
N SER A 67 -10.94 1.54 -1.14
CA SER A 67 -11.56 0.81 -2.24
C SER A 67 -12.00 1.67 -3.45
N PRO A 68 -12.43 2.95 -3.31
CA PRO A 68 -12.66 3.84 -4.45
C PRO A 68 -11.45 4.00 -5.39
N PHE A 69 -10.23 3.78 -4.92
CA PHE A 69 -9.02 3.85 -5.74
C PHE A 69 -9.07 2.82 -6.88
N TYR A 70 -9.59 1.62 -6.61
CA TYR A 70 -9.74 0.58 -7.63
C TYR A 70 -10.77 1.00 -8.69
N GLU A 71 -11.85 1.68 -8.26
CA GLU A 71 -12.87 2.17 -9.18
C GLU A 71 -12.28 3.31 -10.03
N ALA A 72 -11.57 4.25 -9.41
CA ALA A 72 -10.98 5.38 -10.11
C ALA A 72 -9.88 4.94 -11.08
N LEU A 73 -9.17 3.86 -10.77
CA LEU A 73 -8.21 3.24 -11.68
C LEU A 73 -8.94 2.76 -12.93
N GLN A 74 -9.91 1.84 -12.78
CA GLN A 74 -10.51 1.19 -13.94
C GLN A 74 -11.42 2.16 -14.73
N GLU A 75 -11.99 3.18 -14.09
CA GLU A 75 -12.85 4.15 -14.75
C GLU A 75 -12.06 5.01 -15.74
N GLN A 76 -10.82 5.36 -15.40
CA GLN A 76 -10.03 6.35 -16.16
C GLN A 76 -8.93 5.67 -16.97
N LYS A 77 -8.36 4.58 -16.45
CA LYS A 77 -7.22 3.82 -16.98
C LYS A 77 -6.19 4.71 -17.73
N PRO A 78 -5.58 5.71 -17.06
CA PRO A 78 -4.53 6.51 -17.66
C PRO A 78 -3.26 5.66 -17.83
N ASP A 79 -2.36 6.06 -18.72
CA ASP A 79 -1.02 5.50 -18.81
C ASP A 79 -0.24 5.99 -17.59
N LEU A 80 0.37 5.05 -16.86
CA LEU A 80 1.20 5.34 -15.68
C LEU A 80 2.42 4.40 -15.67
N SER A 81 2.97 4.14 -16.86
CA SER A 81 4.24 3.45 -17.13
C SER A 81 5.50 4.10 -16.51
N ALA A 82 5.34 4.89 -15.44
CA ALA A 82 6.43 5.55 -14.72
C ALA A 82 6.16 5.64 -13.21
N VAL A 83 5.05 5.06 -12.71
CA VAL A 83 4.82 4.90 -11.29
C VAL A 83 5.46 3.58 -10.85
N ARG A 84 5.97 3.55 -9.63
CA ARG A 84 6.40 2.35 -8.94
C ARG A 84 5.58 2.34 -7.66
N PHE A 85 5.21 1.16 -7.19
CA PHE A 85 4.47 1.05 -5.94
C PHE A 85 5.04 -0.11 -5.13
N GLY A 86 4.63 -0.20 -3.88
CA GLY A 86 4.83 -1.32 -2.98
C GLY A 86 3.44 -1.71 -2.51
N ALA A 87 3.25 -2.95 -2.07
CA ALA A 87 1.93 -3.50 -1.81
C ALA A 87 1.92 -4.23 -0.47
N ILE A 88 1.01 -3.81 0.42
CA ILE A 88 0.83 -4.38 1.74
C ILE A 88 -0.67 -4.61 1.92
N GLY A 89 -1.02 -5.79 2.45
CA GLY A 89 -2.37 -6.09 2.89
C GLY A 89 -2.33 -6.42 4.38
N ILE A 90 -3.49 -6.36 5.03
CA ILE A 90 -3.67 -6.57 6.46
C ILE A 90 -4.98 -7.35 6.60
N GLY A 91 -5.05 -8.27 7.57
CA GLY A 91 -6.21 -9.06 7.88
C GLY A 91 -5.79 -10.05 8.96
N SER A 92 -6.77 -10.67 9.58
CA SER A 92 -6.53 -11.79 10.47
C SER A 92 -6.17 -13.00 9.61
N ARG A 93 -5.12 -13.76 9.96
CA ARG A 93 -4.69 -14.94 9.18
C ARG A 93 -5.77 -16.03 9.07
N GLU A 94 -6.80 -15.98 9.91
CA GLU A 94 -7.95 -16.87 9.84
C GLU A 94 -8.80 -16.60 8.57
N TYR A 95 -8.74 -15.39 7.99
CA TYR A 95 -9.55 -14.99 6.85
C TYR A 95 -9.24 -15.86 5.63
N ASP A 96 -10.29 -16.16 4.84
CA ASP A 96 -10.18 -16.97 3.63
C ASP A 96 -9.32 -16.27 2.56
N THR A 97 -9.39 -14.94 2.52
CA THR A 97 -8.64 -14.08 1.61
C THR A 97 -7.71 -13.19 2.43
N PHE A 98 -7.04 -13.78 3.44
CA PHE A 98 -6.05 -13.10 4.28
C PHE A 98 -5.10 -12.26 3.42
N CYS A 99 -5.11 -10.93 3.66
CA CYS A 99 -4.33 -9.93 2.95
C CYS A 99 -4.39 -10.05 1.42
N GLY A 100 -5.53 -10.48 0.86
CA GLY A 100 -5.66 -10.72 -0.57
C GLY A 100 -6.23 -9.52 -1.32
N ALA A 101 -6.99 -8.63 -0.66
CA ALA A 101 -7.74 -7.58 -1.33
C ALA A 101 -6.86 -6.50 -1.99
N ILE A 102 -5.61 -6.36 -1.53
CA ILE A 102 -4.60 -5.49 -2.15
C ILE A 102 -4.38 -5.88 -3.63
N ASP A 103 -4.62 -7.16 -3.98
CA ASP A 103 -4.34 -7.67 -5.31
C ASP A 103 -5.07 -6.88 -6.40
N LYS A 104 -6.33 -6.47 -6.16
CA LYS A 104 -7.09 -5.74 -7.17
C LYS A 104 -6.56 -4.32 -7.32
N LEU A 105 -6.22 -3.67 -6.20
CA LEU A 105 -5.68 -2.32 -6.18
C LEU A 105 -4.36 -2.28 -6.95
N GLU A 106 -3.46 -3.23 -6.68
CA GLU A 106 -2.17 -3.24 -7.35
C GLU A 106 -2.32 -3.62 -8.83
N ALA A 107 -3.25 -4.54 -9.13
CA ALA A 107 -3.34 -5.13 -10.45
C ALA A 107 -3.63 -4.08 -11.50
N GLU A 108 -4.55 -3.15 -11.26
CA GLU A 108 -4.91 -2.19 -12.30
C GLU A 108 -3.82 -1.13 -12.49
N LEU A 109 -2.99 -0.82 -11.48
CA LEU A 109 -1.81 0.03 -11.71
C LEU A 109 -0.83 -0.74 -12.61
N LYS A 110 -0.56 -2.00 -12.27
CA LYS A 110 0.41 -2.83 -12.97
C LYS A 110 -0.01 -3.00 -14.42
N ASN A 111 -1.30 -3.26 -14.62
CA ASN A 111 -1.96 -3.43 -15.91
C ASN A 111 -2.13 -2.11 -16.68
N SER A 112 -1.68 -0.97 -16.11
CA SER A 112 -1.71 0.34 -16.77
C SER A 112 -0.31 0.97 -16.86
N GLY A 113 0.74 0.21 -16.50
CA GLY A 113 2.12 0.59 -16.76
C GLY A 113 3.06 0.46 -15.56
N ALA A 114 2.56 0.70 -14.34
CA ALA A 114 3.39 0.62 -13.12
C ALA A 114 3.92 -0.80 -12.87
N LYS A 115 4.73 -0.97 -11.81
CA LYS A 115 5.11 -2.30 -11.35
C LYS A 115 5.35 -2.30 -9.84
N GLN A 116 5.35 -3.50 -9.27
CA GLN A 116 5.69 -3.78 -7.88
C GLN A 116 7.13 -3.34 -7.59
N THR A 117 7.47 -3.25 -6.32
CA THR A 117 8.80 -2.98 -5.80
C THR A 117 8.93 -3.77 -4.49
N GLY A 118 10.17 -4.03 -4.04
CA GLY A 118 10.42 -4.91 -2.91
C GLY A 118 9.77 -6.26 -3.17
N GLU A 119 8.91 -6.70 -2.24
CA GLU A 119 8.03 -7.85 -2.39
C GLU A 119 6.68 -7.45 -1.76
N THR A 120 5.62 -8.19 -2.05
CA THR A 120 4.32 -8.01 -1.39
C THR A 120 4.46 -8.40 0.08
N LEU A 121 3.68 -7.76 0.96
CA LEU A 121 3.68 -8.02 2.40
C LEU A 121 2.25 -8.26 2.88
N LYS A 122 2.10 -9.06 3.93
CA LYS A 122 0.86 -9.38 4.60
C LYS A 122 1.15 -9.25 6.09
N ILE A 123 0.19 -8.74 6.87
CA ILE A 123 0.39 -8.40 8.28
C ILE A 123 -0.82 -8.95 9.02
N ASN A 124 -0.58 -10.00 9.79
CA ASN A 124 -1.60 -10.65 10.62
C ASN A 124 -2.03 -9.73 11.77
N ILE A 125 -3.35 -9.60 11.97
CA ILE A 125 -3.96 -8.87 13.08
C ILE A 125 -4.94 -9.77 13.87
N LEU A 126 -4.87 -11.09 13.70
CA LEU A 126 -5.61 -12.07 14.53
C LEU A 126 -5.20 -11.95 16.00
N ASP A 127 -3.99 -11.45 16.26
CA ASP A 127 -3.48 -11.10 17.58
C ASP A 127 -3.01 -9.64 17.54
N HIS A 128 -2.87 -9.03 18.71
CA HIS A 128 -2.65 -7.61 18.95
C HIS A 128 -1.50 -7.03 18.10
N ASP A 129 -0.36 -7.71 18.11
CA ASP A 129 0.87 -7.26 17.47
C ASP A 129 1.75 -8.48 17.23
N ILE A 130 1.79 -8.93 15.98
CA ILE A 130 2.62 -10.01 15.49
C ILE A 130 4.10 -9.77 15.87
N PRO A 131 4.86 -10.78 16.33
CA PRO A 131 6.27 -10.64 16.67
C PRO A 131 7.16 -10.12 15.53
N GLU A 132 8.41 -9.78 15.89
CA GLU A 132 9.45 -9.25 15.01
C GLU A 132 8.99 -7.94 14.32
N ASP A 133 9.72 -7.50 13.29
CA ASP A 133 9.47 -6.27 12.55
C ASP A 133 9.67 -6.53 11.05
N PRO A 134 8.77 -7.32 10.42
CA PRO A 134 8.86 -7.61 8.99
C PRO A 134 8.63 -6.35 8.15
N ALA A 135 7.94 -5.34 8.68
CA ALA A 135 7.75 -4.06 8.00
C ALA A 135 9.11 -3.42 7.72
N GLU A 136 10.00 -3.37 8.71
CA GLU A 136 11.36 -2.84 8.50
C GLU A 136 12.14 -3.71 7.51
N GLU A 137 12.03 -5.03 7.58
CA GLU A 137 12.78 -5.91 6.68
C GLU A 137 12.37 -5.69 5.22
N TRP A 138 11.07 -5.61 4.95
CA TRP A 138 10.55 -5.31 3.62
C TRP A 138 10.91 -3.87 3.21
N LEU A 139 10.91 -2.92 4.15
CA LEU A 139 11.29 -1.55 3.85
C LEU A 139 12.74 -1.46 3.41
N GLY A 140 13.63 -2.29 3.98
CA GLY A 140 15.00 -2.44 3.51
C GLY A 140 15.04 -2.78 2.03
N SER A 141 14.21 -3.74 1.59
CA SER A 141 14.10 -4.13 0.19
C SER A 141 13.55 -2.96 -0.65
N TRP A 142 12.53 -2.25 -0.16
CA TRP A 142 11.97 -1.12 -0.89
C TRP A 142 13.03 -0.04 -1.11
N VAL A 143 13.73 0.43 -0.06
CA VAL A 143 14.70 1.49 -0.24
C VAL A 143 15.87 1.02 -1.12
N ASN A 144 16.26 -0.26 -1.03
CA ASN A 144 17.32 -0.81 -1.85
C ASN A 144 16.94 -0.81 -3.34
N LEU A 145 15.69 -1.14 -3.67
CA LEU A 145 15.27 -1.25 -5.08
C LEU A 145 14.85 0.10 -5.66
N LEU A 146 14.21 0.99 -4.88
CA LEU A 146 13.83 2.32 -5.37
C LEU A 146 15.05 3.26 -5.42
N LYS A 147 16.03 3.05 -4.53
CA LYS A 147 17.29 3.79 -4.37
C LYS A 147 17.23 5.24 -4.88
#